data_2YOE
#
_entry.id   2YOE
#
_cell.length_a   105.771
_cell.length_b   266.512
_cell.length_c   110.982
_cell.angle_alpha   90.00
_cell.angle_beta   108.82
_cell.angle_gamma   90.00
#
_symmetry.space_group_name_H-M   'P 1 21 1'
#
loop_
_entity.id
_entity.type
_entity.pdbx_description
1 polymer 'CYS-LOOP LIGAND-GATED ION CHANNEL'
2 non-polymer 'GAMMA-AMINO-BUTANOIC ACID'
3 non-polymer Flurazepam
#
_entity_poly.entity_id   1
_entity_poly.type   'polypeptide(L)'
_entity_poly.pdbx_seq_one_letter_code
;PVDVSVSIFINKIYGVNTLEQTYKVDGYIVAQWTGKPRKTPGDKPLIVENTQIERWINNGLWVPALEFINVVGSPDTGNK
RLMLFPDGRVIYNARFLGSFSNDMDFRLFPFDRQQFVLELEPFSYNNQQLRFSDIQVYTENIDNEEIDEWWIRGKASTHI
SDIRYDHLSSVQPNQNEFSRITVRIDAVRNPSYYLWSFILPLGLIIAASWSVFWLESFSERLQTSFTLMLTVVAYAFYTS
NILPRLPYTTVIDQMIIAGYGSIFAAILLIIFAHHRQANGVEDDLLIQRCRLAFPLGFLAIGCVLVI
;
_entity_poly.pdbx_strand_id   A,B,C,D,E,F,G,H,I,J
#
loop_
_chem_comp.id
_chem_comp.type
_chem_comp.name
_chem_comp.formula
ABU non-polymer 'GAMMA-AMINO-BUTANOIC ACID' 'C4 H9 N O2'
FL7 non-polymer Flurazepam 'C21 H23 Cl F N3 O'
#
# COMPACT_ATOMS: atom_id res chain seq x y z
N PRO A 1 12.36 33.77 47.95
CA PRO A 1 11.90 32.40 47.70
C PRO A 1 11.27 32.26 46.30
N VAL A 2 12.05 31.77 45.34
CA VAL A 2 11.62 31.71 43.95
C VAL A 2 10.42 30.78 43.79
N ASP A 3 9.30 31.35 43.31
CA ASP A 3 8.09 30.56 43.09
C ASP A 3 8.18 29.85 41.74
N VAL A 4 8.22 28.53 41.78
CA VAL A 4 8.30 27.73 40.55
C VAL A 4 7.03 26.90 40.29
N SER A 5 6.44 27.08 39.12
CA SER A 5 5.30 26.27 38.70
C SER A 5 5.74 25.13 37.80
N VAL A 6 5.32 23.92 38.15
CA VAL A 6 5.73 22.72 37.41
C VAL A 6 4.53 22.03 36.75
N SER A 7 4.75 21.48 35.56
CA SER A 7 3.75 20.67 34.89
C SER A 7 4.40 19.44 34.26
N ILE A 8 3.96 18.26 34.67
CA ILE A 8 4.49 17.02 34.15
C ILE A 8 3.52 16.40 33.16
N PHE A 9 4.02 16.02 31.99
CA PHE A 9 3.21 15.34 30.98
C PHE A 9 3.67 13.90 30.85
N ILE A 10 2.79 12.94 31.14
CA ILE A 10 3.17 11.53 31.09
C ILE A 10 2.83 10.93 29.73
N ASN A 11 3.84 10.44 29.03
CA ASN A 11 3.65 9.82 27.72
C ASN A 11 3.47 8.31 27.76
N LYS A 12 4.33 7.66 28.52
CA LYS A 12 4.34 6.21 28.54
C LYS A 12 4.89 5.76 29.88
N ILE A 13 4.17 4.86 30.55
CA ILE A 13 4.72 4.18 31.72
C ILE A 13 4.81 2.72 31.31
N TYR A 14 6.02 2.18 31.23
CA TYR A 14 6.19 0.81 30.78
C TYR A 14 7.34 0.11 31.48
N GLY A 15 7.57 -1.15 31.11
CA GLY A 15 8.70 -1.92 31.58
C GLY A 15 8.91 -2.02 33.08
N VAL A 16 7.91 -2.56 33.77
CA VAL A 16 8.02 -2.77 35.21
C VAL A 16 9.06 -3.85 35.49
N ASN A 17 10.10 -3.51 36.26
CA ASN A 17 11.06 -4.51 36.71
C ASN A 17 10.72 -4.95 38.14
N THR A 18 10.15 -6.15 38.26
CA THR A 18 9.64 -6.64 39.54
C THR A 18 10.71 -6.78 40.61
N LEU A 19 11.85 -7.35 40.25
CA LEU A 19 12.90 -7.59 41.22
C LEU A 19 13.49 -6.29 41.77
N GLU A 20 13.70 -5.33 40.87
CA GLU A 20 14.31 -4.04 41.22
C GLU A 20 13.31 -3.03 41.73
N GLN A 21 12.02 -3.35 41.59
CA GLN A 21 10.95 -2.44 41.96
C GLN A 21 11.12 -1.11 41.23
N THR A 22 11.02 -1.21 39.90
CA THR A 22 11.41 -0.17 38.97
C THR A 22 10.38 -0.11 37.83
N TYR A 23 10.16 1.09 37.29
CA TYR A 23 9.32 1.25 36.11
C TYR A 23 9.84 2.42 35.29
N LYS A 24 9.72 2.32 33.97
CA LYS A 24 10.27 3.34 33.08
C LYS A 24 9.20 4.37 32.76
N VAL A 25 9.57 5.64 32.83
CA VAL A 25 8.62 6.73 32.57
C VAL A 25 9.16 7.72 31.53
N ASP A 26 8.39 7.91 30.45
CA ASP A 26 8.71 8.89 29.41
C ASP A 26 7.74 10.06 29.49
N GLY A 27 8.24 11.28 29.39
CA GLY A 27 7.39 12.45 29.46
C GLY A 27 8.15 13.75 29.34
N TYR A 28 7.50 14.85 29.71
CA TYR A 28 8.12 16.18 29.63
C TYR A 28 7.98 16.89 30.97
N ILE A 29 8.99 17.68 31.35
CA ILE A 29 8.87 18.57 32.51
C ILE A 29 8.83 20.01 32.06
N VAL A 30 7.94 20.79 32.66
CA VAL A 30 7.91 22.22 32.43
C VAL A 30 8.01 22.99 33.74
N ALA A 31 9.03 23.84 33.86
CA ALA A 31 9.19 24.67 35.05
C ALA A 31 9.20 26.15 34.68
N GLN A 32 8.38 26.94 35.37
CA GLN A 32 8.29 28.36 35.09
C GLN A 32 8.45 29.17 36.37
N TRP A 33 9.26 30.21 36.29
CA TRP A 33 9.46 31.14 37.39
C TRP A 33 9.75 32.50 36.78
N THR A 34 9.63 33.56 37.57
CA THR A 34 9.89 34.89 37.03
C THR A 34 11.17 35.53 37.55
N GLY A 35 12.06 35.86 36.63
CA GLY A 35 13.30 36.50 36.99
C GLY A 35 13.18 37.99 36.71
N LYS A 36 14.32 38.68 36.73
CA LYS A 36 14.32 40.11 36.46
C LYS A 36 14.21 40.36 34.96
N PRO A 37 13.34 41.30 34.57
CA PRO A 37 13.00 41.64 33.18
C PRO A 37 14.19 41.76 32.24
N ARG A 38 14.04 41.20 31.04
CA ARG A 38 15.11 41.15 30.05
C ARG A 38 14.71 41.92 28.81
N LYS A 39 15.69 42.21 27.97
CA LYS A 39 15.42 42.80 26.65
C LYS A 39 15.63 41.73 25.58
N THR A 40 14.53 41.16 25.12
CA THR A 40 14.57 40.09 24.13
C THR A 40 14.50 40.66 22.73
N PRO A 41 15.11 39.98 21.75
CA PRO A 41 15.04 40.40 20.35
C PRO A 41 13.60 40.66 19.93
N GLY A 42 13.32 41.86 19.43
CA GLY A 42 11.97 42.31 19.16
C GLY A 42 11.32 42.71 20.47
N ASP A 43 10.50 41.81 21.02
CA ASP A 43 9.92 41.98 22.35
C ASP A 43 9.15 40.72 22.71
N LYS A 44 8.87 39.88 21.71
CA LYS A 44 8.28 38.56 21.96
C LYS A 44 9.34 37.62 22.54
N PRO A 45 8.92 36.63 23.34
CA PRO A 45 9.85 35.76 24.05
C PRO A 45 10.98 35.17 23.19
N LEU A 46 12.14 35.03 23.81
CA LEU A 46 13.32 34.47 23.16
C LEU A 46 13.36 32.95 23.36
N ILE A 47 13.57 32.21 22.28
CA ILE A 47 13.67 30.74 22.38
C ILE A 47 15.11 30.25 22.31
N VAL A 48 15.49 29.43 23.28
CA VAL A 48 16.82 28.87 23.37
C VAL A 48 16.74 27.35 23.39
N GLU A 49 17.22 26.71 22.33
CA GLU A 49 17.21 25.25 22.26
C GLU A 49 18.54 24.62 22.71
N ASN A 50 18.49 23.30 22.93
CA ASN A 50 19.57 22.47 23.49
C ASN A 50 20.92 23.10 23.84
N THR A 51 21.83 23.03 22.88
CA THR A 51 23.21 23.49 23.01
C THR A 51 23.33 24.85 23.68
N GLN A 52 22.58 25.81 23.15
CA GLN A 52 22.68 27.20 23.56
C GLN A 52 22.28 27.50 25.00
N ILE A 53 21.59 26.58 25.66
CA ILE A 53 21.16 26.81 27.03
C ILE A 53 22.38 26.92 27.96
N GLU A 54 23.35 26.06 27.77
CA GLU A 54 24.58 26.16 28.55
C GLU A 54 25.24 27.51 28.35
N ARG A 55 25.27 27.98 27.11
CA ARG A 55 25.86 29.29 26.81
C ARG A 55 25.23 30.41 27.61
N TRP A 56 23.92 30.34 27.79
CA TRP A 56 23.20 31.34 28.57
C TRP A 56 23.54 31.19 30.04
N ILE A 57 23.76 29.95 30.45
CA ILE A 57 24.13 29.63 31.81
C ILE A 57 25.54 30.17 32.17
N ASN A 58 26.49 30.02 31.26
CA ASN A 58 27.83 30.59 31.43
C ASN A 58 27.80 32.11 31.61
N ASN A 59 26.82 32.76 31.01
CA ASN A 59 26.65 34.21 31.16
C ASN A 59 25.80 34.58 32.37
N GLY A 60 25.51 33.61 33.22
CA GLY A 60 24.89 33.88 34.51
C GLY A 60 23.41 33.63 34.62
N LEU A 61 22.83 32.97 33.62
CA LEU A 61 21.41 32.69 33.70
C LEU A 61 21.17 31.70 34.83
N TRP A 62 20.33 32.07 35.77
CA TRP A 62 20.01 31.17 36.85
C TRP A 62 18.97 30.17 36.39
N VAL A 63 19.43 28.95 36.16
CA VAL A 63 18.57 27.84 35.81
C VAL A 63 18.83 26.74 36.83
N PRO A 64 17.90 26.59 37.79
CA PRO A 64 18.05 25.66 38.91
C PRO A 64 17.92 24.20 38.47
N ALA A 65 18.80 23.36 39.00
CA ALA A 65 18.74 21.93 38.74
C ALA A 65 17.66 21.30 39.60
N LEU A 66 16.64 20.75 38.95
CA LEU A 66 15.58 20.04 39.65
C LEU A 66 15.78 18.52 39.58
N GLU A 67 16.05 17.90 40.72
CA GLU A 67 16.33 16.47 40.77
C GLU A 67 15.09 15.59 40.95
N PHE A 68 15.08 14.49 40.20
CA PHE A 68 14.10 13.43 40.42
C PHE A 68 14.60 12.55 41.55
N ILE A 69 14.04 12.76 42.74
CA ILE A 69 14.46 12.08 43.96
C ILE A 69 14.47 10.56 43.82
N ASN A 70 13.41 10.01 43.23
CA ASN A 70 13.26 8.56 43.15
C ASN A 70 13.69 7.94 41.83
N VAL A 71 14.55 8.64 41.11
CA VAL A 71 15.12 8.08 39.89
C VAL A 71 16.30 7.15 40.16
N VAL A 72 16.28 6.02 39.46
CA VAL A 72 17.39 5.08 39.46
C VAL A 72 18.25 5.32 38.23
N GLY A 73 19.50 5.72 38.46
CA GLY A 73 20.36 6.13 37.37
C GLY A 73 20.09 7.59 37.10
N SER A 74 20.32 8.03 35.88
CA SER A 74 20.04 9.41 35.49
C SER A 74 19.25 9.44 34.18
N PRO A 75 18.20 10.27 34.11
CA PRO A 75 17.24 10.21 33.01
C PRO A 75 17.88 10.48 31.65
N ASP A 76 17.35 9.84 30.61
CA ASP A 76 17.76 10.13 29.25
C ASP A 76 17.01 11.39 28.88
N THR A 77 17.72 12.50 28.76
CA THR A 77 17.07 13.76 28.44
C THR A 77 17.03 13.97 26.94
N GLY A 78 15.83 14.28 26.44
CA GLY A 78 15.66 14.58 25.04
C GLY A 78 15.98 16.04 24.77
N ASN A 79 15.08 16.74 24.09
CA ASN A 79 15.34 18.14 23.76
C ASN A 79 15.11 19.05 24.96
N LYS A 80 16.00 20.02 25.13
CA LYS A 80 15.91 20.98 26.23
C LYS A 80 15.54 22.31 25.59
N ARG A 81 14.81 23.14 26.31
CA ARG A 81 14.39 24.42 25.77
C ARG A 81 14.24 25.49 26.85
N LEU A 82 14.79 26.67 26.59
CA LEU A 82 14.55 27.79 27.47
C LEU A 82 13.76 28.87 26.77
N MET A 83 12.63 29.24 27.36
CA MET A 83 11.80 30.32 26.84
C MET A 83 11.91 31.53 27.76
N LEU A 84 12.57 32.57 27.26
CA LEU A 84 12.80 33.79 28.04
C LEU A 84 11.84 34.89 27.60
N PHE A 85 10.94 35.28 28.51
CA PHE A 85 9.97 36.33 28.21
C PHE A 85 10.58 37.65 28.68
N PRO A 86 10.20 38.75 28.03
CA PRO A 86 10.77 40.06 28.36
C PRO A 86 10.35 40.56 29.75
N ASP A 87 9.15 40.15 30.18
CA ASP A 87 8.61 40.56 31.48
C ASP A 87 9.30 39.89 32.66
N GLY A 88 10.25 38.99 32.38
CA GLY A 88 11.05 38.37 33.40
C GLY A 88 10.95 36.85 33.42
N ARG A 89 9.73 36.34 33.26
CA ARG A 89 9.47 34.91 33.42
C ARG A 89 10.33 34.01 32.52
N VAL A 90 10.65 32.82 33.03
CA VAL A 90 11.49 31.86 32.34
C VAL A 90 10.80 30.50 32.32
N ILE A 91 10.79 29.86 31.17
CA ILE A 91 10.18 28.53 31.07
C ILE A 91 11.17 27.47 30.59
N TYR A 92 11.41 26.47 31.44
CA TYR A 92 12.29 25.37 31.07
C TYR A 92 11.47 24.19 30.61
N ASN A 93 11.73 23.74 29.41
CA ASN A 93 10.98 22.63 28.84
C ASN A 93 11.91 21.54 28.34
N ALA A 94 11.69 20.31 28.82
CA ALA A 94 12.55 19.20 28.43
C ALA A 94 11.80 17.88 28.44
N ARG A 95 12.10 17.02 27.47
CA ARG A 95 11.61 15.65 27.46
C ARG A 95 12.59 14.73 28.18
N PHE A 96 12.06 13.73 28.90
CA PHE A 96 12.90 12.79 29.64
C PHE A 96 12.35 11.38 29.56
N LEU A 97 13.24 10.40 29.67
CA LEU A 97 12.87 9.01 29.84
C LEU A 97 13.67 8.48 31.00
N GLY A 98 12.99 8.02 32.04
CA GLY A 98 13.71 7.62 33.23
C GLY A 98 13.23 6.33 33.86
N SER A 99 14.14 5.70 34.60
CA SER A 99 13.79 4.53 35.38
C SER A 99 13.60 4.98 36.84
N PHE A 100 12.38 4.81 37.36
CA PHE A 100 12.04 5.30 38.69
C PHE A 100 11.77 4.18 39.69
N SER A 101 12.02 4.46 40.96
CA SER A 101 11.83 3.47 42.00
C SER A 101 10.66 3.81 42.91
N ASN A 102 10.00 2.77 43.41
CA ASN A 102 8.95 2.90 44.41
C ASN A 102 8.70 1.54 45.03
N ASP A 103 8.23 1.53 46.28
CA ASP A 103 7.85 0.29 46.93
C ASP A 103 6.77 -0.42 46.13
N MET A 104 7.05 -1.63 45.68
CA MET A 104 6.07 -2.40 44.93
C MET A 104 5.86 -3.77 45.54
N ASP A 105 4.62 -4.04 45.92
CA ASP A 105 4.20 -5.31 46.51
C ASP A 105 3.56 -6.19 45.43
N PHE A 106 4.17 -7.34 45.15
CA PHE A 106 3.64 -8.22 44.11
C PHE A 106 3.06 -9.53 44.63
N ARG A 107 2.75 -9.60 45.92
CA ARG A 107 2.25 -10.83 46.55
C ARG A 107 1.03 -11.41 45.86
N LEU A 108 0.02 -10.57 45.62
CA LEU A 108 -1.24 -11.04 45.05
C LEU A 108 -1.29 -10.94 43.52
N PHE A 109 -0.17 -11.29 42.89
CA PHE A 109 -0.07 -11.44 41.44
C PHE A 109 -0.98 -12.60 41.05
N PRO A 110 -1.63 -12.52 39.87
CA PRO A 110 -1.55 -11.45 38.88
C PRO A 110 -2.59 -10.36 39.08
N PHE A 111 -3.05 -10.17 40.32
CA PHE A 111 -4.03 -9.14 40.61
C PHE A 111 -3.46 -8.02 41.47
N ASP A 112 -2.25 -7.58 41.15
CA ASP A 112 -1.57 -6.55 41.95
C ASP A 112 -2.19 -5.17 41.74
N ARG A 113 -2.10 -4.34 42.77
CA ARG A 113 -2.43 -2.94 42.67
C ARG A 113 -1.12 -2.21 42.84
N GLN A 114 -0.70 -1.46 41.83
CA GLN A 114 0.52 -0.69 41.95
C GLN A 114 0.29 0.79 41.73
N GLN A 115 1.24 1.59 42.18
CA GLN A 115 1.22 3.02 41.92
C GLN A 115 2.57 3.55 41.45
N PHE A 116 2.57 4.22 40.32
CA PHE A 116 3.79 4.75 39.76
C PHE A 116 4.01 6.13 40.35
N VAL A 117 5.19 6.35 40.93
CA VAL A 117 5.45 7.59 41.69
C VAL A 117 6.60 8.44 41.15
N LEU A 118 6.42 9.75 41.16
CA LEU A 118 7.47 10.69 40.80
C LEU A 118 7.68 11.67 41.93
N GLU A 119 8.94 11.92 42.28
CA GLU A 119 9.27 12.92 43.28
C GLU A 119 10.25 13.97 42.76
N LEU A 120 9.79 15.22 42.67
CA LEU A 120 10.62 16.31 42.19
C LEU A 120 11.04 17.22 43.35
N GLU A 121 12.31 17.63 43.36
CA GLU A 121 12.86 18.48 44.41
C GLU A 121 14.12 19.18 43.92
N PRO A 122 14.30 20.46 44.27
CA PRO A 122 15.52 21.19 43.90
C PRO A 122 16.76 20.59 44.55
N PHE A 123 17.82 20.42 43.76
CA PHE A 123 19.04 19.76 44.21
C PHE A 123 19.87 20.57 45.21
N SER A 124 19.89 21.88 45.06
CA SER A 124 20.78 22.69 45.87
C SER A 124 20.08 23.85 46.60
N TYR A 125 18.88 24.20 46.15
CA TYR A 125 18.19 25.34 46.74
C TYR A 125 17.04 24.94 47.67
N ASN A 126 17.15 25.27 48.95
CA ASN A 126 16.12 24.94 49.94
C ASN A 126 14.83 25.77 49.81
N ASN A 127 13.82 25.41 50.60
CA ASN A 127 12.51 26.07 50.56
C ASN A 127 12.48 27.61 50.63
N GLN A 128 13.45 28.21 51.31
CA GLN A 128 13.44 29.66 51.47
C GLN A 128 14.04 30.30 50.25
N GLN A 129 14.79 29.50 49.49
CA GLN A 129 15.36 29.91 48.23
C GLN A 129 14.45 29.59 47.05
N LEU A 130 14.02 28.34 46.93
CA LEU A 130 13.19 27.92 45.81
C LEU A 130 11.99 27.16 46.33
N ARG A 131 10.80 27.57 45.92
CA ARG A 131 9.57 26.94 46.40
C ARG A 131 8.69 26.50 45.23
N PHE A 132 8.14 25.30 45.34
CA PHE A 132 7.22 24.81 44.33
C PHE A 132 5.86 25.47 44.54
N SER A 133 5.52 26.38 43.63
CA SER A 133 4.28 27.13 43.72
C SER A 133 3.04 26.24 43.57
N ASP A 134 3.00 25.44 42.50
CA ASP A 134 1.90 24.53 42.22
C ASP A 134 2.29 23.50 41.17
N ILE A 135 1.55 22.40 41.07
CA ILE A 135 1.78 21.43 40.00
C ILE A 135 0.54 20.67 39.51
N GLN A 136 0.41 20.58 38.18
CA GLN A 136 -0.61 19.75 37.56
C GLN A 136 0.02 18.67 36.68
N VAL A 137 -0.56 17.47 36.73
CA VAL A 137 -0.05 16.34 35.96
C VAL A 137 -1.03 15.98 34.87
N TYR A 138 -0.50 15.77 33.67
CA TYR A 138 -1.34 15.40 32.53
C TYR A 138 -1.05 13.98 32.04
N THR A 139 -1.95 13.05 32.37
CA THR A 139 -1.84 11.68 31.90
C THR A 139 -2.66 11.52 30.63
N GLU A 140 -2.05 11.91 29.51
CA GLU A 140 -2.70 11.86 28.20
C GLU A 140 -2.88 10.44 27.66
N ASN A 141 -3.18 9.48 28.55
CA ASN A 141 -3.45 8.13 28.12
C ASN A 141 -4.96 7.87 28.07
N ILE A 142 -5.37 6.82 27.34
CA ILE A 142 -6.78 6.49 27.15
C ILE A 142 -6.94 5.34 26.16
N ASP A 143 -8.15 4.78 26.10
CA ASP A 143 -8.56 3.76 25.13
C ASP A 143 -7.75 2.47 25.10
N ASN A 144 -8.29 1.46 24.41
CA ASN A 144 -7.61 0.17 24.19
C ASN A 144 -6.87 -0.41 25.39
N GLU A 145 -7.54 -0.58 26.52
CA GLU A 145 -6.88 -1.12 27.70
C GLU A 145 -6.55 -2.58 27.48
N GLU A 146 -7.36 -3.24 26.66
CA GLU A 146 -7.24 -4.67 26.42
C GLU A 146 -6.02 -4.98 25.54
N ILE A 147 -5.32 -3.93 25.12
CA ILE A 147 -4.10 -4.08 24.33
C ILE A 147 -2.89 -3.84 25.23
N ASP A 148 -3.08 -3.02 26.26
CA ASP A 148 -2.00 -2.62 27.14
C ASP A 148 -1.87 -3.50 28.37
N GLU A 149 -0.64 -3.61 28.87
CA GLU A 149 -0.31 -4.44 30.01
C GLU A 149 -0.91 -3.94 31.33
N TRP A 150 -0.92 -2.62 31.47
CA TRP A 150 -1.40 -1.99 32.69
C TRP A 150 -2.62 -1.12 32.44
N TRP A 151 -3.52 -1.10 33.41
CA TRP A 151 -4.69 -0.22 33.34
C TRP A 151 -4.57 0.91 34.33
N ILE A 152 -4.30 2.10 33.81
CA ILE A 152 -4.18 3.29 34.64
C ILE A 152 -5.56 3.64 35.14
N ARG A 153 -5.66 3.85 36.45
CA ARG A 153 -6.98 4.04 37.06
C ARG A 153 -7.33 5.50 37.31
N GLY A 154 -6.66 6.15 38.25
CA GLY A 154 -7.00 7.52 38.58
C GLY A 154 -6.51 8.54 37.57
N LYS A 155 -6.67 9.81 37.91
CA LYS A 155 -6.20 10.89 37.06
C LYS A 155 -4.96 11.55 37.69
N ALA A 156 -4.18 10.75 38.39
CA ALA A 156 -2.93 11.15 39.05
C ALA A 156 -3.17 12.03 40.28
N SER A 157 -2.63 11.59 41.41
CA SER A 157 -2.70 12.34 42.66
C SER A 157 -1.46 13.20 42.84
N THR A 158 -1.62 14.39 43.41
CA THR A 158 -0.51 15.33 43.56
C THR A 158 -0.37 15.81 45.00
N HIS A 159 0.86 16.01 45.44
CA HIS A 159 1.13 16.54 46.77
C HIS A 159 2.45 17.29 46.83
N ILE A 160 2.37 18.61 46.99
CA ILE A 160 3.55 19.41 47.29
C ILE A 160 3.68 19.52 48.80
N SER A 161 4.85 19.13 49.32
CA SER A 161 5.08 19.12 50.75
C SER A 161 6.48 19.60 51.03
N ASP A 162 6.82 19.73 52.30
CA ASP A 162 8.14 20.18 52.67
C ASP A 162 8.86 19.06 53.39
N ILE A 163 9.97 18.62 52.79
CA ILE A 163 10.74 17.51 53.30
C ILE A 163 11.91 18.07 54.09
N ARG A 164 11.99 17.68 55.36
CA ARG A 164 13.05 18.16 56.24
C ARG A 164 14.22 17.18 56.36
N TYR A 165 15.42 17.70 56.15
CA TYR A 165 16.65 16.92 56.33
C TYR A 165 17.34 17.31 57.64
N ASP A 166 17.76 16.31 58.40
CA ASP A 166 18.31 16.53 59.73
C ASP A 166 19.82 16.75 59.76
N HIS A 167 20.54 16.28 58.75
CA HIS A 167 21.99 16.38 58.78
C HIS A 167 22.55 17.14 57.59
N LEU A 168 22.81 18.43 57.78
CA LEU A 168 23.39 19.25 56.72
C LEU A 168 24.58 20.11 57.18
N SER A 169 24.70 21.29 56.57
CA SER A 169 25.83 22.18 56.81
C SER A 169 25.85 22.75 58.22
N SER A 170 26.87 23.55 58.50
CA SER A 170 26.96 24.30 59.74
C SER A 170 26.00 25.49 59.69
N VAL A 171 24.77 25.23 59.24
CA VAL A 171 23.75 26.26 59.14
C VAL A 171 22.71 26.05 60.24
N GLN A 172 22.45 27.11 60.98
CA GLN A 172 21.59 27.06 62.16
C GLN A 172 20.24 27.80 62.14
N PRO A 173 20.10 28.88 61.33
CA PRO A 173 18.78 29.52 61.31
C PRO A 173 17.63 28.57 60.97
N ASN A 174 17.46 28.22 59.70
CA ASN A 174 16.36 27.35 59.31
C ASN A 174 16.46 26.72 57.92
N GLN A 175 17.68 26.62 57.39
CA GLN A 175 17.88 26.07 56.04
C GLN A 175 17.86 24.54 55.99
N ASN A 176 16.67 23.95 56.03
CA ASN A 176 16.56 22.50 56.03
C ASN A 176 15.25 21.87 55.51
N GLU A 177 14.32 22.69 55.02
CA GLU A 177 13.02 22.15 54.56
C GLU A 177 12.74 22.20 53.06
N PHE A 178 13.59 21.58 52.23
CA PHE A 178 13.37 21.52 50.78
C PHE A 178 11.93 21.20 50.37
N SER A 179 11.43 21.90 49.34
CA SER A 179 10.08 21.67 48.84
C SER A 179 10.05 20.53 47.83
N ARG A 180 9.13 19.61 48.01
CA ARG A 180 9.06 18.42 47.17
C ARG A 180 7.70 18.23 46.52
N ILE A 181 7.72 17.98 45.22
CA ILE A 181 6.53 17.61 44.46
C ILE A 181 6.42 16.08 44.42
N THR A 182 5.26 15.52 44.74
CA THR A 182 5.09 14.08 44.70
C THR A 182 3.89 13.67 43.85
N VAL A 183 4.16 13.02 42.73
CA VAL A 183 3.10 12.57 41.84
C VAL A 183 2.83 11.08 42.00
N ARG A 184 1.55 10.72 42.12
CA ARG A 184 1.15 9.32 42.19
C ARG A 184 0.11 8.96 41.15
N ILE A 185 0.39 7.91 40.39
CA ILE A 185 -0.53 7.40 39.37
C ILE A 185 -0.86 5.94 39.68
N ASP A 186 -2.14 5.68 39.96
CA ASP A 186 -2.59 4.33 40.31
C ASP A 186 -2.90 3.45 39.10
N ALA A 187 -2.53 2.17 39.21
CA ALA A 187 -2.73 1.25 38.10
C ALA A 187 -3.00 -0.20 38.55
N VAL A 188 -3.66 -0.96 37.69
CA VAL A 188 -3.95 -2.35 37.93
C VAL A 188 -3.44 -3.21 36.77
N ARG A 189 -2.94 -4.41 37.08
CA ARG A 189 -2.47 -5.36 36.07
C ARG A 189 -3.60 -6.01 35.27
N ASN A 190 -3.38 -6.15 33.96
CA ASN A 190 -4.29 -6.86 33.07
C ASN A 190 -4.14 -8.37 33.28
N PRO A 191 -5.09 -8.97 34.00
CA PRO A 191 -4.97 -10.36 34.45
C PRO A 191 -5.39 -11.37 33.39
N SER A 192 -5.85 -10.87 32.24
CA SER A 192 -6.42 -11.71 31.20
C SER A 192 -5.50 -12.86 30.79
N TYR A 193 -4.23 -12.58 30.51
CA TYR A 193 -3.32 -13.62 30.06
C TYR A 193 -3.09 -14.68 31.12
N TYR A 194 -2.87 -14.24 32.35
CA TYR A 194 -2.50 -15.15 33.42
C TYR A 194 -3.65 -16.06 33.86
N LEU A 195 -4.88 -15.58 33.75
CA LEU A 195 -6.02 -16.40 34.13
C LEU A 195 -6.18 -17.58 33.20
N TRP A 196 -6.29 -17.28 31.91
CA TRP A 196 -6.58 -18.29 30.91
C TRP A 196 -5.39 -19.19 30.61
N SER A 197 -4.18 -18.63 30.67
CA SER A 197 -3.00 -19.41 30.35
C SER A 197 -2.24 -19.97 31.55
N PHE A 198 -2.57 -19.52 32.77
CA PHE A 198 -1.91 -20.09 33.95
C PHE A 198 -2.86 -20.68 34.98
N ILE A 199 -3.78 -19.86 35.48
CA ILE A 199 -4.69 -20.31 36.53
C ILE A 199 -5.52 -21.50 36.06
N LEU A 200 -6.15 -21.34 34.91
CA LEU A 200 -7.05 -22.35 34.33
C LEU A 200 -6.38 -23.72 34.16
N PRO A 201 -5.28 -23.79 33.38
CA PRO A 201 -4.74 -25.15 33.23
C PRO A 201 -4.16 -25.70 34.53
N LEU A 202 -3.62 -24.83 35.39
CA LEU A 202 -3.14 -25.27 36.70
C LEU A 202 -4.30 -25.89 37.45
N GLY A 203 -5.46 -25.27 37.34
CA GLY A 203 -6.65 -25.79 37.98
C GLY A 203 -7.03 -27.17 37.46
N LEU A 204 -7.01 -27.35 36.14
CA LEU A 204 -7.31 -28.64 35.52
C LEU A 204 -6.27 -29.71 35.88
N ILE A 205 -5.01 -29.31 35.99
CA ILE A 205 -3.96 -30.21 36.44
C ILE A 205 -4.30 -30.74 37.84
N ILE A 206 -4.54 -29.81 38.76
CA ILE A 206 -4.90 -30.16 40.13
C ILE A 206 -6.20 -30.95 40.20
N ALA A 207 -7.18 -30.54 39.39
CA ALA A 207 -8.47 -31.22 39.39
C ALA A 207 -8.28 -32.64 38.91
N ALA A 208 -7.66 -32.79 37.75
CA ALA A 208 -7.44 -34.12 37.17
C ALA A 208 -6.51 -34.95 38.04
N SER A 209 -5.74 -34.29 38.90
CA SER A 209 -4.92 -34.99 39.88
C SER A 209 -5.79 -35.90 40.77
N TRP A 210 -6.97 -35.41 41.14
CA TRP A 210 -7.86 -36.15 42.04
C TRP A 210 -8.48 -37.38 41.37
N SER A 211 -8.31 -37.48 40.05
CA SER A 211 -8.86 -38.59 39.30
C SER A 211 -8.08 -39.88 39.55
N VAL A 212 -7.08 -39.80 40.42
CA VAL A 212 -6.29 -40.96 40.76
C VAL A 212 -7.08 -41.98 41.61
N PHE A 213 -8.12 -41.52 42.28
CA PHE A 213 -8.90 -42.39 43.15
C PHE A 213 -9.95 -43.23 42.43
N TRP A 214 -10.29 -42.83 41.20
CA TRP A 214 -11.20 -43.61 40.37
C TRP A 214 -10.50 -44.80 39.69
N LEU A 215 -9.22 -44.97 40.01
CA LEU A 215 -8.46 -46.12 39.54
C LEU A 215 -8.79 -47.36 40.37
N GLU A 216 -8.85 -48.52 39.71
CA GLU A 216 -9.22 -49.76 40.40
C GLU A 216 -8.07 -50.35 41.21
N SER A 217 -6.99 -50.72 40.52
CA SER A 217 -5.84 -51.39 41.14
C SER A 217 -5.03 -50.48 42.06
N PHE A 218 -4.33 -51.08 43.02
CA PHE A 218 -3.47 -50.33 43.92
C PHE A 218 -2.25 -49.78 43.19
N SER A 219 -1.65 -50.59 42.33
CA SER A 219 -0.49 -50.16 41.53
C SER A 219 -0.85 -48.99 40.63
N GLU A 220 -2.04 -49.06 40.06
CA GLU A 220 -2.52 -47.97 39.23
C GLU A 220 -2.64 -46.73 40.10
N ARG A 221 -3.27 -46.88 41.26
CA ARG A 221 -3.44 -45.77 42.20
C ARG A 221 -2.11 -45.17 42.60
N LEU A 222 -1.12 -46.02 42.85
CA LEU A 222 0.16 -45.53 43.32
C LEU A 222 1.05 -45.03 42.19
N GLN A 223 1.25 -45.85 41.17
CA GLN A 223 2.17 -45.49 40.08
C GLN A 223 1.78 -44.23 39.33
N THR A 224 0.48 -44.06 39.11
CA THR A 224 -0.03 -42.92 38.36
C THR A 224 0.23 -41.60 39.08
N SER A 225 0.23 -41.64 40.41
CA SER A 225 0.48 -40.43 41.19
C SER A 225 1.92 -39.93 41.05
N PHE A 226 2.79 -40.78 40.53
CA PHE A 226 4.16 -40.36 40.23
C PHE A 226 4.22 -39.59 38.91
N THR A 227 3.40 -40.01 37.96
CA THR A 227 3.24 -39.30 36.71
C THR A 227 2.56 -37.97 36.99
N LEU A 228 1.64 -37.98 37.95
CA LEU A 228 0.91 -36.79 38.34
C LEU A 228 1.85 -35.79 38.96
N MET A 229 2.80 -36.32 39.74
CA MET A 229 3.83 -35.54 40.39
C MET A 229 4.73 -34.89 39.34
N LEU A 230 5.13 -35.70 38.38
CA LEU A 230 6.04 -35.27 37.32
C LEU A 230 5.41 -34.13 36.51
N THR A 231 4.07 -34.15 36.43
CA THR A 231 3.34 -33.09 35.77
C THR A 231 3.40 -31.76 36.50
N VAL A 232 3.25 -31.80 37.82
CA VAL A 232 3.33 -30.59 38.64
C VAL A 232 4.72 -29.96 38.55
N VAL A 233 5.74 -30.81 38.49
CA VAL A 233 7.10 -30.34 38.27
C VAL A 233 7.22 -29.65 36.93
N ALA A 234 6.69 -30.30 35.89
CA ALA A 234 6.71 -29.75 34.53
C ALA A 234 5.95 -28.43 34.48
N TYR A 235 4.85 -28.35 35.22
CA TYR A 235 4.06 -27.14 35.28
C TYR A 235 4.70 -26.07 36.17
N ALA A 236 5.30 -26.51 37.28
CA ALA A 236 6.04 -25.60 38.14
C ALA A 236 7.15 -24.93 37.35
N PHE A 237 7.78 -25.69 36.46
CA PHE A 237 8.87 -25.17 35.63
C PHE A 237 8.33 -24.12 34.66
N TYR A 238 7.28 -24.49 33.92
CA TYR A 238 6.63 -23.60 32.96
C TYR A 238 6.15 -22.31 33.61
N THR A 239 5.60 -22.41 34.81
CA THR A 239 5.24 -21.23 35.58
C THR A 239 6.45 -20.35 35.87
N SER A 240 7.47 -20.91 36.51
CA SER A 240 8.66 -20.17 36.95
C SER A 240 9.47 -19.51 35.84
N ASN A 241 9.59 -20.18 34.70
CA ASN A 241 10.33 -19.63 33.57
C ASN A 241 9.64 -18.42 32.92
N ILE A 242 8.32 -18.40 32.96
CA ILE A 242 7.53 -17.36 32.30
C ILE A 242 7.08 -16.24 33.24
N LEU A 243 6.60 -16.60 34.43
CA LEU A 243 6.19 -15.62 35.44
C LEU A 243 7.34 -14.70 35.89
N PRO A 244 7.00 -13.50 36.38
CA PRO A 244 8.03 -12.55 36.85
C PRO A 244 8.75 -13.05 38.09
N ARG A 245 10.07 -12.87 38.16
CA ARG A 245 10.87 -13.29 39.31
C ARG A 245 10.67 -12.37 40.53
N LEU A 246 10.42 -13.00 41.68
CA LEU A 246 10.20 -12.29 42.93
C LEU A 246 10.94 -13.00 44.06
N PRO A 247 11.15 -12.29 45.19
CA PRO A 247 11.78 -12.92 46.37
C PRO A 247 10.78 -13.46 47.37
N TYR A 248 9.53 -13.61 46.95
CA TYR A 248 8.48 -14.17 47.79
C TYR A 248 7.44 -14.93 46.97
N THR A 249 6.59 -15.72 47.63
CA THR A 249 5.61 -16.52 46.91
C THR A 249 4.38 -15.69 46.54
N THR A 250 3.88 -15.90 45.33
CA THR A 250 2.65 -15.25 44.87
C THR A 250 1.48 -16.22 45.08
N VAL A 251 0.31 -15.83 44.60
CA VAL A 251 -0.86 -16.70 44.64
C VAL A 251 -0.62 -17.97 43.81
N ILE A 252 -0.15 -17.80 42.58
CA ILE A 252 0.16 -18.94 41.72
C ILE A 252 1.22 -19.87 42.33
N ASP A 253 2.24 -19.28 42.95
CA ASP A 253 3.30 -20.09 43.56
C ASP A 253 2.70 -20.98 44.64
N GLN A 254 1.79 -20.43 45.42
CA GLN A 254 1.13 -21.19 46.48
C GLN A 254 0.25 -22.28 45.88
N MET A 255 -0.44 -21.95 44.81
CA MET A 255 -1.27 -22.92 44.09
C MET A 255 -0.42 -24.12 43.68
N ILE A 256 0.81 -23.84 43.27
CA ILE A 256 1.75 -24.88 42.88
C ILE A 256 2.12 -25.80 44.04
N ILE A 257 2.40 -25.21 45.19
CA ILE A 257 2.72 -25.97 46.39
C ILE A 257 1.54 -26.90 46.72
N ALA A 258 0.34 -26.39 46.54
CA ALA A 258 -0.88 -27.16 46.78
C ALA A 258 -0.96 -28.40 45.89
N GLY A 259 -0.46 -28.30 44.68
CA GLY A 259 -0.42 -29.45 43.78
C GLY A 259 0.49 -30.53 44.32
N TYR A 260 1.67 -30.13 44.75
CA TYR A 260 2.62 -31.03 45.39
C TYR A 260 2.00 -31.61 46.66
N GLY A 261 1.28 -30.76 47.39
CA GLY A 261 0.65 -31.16 48.62
C GLY A 261 -0.46 -32.17 48.40
N SER A 262 -1.34 -31.88 47.44
CA SER A 262 -2.44 -32.78 47.10
C SER A 262 -1.94 -34.17 46.71
N ILE A 263 -0.90 -34.19 45.87
CA ILE A 263 -0.35 -35.44 45.37
C ILE A 263 0.42 -36.25 46.44
N PHE A 264 1.24 -35.58 47.24
CA PHE A 264 1.96 -36.26 48.31
C PHE A 264 0.99 -36.79 49.37
N ALA A 265 -0.08 -36.05 49.62
CA ALA A 265 -1.12 -36.49 50.54
C ALA A 265 -1.82 -37.72 49.97
N ALA A 266 -2.06 -37.67 48.66
CA ALA A 266 -2.68 -38.78 47.95
C ALA A 266 -1.79 -40.02 48.00
N ILE A 267 -0.49 -39.82 47.84
CA ILE A 267 0.49 -40.89 47.93
C ILE A 267 0.37 -41.61 49.26
N LEU A 268 0.28 -40.84 50.33
CA LEU A 268 0.13 -41.37 51.68
C LEU A 268 -1.18 -42.12 51.90
N LEU A 269 -2.30 -41.56 51.47
CA LEU A 269 -3.58 -42.26 51.62
C LEU A 269 -3.59 -43.58 50.85
N ILE A 270 -3.15 -43.53 49.60
CA ILE A 270 -3.13 -44.70 48.73
C ILE A 270 -2.32 -45.85 49.34
N ILE A 271 -1.15 -45.53 49.86
CA ILE A 271 -0.35 -46.51 50.59
C ILE A 271 -1.10 -46.93 51.85
N PHE A 272 -1.69 -45.96 52.54
CA PHE A 272 -2.42 -46.20 53.79
C PHE A 272 -3.64 -47.11 53.57
N ALA A 273 -4.47 -46.76 52.58
CA ALA A 273 -5.64 -47.57 52.21
C ALA A 273 -5.27 -49.03 52.05
N HIS A 274 -4.20 -49.28 51.32
CA HIS A 274 -3.79 -50.63 50.96
C HIS A 274 -3.26 -51.43 52.16
N HIS A 275 -2.43 -50.79 52.98
CA HIS A 275 -1.75 -51.50 54.05
C HIS A 275 -2.38 -51.40 55.42
N ARG A 276 -3.36 -50.51 55.59
CA ARG A 276 -4.10 -50.51 56.84
C ARG A 276 -5.22 -51.52 56.69
N GLN A 277 -4.95 -52.76 57.09
CA GLN A 277 -5.84 -53.86 56.74
C GLN A 277 -5.99 -54.92 57.82
N ALA A 278 -6.82 -55.91 57.55
CA ALA A 278 -6.97 -57.06 58.42
C ALA A 278 -6.62 -58.29 57.61
N ASN A 279 -5.88 -58.06 56.52
CA ASN A 279 -5.49 -59.15 55.63
C ASN A 279 -4.24 -58.89 54.77
N GLY A 280 -4.31 -57.80 54.01
CA GLY A 280 -3.28 -57.45 53.05
C GLY A 280 -3.94 -56.63 51.97
N VAL A 281 -5.13 -57.09 51.55
CA VAL A 281 -5.91 -56.44 50.51
C VAL A 281 -7.20 -55.78 51.02
N GLU A 282 -7.28 -55.47 52.31
CA GLU A 282 -8.43 -54.70 52.79
C GLU A 282 -8.18 -53.26 52.41
N ASP A 283 -8.41 -52.94 51.14
CA ASP A 283 -8.26 -51.58 50.67
C ASP A 283 -9.54 -50.87 51.10
N ASP A 284 -9.44 -49.94 52.04
CA ASP A 284 -10.64 -49.29 52.56
C ASP A 284 -11.52 -48.78 51.45
N LEU A 285 -12.54 -49.57 51.13
CA LEU A 285 -13.46 -49.30 50.05
C LEU A 285 -13.99 -47.87 50.12
N LEU A 286 -13.98 -47.30 51.33
CA LEU A 286 -14.40 -45.92 51.55
C LEU A 286 -13.28 -44.89 51.45
N ILE A 287 -12.08 -45.20 51.94
CA ILE A 287 -11.00 -44.22 51.88
C ILE A 287 -10.39 -44.12 50.48
N GLN A 288 -10.43 -45.23 49.73
CA GLN A 288 -10.02 -45.18 48.33
C GLN A 288 -11.11 -44.44 47.59
N ARG A 289 -12.29 -44.43 48.20
CA ARG A 289 -13.43 -43.68 47.69
C ARG A 289 -13.58 -42.35 48.44
N CYS A 290 -12.45 -41.78 48.83
CA CYS A 290 -12.37 -40.39 49.27
C CYS A 290 -12.25 -39.49 48.03
N ARG A 291 -12.89 -39.94 46.95
CA ARG A 291 -12.85 -39.25 45.67
C ARG A 291 -13.53 -37.87 45.69
N LEU A 292 -14.28 -37.59 46.75
CA LEU A 292 -14.95 -36.30 46.91
C LEU A 292 -14.47 -35.65 48.19
N ALA A 293 -13.84 -36.46 49.05
CA ALA A 293 -13.39 -36.01 50.35
C ALA A 293 -12.34 -34.90 50.29
N PHE A 294 -11.14 -35.22 49.81
CA PHE A 294 -10.11 -34.19 49.76
C PHE A 294 -10.05 -33.25 48.53
N PRO A 295 -10.85 -33.51 47.48
CA PRO A 295 -11.02 -32.42 46.51
C PRO A 295 -11.64 -31.17 47.14
N LEU A 296 -12.59 -31.35 48.05
CA LEU A 296 -13.20 -30.23 48.76
C LEU A 296 -12.37 -29.80 49.97
N GLY A 297 -11.44 -30.65 50.39
CA GLY A 297 -10.48 -30.29 51.42
C GLY A 297 -9.46 -29.33 50.85
N PHE A 298 -9.30 -29.38 49.53
CA PHE A 298 -8.46 -28.45 48.80
C PHE A 298 -9.23 -27.14 48.60
N LEU A 299 -10.54 -27.26 48.45
CA LEU A 299 -11.40 -26.10 48.31
C LEU A 299 -11.49 -25.41 49.65
N ALA A 300 -11.16 -26.16 50.70
CA ALA A 300 -11.08 -25.65 52.06
C ALA A 300 -9.76 -24.92 52.24
N ILE A 301 -8.70 -25.47 51.67
CA ILE A 301 -7.39 -24.83 51.70
C ILE A 301 -7.45 -23.55 50.86
N GLY A 302 -8.26 -23.57 49.80
CA GLY A 302 -8.43 -22.42 48.94
C GLY A 302 -9.15 -21.27 49.63
N CYS A 303 -10.16 -21.59 50.43
CA CYS A 303 -10.92 -20.59 51.15
C CYS A 303 -10.16 -20.09 52.38
N VAL A 304 -9.19 -20.87 52.85
CA VAL A 304 -8.33 -20.50 53.97
C VAL A 304 -7.27 -19.46 53.58
N LEU A 305 -6.86 -19.47 52.31
CA LEU A 305 -5.93 -18.47 51.81
C LEU A 305 -6.54 -17.06 51.88
N VAL A 306 -7.86 -17.01 51.90
CA VAL A 306 -8.62 -15.77 52.05
C VAL A 306 -8.70 -15.30 53.51
N ILE A 307 -8.61 -16.24 54.46
CA ILE A 307 -8.74 -15.92 55.88
C ILE A 307 -7.44 -15.39 56.47
N PRO B 1 6.03 32.79 8.89
CA PRO B 1 5.72 31.38 9.12
C PRO B 1 6.58 30.46 8.26
N VAL B 2 7.66 29.94 8.82
CA VAL B 2 8.68 29.22 8.05
C VAL B 2 8.22 27.91 7.42
N ASP B 3 8.33 27.83 6.09
CA ASP B 3 7.98 26.63 5.36
C ASP B 3 9.14 25.63 5.35
N VAL B 4 8.95 24.48 6.00
CA VAL B 4 9.97 23.41 6.08
C VAL B 4 9.59 22.12 5.34
N SER B 5 10.44 21.70 4.41
CA SER B 5 10.25 20.45 3.67
C SER B 5 11.03 19.29 4.27
N VAL B 6 10.33 18.18 4.49
CA VAL B 6 10.93 17.01 5.10
C VAL B 6 10.96 15.83 4.13
N SER B 7 12.03 15.04 4.19
CA SER B 7 12.11 13.78 3.47
C SER B 7 12.78 12.73 4.32
N ILE B 8 12.05 11.65 4.61
CA ILE B 8 12.55 10.56 5.42
C ILE B 8 12.91 9.38 4.55
N PHE B 9 14.12 8.86 4.71
CA PHE B 9 14.54 7.68 3.98
C PHE B 9 14.60 6.55 4.98
N ILE B 10 13.78 5.53 4.80
CA ILE B 10 13.75 4.42 5.73
C ILE B 10 14.66 3.31 5.24
N ASN B 11 15.70 3.01 6.03
CA ASN B 11 16.68 2.00 5.70
C ASN B 11 16.33 0.62 6.24
N LYS B 12 15.91 0.59 7.50
CA LYS B 12 15.62 -0.67 8.16
C LYS B 12 14.58 -0.44 9.26
N ILE B 13 13.56 -1.27 9.29
CA ILE B 13 12.69 -1.37 10.46
C ILE B 13 12.88 -2.78 10.98
N TYR B 14 13.37 -2.90 12.21
CA TYR B 14 13.63 -4.21 12.78
C TYR B 14 13.32 -4.18 14.28
N GLY B 15 13.52 -5.31 14.94
CA GLY B 15 13.39 -5.39 16.40
C GLY B 15 12.08 -4.95 17.06
N VAL B 16 10.98 -5.62 16.71
CA VAL B 16 9.70 -5.36 17.35
C VAL B 16 9.70 -5.81 18.81
N ASN B 17 9.40 -4.89 19.73
CA ASN B 17 9.21 -5.26 21.13
C ASN B 17 7.74 -5.46 21.40
N THR B 18 7.32 -6.72 21.51
CA THR B 18 5.91 -7.04 21.70
C THR B 18 5.35 -6.53 23.03
N LEU B 19 6.12 -6.67 24.11
CA LEU B 19 5.67 -6.20 25.42
C LEU B 19 5.63 -4.67 25.56
N GLU B 20 6.67 -4.01 25.07
CA GLU B 20 6.79 -2.55 25.19
C GLU B 20 6.10 -1.80 24.06
N GLN B 21 5.67 -2.53 23.03
CA GLN B 21 5.09 -1.95 21.82
C GLN B 21 6.05 -0.96 21.15
N THR B 22 7.16 -1.51 20.69
CA THR B 22 8.32 -0.75 20.24
C THR B 22 8.95 -1.39 18.99
N TYR B 23 9.48 -0.56 18.11
CA TYR B 23 10.23 -1.04 16.95
C TYR B 23 11.34 -0.07 16.59
N LYS B 24 12.44 -0.60 16.08
CA LYS B 24 13.63 0.17 15.78
C LYS B 24 13.63 0.60 14.31
N VAL B 25 13.94 1.87 14.04
CA VAL B 25 13.92 2.36 12.66
C VAL B 25 15.24 3.05 12.31
N ASP B 26 15.89 2.57 11.26
CA ASP B 26 17.11 3.22 10.78
C ASP B 26 16.88 3.96 9.49
N GLY B 27 17.35 5.21 9.45
CA GLY B 27 17.17 6.03 8.27
C GLY B 27 17.75 7.43 8.40
N TYR B 28 17.33 8.31 7.50
CA TYR B 28 17.82 9.68 7.43
C TYR B 28 16.65 10.66 7.48
N ILE B 29 16.84 11.80 8.11
CA ILE B 29 15.89 12.89 7.98
C ILE B 29 16.55 13.96 7.15
N VAL B 30 15.80 14.54 6.21
CA VAL B 30 16.30 15.71 5.48
C VAL B 30 15.31 16.85 5.64
N ALA B 31 15.76 17.98 6.16
CA ALA B 31 14.90 19.13 6.36
C ALA B 31 15.44 20.33 5.60
N GLN B 32 14.56 21.02 4.88
CA GLN B 32 14.96 22.16 4.06
C GLN B 32 14.06 23.37 4.28
N TRP B 33 14.67 24.54 4.42
CA TRP B 33 13.95 25.80 4.56
C TRP B 33 14.78 26.95 3.97
N THR B 34 14.16 28.12 3.79
CA THR B 34 14.88 29.26 3.22
C THR B 34 15.17 30.37 4.22
N GLY B 35 16.45 30.66 4.40
CA GLY B 35 16.87 31.73 5.29
C GLY B 35 17.30 32.95 4.50
N LYS B 36 17.97 33.89 5.15
CA LYS B 36 18.45 35.10 4.48
C LYS B 36 19.68 34.71 3.68
N PRO B 37 19.77 35.19 2.42
CA PRO B 37 20.91 34.89 1.55
C PRO B 37 22.25 35.08 2.26
N ARG B 38 23.17 34.16 2.04
CA ARG B 38 24.44 34.16 2.75
C ARG B 38 25.55 34.41 1.73
N LYS B 39 26.75 34.71 2.22
CA LYS B 39 27.88 34.82 1.31
C LYS B 39 28.75 33.60 1.52
N THR B 40 28.59 32.60 0.67
CA THR B 40 29.33 31.36 0.80
C THR B 40 30.59 31.40 -0.05
N PRO B 41 31.66 30.71 0.41
CA PRO B 41 32.93 30.61 -0.31
C PRO B 41 32.74 30.22 -1.77
N GLY B 42 33.32 31.02 -2.66
CA GLY B 42 33.09 30.87 -4.08
C GLY B 42 31.73 31.44 -4.43
N ASP B 43 30.75 30.56 -4.53
CA ASP B 43 29.37 30.94 -4.75
C ASP B 43 28.59 29.63 -4.64
N LYS B 44 29.34 28.54 -4.67
CA LYS B 44 28.79 27.20 -4.53
C LYS B 44 28.33 26.91 -3.10
N PRO B 45 27.34 26.03 -2.93
CA PRO B 45 26.78 25.71 -1.61
C PRO B 45 27.86 25.35 -0.59
N LEU B 46 27.64 25.79 0.64
CA LEU B 46 28.58 25.52 1.72
C LEU B 46 28.17 24.24 2.45
N ILE B 47 29.13 23.33 2.65
CA ILE B 47 28.85 22.11 3.40
C ILE B 47 29.42 22.16 4.83
N VAL B 48 28.57 21.87 5.81
CA VAL B 48 28.97 21.84 7.21
C VAL B 48 28.65 20.47 7.83
N GLU B 49 29.69 19.69 8.13
CA GLU B 49 29.48 18.36 8.71
C GLU B 49 29.54 18.37 10.24
N ASN B 50 29.11 17.27 10.83
CA ASN B 50 28.94 17.06 12.27
C ASN B 50 29.35 18.18 13.25
N THR B 51 30.59 18.10 13.73
CA THR B 51 31.12 19.01 14.74
C THR B 51 30.81 20.49 14.48
N GLN B 52 31.05 20.94 13.26
CA GLN B 52 30.92 22.35 12.93
C GLN B 52 29.51 22.93 12.99
N ILE B 53 28.48 22.10 12.94
CA ILE B 53 27.10 22.59 12.92
C ILE B 53 26.77 23.37 14.19
N GLU B 54 27.17 22.81 15.33
CA GLU B 54 26.97 23.47 16.60
C GLU B 54 27.62 24.85 16.59
N ARG B 55 28.82 24.94 16.02
CA ARG B 55 29.54 26.20 15.93
C ARG B 55 28.81 27.29 15.15
N TRP B 56 28.12 26.90 14.08
CA TRP B 56 27.38 27.88 13.28
C TRP B 56 26.21 28.41 14.09
N ILE B 57 25.65 27.53 14.92
CA ILE B 57 24.54 27.87 15.78
C ILE B 57 24.92 28.88 16.87
N ASN B 58 26.11 28.72 17.45
CA ASN B 58 26.63 29.71 18.40
C ASN B 58 26.75 31.10 17.77
N ASN B 59 27.05 31.15 16.48
CA ASN B 59 27.13 32.43 15.78
C ASN B 59 25.78 32.89 15.23
N GLY B 60 24.70 32.24 15.65
CA GLY B 60 23.37 32.73 15.33
C GLY B 60 22.60 32.03 14.23
N LEU B 61 23.08 30.88 13.78
CA LEU B 61 22.34 30.14 12.76
C LEU B 61 21.09 29.56 13.38
N TRP B 62 19.95 29.82 12.76
CA TRP B 62 18.70 29.23 13.21
C TRP B 62 18.55 27.82 12.64
N VAL B 63 18.77 26.84 13.51
CA VAL B 63 18.54 25.45 13.14
C VAL B 63 17.55 24.91 14.15
N PRO B 64 16.28 24.84 13.75
CA PRO B 64 15.15 24.43 14.60
C PRO B 64 15.19 22.94 14.96
N ALA B 65 14.93 22.63 16.22
CA ALA B 65 14.92 21.23 16.66
C ALA B 65 13.63 20.52 16.27
N LEU B 66 13.75 19.51 15.42
CA LEU B 66 12.59 18.71 15.05
C LEU B 66 12.58 17.42 15.85
N GLU B 67 11.59 17.30 16.73
CA GLU B 67 11.48 16.18 17.65
C GLU B 67 10.68 14.98 17.13
N PHE B 68 11.18 13.78 17.38
CA PHE B 68 10.42 12.58 17.13
C PHE B 68 9.49 12.35 18.30
N ILE B 69 8.23 12.73 18.11
CA ILE B 69 7.22 12.66 19.18
C ILE B 69 7.09 11.26 19.82
N ASN B 70 7.04 10.23 18.99
CA ASN B 70 6.82 8.87 19.48
C ASN B 70 8.08 8.03 19.58
N VAL B 71 9.24 8.69 19.67
CA VAL B 71 10.49 8.00 19.92
C VAL B 71 10.65 7.65 21.41
N VAL B 72 11.11 6.43 21.69
CA VAL B 72 11.37 6.03 23.07
C VAL B 72 12.84 6.26 23.44
N GLY B 73 13.07 7.17 24.38
CA GLY B 73 14.40 7.63 24.69
C GLY B 73 14.74 8.76 23.75
N SER B 74 16.02 8.91 23.41
CA SER B 74 16.42 9.86 22.40
C SER B 74 17.33 9.15 21.40
N PRO B 75 17.06 9.34 20.10
CA PRO B 75 17.62 8.56 18.99
C PRO B 75 19.15 8.61 18.86
N ASP B 76 19.72 7.56 18.29
CA ASP B 76 21.15 7.50 17.97
C ASP B 76 21.42 8.28 16.68
N THR B 77 22.11 9.39 16.83
CA THR B 77 22.41 10.23 15.68
C THR B 77 23.71 9.84 15.01
N GLY B 78 23.65 9.58 13.71
CA GLY B 78 24.85 9.29 12.95
C GLY B 78 25.48 10.59 12.51
N ASN B 79 25.76 10.71 11.22
CA ASN B 79 26.37 11.93 10.72
C ASN B 79 25.37 13.08 10.52
N LYS B 80 25.76 14.29 10.90
CA LYS B 80 24.89 15.43 10.72
C LYS B 80 25.47 16.27 9.60
N ARG B 81 24.64 16.98 8.87
CA ARG B 81 25.15 17.82 7.79
C ARG B 81 24.28 19.03 7.56
N LEU B 82 24.91 20.18 7.45
CA LEU B 82 24.23 21.40 7.04
C LEU B 82 24.76 21.82 5.69
N MET B 83 23.86 21.95 4.74
CA MET B 83 24.24 22.44 3.42
C MET B 83 23.68 23.85 3.27
N LEU B 84 24.57 24.84 3.28
CA LEU B 84 24.17 26.23 3.24
C LEU B 84 24.30 26.78 1.82
N PHE B 85 23.17 27.15 1.23
CA PHE B 85 23.19 27.69 -0.12
C PHE B 85 23.26 29.21 -0.06
N PRO B 86 23.92 29.84 -1.06
CA PRO B 86 24.14 31.28 -1.09
C PRO B 86 22.86 32.06 -1.29
N ASP B 87 21.91 31.44 -1.98
CA ASP B 87 20.60 32.04 -2.19
C ASP B 87 19.76 32.02 -0.91
N GLY B 88 20.30 31.40 0.14
CA GLY B 88 19.68 31.42 1.46
C GLY B 88 19.31 30.07 2.03
N ARG B 89 18.72 29.21 1.19
CA ARG B 89 18.13 27.96 1.65
C ARG B 89 19.11 27.09 2.44
N VAL B 90 18.55 26.35 3.40
CA VAL B 90 19.35 25.52 4.29
C VAL B 90 18.82 24.09 4.27
N ILE B 91 19.72 23.12 4.14
CA ILE B 91 19.32 21.72 4.13
C ILE B 91 19.99 20.96 5.27
N TYR B 92 19.16 20.41 6.17
CA TYR B 92 19.68 19.63 7.29
C TYR B 92 19.54 18.15 6.96
N ASN B 93 20.66 17.43 6.97
CA ASN B 93 20.64 16.00 6.67
C ASN B 93 21.32 15.24 7.79
N ALA B 94 20.62 14.24 8.32
CA ALA B 94 21.16 13.46 9.43
C ALA B 94 20.69 12.02 9.39
N ARG B 95 21.59 11.09 9.72
CA ARG B 95 21.19 9.70 9.88
C ARG B 95 20.81 9.44 11.32
N PHE B 96 19.78 8.62 11.51
CA PHE B 96 19.30 8.30 12.84
C PHE B 96 18.92 6.84 12.93
N LEU B 97 19.03 6.30 14.14
CA LEU B 97 18.43 5.02 14.47
C LEU B 97 17.74 5.24 15.80
N GLY B 98 16.43 5.05 15.84
CA GLY B 98 15.66 5.33 17.04
C GLY B 98 14.67 4.22 17.32
N SER B 99 14.27 4.09 18.58
CA SER B 99 13.23 3.14 18.97
C SER B 99 11.90 3.88 19.08
N PHE B 100 10.91 3.46 18.32
CA PHE B 100 9.65 4.19 18.28
C PHE B 100 8.47 3.46 18.92
N SER B 101 7.49 4.23 19.39
CA SER B 101 6.32 3.70 20.07
C SER B 101 5.08 3.80 19.18
N ASN B 102 4.23 2.78 19.29
CA ASN B 102 2.93 2.76 18.62
C ASN B 102 2.03 1.69 19.24
N ASP B 103 0.72 1.92 19.24
CA ASP B 103 -0.22 0.90 19.67
C ASP B 103 -0.12 -0.32 18.73
N MET B 104 0.14 -1.48 19.31
CA MET B 104 0.26 -2.71 18.51
C MET B 104 -0.63 -3.83 19.03
N ASP B 105 -1.49 -4.34 18.16
CA ASP B 105 -2.39 -5.43 18.51
C ASP B 105 -1.77 -6.75 18.06
N PHE B 106 -1.50 -7.63 19.03
CA PHE B 106 -0.92 -8.94 18.71
C PHE B 106 -1.90 -10.06 19.00
N ARG B 107 -3.18 -9.72 19.14
CA ARG B 107 -4.20 -10.70 19.50
C ARG B 107 -4.22 -11.90 18.55
N LEU B 108 -4.21 -11.63 17.25
CA LEU B 108 -4.29 -12.68 16.25
C LEU B 108 -2.93 -13.15 15.72
N PHE B 109 -1.99 -13.30 16.64
CA PHE B 109 -0.66 -13.84 16.34
C PHE B 109 -0.78 -15.28 15.84
N PRO B 110 0.10 -15.69 14.91
CA PRO B 110 1.20 -14.98 14.26
C PRO B 110 0.78 -14.33 12.95
N PHE B 111 -0.49 -14.00 12.83
CA PHE B 111 -1.00 -13.39 11.60
C PHE B 111 -1.31 -11.92 11.83
N ASP B 112 -0.38 -11.24 12.50
CA ASP B 112 -0.57 -9.84 12.84
C ASP B 112 -0.47 -8.95 11.62
N ARG B 113 -1.19 -7.85 11.66
CA ARG B 113 -1.00 -6.77 10.72
C ARG B 113 -0.57 -5.64 11.62
N GLN B 114 0.60 -5.09 11.37
CA GLN B 114 1.07 -4.00 12.19
C GLN B 114 1.33 -2.78 11.31
N GLN B 115 1.40 -1.59 11.89
CA GLN B 115 1.86 -0.45 11.11
C GLN B 115 2.89 0.39 11.89
N PHE B 116 4.05 0.56 11.27
CA PHE B 116 5.16 1.25 11.88
C PHE B 116 5.01 2.73 11.60
N VAL B 117 5.05 3.51 12.67
CA VAL B 117 4.75 4.94 12.58
C VAL B 117 5.87 5.86 13.07
N LEU B 118 6.07 6.96 12.34
CA LEU B 118 6.99 8.00 12.74
C LEU B 118 6.20 9.28 12.85
N GLU B 119 6.41 10.00 13.95
CA GLU B 119 5.76 11.29 14.13
C GLU B 119 6.80 12.37 14.36
N LEU B 120 6.85 13.32 13.44
CA LEU B 120 7.81 14.41 13.50
C LEU B 120 7.06 15.67 13.88
N GLU B 121 7.64 16.47 14.75
CA GLU B 121 7.01 17.71 15.20
C GLU B 121 8.07 18.62 15.76
N PRO B 122 7.97 19.92 15.45
CA PRO B 122 8.91 20.92 15.99
C PRO B 122 8.80 21.03 17.50
N PHE B 123 9.95 21.06 18.16
CA PHE B 123 10.06 21.07 19.62
C PHE B 123 9.67 22.38 20.31
N SER B 124 9.93 23.50 19.64
CA SER B 124 9.76 24.81 20.26
C SER B 124 8.95 25.80 19.43
N TYR B 125 8.75 25.48 18.15
CA TYR B 125 8.08 26.39 17.23
C TYR B 125 6.66 25.98 16.80
N ASN B 126 5.69 26.83 17.11
CA ASN B 126 4.29 26.61 16.76
C ASN B 126 3.99 26.73 15.27
N ASN B 127 2.75 26.40 14.90
CA ASN B 127 2.27 26.48 13.51
C ASN B 127 2.53 27.80 12.79
N GLN B 128 2.56 28.88 13.56
CA GLN B 128 2.72 30.19 12.97
C GLN B 128 4.18 30.59 12.83
N GLN B 129 5.03 29.93 13.60
CA GLN B 129 6.48 30.13 13.46
C GLN B 129 7.07 29.13 12.45
N LEU B 130 6.81 27.85 12.63
CA LEU B 130 7.31 26.81 11.73
C LEU B 130 6.16 25.89 11.30
N ARG B 131 6.02 25.72 9.99
CA ARG B 131 4.91 24.98 9.40
C ARG B 131 5.48 23.93 8.44
N PHE B 132 4.97 22.70 8.49
CA PHE B 132 5.45 21.67 7.57
C PHE B 132 4.82 21.79 6.19
N SER B 133 5.61 22.22 5.22
CA SER B 133 5.10 22.42 3.86
C SER B 133 4.68 21.11 3.19
N ASP B 134 5.59 20.13 3.20
CA ASP B 134 5.32 18.84 2.57
C ASP B 134 6.28 17.77 3.05
N ILE B 135 5.92 16.51 2.83
CA ILE B 135 6.82 15.40 3.14
C ILE B 135 6.69 14.17 2.25
N GLN B 136 7.83 13.66 1.79
CA GLN B 136 7.89 12.36 1.11
C GLN B 136 8.79 11.39 1.86
N VAL B 137 8.37 10.14 1.97
CA VAL B 137 9.15 9.09 2.63
C VAL B 137 9.55 8.03 1.63
N TYR B 138 10.83 7.68 1.59
CA TYR B 138 11.28 6.68 0.63
C TYR B 138 11.67 5.35 1.25
N THR B 139 10.79 4.35 1.11
CA THR B 139 11.13 3.00 1.50
C THR B 139 11.58 2.27 0.25
N GLU B 140 12.83 2.50 -0.14
CA GLU B 140 13.40 1.93 -1.35
C GLU B 140 13.59 0.41 -1.22
N ASN B 141 12.63 -0.24 -0.58
CA ASN B 141 12.67 -1.68 -0.38
C ASN B 141 11.89 -2.43 -1.45
N ILE B 142 12.08 -3.75 -1.47
CA ILE B 142 11.47 -4.67 -2.42
C ILE B 142 12.07 -6.06 -2.18
N ASP B 143 11.47 -7.08 -2.79
CA ASP B 143 12.04 -8.43 -2.83
C ASP B 143 12.33 -9.12 -1.50
N ASN B 144 12.69 -10.40 -1.60
CA ASN B 144 13.14 -11.22 -0.49
C ASN B 144 12.27 -11.15 0.76
N GLU B 145 10.97 -11.32 0.61
CA GLU B 145 10.08 -11.27 1.76
C GLU B 145 10.27 -12.52 2.60
N GLU B 146 10.58 -13.62 1.92
CA GLU B 146 10.65 -14.91 2.58
C GLU B 146 11.92 -15.10 3.40
N ILE B 147 12.80 -14.10 3.38
CA ILE B 147 14.00 -14.12 4.19
C ILE B 147 13.85 -13.25 5.43
N ASP B 148 13.01 -12.22 5.31
CA ASP B 148 12.81 -11.25 6.38
C ASP B 148 11.60 -11.60 7.25
N GLU B 149 11.62 -11.15 8.50
CA GLU B 149 10.54 -11.44 9.45
C GLU B 149 9.22 -10.78 9.09
N TRP B 150 9.31 -9.55 8.57
CA TRP B 150 8.13 -8.76 8.24
C TRP B 150 7.99 -8.46 6.76
N TRP B 151 6.76 -8.49 6.27
CA TRP B 151 6.48 -8.17 4.87
C TRP B 151 5.81 -6.81 4.75
N ILE B 152 6.56 -5.83 4.24
CA ILE B 152 6.00 -4.51 4.03
C ILE B 152 5.00 -4.51 2.88
N ARG B 153 3.82 -3.97 3.12
CA ARG B 153 2.78 -3.98 2.10
C ARG B 153 2.70 -2.68 1.32
N GLY B 154 2.32 -1.60 1.99
CA GLY B 154 2.15 -0.33 1.30
C GLY B 154 3.44 0.34 0.91
N LYS B 155 3.35 1.59 0.44
CA LYS B 155 4.52 2.32 0.03
C LYS B 155 4.95 3.38 1.03
N ALA B 156 4.09 3.56 2.05
CA ALA B 156 4.22 4.45 3.22
C ALA B 156 3.10 5.48 3.17
N SER B 157 2.34 5.56 4.25
CA SER B 157 1.27 6.53 4.34
C SER B 157 1.77 7.79 5.00
N THR B 158 1.23 8.93 4.57
CA THR B 158 1.65 10.22 5.09
C THR B 158 0.48 11.06 5.56
N HIS B 159 0.71 11.87 6.58
CA HIS B 159 -0.32 12.77 7.07
C HIS B 159 0.34 13.98 7.75
N ILE B 160 0.23 15.16 7.13
CA ILE B 160 0.57 16.41 7.79
C ILE B 160 -0.67 17.09 8.38
N SER B 161 -0.64 17.37 9.68
CA SER B 161 -1.80 17.93 10.37
C SER B 161 -1.33 18.93 11.40
N ASP B 162 -2.27 19.55 12.11
CA ASP B 162 -1.95 20.52 13.14
C ASP B 162 -2.40 19.98 14.49
N ILE B 163 -1.47 19.86 15.43
CA ILE B 163 -1.78 19.32 16.75
C ILE B 163 -2.05 20.48 17.71
N ARG B 164 -3.25 20.49 18.30
CA ARG B 164 -3.61 21.53 19.25
C ARG B 164 -3.38 21.07 20.69
N TYR B 165 -2.59 21.85 21.43
CA TYR B 165 -2.39 21.59 22.86
C TYR B 165 -3.18 22.61 23.66
N ASP B 166 -3.93 22.14 24.64
CA ASP B 166 -4.84 22.99 25.38
C ASP B 166 -4.18 23.64 26.60
N HIS B 167 -3.13 23.00 27.11
CA HIS B 167 -2.44 23.50 28.31
C HIS B 167 -0.95 23.72 28.06
N LEU B 168 -0.56 24.97 27.85
CA LEU B 168 0.85 25.30 27.66
C LEU B 168 1.33 26.45 28.54
N SER B 169 2.25 27.23 27.99
CA SER B 169 2.91 28.34 28.69
C SER B 169 1.93 29.46 29.01
N SER B 170 2.45 30.52 29.62
CA SER B 170 1.64 31.70 29.87
C SER B 170 1.40 32.49 28.58
N VAL B 171 1.22 31.75 27.47
CA VAL B 171 0.90 32.33 26.17
C VAL B 171 -0.48 31.87 25.68
N GLN B 172 -1.35 32.82 25.31
CA GLN B 172 -2.75 32.52 24.96
C GLN B 172 -3.31 32.77 23.53
N PRO B 173 -2.74 33.73 22.75
CA PRO B 173 -3.32 34.02 21.43
C PRO B 173 -3.58 32.82 20.53
N ASN B 174 -2.51 32.22 20.01
CA ASN B 174 -2.67 31.07 19.11
C ASN B 174 -1.42 30.22 19.04
N GLN B 175 -0.55 30.37 20.05
CA GLN B 175 0.65 29.56 20.13
C GLN B 175 0.31 28.23 20.79
N ASN B 176 -0.38 27.37 20.03
CA ASN B 176 -0.79 26.08 20.55
C ASN B 176 -1.07 25.03 19.48
N GLU B 177 -0.86 25.35 18.21
CA GLU B 177 -1.16 24.39 17.15
C GLU B 177 0.05 23.89 16.35
N PHE B 178 1.06 23.36 17.03
CA PHE B 178 2.24 22.78 16.37
C PHE B 178 1.88 21.83 15.21
N SER B 179 2.59 21.95 14.09
CA SER B 179 2.32 21.11 12.90
C SER B 179 3.08 19.79 12.92
N ARG B 180 2.37 18.69 12.69
CA ARG B 180 2.99 17.37 12.82
C ARG B 180 2.91 16.49 11.57
N ILE B 181 4.06 15.91 11.24
CA ILE B 181 4.17 14.92 10.18
C ILE B 181 3.99 13.53 10.75
N THR B 182 3.12 12.74 10.13
CA THR B 182 2.87 11.38 10.59
C THR B 182 3.11 10.42 9.44
N VAL B 183 4.12 9.57 9.57
CA VAL B 183 4.41 8.57 8.53
C VAL B 183 3.91 7.18 8.93
N ARG B 184 3.24 6.49 8.03
CA ARG B 184 2.76 5.14 8.32
C ARG B 184 3.23 4.09 7.32
N ILE B 185 3.81 3.00 7.82
CA ILE B 185 4.25 1.90 6.97
C ILE B 185 3.54 0.61 7.36
N ASP B 186 2.76 0.05 6.45
CA ASP B 186 1.98 -1.17 6.72
C ASP B 186 2.80 -2.46 6.55
N ALA B 187 2.57 -3.42 7.43
CA ALA B 187 3.33 -4.67 7.41
C ALA B 187 2.54 -5.90 7.89
N VAL B 188 2.95 -7.06 7.41
CA VAL B 188 2.35 -8.32 7.82
C VAL B 188 3.44 -9.23 8.36
N ARG B 189 3.13 -9.99 9.41
CA ARG B 189 4.09 -10.95 9.96
C ARG B 189 4.25 -12.18 9.05
N ASN B 190 5.50 -12.62 8.89
CA ASN B 190 5.82 -13.82 8.12
C ASN B 190 5.46 -15.05 8.97
N PRO B 191 4.31 -15.68 8.66
CA PRO B 191 3.72 -16.71 9.52
C PRO B 191 4.26 -18.12 9.28
N SER B 192 5.14 -18.27 8.30
CA SER B 192 5.62 -19.58 7.87
C SER B 192 6.17 -20.43 9.01
N TYR B 193 7.05 -19.83 9.83
CA TYR B 193 7.71 -20.55 10.91
C TYR B 193 6.73 -21.08 11.93
N TYR B 194 5.81 -20.23 12.35
CA TYR B 194 4.85 -20.59 13.39
C TYR B 194 3.82 -21.62 12.92
N LEU B 195 3.53 -21.64 11.63
CA LEU B 195 2.60 -22.64 11.11
C LEU B 195 3.21 -24.02 11.18
N TRP B 196 4.37 -24.18 10.57
CA TRP B 196 5.00 -25.49 10.48
C TRP B 196 5.62 -26.00 11.77
N SER B 197 6.20 -25.10 12.57
CA SER B 197 6.87 -25.50 13.81
C SER B 197 6.04 -25.34 15.09
N PHE B 198 4.90 -24.65 15.00
CA PHE B 198 4.02 -24.52 16.16
C PHE B 198 2.58 -24.97 15.92
N ILE B 199 1.92 -24.39 14.93
CA ILE B 199 0.54 -24.74 14.63
C ILE B 199 0.38 -26.22 14.24
N LEU B 200 1.16 -26.66 13.26
CA LEU B 200 1.06 -28.02 12.75
C LEU B 200 1.19 -29.08 13.83
N PRO B 201 2.34 -29.12 14.53
CA PRO B 201 2.43 -30.24 15.47
C PRO B 201 1.44 -30.14 16.62
N LEU B 202 1.06 -28.92 17.02
CA LEU B 202 0.07 -28.76 18.08
C LEU B 202 -1.21 -29.45 17.66
N GLY B 203 -1.57 -29.30 16.38
CA GLY B 203 -2.75 -29.95 15.83
C GLY B 203 -2.69 -31.46 15.87
N LEU B 204 -1.55 -32.03 15.48
CA LEU B 204 -1.38 -33.49 15.50
C LEU B 204 -1.49 -34.03 16.92
N ILE B 205 -0.96 -33.27 17.88
CA ILE B 205 -1.04 -33.62 19.29
C ILE B 205 -2.50 -33.72 19.73
N ILE B 206 -3.29 -32.70 19.43
CA ILE B 206 -4.71 -32.70 19.75
C ILE B 206 -5.43 -33.82 18.99
N ALA B 207 -5.04 -34.02 17.74
CA ALA B 207 -5.63 -35.05 16.91
C ALA B 207 -5.37 -36.41 17.54
N ALA B 208 -4.10 -36.70 17.80
CA ALA B 208 -3.71 -37.98 18.40
C ALA B 208 -4.22 -38.09 19.83
N SER B 209 -4.56 -36.97 20.43
CA SER B 209 -5.19 -36.97 21.75
C SER B 209 -6.48 -37.77 21.71
N TRP B 210 -7.22 -37.67 20.60
CA TRP B 210 -8.50 -38.36 20.46
C TRP B 210 -8.33 -39.86 20.27
N SER B 211 -7.10 -40.27 19.97
CA SER B 211 -6.81 -41.68 19.74
C SER B 211 -6.82 -42.50 21.03
N VAL B 212 -7.12 -41.84 22.15
CA VAL B 212 -7.20 -42.51 23.45
C VAL B 212 -8.40 -43.45 23.50
N PHE B 213 -9.37 -43.19 22.62
CA PHE B 213 -10.62 -43.94 22.59
C PHE B 213 -10.56 -45.28 21.83
N TRP B 214 -9.52 -45.46 21.01
CA TRP B 214 -9.30 -46.75 20.37
C TRP B 214 -8.59 -47.74 21.30
N LEU B 215 -8.35 -47.31 22.53
CA LEU B 215 -7.76 -48.17 23.56
C LEU B 215 -8.81 -49.11 24.14
N GLU B 216 -8.41 -50.35 24.40
CA GLU B 216 -9.35 -51.34 24.86
C GLU B 216 -9.68 -51.15 26.35
N SER B 217 -8.66 -51.31 27.19
CA SER B 217 -8.84 -51.26 28.64
C SER B 217 -9.13 -49.86 29.19
N PHE B 218 -9.81 -49.81 30.34
CA PHE B 218 -10.07 -48.56 31.05
C PHE B 218 -8.81 -48.00 31.68
N SER B 219 -8.00 -48.88 32.27
CA SER B 219 -6.75 -48.49 32.89
C SER B 219 -5.81 -47.89 31.86
N GLU B 220 -5.79 -48.49 30.66
CA GLU B 220 -5.02 -47.95 29.56
C GLU B 220 -5.58 -46.60 29.14
N ARG B 221 -6.90 -46.55 28.95
CA ARG B 221 -7.58 -45.33 28.53
C ARG B 221 -7.31 -44.14 29.46
N LEU B 222 -7.35 -44.39 30.76
CA LEU B 222 -7.16 -43.31 31.73
C LEU B 222 -5.70 -42.94 31.94
N GLN B 223 -4.86 -43.94 32.17
CA GLN B 223 -3.44 -43.68 32.42
C GLN B 223 -2.75 -43.00 31.22
N THR B 224 -3.14 -43.39 30.01
CA THR B 224 -2.58 -42.80 28.79
C THR B 224 -2.90 -41.30 28.66
N SER B 225 -4.08 -40.90 29.15
CA SER B 225 -4.48 -39.49 29.10
C SER B 225 -3.66 -38.61 30.05
N PHE B 226 -2.97 -39.22 31.00
CA PHE B 226 -2.08 -38.46 31.89
C PHE B 226 -0.81 -38.09 31.15
N THR B 227 -0.35 -39.01 30.32
CA THR B 227 0.80 -38.77 29.45
C THR B 227 0.44 -37.72 28.42
N LEU B 228 -0.81 -37.75 27.98
CA LEU B 228 -1.30 -36.82 26.99
C LEU B 228 -1.34 -35.41 27.58
N MET B 229 -1.74 -35.32 28.84
CA MET B 229 -1.79 -34.07 29.58
C MET B 229 -0.38 -33.52 29.72
N LEU B 230 0.53 -34.41 30.12
CA LEU B 230 1.92 -34.08 30.38
C LEU B 230 2.52 -33.54 29.10
N THR B 231 2.05 -34.07 27.97
CA THR B 231 2.48 -33.61 26.65
C THR B 231 2.00 -32.18 26.35
N VAL B 232 0.74 -31.90 26.67
CA VAL B 232 0.20 -30.55 26.46
C VAL B 232 0.89 -29.53 27.37
N VAL B 233 1.21 -29.93 28.59
CA VAL B 233 2.00 -29.08 29.47
C VAL B 233 3.39 -28.84 28.87
N ALA B 234 4.03 -29.91 28.42
CA ALA B 234 5.34 -29.82 27.79
C ALA B 234 5.29 -28.93 26.54
N TYR B 235 4.21 -29.03 25.79
CA TYR B 235 4.04 -28.21 24.60
C TYR B 235 3.66 -26.78 24.97
N ALA B 236 2.86 -26.62 26.01
CA ALA B 236 2.55 -25.30 26.54
C ALA B 236 3.85 -24.61 26.97
N PHE B 237 4.75 -25.40 27.54
CA PHE B 237 6.05 -24.91 27.99
C PHE B 237 6.87 -24.49 26.78
N TYR B 238 6.99 -25.42 25.83
CA TYR B 238 7.72 -25.20 24.58
C TYR B 238 7.21 -23.99 23.80
N THR B 239 5.90 -23.80 23.76
CA THR B 239 5.30 -22.65 23.12
C THR B 239 5.71 -21.33 23.78
N SER B 240 5.40 -21.18 25.06
CA SER B 240 5.61 -19.93 25.79
C SER B 240 7.06 -19.44 25.86
N ASN B 241 8.01 -20.36 25.97
CA ASN B 241 9.42 -20.02 26.05
C ASN B 241 9.97 -19.34 24.78
N ILE B 242 9.40 -19.68 23.63
CA ILE B 242 9.88 -19.17 22.35
C ILE B 242 9.06 -17.98 21.86
N LEU B 243 7.74 -18.10 21.97
CA LEU B 243 6.81 -17.06 21.54
C LEU B 243 6.96 -15.73 22.29
N PRO B 244 6.54 -14.61 21.65
CA PRO B 244 6.62 -13.29 22.26
C PRO B 244 5.68 -13.13 23.45
N ARG B 245 6.17 -12.52 24.52
CA ARG B 245 5.35 -12.30 25.70
C ARG B 245 4.31 -11.20 25.48
N LEU B 246 3.08 -11.49 25.87
CA LEU B 246 1.98 -10.55 25.71
C LEU B 246 1.12 -10.55 26.97
N PRO B 247 0.30 -9.51 27.15
CA PRO B 247 -0.64 -9.48 28.28
C PRO B 247 -2.01 -10.02 27.87
N TYR B 248 -2.06 -10.74 26.76
CA TYR B 248 -3.30 -11.38 26.30
C TYR B 248 -3.02 -12.69 25.55
N THR B 249 -4.05 -13.51 25.41
CA THR B 249 -3.90 -14.81 24.75
C THR B 249 -4.00 -14.72 23.24
N THR B 250 -3.13 -15.45 22.55
CA THR B 250 -3.14 -15.45 21.09
C THR B 250 -3.94 -16.62 20.53
N VAL B 251 -3.88 -16.78 19.21
CA VAL B 251 -4.49 -17.93 18.54
C VAL B 251 -3.82 -19.22 18.99
N ILE B 252 -2.50 -19.22 19.01
CA ILE B 252 -1.73 -20.35 19.51
C ILE B 252 -2.04 -20.62 20.98
N ASP B 253 -2.12 -19.56 21.78
CA ASP B 253 -2.41 -19.68 23.22
C ASP B 253 -3.77 -20.32 23.45
N GLN B 254 -4.71 -20.00 22.56
CA GLN B 254 -6.05 -20.58 22.62
C GLN B 254 -6.03 -22.07 22.29
N MET B 255 -5.24 -22.44 21.29
CA MET B 255 -5.10 -23.83 20.86
C MET B 255 -4.64 -24.71 22.02
N ILE B 256 -3.72 -24.19 22.82
CA ILE B 256 -3.22 -24.89 23.99
C ILE B 256 -4.35 -25.12 25.01
N ILE B 257 -5.16 -24.10 25.24
CA ILE B 257 -6.31 -24.25 26.13
C ILE B 257 -7.25 -25.34 25.62
N ALA B 258 -7.45 -25.35 24.31
CA ALA B 258 -8.30 -26.35 23.66
C ALA B 258 -7.76 -27.76 23.84
N GLY B 259 -6.44 -27.87 23.83
CA GLY B 259 -5.78 -29.14 24.08
C GLY B 259 -5.98 -29.67 25.49
N TYR B 260 -5.78 -28.80 26.47
CA TYR B 260 -6.02 -29.15 27.87
C TYR B 260 -7.46 -29.58 28.05
N GLY B 261 -8.36 -28.88 27.36
CA GLY B 261 -9.79 -29.15 27.46
C GLY B 261 -10.23 -30.48 26.88
N SER B 262 -9.79 -30.78 25.67
CA SER B 262 -10.14 -32.04 25.01
C SER B 262 -9.71 -33.21 25.88
N ILE B 263 -8.51 -33.12 26.44
CA ILE B 263 -7.97 -34.16 27.31
C ILE B 263 -8.71 -34.22 28.65
N PHE B 264 -8.98 -33.07 29.25
CA PHE B 264 -9.73 -33.02 30.51
C PHE B 264 -11.18 -33.47 30.33
N ALA B 265 -11.77 -33.17 29.17
CA ALA B 265 -13.10 -33.66 28.87
C ALA B 265 -13.09 -35.18 28.76
N ALA B 266 -12.03 -35.70 28.14
CA ALA B 266 -11.81 -37.13 27.99
C ALA B 266 -11.62 -37.81 29.35
N ILE B 267 -10.83 -37.17 30.22
CA ILE B 267 -10.58 -37.67 31.57
C ILE B 267 -11.93 -37.90 32.27
N LEU B 268 -12.80 -36.90 32.19
CA LEU B 268 -14.11 -36.99 32.79
C LEU B 268 -14.99 -38.09 32.18
N LEU B 269 -15.03 -38.18 30.85
CA LEU B 269 -15.82 -39.22 30.19
C LEU B 269 -15.37 -40.64 30.54
N ILE B 270 -14.06 -40.87 30.46
CA ILE B 270 -13.50 -42.19 30.72
C ILE B 270 -13.81 -42.68 32.13
N ILE B 271 -13.68 -41.79 33.11
CA ILE B 271 -14.08 -42.11 34.48
C ILE B 271 -15.57 -42.39 34.52
N PHE B 272 -16.34 -41.55 33.83
CA PHE B 272 -17.79 -41.69 33.80
C PHE B 272 -18.24 -42.98 33.14
N ALA B 273 -17.76 -43.22 31.93
CA ALA B 273 -18.11 -44.41 31.17
C ALA B 273 -18.00 -45.66 32.03
N HIS B 274 -16.84 -45.80 32.67
CA HIS B 274 -16.54 -47.00 33.44
C HIS B 274 -17.42 -47.13 34.69
N HIS B 275 -17.65 -46.02 35.39
CA HIS B 275 -18.31 -46.09 36.71
C HIS B 275 -19.82 -45.86 36.67
N ARG B 276 -20.32 -45.34 35.56
CA ARG B 276 -21.76 -45.29 35.34
C ARG B 276 -22.17 -46.61 34.73
N GLN B 277 -22.58 -47.52 35.59
CA GLN B 277 -22.82 -48.89 35.18
C GLN B 277 -23.98 -49.56 35.92
N ALA B 278 -24.26 -50.79 35.52
CA ALA B 278 -25.26 -51.61 36.19
C ALA B 278 -24.57 -52.88 36.69
N ASN B 279 -23.24 -52.82 36.76
CA ASN B 279 -22.43 -53.94 37.24
C ASN B 279 -21.05 -53.52 37.77
N GLY B 280 -20.30 -52.76 36.97
CA GLY B 280 -18.97 -52.34 37.37
C GLY B 280 -18.06 -51.91 36.23
N VAL B 281 -18.00 -52.71 35.17
CA VAL B 281 -17.20 -52.37 34.00
C VAL B 281 -18.09 -52.07 32.81
N GLU B 282 -19.36 -51.74 33.08
CA GLU B 282 -20.27 -51.35 32.01
C GLU B 282 -19.95 -49.93 31.58
N ASP B 283 -18.95 -49.84 30.71
CA ASP B 283 -18.59 -48.60 30.08
C ASP B 283 -19.72 -48.46 29.08
N ASP B 284 -20.55 -47.42 29.21
CA ASP B 284 -21.80 -47.30 28.42
C ASP B 284 -21.53 -47.73 26.99
N LEU B 285 -21.98 -48.95 26.70
CA LEU B 285 -21.50 -49.77 25.59
C LEU B 285 -21.29 -49.02 24.26
N LEU B 286 -22.04 -47.94 24.07
CA LEU B 286 -21.84 -47.07 22.91
C LEU B 286 -20.92 -45.88 23.18
N ILE B 287 -20.95 -45.36 24.40
CA ILE B 287 -20.22 -44.11 24.72
C ILE B 287 -18.71 -44.25 24.76
N GLN B 288 -18.20 -45.44 25.05
CA GLN B 288 -16.76 -45.68 25.05
C GLN B 288 -16.26 -45.62 23.63
N ARG B 289 -17.17 -45.84 22.70
CA ARG B 289 -16.89 -45.77 21.28
C ARG B 289 -17.31 -44.43 20.66
N CYS B 290 -17.18 -43.37 21.47
CA CYS B 290 -17.30 -41.98 20.99
C CYS B 290 -16.00 -41.52 20.31
N ARG B 291 -15.35 -42.45 19.63
CA ARG B 291 -14.09 -42.21 18.93
C ARG B 291 -14.28 -41.23 17.76
N LEU B 292 -15.53 -40.96 17.43
CA LEU B 292 -15.83 -40.05 16.34
C LEU B 292 -16.67 -38.88 16.86
N ALA B 293 -17.23 -39.05 18.06
CA ALA B 293 -18.13 -38.07 18.66
C ALA B 293 -17.49 -36.71 18.93
N PHE B 294 -16.60 -36.64 19.92
CA PHE B 294 -15.99 -35.34 20.21
C PHE B 294 -14.71 -34.92 19.44
N PRO B 295 -14.11 -35.82 18.63
CA PRO B 295 -13.16 -35.24 17.69
C PRO B 295 -13.82 -34.25 16.74
N LEU B 296 -14.99 -34.61 16.23
CA LEU B 296 -15.76 -33.68 15.40
C LEU B 296 -16.60 -32.78 16.29
N GLY B 297 -16.77 -33.21 17.53
CA GLY B 297 -17.40 -32.38 18.55
C GLY B 297 -16.43 -31.28 18.99
N PHE B 298 -15.14 -31.54 18.78
CA PHE B 298 -14.09 -30.56 19.05
C PHE B 298 -13.99 -29.59 17.89
N LEU B 299 -14.27 -30.09 16.69
CA LEU B 299 -14.25 -29.28 15.50
C LEU B 299 -15.47 -28.37 15.44
N ALA B 300 -16.52 -28.74 16.16
CA ALA B 300 -17.72 -27.90 16.25
C ALA B 300 -17.51 -26.80 17.29
N ILE B 301 -16.88 -27.17 18.39
CA ILE B 301 -16.50 -26.22 19.43
C ILE B 301 -15.38 -25.31 18.91
N GLY B 302 -14.56 -25.87 18.02
CA GLY B 302 -13.49 -25.11 17.38
C GLY B 302 -14.05 -24.07 16.41
N CYS B 303 -15.10 -24.44 15.71
CA CYS B 303 -15.76 -23.54 14.76
C CYS B 303 -16.62 -22.49 15.48
N VAL B 304 -16.88 -22.72 16.76
CA VAL B 304 -17.58 -21.74 17.57
C VAL B 304 -16.62 -20.57 17.82
N LEU B 305 -15.33 -20.89 17.83
CA LEU B 305 -14.25 -19.90 17.92
C LEU B 305 -14.14 -18.97 16.70
N VAL B 306 -14.80 -19.33 15.59
CA VAL B 306 -14.82 -18.49 14.40
C VAL B 306 -15.43 -17.10 14.69
N ILE B 307 -16.23 -17.02 15.76
CA ILE B 307 -16.89 -15.78 16.16
C ILE B 307 -15.93 -14.86 16.93
N PRO C 1 38.16 16.84 -8.28
CA PRO C 1 37.71 15.55 -7.75
C PRO C 1 38.78 14.88 -6.90
N VAL C 2 38.68 15.03 -5.58
CA VAL C 2 39.69 14.56 -4.65
C VAL C 2 39.81 13.03 -4.67
N ASP C 3 40.98 12.52 -5.03
CA ASP C 3 41.17 11.07 -5.03
C ASP C 3 41.47 10.59 -3.62
N VAL C 4 40.56 9.79 -3.06
CA VAL C 4 40.76 9.24 -1.72
C VAL C 4 40.99 7.73 -1.78
N SER C 5 42.12 7.29 -1.24
CA SER C 5 42.44 5.86 -1.17
C SER C 5 42.12 5.29 0.19
N VAL C 6 41.40 4.17 0.21
CA VAL C 6 40.97 3.56 1.46
C VAL C 6 41.59 2.18 1.67
N SER C 7 41.85 1.84 2.93
CA SER C 7 42.27 0.50 3.30
C SER C 7 41.54 0.07 4.57
N ILE C 8 40.82 -1.04 4.49
CA ILE C 8 40.10 -1.56 5.63
C ILE C 8 40.84 -2.76 6.22
N PHE C 9 41.09 -2.72 7.52
CA PHE C 9 41.72 -3.85 8.19
C PHE C 9 40.70 -4.52 9.09
N ILE C 10 40.37 -5.77 8.77
CA ILE C 10 39.35 -6.50 9.52
C ILE C 10 40.03 -7.29 10.63
N ASN C 11 39.71 -6.99 11.89
CA ASN C 11 40.31 -7.72 13.02
C ASN C 11 39.48 -8.90 13.48
N LYS C 12 38.19 -8.68 13.63
CA LYS C 12 37.31 -9.71 14.17
C LYS C 12 35.90 -9.51 13.65
N ILE C 13 35.30 -10.58 13.13
CA ILE C 13 33.89 -10.57 12.78
C ILE C 13 33.23 -11.59 13.71
N TYR C 14 32.31 -11.12 14.55
CA TYR C 14 31.67 -12.00 15.51
C TYR C 14 30.23 -11.63 15.80
N GLY C 15 29.57 -12.43 16.64
CA GLY C 15 28.23 -12.15 17.11
C GLY C 15 27.18 -11.88 16.04
N VAL C 16 26.98 -12.85 15.15
CA VAL C 16 25.93 -12.73 14.15
C VAL C 16 24.55 -12.83 14.77
N ASN C 17 23.73 -11.80 14.56
CA ASN C 17 22.34 -11.85 14.97
C ASN C 17 21.44 -12.30 13.84
N THR C 18 20.97 -13.54 13.90
CA THR C 18 20.17 -14.13 12.83
C THR C 18 18.87 -13.38 12.57
N LEU C 19 18.19 -12.95 13.64
CA LEU C 19 16.93 -12.23 13.47
C LEU C 19 17.10 -10.86 12.84
N GLU C 20 18.10 -10.12 13.29
CA GLU C 20 18.33 -8.76 12.83
C GLU C 20 19.14 -8.73 11.55
N GLN C 21 19.70 -9.89 11.19
CA GLN C 21 20.61 -9.99 10.05
C GLN C 21 21.78 -9.03 10.25
N THR C 22 22.53 -9.28 11.32
CA THR C 22 23.50 -8.34 11.86
C THR C 22 24.76 -9.10 12.25
N TYR C 23 25.91 -8.45 12.14
CA TYR C 23 27.17 -9.03 12.58
C TYR C 23 28.11 -7.91 13.00
N LYS C 24 28.97 -8.18 13.97
CA LYS C 24 29.90 -7.18 14.48
C LYS C 24 31.28 -7.26 13.83
N VAL C 25 31.84 -6.11 13.50
CA VAL C 25 33.17 -6.05 12.89
C VAL C 25 34.08 -5.05 13.61
N ASP C 26 35.25 -5.52 14.02
CA ASP C 26 36.26 -4.66 14.63
C ASP C 26 37.41 -4.45 13.67
N GLY C 27 37.89 -3.21 13.55
CA GLY C 27 38.99 -2.95 12.65
C GLY C 27 39.46 -1.51 12.54
N TYR C 28 40.22 -1.22 11.49
CA TYR C 28 40.76 0.12 11.29
C TYR C 28 40.39 0.60 9.89
N ILE C 29 40.11 1.89 9.75
CA ILE C 29 39.97 2.47 8.42
C ILE C 29 41.19 3.34 8.22
N VAL C 30 41.75 3.31 7.03
CA VAL C 30 42.81 4.24 6.69
C VAL C 30 42.35 5.03 5.47
N ALA C 31 42.26 6.34 5.60
CA ALA C 31 41.85 7.18 4.47
C ALA C 31 42.95 8.16 4.14
N GLN C 32 43.29 8.24 2.85
CA GLN C 32 44.36 9.12 2.41
C GLN C 32 43.96 9.97 1.20
N TRP C 33 44.35 11.24 1.23
CA TRP C 33 44.21 12.13 0.09
C TRP C 33 45.35 13.13 0.15
N THR C 34 45.59 13.83 -0.95
CA THR C 34 46.65 14.82 -0.99
C THR C 34 46.07 16.22 -1.00
N GLY C 35 46.45 17.01 0.00
CA GLY C 35 45.99 18.38 0.08
C GLY C 35 47.05 19.38 -0.33
N LYS C 36 46.82 20.65 -0.02
CA LYS C 36 47.79 21.69 -0.32
C LYS C 36 48.91 21.63 0.72
N PRO C 37 50.17 21.67 0.26
CA PRO C 37 51.39 21.54 1.08
C PRO C 37 51.38 22.37 2.36
N ARG C 38 51.89 21.79 3.44
CA ARG C 38 51.92 22.42 4.76
C ARG C 38 53.35 22.68 5.19
N LYS C 39 53.51 23.53 6.18
CA LYS C 39 54.81 23.76 6.80
C LYS C 39 54.71 23.09 8.17
N THR C 40 55.23 21.87 8.27
CA THR C 40 55.10 21.06 9.47
C THR C 40 56.29 21.21 10.42
N PRO C 41 56.03 21.06 11.73
CA PRO C 41 57.08 21.08 12.75
C PRO C 41 58.24 20.17 12.39
N GLY C 42 59.44 20.73 12.37
CA GLY C 42 60.63 20.02 11.91
C GLY C 42 60.55 19.98 10.40
N ASP C 43 60.10 18.84 9.88
CA ASP C 43 59.79 18.68 8.47
C ASP C 43 59.19 17.30 8.30
N LYS C 44 59.38 16.46 9.31
CA LYS C 44 58.76 15.16 9.32
C LYS C 44 57.25 15.32 9.58
N PRO C 45 56.43 14.39 9.05
CA PRO C 45 54.97 14.46 9.12
C PRO C 45 54.43 14.71 10.52
N LEU C 46 53.36 15.48 10.59
CA LEU C 46 52.76 15.86 11.87
C LEU C 46 51.73 14.84 12.29
N ILE C 47 51.78 14.42 13.55
CA ILE C 47 50.78 13.52 14.10
C ILE C 47 49.76 14.25 14.98
N VAL C 48 48.49 14.03 14.69
CA VAL C 48 47.40 14.60 15.46
C VAL C 48 46.52 13.48 15.96
N GLU C 49 46.54 13.23 17.27
CA GLU C 49 45.73 12.16 17.84
C GLU C 49 44.39 12.67 18.38
N ASN C 50 43.49 11.73 18.66
CA ASN C 50 42.09 11.94 19.02
C ASN C 50 41.55 13.36 19.16
N THR C 51 41.56 13.86 20.40
CA THR C 51 41.03 15.16 20.76
C THR C 51 41.43 16.29 19.82
N GLN C 52 42.72 16.33 19.51
CA GLN C 52 43.29 17.41 18.72
C GLN C 52 42.82 17.46 17.27
N ILE C 53 42.25 16.37 16.77
CA ILE C 53 41.75 16.36 15.40
C ILE C 53 40.61 17.35 15.25
N GLU C 54 39.70 17.35 16.22
CA GLU C 54 38.58 18.30 16.19
C GLU C 54 39.05 19.74 16.16
N ARG C 55 40.06 20.04 16.97
CA ARG C 55 40.60 21.39 17.03
C ARG C 55 41.14 21.87 15.68
N TRP C 56 41.71 20.97 14.90
CA TRP C 56 42.20 21.31 13.57
C TRP C 56 41.04 21.57 12.62
N ILE C 57 39.96 20.82 12.80
CA ILE C 57 38.78 20.97 11.96
C ILE C 57 38.12 22.35 12.18
N ASN C 58 38.04 22.79 13.43
CA ASN C 58 37.54 24.14 13.75
C ASN C 58 38.40 25.20 13.09
N ASN C 59 39.69 24.93 12.93
CA ASN C 59 40.58 25.87 12.26
C ASN C 59 40.63 25.67 10.76
N GLY C 60 39.72 24.85 10.23
CA GLY C 60 39.57 24.76 8.79
C GLY C 60 40.16 23.55 8.06
N LEU C 61 40.56 22.53 8.80
CA LEU C 61 41.07 21.33 8.15
C LEU C 61 39.91 20.58 7.49
N TRP C 62 40.04 20.28 6.21
CA TRP C 62 39.01 19.50 5.54
C TRP C 62 39.25 18.02 5.79
N VAL C 63 38.38 17.42 6.62
CA VAL C 63 38.42 15.98 6.84
C VAL C 63 37.03 15.46 6.49
N PRO C 64 36.90 14.85 5.30
CA PRO C 64 35.56 14.43 4.90
C PRO C 64 35.06 13.29 5.77
N ALA C 65 33.79 13.36 6.17
CA ALA C 65 33.20 12.28 6.95
C ALA C 65 32.86 11.12 6.02
N LEU C 66 33.46 9.96 6.28
CA LEU C 66 33.16 8.77 5.51
C LEU C 66 32.17 7.90 6.26
N GLU C 67 30.97 7.75 5.69
CA GLU C 67 29.92 7.00 6.36
C GLU C 67 29.88 5.53 6.03
N PHE C 68 29.68 4.72 7.07
CA PHE C 68 29.43 3.31 6.91
C PHE C 68 27.96 3.16 6.56
N ILE C 69 27.68 2.96 5.28
CA ILE C 69 26.32 2.88 4.76
C ILE C 69 25.44 1.86 5.46
N ASN C 70 25.98 0.67 5.66
CA ASN C 70 25.19 -0.43 6.21
C ASN C 70 25.42 -0.71 7.69
N VAL C 71 25.89 0.29 8.44
CA VAL C 71 26.03 0.10 9.88
C VAL C 71 24.71 0.32 10.61
N VAL C 72 24.40 -0.59 11.51
CA VAL C 72 23.22 -0.46 12.34
C VAL C 72 23.64 0.27 13.61
N GLY C 73 23.07 1.45 13.81
CA GLY C 73 23.49 2.31 14.88
C GLY C 73 24.68 3.10 14.40
N SER C 74 25.53 3.52 15.32
CA SER C 74 26.74 4.23 14.95
C SER C 74 27.93 3.56 15.64
N PRO C 75 28.99 3.30 14.88
CA PRO C 75 30.12 2.49 15.33
C PRO C 75 30.86 3.10 16.52
N ASP C 76 31.44 2.25 17.35
CA ASP C 76 32.31 2.70 18.42
C ASP C 76 33.67 3.01 17.80
N THR C 77 34.00 4.29 17.71
CA THR C 77 35.27 4.69 17.14
C THR C 77 36.29 4.74 18.27
N GLY C 78 37.41 4.05 18.08
CA GLY C 78 38.49 4.02 19.04
C GLY C 78 39.43 5.20 18.91
N ASN C 79 40.71 4.95 18.73
CA ASN C 79 41.63 6.06 18.58
C ASN C 79 41.56 6.71 17.19
N LYS C 80 41.58 8.04 17.18
CA LYS C 80 41.59 8.75 15.93
C LYS C 80 42.96 9.38 15.77
N ARG C 81 43.41 9.48 14.52
CA ARG C 81 44.73 9.99 14.24
C ARG C 81 44.76 10.69 12.89
N LEU C 82 45.31 11.89 12.88
CA LEU C 82 45.55 12.57 11.62
C LEU C 82 47.05 12.70 11.42
N MET C 83 47.53 12.18 10.30
CA MET C 83 48.94 12.31 9.95
C MET C 83 49.09 13.28 8.78
N LEU C 84 49.64 14.46 9.06
CA LEU C 84 49.74 15.53 8.08
C LEU C 84 51.16 15.58 7.50
N PHE C 85 51.29 15.29 6.22
CA PHE C 85 52.60 15.29 5.58
C PHE C 85 52.85 16.66 4.96
N PRO C 86 54.13 17.07 4.88
CA PRO C 86 54.50 18.38 4.34
C PRO C 86 54.24 18.53 2.84
N ASP C 87 54.28 17.42 2.12
CA ASP C 87 54.00 17.44 0.69
C ASP C 87 52.51 17.69 0.40
N GLY C 88 51.71 17.74 1.45
CA GLY C 88 50.30 18.06 1.33
C GLY C 88 49.40 16.96 1.84
N ARG C 89 49.75 15.73 1.52
CA ARG C 89 48.87 14.59 1.79
C ARG C 89 48.50 14.41 3.27
N VAL C 90 47.29 13.89 3.48
CA VAL C 90 46.73 13.69 4.80
C VAL C 90 46.25 12.25 4.92
N ILE C 91 46.59 11.59 6.02
CA ILE C 91 46.12 10.23 6.27
C ILE C 91 45.30 10.14 7.55
N TYR C 92 44.05 9.75 7.41
CA TYR C 92 43.18 9.57 8.56
C TYR C 92 43.12 8.10 8.94
N ASN C 93 43.48 7.83 10.18
CA ASN C 93 43.50 6.47 10.71
C ASN C 93 42.70 6.39 12.01
N ALA C 94 41.74 5.48 12.05
CA ALA C 94 40.90 5.31 13.24
C ALA C 94 40.45 3.86 13.38
N ARG C 95 40.40 3.38 14.62
CA ARG C 95 39.87 2.05 14.89
C ARG C 95 38.38 2.09 15.14
N PHE C 96 37.67 1.07 14.64
CA PHE C 96 36.21 1.00 14.79
C PHE C 96 35.69 -0.40 15.09
N LEU C 97 34.57 -0.42 15.81
CA LEU C 97 33.80 -1.62 16.04
C LEU C 97 32.35 -1.29 15.74
N GLY C 98 31.76 -1.96 14.76
CA GLY C 98 30.43 -1.61 14.33
C GLY C 98 29.50 -2.79 14.08
N SER C 99 28.21 -2.52 14.16
CA SER C 99 27.21 -3.54 13.84
C SER C 99 26.72 -3.31 12.41
N PHE C 100 26.92 -4.29 11.55
CA PHE C 100 26.63 -4.15 10.12
C PHE C 100 25.41 -4.97 9.70
N SER C 101 24.72 -4.49 8.68
CA SER C 101 23.52 -5.17 8.20
C SER C 101 23.76 -5.76 6.81
N ASN C 102 23.13 -6.89 6.54
CA ASN C 102 23.17 -7.50 5.24
C ASN C 102 22.04 -8.53 5.11
N ASP C 103 21.57 -8.75 3.89
CA ASP C 103 20.61 -9.82 3.64
C ASP C 103 21.27 -11.14 4.00
N MET C 104 20.69 -11.85 4.97
CA MET C 104 21.27 -13.13 5.37
C MET C 104 20.24 -14.25 5.34
N ASP C 105 20.53 -15.24 4.49
CA ASP C 105 19.67 -16.39 4.32
C ASP C 105 20.18 -17.53 5.19
N PHE C 106 19.36 -17.96 6.13
CA PHE C 106 19.74 -19.04 7.04
C PHE C 106 18.94 -20.32 6.82
N ARG C 107 18.30 -20.43 5.65
CA ARG C 107 17.44 -21.57 5.35
C ARG C 107 18.10 -22.93 5.53
N LEU C 108 19.27 -23.12 4.94
CA LEU C 108 19.93 -24.42 4.98
C LEU C 108 20.87 -24.55 6.17
N PHE C 109 20.44 -23.99 7.30
CA PHE C 109 21.16 -24.11 8.56
C PHE C 109 21.19 -25.57 8.95
N PRO C 110 22.30 -26.03 9.57
CA PRO C 110 23.51 -25.29 9.97
C PRO C 110 24.58 -25.26 8.89
N PHE C 111 24.18 -25.35 7.64
CA PHE C 111 25.14 -25.31 6.54
C PHE C 111 25.02 -24.02 5.72
N ASP C 112 24.92 -22.88 6.41
CA ASP C 112 24.73 -21.61 5.74
C ASP C 112 26.00 -21.23 5.00
N ARG C 113 25.84 -20.51 3.90
CA ARG C 113 27.00 -19.86 3.32
C ARG C 113 26.64 -18.39 3.46
N GLN C 114 27.43 -17.66 4.23
CA GLN C 114 27.14 -16.26 4.48
C GLN C 114 28.25 -15.35 3.98
N GLN C 115 27.92 -14.09 3.73
CA GLN C 115 28.94 -13.10 3.40
C GLN C 115 28.79 -11.79 4.16
N PHE C 116 29.86 -11.42 4.85
CA PHE C 116 29.88 -10.22 5.66
C PHE C 116 30.29 -9.06 4.77
N VAL C 117 29.49 -7.99 4.80
CA VAL C 117 29.67 -6.88 3.87
C VAL C 117 29.91 -5.50 4.51
N LEU C 118 30.83 -4.74 3.95
CA LEU C 118 31.07 -3.37 4.36
C LEU C 118 30.89 -2.46 3.17
N GLU C 119 30.13 -1.39 3.37
CA GLU C 119 29.90 -0.40 2.33
C GLU C 119 30.28 1.00 2.83
N LEU C 120 31.32 1.57 2.24
CA LEU C 120 31.81 2.87 2.65
C LEU C 120 31.39 3.88 1.60
N GLU C 121 30.98 5.04 2.04
CA GLU C 121 30.54 6.08 1.12
C GLU C 121 30.65 7.42 1.80
N PRO C 122 31.14 8.42 1.08
CA PRO C 122 31.25 9.78 1.63
C PRO C 122 29.88 10.34 1.96
N PHE C 123 29.76 10.96 3.14
CA PHE C 123 28.48 11.44 3.63
C PHE C 123 27.92 12.65 2.88
N SER C 124 28.81 13.54 2.42
CA SER C 124 28.34 14.80 1.84
C SER C 124 28.93 15.11 0.46
N TYR C 125 30.00 14.42 0.07
CA TYR C 125 30.67 14.74 -1.18
C TYR C 125 30.40 13.74 -2.32
N ASN C 126 29.78 14.23 -3.38
CA ASN C 126 29.46 13.41 -4.56
C ASN C 126 30.70 13.07 -5.41
N ASN C 127 30.52 12.18 -6.38
CA ASN C 127 31.59 11.71 -7.27
C ASN C 127 32.46 12.81 -7.89
N GLN C 128 31.90 13.99 -8.07
CA GLN C 128 32.63 15.09 -8.70
C GLN C 128 33.44 15.84 -7.66
N GLN C 129 33.06 15.68 -6.39
CA GLN C 129 33.80 16.26 -5.28
C GLN C 129 34.84 15.31 -4.67
N LEU C 130 34.39 14.12 -4.30
CA LEU C 130 35.25 13.13 -3.65
C LEU C 130 35.11 11.78 -4.34
N ARG C 131 36.23 11.20 -4.73
CA ARG C 131 36.21 9.95 -5.47
C ARG C 131 37.08 8.92 -4.79
N PHE C 132 36.59 7.69 -4.69
CA PHE C 132 37.40 6.61 -4.12
C PHE C 132 38.36 6.05 -5.17
N SER C 133 39.63 6.39 -5.01
CA SER C 133 40.65 6.00 -5.98
C SER C 133 40.85 4.49 -6.07
N ASP C 134 41.09 3.87 -4.92
CA ASP C 134 41.32 2.43 -4.84
C ASP C 134 41.13 1.95 -3.42
N ILE C 135 40.91 0.64 -3.24
CA ILE C 135 40.87 0.09 -1.89
C ILE C 135 41.35 -1.35 -1.76
N GLN C 136 42.19 -1.59 -0.76
CA GLN C 136 42.64 -2.92 -0.40
C GLN C 136 42.18 -3.29 0.99
N VAL C 137 41.78 -4.55 1.15
CA VAL C 137 41.30 -5.07 2.42
C VAL C 137 42.27 -6.10 2.99
N TYR C 138 42.62 -5.94 4.25
CA TYR C 138 43.54 -6.87 4.91
C TYR C 138 42.86 -7.70 5.99
N THR C 139 42.59 -8.95 5.66
CA THR C 139 42.05 -9.89 6.63
C THR C 139 43.19 -10.70 7.21
N GLU C 140 43.89 -10.12 8.17
CA GLU C 140 45.05 -10.76 8.79
C GLU C 140 44.73 -11.94 9.71
N ASN C 141 43.75 -12.74 9.31
CA ASN C 141 43.38 -13.95 10.03
C ASN C 141 44.04 -15.17 9.43
N ILE C 142 43.97 -16.27 10.17
CA ILE C 142 44.58 -17.55 9.80
C ILE C 142 44.38 -18.52 10.97
N ASP C 143 44.69 -19.80 10.74
CA ASP C 143 44.71 -20.82 11.79
C ASP C 143 43.40 -21.07 12.54
N ASN C 144 43.38 -22.15 13.33
CA ASN C 144 42.27 -22.49 14.22
C ASN C 144 40.85 -22.41 13.67
N GLU C 145 40.57 -23.07 12.55
CA GLU C 145 39.24 -23.04 11.98
C GLU C 145 38.31 -23.84 12.87
N GLU C 146 38.88 -24.88 13.48
CA GLU C 146 38.13 -25.83 14.28
C GLU C 146 37.77 -25.26 15.64
N ILE C 147 38.27 -24.06 15.92
CA ILE C 147 38.01 -23.38 17.18
C ILE C 147 36.94 -22.30 17.03
N ASP C 148 36.89 -21.69 15.85
CA ASP C 148 35.99 -20.58 15.59
C ASP C 148 34.66 -21.02 14.96
N GLU C 149 33.63 -20.22 15.20
CA GLU C 149 32.26 -20.47 14.72
C GLU C 149 32.14 -20.39 13.21
N TRP C 150 32.87 -19.45 12.61
CA TRP C 150 32.81 -19.22 11.17
C TRP C 150 34.14 -19.50 10.46
N TRP C 151 34.06 -20.08 9.27
CA TRP C 151 35.24 -20.33 8.45
C TRP C 151 35.27 -19.40 7.25
N ILE C 152 36.20 -18.45 7.26
CA ILE C 152 36.34 -17.53 6.14
C ILE C 152 36.94 -18.23 4.92
N ARG C 153 36.31 -18.07 3.75
CA ARG C 153 36.77 -18.78 2.57
C ARG C 153 37.68 -17.95 1.66
N GLY C 154 37.13 -16.92 1.03
CA GLY C 154 37.93 -16.10 0.14
C GLY C 154 38.90 -15.18 0.88
N LYS C 155 39.50 -14.24 0.16
CA LYS C 155 40.41 -13.28 0.80
C LYS C 155 39.76 -11.91 0.98
N ALA C 156 38.56 -11.77 0.39
CA ALA C 156 37.65 -10.61 0.44
C ALA C 156 37.48 -10.00 -0.94
N SER C 157 36.23 -9.87 -1.37
CA SER C 157 35.97 -9.26 -2.67
C SER C 157 35.79 -7.77 -2.46
N THR C 158 36.30 -6.99 -3.41
CA THR C 158 36.25 -5.54 -3.30
C THR C 158 35.65 -4.94 -4.54
N HIS C 159 34.88 -3.87 -4.37
CA HIS C 159 34.28 -3.19 -5.51
C HIS C 159 34.01 -1.72 -5.25
N ILE C 160 34.72 -0.87 -5.96
CA ILE C 160 34.40 0.54 -5.96
C ILE C 160 33.38 0.79 -7.05
N SER C 161 32.26 1.41 -6.69
CA SER C 161 31.19 1.61 -7.65
C SER C 161 30.60 3.00 -7.48
N ASP C 162 29.69 3.36 -8.38
CA ASP C 162 29.07 4.68 -8.35
C ASP C 162 27.58 4.53 -8.12
N ILE C 163 27.11 5.09 -7.01
CA ILE C 163 25.71 4.95 -6.62
C ILE C 163 24.92 6.19 -7.00
N ARG C 164 23.86 6.01 -7.80
CA ARG C 164 23.01 7.13 -8.19
C ARG C 164 21.77 7.26 -7.33
N TYR C 165 21.54 8.46 -6.81
CA TYR C 165 20.31 8.75 -6.08
C TYR C 165 19.41 9.61 -6.97
N ASP C 166 18.15 9.23 -7.11
CA ASP C 166 17.22 9.93 -7.99
C ASP C 166 16.46 11.04 -7.26
N HIS C 167 16.33 10.90 -5.95
CA HIS C 167 15.59 11.87 -5.15
C HIS C 167 16.49 12.43 -4.07
N LEU C 168 17.04 13.62 -4.30
CA LEU C 168 17.89 14.24 -3.30
C LEU C 168 17.50 15.68 -3.00
N SER C 169 18.52 16.47 -2.69
CA SER C 169 18.34 17.86 -2.31
C SER C 169 17.86 18.68 -3.50
N SER C 170 17.69 19.98 -3.29
CA SER C 170 17.38 20.91 -4.37
C SER C 170 18.62 21.15 -5.24
N VAL C 171 19.29 20.07 -5.62
CA VAL C 171 20.47 20.14 -6.46
C VAL C 171 20.15 19.67 -7.88
N GLN C 172 20.51 20.50 -8.86
CA GLN C 172 20.10 20.29 -10.24
C GLN C 172 21.15 19.97 -11.34
N PRO C 173 22.41 20.42 -11.18
CA PRO C 173 23.37 20.08 -12.26
C PRO C 173 23.54 18.56 -12.51
N ASN C 174 24.28 17.89 -11.63
CA ASN C 174 24.54 16.45 -11.77
C ASN C 174 25.10 15.80 -10.50
N GLN C 175 24.89 16.43 -9.36
CA GLN C 175 25.42 15.91 -8.09
C GLN C 175 24.57 14.78 -7.52
N ASN C 176 24.74 13.57 -8.06
CA ASN C 176 23.92 12.46 -7.59
C ASN C 176 24.54 11.06 -7.66
N GLU C 177 25.78 10.95 -8.09
CA GLU C 177 26.41 9.63 -8.16
C GLU C 177 27.53 9.42 -7.15
N PHE C 178 27.23 9.52 -5.86
CA PHE C 178 28.19 9.20 -4.80
C PHE C 178 28.93 7.89 -5.05
N SER C 179 30.25 7.93 -4.87
CA SER C 179 31.09 6.75 -5.10
C SER C 179 31.18 5.88 -3.86
N ARG C 180 30.98 4.58 -4.04
CA ARG C 180 30.90 3.67 -2.91
C ARG C 180 31.87 2.51 -2.98
N ILE C 181 32.53 2.26 -1.86
CA ILE C 181 33.37 1.09 -1.67
C ILE C 181 32.55 -0.06 -1.09
N THR C 182 32.66 -1.24 -1.69
CA THR C 182 31.95 -2.41 -1.18
C THR C 182 32.87 -3.60 -0.95
N VAL C 183 33.04 -3.98 0.31
CA VAL C 183 33.87 -5.12 0.69
C VAL C 183 33.00 -6.34 0.99
N ARG C 184 33.36 -7.50 0.43
CA ARG C 184 32.63 -8.73 0.74
C ARG C 184 33.53 -9.85 1.24
N ILE C 185 33.18 -10.42 2.39
CA ILE C 185 33.93 -11.54 2.94
C ILE C 185 33.04 -12.77 3.02
N ASP C 186 33.44 -13.82 2.30
CA ASP C 186 32.68 -15.07 2.22
C ASP C 186 32.90 -15.97 3.41
N ALA C 187 31.83 -16.62 3.87
CA ALA C 187 31.95 -17.48 5.05
C ALA C 187 31.04 -18.71 5.01
N VAL C 188 31.50 -19.76 5.68
CA VAL C 188 30.74 -21.00 5.83
C VAL C 188 30.64 -21.29 7.32
N ARG C 189 29.47 -21.75 7.75
CA ARG C 189 29.24 -22.10 9.16
C ARG C 189 29.93 -23.41 9.57
N ASN C 190 30.49 -23.41 10.78
CA ASN C 190 31.05 -24.61 11.38
C ASN C 190 29.93 -25.50 11.88
N PRO C 191 29.59 -26.55 11.12
CA PRO C 191 28.38 -27.35 11.38
C PRO C 191 28.61 -28.47 12.39
N SER C 192 29.85 -28.62 12.83
CA SER C 192 30.25 -29.74 13.68
C SER C 192 29.36 -29.95 14.91
N TYR C 193 29.14 -28.89 15.68
CA TYR C 193 28.35 -28.99 16.90
C TYR C 193 26.92 -29.42 16.63
N TYR C 194 26.32 -28.83 15.60
CA TYR C 194 24.92 -29.09 15.27
C TYR C 194 24.67 -30.49 14.71
N LEU C 195 25.68 -31.08 14.06
CA LEU C 195 25.54 -32.44 13.58
C LEU C 195 25.48 -33.41 14.74
N TRP C 196 26.52 -33.38 15.56
CA TRP C 196 26.69 -34.37 16.62
C TRP C 196 25.76 -34.20 17.81
N SER C 197 25.48 -32.96 18.20
CA SER C 197 24.65 -32.72 19.37
C SER C 197 23.18 -32.45 19.02
N PHE C 198 22.88 -32.26 17.74
CA PHE C 198 21.50 -32.06 17.31
C PHE C 198 21.00 -33.04 16.26
N ILE C 199 21.67 -33.09 15.11
CA ILE C 199 21.22 -33.98 14.04
C ILE C 199 21.25 -35.45 14.44
N LEU C 200 22.40 -35.91 14.92
CA LEU C 200 22.60 -37.31 15.32
C LEU C 200 21.56 -37.81 16.33
N PRO C 201 21.48 -37.16 17.50
CA PRO C 201 20.54 -37.73 18.47
C PRO C 201 19.10 -37.61 18.00
N LEU C 202 18.79 -36.59 17.21
CA LEU C 202 17.46 -36.47 16.64
C LEU C 202 17.20 -37.68 15.75
N GLY C 203 18.21 -38.07 14.99
CA GLY C 203 18.08 -39.23 14.12
C GLY C 203 17.79 -40.53 14.86
N LEU C 204 18.54 -40.78 15.93
CA LEU C 204 18.35 -42.00 16.72
C LEU C 204 16.94 -42.08 17.30
N ILE C 205 16.41 -40.93 17.69
CA ILE C 205 15.03 -40.84 18.18
C ILE C 205 14.05 -41.26 17.09
N ILE C 206 14.19 -40.68 15.91
CA ILE C 206 13.30 -40.99 14.79
C ILE C 206 13.38 -42.45 14.37
N ALA C 207 14.59 -42.99 14.31
CA ALA C 207 14.79 -44.38 13.91
C ALA C 207 14.17 -45.31 14.93
N ALA C 208 14.57 -45.15 16.19
CA ALA C 208 14.08 -46.02 17.27
C ALA C 208 12.59 -45.83 17.48
N SER C 209 12.06 -44.70 17.02
CA SER C 209 10.62 -44.48 17.03
C SER C 209 9.95 -45.62 16.28
N TRP C 210 10.58 -46.06 15.20
CA TRP C 210 10.01 -47.11 14.36
C TRP C 210 10.03 -48.47 15.04
N SER C 211 10.81 -48.58 16.11
CA SER C 211 10.94 -49.84 16.84
C SER C 211 9.68 -50.15 17.65
N VAL C 212 8.69 -49.28 17.51
CA VAL C 212 7.40 -49.46 18.16
C VAL C 212 6.65 -50.64 17.54
N PHE C 213 7.01 -51.00 16.30
CA PHE C 213 6.35 -52.10 15.60
C PHE C 213 6.84 -53.47 16.01
N TRP C 214 8.01 -53.54 16.62
CA TRP C 214 8.52 -54.81 17.13
C TRP C 214 7.86 -55.19 18.45
N LEU C 215 6.91 -54.39 18.89
CA LEU C 215 6.12 -54.70 20.07
C LEU C 215 5.05 -55.73 19.76
N GLU C 216 4.79 -56.59 20.73
CA GLU C 216 3.88 -57.71 20.55
C GLU C 216 2.42 -57.25 20.61
N SER C 217 2.03 -56.75 21.77
CA SER C 217 0.65 -56.32 22.00
C SER C 217 0.29 -55.01 21.29
N PHE C 218 -1.00 -54.84 21.01
CA PHE C 218 -1.51 -53.60 20.44
C PHE C 218 -1.47 -52.48 21.47
N SER C 219 -1.86 -52.79 22.69
CA SER C 219 -1.88 -51.79 23.76
C SER C 219 -0.48 -51.26 24.03
N GLU C 220 0.50 -52.16 24.00
CA GLU C 220 1.90 -51.77 24.19
C GLU C 220 2.32 -50.85 23.05
N ARG C 221 1.99 -51.28 21.84
CA ARG C 221 2.30 -50.58 20.59
C ARG C 221 1.80 -49.16 20.54
N LEU C 222 0.56 -48.96 21.02
CA LEU C 222 -0.06 -47.65 20.96
C LEU C 222 0.41 -46.74 22.10
N GLN C 223 0.37 -47.25 23.32
CA GLN C 223 0.78 -46.49 24.49
C GLN C 223 2.23 -46.01 24.40
N THR C 224 3.09 -46.81 23.78
CA THR C 224 4.50 -46.47 23.62
C THR C 224 4.71 -45.28 22.69
N SER C 225 3.86 -45.14 21.69
CA SER C 225 3.98 -44.02 20.76
C SER C 225 3.63 -42.68 21.43
N PHE C 226 2.96 -42.73 22.56
CA PHE C 226 2.67 -41.52 23.33
C PHE C 226 3.87 -41.03 24.12
N THR C 227 4.67 -41.98 24.61
CA THR C 227 5.95 -41.65 25.24
C THR C 227 6.88 -41.14 24.15
N LEU C 228 6.75 -41.76 22.97
CA LEU C 228 7.56 -41.45 21.81
C LEU C 228 7.22 -40.04 21.29
N MET C 229 5.93 -39.72 21.30
CA MET C 229 5.44 -38.41 20.90
C MET C 229 5.99 -37.34 21.84
N LEU C 230 5.91 -37.64 23.13
CA LEU C 230 6.37 -36.74 24.17
C LEU C 230 7.86 -36.47 24.01
N THR C 231 8.58 -37.45 23.49
CA THR C 231 10.02 -37.31 23.26
C THR C 231 10.37 -36.27 22.19
N VAL C 232 9.67 -36.32 21.07
CA VAL C 232 9.93 -35.35 19.99
C VAL C 232 9.58 -33.93 20.43
N VAL C 233 8.51 -33.79 21.21
CA VAL C 233 8.15 -32.50 21.78
C VAL C 233 9.24 -32.01 22.73
N ALA C 234 9.71 -32.91 23.59
CA ALA C 234 10.79 -32.56 24.50
C ALA C 234 12.04 -32.16 23.73
N TYR C 235 12.30 -32.86 22.64
CA TYR C 235 13.47 -32.60 21.81
C TYR C 235 13.36 -31.34 20.97
N ALA C 236 12.16 -31.10 20.42
CA ALA C 236 11.91 -29.87 19.69
C ALA C 236 12.16 -28.68 20.60
N PHE C 237 11.79 -28.83 21.86
CA PHE C 237 11.96 -27.80 22.87
C PHE C 237 13.44 -27.52 23.09
N TYR C 238 14.18 -28.58 23.38
CA TYR C 238 15.62 -28.54 23.57
C TYR C 238 16.34 -27.94 22.36
N THR C 239 15.90 -28.30 21.16
CA THR C 239 16.42 -27.72 19.94
C THR C 239 16.13 -26.21 19.89
N SER C 240 14.85 -25.87 19.98
CA SER C 240 14.39 -24.49 19.84
C SER C 240 14.93 -23.53 20.89
N ASN C 241 15.07 -23.99 22.14
CA ASN C 241 15.61 -23.14 23.19
C ASN C 241 17.09 -22.80 22.95
N ILE C 242 17.80 -23.69 22.26
CA ILE C 242 19.23 -23.51 22.04
C ILE C 242 19.57 -22.92 20.68
N LEU C 243 18.94 -23.45 19.63
CA LEU C 243 19.16 -22.98 18.26
C LEU C 243 18.72 -21.52 18.03
N PRO C 244 19.31 -20.86 17.00
CA PRO C 244 19.04 -19.45 16.70
C PRO C 244 17.63 -19.16 16.21
N ARG C 245 17.06 -18.06 16.69
CA ARG C 245 15.71 -17.67 16.28
C ARG C 245 15.64 -17.17 14.85
N LEU C 246 14.68 -17.72 14.10
CA LEU C 246 14.48 -17.36 12.71
C LEU C 246 12.99 -17.25 12.43
N PRO C 247 12.63 -16.58 11.32
CA PRO C 247 11.22 -16.55 10.93
C PRO C 247 10.91 -17.64 9.91
N TYR C 248 11.80 -18.62 9.77
CA TYR C 248 11.56 -19.74 8.86
C TYR C 248 12.18 -21.04 9.36
N THR C 249 11.74 -22.16 8.78
CA THR C 249 12.24 -23.47 9.17
C THR C 249 13.55 -23.86 8.50
N THR C 250 14.46 -24.43 9.29
CA THR C 250 15.72 -24.92 8.75
C THR C 250 15.62 -26.41 8.49
N VAL C 251 16.75 -27.03 8.17
CA VAL C 251 16.80 -28.48 7.99
C VAL C 251 16.44 -29.20 9.29
N ILE C 252 17.01 -28.73 10.40
CA ILE C 252 16.70 -29.28 11.72
C ILE C 252 15.23 -29.12 12.09
N ASP C 253 14.66 -27.97 11.74
CA ASP C 253 13.26 -27.72 12.03
C ASP C 253 12.38 -28.71 11.29
N GLN C 254 12.76 -29.03 10.05
CA GLN C 254 12.04 -29.99 9.23
C GLN C 254 12.15 -31.40 9.78
N MET C 255 13.35 -31.77 10.20
CA MET C 255 13.62 -33.09 10.75
C MET C 255 12.69 -33.36 11.93
N ILE C 256 12.45 -32.33 12.74
CA ILE C 256 11.54 -32.45 13.86
C ILE C 256 10.09 -32.69 13.39
N ILE C 257 9.64 -31.95 12.38
CA ILE C 257 8.29 -32.12 11.84
C ILE C 257 8.10 -33.56 11.34
N ALA C 258 9.11 -34.07 10.65
CA ALA C 258 9.10 -35.43 10.13
C ALA C 258 9.00 -36.44 11.28
N GLY C 259 9.59 -36.09 12.41
CA GLY C 259 9.49 -36.92 13.60
C GLY C 259 8.06 -37.00 14.10
N TYR C 260 7.41 -35.84 14.17
CA TYR C 260 6.00 -35.79 14.55
C TYR C 260 5.17 -36.63 13.59
N GLY C 261 5.51 -36.55 12.30
CA GLY C 261 4.78 -37.25 11.25
C GLY C 261 4.90 -38.75 11.30
N SER C 262 6.13 -39.25 11.48
CA SER C 262 6.38 -40.69 11.59
C SER C 262 5.55 -41.26 12.72
N ILE C 263 5.54 -40.56 13.84
CA ILE C 263 4.81 -41.00 15.02
C ILE C 263 3.30 -40.95 14.79
N PHE C 264 2.81 -39.85 14.24
CA PHE C 264 1.38 -39.71 13.95
C PHE C 264 0.93 -40.71 12.87
N ALA C 265 1.82 -40.99 11.91
CA ALA C 265 1.54 -41.99 10.88
C ALA C 265 1.48 -43.39 11.49
N ALA C 266 2.40 -43.64 12.41
CA ALA C 266 2.46 -44.91 13.13
C ALA C 266 1.21 -45.11 14.00
N ILE C 267 0.79 -44.04 14.68
CA ILE C 267 -0.42 -44.05 15.50
C ILE C 267 -1.61 -44.52 14.69
N LEU C 268 -1.77 -43.93 13.52
CA LEU C 268 -2.86 -44.26 12.62
C LEU C 268 -2.79 -45.69 12.11
N LEU C 269 -1.60 -46.09 11.66
CA LEU C 269 -1.39 -47.43 11.15
C LEU C 269 -1.66 -48.48 12.24
N ILE C 270 -1.15 -48.23 13.44
CA ILE C 270 -1.37 -49.14 14.56
C ILE C 270 -2.86 -49.31 14.88
N ILE C 271 -3.57 -48.18 14.96
CA ILE C 271 -5.01 -48.20 15.17
C ILE C 271 -5.74 -48.89 14.02
N PHE C 272 -5.29 -48.62 12.80
CA PHE C 272 -5.89 -49.22 11.61
C PHE C 272 -5.72 -50.73 11.62
N ALA C 273 -4.48 -51.17 11.85
CA ALA C 273 -4.14 -52.59 11.94
C ALA C 273 -5.10 -53.35 12.85
N HIS C 274 -5.32 -52.81 14.04
CA HIS C 274 -6.13 -53.45 15.06
C HIS C 274 -7.62 -53.53 14.73
N HIS C 275 -8.18 -52.41 14.26
CA HIS C 275 -9.62 -52.32 14.11
C HIS C 275 -10.14 -52.57 12.69
N ARG C 276 -9.24 -52.65 11.72
CA ARG C 276 -9.63 -53.13 10.39
C ARG C 276 -9.53 -54.64 10.41
N GLN C 277 -10.64 -55.28 10.77
CA GLN C 277 -10.63 -56.71 11.06
C GLN C 277 -11.91 -57.46 10.64
N ALA C 278 -11.89 -58.77 10.87
CA ALA C 278 -13.04 -59.62 10.64
C ALA C 278 -13.43 -60.29 11.95
N ASN C 279 -12.94 -59.74 13.05
CA ASN C 279 -13.24 -60.24 14.39
C ASN C 279 -13.05 -59.19 15.48
N GLY C 280 -11.87 -58.58 15.50
CA GLY C 280 -11.52 -57.60 16.51
C GLY C 280 -10.02 -57.50 16.67
N VAL C 281 -9.36 -58.65 16.71
CA VAL C 281 -7.91 -58.72 16.86
C VAL C 281 -7.21 -59.23 15.60
N GLU C 282 -7.85 -59.11 14.45
CA GLU C 282 -7.19 -59.50 13.20
C GLU C 282 -6.21 -58.41 12.78
N ASP C 283 -5.04 -58.43 13.40
CA ASP C 283 -3.99 -57.49 13.05
C ASP C 283 -3.28 -58.00 11.80
N ASP C 284 -3.44 -57.27 10.69
CA ASP C 284 -2.89 -57.68 9.41
C ASP C 284 -1.41 -58.03 9.55
N LEU C 285 -1.11 -59.33 9.58
CA LEU C 285 0.24 -59.85 9.84
C LEU C 285 1.32 -59.14 9.04
N LEU C 286 0.95 -58.59 7.90
CA LEU C 286 1.89 -57.85 7.05
C LEU C 286 1.93 -56.37 7.42
N ILE C 287 0.78 -55.81 7.79
CA ILE C 287 0.71 -54.38 8.11
C ILE C 287 1.30 -54.11 9.50
N GLN C 288 1.17 -55.06 10.43
CA GLN C 288 1.81 -54.93 11.73
C GLN C 288 3.29 -55.16 11.50
N ARG C 289 3.60 -55.84 10.41
CA ARG C 289 4.97 -56.09 9.98
C ARG C 289 5.38 -55.06 8.92
N CYS C 290 4.84 -53.86 9.04
CA CYS C 290 5.34 -52.72 8.28
C CYS C 290 6.57 -52.12 8.99
N ARG C 291 7.31 -53.01 9.65
CA ARG C 291 8.54 -52.68 10.34
C ARG C 291 9.65 -52.29 9.37
N LEU C 292 9.44 -52.56 8.09
CA LEU C 292 10.41 -52.23 7.07
C LEU C 292 9.81 -51.30 6.04
N ALA C 293 8.47 -51.22 6.03
CA ALA C 293 7.75 -50.41 5.06
C ALA C 293 8.11 -48.93 5.17
N PHE C 294 7.71 -48.29 6.25
CA PHE C 294 7.99 -46.86 6.41
C PHE C 294 9.31 -46.39 7.07
N PRO C 295 10.12 -47.32 7.62
CA PRO C 295 11.49 -46.86 7.90
C PRO C 295 12.28 -46.51 6.62
N LEU C 296 12.18 -47.35 5.59
CA LEU C 296 12.84 -47.08 4.31
C LEU C 296 11.97 -46.24 3.38
N GLY C 297 10.67 -46.19 3.68
CA GLY C 297 9.76 -45.29 3.01
C GLY C 297 9.98 -43.87 3.51
N PHE C 298 10.58 -43.76 4.69
CA PHE C 298 10.91 -42.46 5.27
C PHE C 298 12.19 -41.92 4.64
N LEU C 299 13.09 -42.83 4.26
CA LEU C 299 14.32 -42.44 3.58
C LEU C 299 14.07 -42.03 2.14
N ALA C 300 12.96 -42.49 1.58
CA ALA C 300 12.55 -42.07 0.25
C ALA C 300 11.80 -40.74 0.31
N ILE C 301 10.89 -40.62 1.27
CA ILE C 301 10.13 -39.39 1.49
C ILE C 301 10.99 -38.28 2.12
N GLY C 302 11.92 -38.66 2.99
CA GLY C 302 12.81 -37.71 3.62
C GLY C 302 13.80 -37.08 2.66
N CYS C 303 14.32 -37.89 1.76
CA CYS C 303 15.31 -37.44 0.79
C CYS C 303 14.68 -36.63 -0.34
N VAL C 304 13.37 -36.78 -0.51
CA VAL C 304 12.62 -36.01 -1.50
C VAL C 304 12.47 -34.55 -1.06
N LEU C 305 12.44 -34.32 0.25
CA LEU C 305 12.43 -32.97 0.80
C LEU C 305 13.72 -32.21 0.49
N VAL C 306 14.78 -32.96 0.17
CA VAL C 306 16.08 -32.38 -0.18
C VAL C 306 16.09 -31.76 -1.59
N ILE C 307 15.24 -32.25 -2.48
CA ILE C 307 15.20 -31.73 -3.84
C ILE C 307 14.34 -30.47 -3.94
N PRO D 1 64.32 8.63 20.34
CA PRO D 1 63.41 7.50 20.56
C PRO D 1 62.94 7.39 22.01
N VAL D 2 61.77 7.94 22.30
CA VAL D 2 61.25 8.10 23.67
C VAL D 2 61.03 6.79 24.41
N ASP D 3 61.69 6.65 25.57
CA ASP D 3 61.56 5.48 26.42
C ASP D 3 60.34 5.55 27.34
N VAL D 4 59.39 4.63 27.14
CA VAL D 4 58.19 4.55 27.96
C VAL D 4 58.13 3.27 28.82
N SER D 5 58.04 3.45 30.14
CA SER D 5 57.89 2.34 31.09
C SER D 5 56.44 2.14 31.48
N VAL D 6 55.97 0.90 31.40
CA VAL D 6 54.57 0.59 31.67
C VAL D 6 54.39 -0.29 32.90
N SER D 7 53.31 -0.07 33.66
CA SER D 7 52.95 -0.97 34.74
C SER D 7 51.45 -1.21 34.70
N ILE D 8 51.06 -2.48 34.57
CA ILE D 8 49.64 -2.84 34.55
C ILE D 8 49.26 -3.46 35.89
N PHE D 9 48.19 -2.96 36.49
CA PHE D 9 47.67 -3.52 37.73
C PHE D 9 46.36 -4.21 37.44
N ILE D 10 46.28 -5.51 37.63
CA ILE D 10 45.03 -6.22 37.35
C ILE D 10 44.21 -6.34 38.63
N ASN D 11 43.01 -5.79 38.64
CA ASN D 11 42.14 -5.88 39.82
C ASN D 11 41.22 -7.09 39.78
N LYS D 12 40.67 -7.36 38.62
CA LYS D 12 39.70 -8.43 38.51
C LYS D 12 39.70 -8.91 37.07
N ILE D 13 39.76 -10.23 36.86
CA ILE D 13 39.48 -10.79 35.55
C ILE D 13 38.20 -11.59 35.72
N TYR D 14 37.16 -11.19 35.00
CA TYR D 14 35.88 -11.85 35.17
C TYR D 14 35.10 -11.90 33.87
N GLY D 15 33.92 -12.51 33.92
CA GLY D 15 32.97 -12.52 32.82
C GLY D 15 33.52 -13.00 31.50
N VAL D 16 33.99 -14.24 31.47
CA VAL D 16 34.46 -14.83 30.23
C VAL D 16 33.28 -15.07 29.30
N ASN D 17 33.33 -14.51 28.10
CA ASN D 17 32.34 -14.82 27.08
C ASN D 17 32.90 -15.93 26.21
N THR D 18 32.41 -17.15 26.42
CA THR D 18 32.92 -18.33 25.74
C THR D 18 32.69 -18.28 24.24
N LEU D 19 31.52 -17.81 23.85
CA LEU D 19 31.19 -17.72 22.43
C LEU D 19 32.01 -16.68 21.69
N GLU D 20 32.19 -15.51 22.30
CA GLU D 20 32.91 -14.41 21.67
C GLU D 20 34.43 -14.50 21.88
N GLN D 21 34.84 -15.40 22.76
CA GLN D 21 36.24 -15.54 23.17
C GLN D 21 36.75 -14.21 23.73
N THR D 22 36.11 -13.82 24.82
CA THR D 22 36.22 -12.49 25.39
C THR D 22 36.26 -12.61 26.90
N TYR D 23 36.96 -11.72 27.57
CA TYR D 23 36.98 -11.66 29.02
C TYR D 23 37.13 -10.22 29.48
N LYS D 24 36.53 -9.90 30.62
CA LYS D 24 36.56 -8.54 31.13
C LYS D 24 37.72 -8.36 32.09
N VAL D 25 38.44 -7.25 31.96
CA VAL D 25 39.59 -6.96 32.81
C VAL D 25 39.49 -5.58 33.43
N ASP D 26 39.54 -5.53 34.75
CA ASP D 26 39.57 -4.26 35.46
C ASP D 26 40.93 -3.97 36.04
N GLY D 27 41.42 -2.74 35.82
CA GLY D 27 42.72 -2.37 36.32
C GLY D 27 43.21 -0.98 35.97
N TYR D 28 44.52 -0.77 36.13
CA TYR D 28 45.17 0.51 35.89
C TYR D 28 46.32 0.37 34.91
N ILE D 29 46.52 1.38 34.06
CA ILE D 29 47.78 1.46 33.33
C ILE D 29 48.52 2.64 33.91
N VAL D 30 49.82 2.45 34.14
CA VAL D 30 50.68 3.54 34.52
C VAL D 30 51.77 3.60 33.46
N ALA D 31 51.85 4.72 32.77
CA ALA D 31 52.85 4.90 31.73
C ALA D 31 53.70 6.11 32.10
N GLN D 32 55.02 5.92 32.02
CA GLN D 32 55.97 6.96 32.38
C GLN D 32 57.03 7.15 31.31
N TRP D 33 57.35 8.40 31.01
CA TRP D 33 58.44 8.74 30.10
C TRP D 33 59.07 10.01 30.61
N THR D 34 60.29 10.32 30.15
CA THR D 34 60.98 11.50 30.64
C THR D 34 60.98 12.59 29.60
N GLY D 35 60.36 13.72 29.93
CA GLY D 35 60.30 14.84 28.99
C GLY D 35 61.27 15.93 29.37
N LYS D 36 61.13 17.09 28.74
CA LYS D 36 61.99 18.21 29.07
C LYS D 36 61.44 18.89 30.32
N PRO D 37 62.33 19.14 31.31
CA PRO D 37 62.05 19.69 32.63
C PRO D 37 61.16 20.94 32.65
N ARG D 38 60.29 20.97 33.65
CA ARG D 38 59.26 21.99 33.80
C ARG D 38 59.45 22.80 35.08
N LYS D 39 58.74 23.92 35.17
CA LYS D 39 58.64 24.67 36.42
C LYS D 39 57.26 24.50 37.07
N THR D 40 57.20 23.62 38.05
CA THR D 40 55.97 23.30 38.76
C THR D 40 55.83 24.16 40.02
N PRO D 41 54.57 24.44 40.44
CA PRO D 41 54.28 25.23 41.65
C PRO D 41 55.05 24.75 42.87
N GLY D 42 55.74 25.67 43.53
CA GLY D 42 56.64 25.29 44.60
C GLY D 42 57.88 24.75 43.92
N ASP D 43 57.94 23.42 43.83
CA ASP D 43 58.97 22.72 43.07
C ASP D 43 58.59 21.24 43.13
N LYS D 44 57.60 20.97 43.99
CA LYS D 44 57.04 19.64 44.13
C LYS D 44 56.23 19.28 42.88
N PRO D 45 56.16 17.97 42.55
CA PRO D 45 55.48 17.52 41.32
C PRO D 45 54.07 18.04 41.17
N LEU D 46 53.70 18.37 39.94
CA LEU D 46 52.37 18.89 39.64
C LEU D 46 51.41 17.77 39.26
N ILE D 47 50.25 17.74 39.90
CA ILE D 47 49.22 16.75 39.56
C ILE D 47 48.10 17.36 38.72
N VAL D 48 47.78 16.69 37.62
CA VAL D 48 46.70 17.08 36.72
C VAL D 48 45.71 15.94 36.58
N GLU D 49 44.50 16.13 37.12
CA GLU D 49 43.47 15.10 37.06
C GLU D 49 42.53 15.28 35.88
N ASN D 50 41.76 14.22 35.61
CA ASN D 50 40.87 14.06 34.46
C ASN D 50 40.73 15.20 33.47
N THR D 51 39.73 16.04 33.68
CA THR D 51 39.38 17.15 32.79
C THR D 51 40.58 17.97 32.33
N GLN D 52 41.40 18.36 33.29
CA GLN D 52 42.51 19.26 33.03
C GLN D 52 43.58 18.71 32.10
N ILE D 53 43.59 17.39 31.92
CA ILE D 53 44.60 16.76 31.07
C ILE D 53 44.44 17.21 29.63
N GLU D 54 43.20 17.28 29.16
CA GLU D 54 42.95 17.77 27.82
C GLU D 54 43.46 19.19 27.64
N ARG D 55 43.26 20.03 28.66
CA ARG D 55 43.75 21.41 28.63
C ARG D 55 45.26 21.48 28.45
N TRP D 56 45.97 20.56 29.10
CA TRP D 56 47.41 20.53 28.99
C TRP D 56 47.85 20.05 27.61
N ILE D 57 47.08 19.12 27.06
CA ILE D 57 47.37 18.61 25.72
C ILE D 57 47.16 19.70 24.67
N ASN D 58 46.12 20.51 24.85
CA ASN D 58 45.89 21.67 23.99
C ASN D 58 47.06 22.64 24.01
N ASN D 59 47.72 22.76 25.15
CA ASN D 59 48.88 23.64 25.23
C ASN D 59 50.16 22.93 24.83
N GLY D 60 50.03 21.73 24.28
CA GLY D 60 51.17 21.05 23.70
C GLY D 60 51.81 19.94 24.52
N LEU D 61 51.16 19.52 25.60
CA LEU D 61 51.71 18.43 26.38
C LEU D 61 51.60 17.16 25.56
N TRP D 62 52.75 16.51 25.34
CA TRP D 62 52.75 15.28 24.58
C TRP D 62 52.39 14.13 25.49
N VAL D 63 51.19 13.61 25.27
CA VAL D 63 50.73 12.43 25.96
C VAL D 63 50.33 11.43 24.88
N PRO D 64 51.21 10.45 24.62
CA PRO D 64 51.00 9.50 23.53
C PRO D 64 49.83 8.57 23.79
N ALA D 65 49.02 8.34 22.75
CA ALA D 65 47.89 7.43 22.87
C ALA D 65 48.35 5.99 22.78
N LEU D 66 48.14 5.25 23.87
CA LEU D 66 48.46 3.83 23.88
C LEU D 66 47.20 2.98 23.71
N GLU D 67 47.11 2.26 22.59
CA GLU D 67 45.96 1.42 22.30
C GLU D 67 46.10 0.00 22.83
N PHE D 68 45.02 -0.51 23.41
CA PHE D 68 44.95 -1.91 23.79
C PHE D 68 44.60 -2.71 22.55
N ILE D 69 45.61 -3.33 21.95
CA ILE D 69 45.45 -3.99 20.67
C ILE D 69 44.28 -4.98 20.63
N ASN D 70 44.16 -5.82 21.66
CA ASN D 70 43.12 -6.83 21.64
C ASN D 70 41.88 -6.50 22.47
N VAL D 71 41.63 -5.22 22.69
CA VAL D 71 40.40 -4.81 23.34
C VAL D 71 39.24 -4.78 22.34
N VAL D 72 38.09 -5.29 22.76
CA VAL D 72 36.91 -5.29 21.91
C VAL D 72 36.08 -4.06 22.20
N GLY D 73 35.95 -3.19 21.22
CA GLY D 73 35.30 -1.93 21.45
C GLY D 73 36.35 -1.03 22.04
N SER D 74 35.93 -0.05 22.84
CA SER D 74 36.87 0.78 23.57
C SER D 74 36.48 0.85 25.04
N PRO D 75 37.46 0.64 25.93
CA PRO D 75 37.36 0.42 27.38
C PRO D 75 36.76 1.57 28.17
N ASP D 76 36.15 1.22 29.30
CA ASP D 76 35.62 2.22 30.22
C ASP D 76 36.78 2.77 31.00
N THR D 77 37.13 4.03 30.72
CA THR D 77 38.23 4.68 31.43
C THR D 77 37.69 5.39 32.65
N GLY D 78 38.27 5.07 33.81
CA GLY D 78 37.87 5.70 35.04
C GLY D 78 38.60 7.01 35.18
N ASN D 79 39.29 7.21 36.31
CA ASN D 79 40.00 8.46 36.52
C ASN D 79 41.32 8.54 35.75
N LYS D 80 41.59 9.69 35.16
CA LYS D 80 42.83 9.90 34.44
C LYS D 80 43.66 10.87 35.26
N ARG D 81 44.98 10.73 35.20
CA ARG D 81 45.86 11.59 35.96
C ARG D 81 47.21 11.74 35.27
N LEU D 82 47.68 12.98 35.19
CA LEU D 82 49.02 13.24 34.72
C LEU D 82 49.84 13.75 35.88
N MET D 83 50.99 13.12 36.13
CA MET D 83 51.88 13.62 37.16
C MET D 83 53.12 14.21 36.51
N LEU D 84 53.23 15.53 36.60
CA LEU D 84 54.31 16.29 35.95
C LEU D 84 55.42 16.65 36.91
N PHE D 85 56.58 16.07 36.66
CA PHE D 85 57.74 16.31 37.50
C PHE D 85 58.61 17.41 36.91
N PRO D 86 59.28 18.18 37.78
CA PRO D 86 60.14 19.30 37.40
C PRO D 86 61.40 18.82 36.71
N ASP D 87 61.82 17.58 36.99
CA ASP D 87 62.96 17.00 36.32
C ASP D 87 62.62 16.61 34.88
N GLY D 88 61.34 16.72 34.52
CA GLY D 88 60.90 16.50 33.16
C GLY D 88 59.88 15.40 33.00
N ARG D 89 60.13 14.29 33.68
CA ARG D 89 59.35 13.07 33.49
C ARG D 89 57.85 13.26 33.73
N VAL D 90 57.06 12.48 32.99
CA VAL D 90 55.61 12.56 33.05
C VAL D 90 55.08 11.18 33.33
N ILE D 91 54.15 11.09 34.28
CA ILE D 91 53.52 9.83 34.61
C ILE D 91 52.03 9.89 34.35
N TYR D 92 51.59 9.04 33.43
CA TYR D 92 50.18 8.94 33.12
C TYR D 92 49.58 7.77 33.89
N ASN D 93 48.57 8.08 34.71
CA ASN D 93 47.91 7.08 35.50
C ASN D 93 46.41 7.15 35.24
N ALA D 94 45.84 6.02 34.82
CA ALA D 94 44.42 5.96 34.49
C ALA D 94 43.87 4.58 34.81
N ARG D 95 42.66 4.55 35.35
CA ARG D 95 41.98 3.29 35.57
C ARG D 95 41.15 2.87 34.37
N PHE D 96 41.12 1.58 34.08
CA PHE D 96 40.34 1.13 32.94
C PHE D 96 39.60 -0.13 33.26
N LEU D 97 38.48 -0.30 32.57
CA LEU D 97 37.75 -1.54 32.54
C LEU D 97 37.50 -1.87 31.09
N GLY D 98 38.01 -3.00 30.62
CA GLY D 98 37.91 -3.32 29.22
C GLY D 98 37.55 -4.76 28.95
N SER D 99 36.97 -4.99 27.77
CA SER D 99 36.68 -6.35 27.32
C SER D 99 37.75 -6.78 26.32
N PHE D 100 38.53 -7.81 26.66
CA PHE D 100 39.66 -8.20 25.83
C PHE D 100 39.45 -9.54 25.12
N SER D 101 40.11 -9.69 23.96
CA SER D 101 39.96 -10.89 23.15
C SER D 101 41.22 -11.74 23.07
N ASN D 102 41.03 -13.05 22.97
CA ASN D 102 42.11 -14.02 22.79
C ASN D 102 41.57 -15.35 22.32
N ASP D 103 42.38 -16.09 21.54
CA ASP D 103 41.99 -17.43 21.12
C ASP D 103 41.82 -18.32 22.35
N MET D 104 40.61 -18.85 22.50
CA MET D 104 40.30 -19.69 23.64
C MET D 104 39.69 -21.02 23.16
N ASP D 105 40.37 -22.11 23.50
CA ASP D 105 39.92 -23.44 23.14
C ASP D 105 39.16 -24.04 24.30
N PHE D 106 37.87 -24.30 24.10
CA PHE D 106 37.05 -24.84 25.18
C PHE D 106 36.66 -26.28 24.91
N ARG D 107 37.36 -26.93 23.99
CA ARG D 107 37.00 -28.28 23.58
C ARG D 107 36.92 -29.23 24.77
N LEU D 108 37.95 -29.24 25.63
CA LEU D 108 37.92 -30.16 26.75
C LEU D 108 37.37 -29.57 28.05
N PHE D 109 36.28 -28.82 27.88
CA PHE D 109 35.50 -28.31 28.98
C PHE D 109 34.92 -29.51 29.71
N PRO D 110 34.76 -29.44 31.05
CA PRO D 110 35.02 -28.32 31.96
C PRO D 110 36.44 -28.32 32.50
N PHE D 111 37.36 -28.87 31.70
CA PHE D 111 38.76 -28.95 32.08
C PHE D 111 39.62 -28.02 31.23
N ASP D 112 39.19 -26.78 31.02
CA ASP D 112 39.94 -25.87 30.16
C ASP D 112 41.21 -25.39 30.84
N ARG D 113 42.23 -25.15 30.03
CA ARG D 113 43.39 -24.41 30.46
C ARG D 113 43.33 -23.23 29.52
N GLN D 114 43.20 -22.03 30.08
CA GLN D 114 43.13 -20.82 29.26
C GLN D 114 44.26 -19.86 29.63
N GLN D 115 44.54 -18.89 28.75
CA GLN D 115 45.47 -17.81 29.13
C GLN D 115 44.93 -16.44 28.77
N PHE D 116 44.84 -15.57 29.77
CA PHE D 116 44.30 -14.24 29.57
C PHE D 116 45.40 -13.30 29.13
N VAL D 117 45.17 -12.60 28.03
CA VAL D 117 46.22 -11.81 27.40
C VAL D 117 45.85 -10.33 27.31
N LEU D 118 46.84 -9.46 27.51
CA LEU D 118 46.71 -8.03 27.24
C LEU D 118 47.78 -7.64 26.26
N GLU D 119 47.42 -6.88 25.23
CA GLU D 119 48.39 -6.36 24.27
C GLU D 119 48.34 -4.84 24.15
N LEU D 120 49.42 -4.18 24.57
CA LEU D 120 49.51 -2.72 24.54
C LEU D 120 50.45 -2.30 23.43
N GLU D 121 50.09 -1.23 22.73
CA GLU D 121 50.91 -0.74 21.63
C GLU D 121 50.60 0.73 21.33
N PRO D 122 51.62 1.55 21.10
CA PRO D 122 51.38 2.97 20.78
C PRO D 122 50.62 3.11 19.48
N PHE D 123 49.61 3.97 19.46
CA PHE D 123 48.73 4.09 18.29
C PHE D 123 49.32 4.76 17.07
N SER D 124 50.21 5.73 17.29
CA SER D 124 50.70 6.53 16.16
C SER D 124 52.22 6.60 16.04
N TYR D 125 52.92 6.22 17.12
CA TYR D 125 54.38 6.34 17.17
C TYR D 125 55.13 5.01 17.02
N ASN D 126 55.92 4.90 15.94
CA ASN D 126 56.71 3.69 15.69
C ASN D 126 57.90 3.54 16.64
N ASN D 127 58.56 2.38 16.59
CA ASN D 127 59.69 2.07 17.49
C ASN D 127 60.76 3.15 17.59
N GLN D 128 60.94 3.90 16.50
CA GLN D 128 62.00 4.88 16.44
C GLN D 128 61.53 6.19 17.06
N GLN D 129 60.21 6.33 17.18
CA GLN D 129 59.62 7.47 17.87
C GLN D 129 59.37 7.14 19.34
N LEU D 130 58.68 6.03 19.60
CA LEU D 130 58.32 5.64 20.95
C LEU D 130 58.68 4.18 21.23
N ARG D 131 59.41 3.94 22.31
CA ARG D 131 59.89 2.60 22.62
C ARG D 131 59.51 2.17 24.03
N PHE D 132 58.99 0.95 24.17
CA PHE D 132 58.64 0.40 25.48
C PHE D 132 59.86 -0.09 26.22
N SER D 133 60.25 0.65 27.24
CA SER D 133 61.46 0.32 27.99
C SER D 133 61.33 -0.99 28.75
N ASP D 134 60.27 -1.09 29.55
CA ASP D 134 60.04 -2.26 30.38
C ASP D 134 58.60 -2.30 30.85
N ILE D 135 58.16 -3.46 31.33
CA ILE D 135 56.84 -3.50 31.93
C ILE D 135 56.74 -4.48 33.08
N GLN D 136 56.13 -4.05 34.18
CA GLN D 136 55.79 -4.94 35.27
C GLN D 136 54.28 -4.98 35.46
N VAL D 137 53.78 -6.19 35.70
CA VAL D 137 52.36 -6.42 35.89
C VAL D 137 52.12 -6.83 37.33
N TYR D 138 51.13 -6.22 37.97
CA TYR D 138 50.80 -6.59 39.34
C TYR D 138 49.44 -7.29 39.42
N THR D 139 49.49 -8.61 39.57
CA THR D 139 48.29 -9.42 39.75
C THR D 139 48.04 -9.60 41.23
N GLU D 140 47.38 -8.61 41.81
CA GLU D 140 47.15 -8.51 43.24
C GLU D 140 46.20 -9.60 43.74
N ASN D 141 46.26 -10.77 43.12
CA ASN D 141 45.45 -11.92 43.50
C ASN D 141 46.21 -12.97 44.31
N ILE D 142 45.43 -13.85 44.94
CA ILE D 142 45.90 -14.96 45.77
C ILE D 142 44.67 -15.54 46.47
N ASP D 143 44.83 -16.72 47.08
CA ASP D 143 43.80 -17.29 47.98
C ASP D 143 42.40 -17.53 47.41
N ASN D 144 41.56 -18.16 48.23
CA ASN D 144 40.15 -18.40 47.92
C ASN D 144 39.92 -18.93 46.52
N GLU D 145 40.63 -20.02 46.20
CA GLU D 145 40.58 -20.59 44.86
C GLU D 145 39.29 -21.34 44.55
N GLU D 146 38.76 -22.05 45.55
CA GLU D 146 37.52 -22.80 45.35
C GLU D 146 36.26 -21.95 45.50
N ILE D 147 36.45 -20.65 45.73
CA ILE D 147 35.34 -19.69 45.77
C ILE D 147 35.27 -19.00 44.42
N ASP D 148 36.44 -18.91 43.77
CA ASP D 148 36.54 -18.30 42.46
C ASP D 148 36.51 -19.37 41.37
N GLU D 149 36.03 -18.97 40.20
CA GLU D 149 35.83 -19.88 39.08
C GLU D 149 37.14 -20.40 38.48
N TRP D 150 38.17 -19.55 38.46
CA TRP D 150 39.45 -19.87 37.82
C TRP D 150 40.62 -19.93 38.80
N TRP D 151 41.55 -20.85 38.56
CA TRP D 151 42.77 -20.96 39.36
C TRP D 151 43.93 -20.38 38.58
N ILE D 152 44.42 -19.23 39.02
CA ILE D 152 45.55 -18.59 38.37
C ILE D 152 46.84 -19.35 38.68
N ARG D 153 47.62 -19.63 37.65
CA ARG D 153 48.83 -20.43 37.79
C ARG D 153 50.00 -19.53 38.11
N GLY D 154 50.42 -18.75 37.12
CA GLY D 154 51.55 -17.84 37.26
C GLY D 154 51.35 -16.48 37.92
N LYS D 155 52.40 -15.67 37.84
CA LYS D 155 52.38 -14.31 38.36
C LYS D 155 52.35 -13.31 37.21
N ALA D 156 51.95 -13.81 36.04
CA ALA D 156 51.81 -13.07 34.77
C ALA D 156 53.13 -13.01 34.01
N SER D 157 53.11 -13.55 32.80
CA SER D 157 54.27 -13.59 31.91
C SER D 157 54.26 -12.43 30.90
N THR D 158 55.44 -11.94 30.53
CA THR D 158 55.56 -10.78 29.64
C THR D 158 56.53 -10.99 28.47
N HIS D 159 56.24 -10.35 27.33
CA HIS D 159 57.13 -10.35 26.16
C HIS D 159 56.98 -9.03 25.40
N ILE D 160 58.03 -8.21 25.47
CA ILE D 160 58.09 -6.96 24.71
C ILE D 160 58.73 -7.22 23.36
N SER D 161 58.05 -6.80 22.30
CA SER D 161 58.48 -7.11 20.94
C SER D 161 58.27 -5.95 19.96
N ASP D 162 58.73 -6.15 18.74
CA ASP D 162 58.57 -5.17 17.68
C ASP D 162 57.71 -5.80 16.59
N ILE D 163 56.57 -5.18 16.29
CA ILE D 163 55.67 -5.73 15.29
C ILE D 163 55.86 -5.02 13.96
N ARG D 164 56.14 -5.78 12.92
CA ARG D 164 56.27 -5.24 11.56
C ARG D 164 54.97 -5.29 10.79
N TYR D 165 54.54 -4.15 10.27
CA TYR D 165 53.38 -4.09 9.41
C TYR D 165 53.87 -3.96 7.99
N ASP D 166 53.30 -4.76 7.09
CA ASP D 166 53.80 -4.86 5.73
C ASP D 166 53.17 -3.84 4.79
N HIS D 167 51.96 -3.39 5.13
CA HIS D 167 51.26 -2.40 4.32
C HIS D 167 50.83 -1.21 5.18
N LEU D 168 51.57 -0.11 5.10
CA LEU D 168 51.25 1.08 5.87
C LEU D 168 51.23 2.36 5.02
N SER D 169 51.65 3.45 5.65
CA SER D 169 51.64 4.78 5.05
C SER D 169 52.62 4.88 3.89
N SER D 170 52.68 6.07 3.29
CA SER D 170 53.67 6.38 2.26
C SER D 170 55.05 6.53 2.88
N VAL D 171 55.41 5.57 3.74
CA VAL D 171 56.67 5.57 4.46
C VAL D 171 57.66 4.53 3.91
N GLN D 172 58.86 5.00 3.62
CA GLN D 172 59.87 4.19 2.93
C GLN D 172 61.17 3.80 3.66
N PRO D 173 61.67 4.61 4.62
CA PRO D 173 62.90 4.16 5.28
C PRO D 173 62.78 2.80 5.99
N ASN D 174 62.17 2.80 7.17
CA ASN D 174 62.01 1.58 7.95
C ASN D 174 61.01 1.76 9.12
N GLN D 175 60.17 2.78 9.02
CA GLN D 175 59.18 3.10 10.05
C GLN D 175 57.92 2.24 9.94
N ASN D 176 58.00 1.03 10.46
CA ASN D 176 56.87 0.10 10.38
C ASN D 176 56.86 -0.89 11.53
N GLU D 177 57.76 -0.67 12.48
CA GLU D 177 57.95 -1.59 13.59
C GLU D 177 57.52 -1.11 14.97
N PHE D 178 56.27 -0.72 15.14
CA PHE D 178 55.72 -0.35 16.45
C PHE D 178 56.06 -1.38 17.55
N SER D 179 56.43 -0.90 18.73
CA SER D 179 56.80 -1.79 19.84
C SER D 179 55.61 -2.25 20.65
N ARG D 180 55.53 -3.56 20.90
CA ARG D 180 54.36 -4.12 21.59
C ARG D 180 54.67 -4.93 22.84
N ILE D 181 53.96 -4.60 23.90
CA ILE D 181 54.00 -5.36 25.14
C ILE D 181 52.92 -6.42 25.07
N THR D 182 53.27 -7.66 25.41
CA THR D 182 52.27 -8.71 25.44
C THR D 182 52.25 -9.35 26.81
N VAL D 183 51.17 -9.15 27.55
CA VAL D 183 51.04 -9.71 28.89
C VAL D 183 50.18 -10.95 28.86
N ARG D 184 50.66 -12.03 29.50
CA ARG D 184 49.96 -13.30 29.55
C ARG D 184 49.75 -13.84 30.96
N ILE D 185 48.53 -14.23 31.30
CA ILE D 185 48.26 -14.85 32.59
C ILE D 185 47.66 -16.22 32.36
N ASP D 186 48.32 -17.27 32.84
CA ASP D 186 47.80 -18.63 32.65
C ASP D 186 46.74 -18.96 33.70
N ALA D 187 45.72 -19.72 33.29
CA ALA D 187 44.66 -20.07 34.21
C ALA D 187 44.06 -21.45 33.93
N VAL D 188 43.54 -22.09 34.97
CA VAL D 188 42.92 -23.39 34.89
C VAL D 188 41.51 -23.31 35.46
N ARG D 189 40.56 -23.99 34.82
CA ARG D 189 39.18 -24.01 35.31
C ARG D 189 39.01 -24.90 36.54
N ASN D 190 38.27 -24.37 37.53
CA ASN D 190 37.91 -25.13 38.73
C ASN D 190 36.73 -26.04 38.39
N PRO D 191 37.01 -27.34 38.16
CA PRO D 191 36.02 -28.25 37.57
C PRO D 191 35.03 -28.86 38.57
N SER D 192 35.19 -28.53 39.85
CA SER D 192 34.41 -29.15 40.92
C SER D 192 32.90 -29.11 40.68
N TYR D 193 32.38 -27.95 40.32
CA TYR D 193 30.94 -27.79 40.15
C TYR D 193 30.40 -28.69 39.05
N TYR D 194 31.08 -28.69 37.92
CA TYR D 194 30.62 -29.45 36.76
C TYR D 194 30.77 -30.94 37.00
N LEU D 195 31.75 -31.32 37.81
CA LEU D 195 31.95 -32.73 38.11
C LEU D 195 30.79 -33.29 38.91
N TRP D 196 30.49 -32.67 40.03
CA TRP D 196 29.45 -33.20 40.92
C TRP D 196 28.01 -33.00 40.45
N SER D 197 27.75 -31.85 39.83
CA SER D 197 26.39 -31.51 39.44
C SER D 197 26.05 -31.82 37.99
N PHE D 198 27.07 -32.13 37.20
CA PHE D 198 26.83 -32.47 35.79
C PHE D 198 27.39 -33.85 35.41
N ILE D 199 28.68 -34.06 35.60
CA ILE D 199 29.30 -35.34 35.24
C ILE D 199 28.70 -36.49 36.04
N LEU D 200 28.68 -36.34 37.36
CA LEU D 200 28.19 -37.37 38.27
C LEU D 200 26.76 -37.83 37.94
N PRO D 201 25.78 -36.91 37.97
CA PRO D 201 24.43 -37.43 37.74
C PRO D 201 24.25 -37.98 36.33
N LEU D 202 24.98 -37.43 35.36
CA LEU D 202 24.93 -37.95 34.01
C LEU D 202 25.36 -39.40 34.02
N GLY D 203 26.40 -39.68 34.79
CA GLY D 203 26.91 -41.03 34.96
C GLY D 203 25.91 -41.99 35.58
N LEU D 204 25.20 -41.53 36.61
CA LEU D 204 24.18 -42.36 37.26
C LEU D 204 23.08 -42.71 36.26
N ILE D 205 22.74 -41.75 35.41
CA ILE D 205 21.77 -41.95 34.34
C ILE D 205 22.23 -43.03 33.37
N ILE D 206 23.46 -42.90 32.88
CA ILE D 206 24.04 -43.87 31.96
C ILE D 206 24.13 -45.25 32.59
N ALA D 207 24.50 -45.29 33.87
CA ALA D 207 24.65 -46.54 34.60
C ALA D 207 23.31 -47.27 34.69
N ALA D 208 22.30 -46.58 35.20
CA ALA D 208 20.97 -47.15 35.38
C ALA D 208 20.29 -47.49 34.05
N SER D 209 20.79 -46.91 32.97
CA SER D 209 20.35 -47.26 31.63
C SER D 209 20.57 -48.74 31.40
N TRP D 210 21.69 -49.25 31.89
CA TRP D 210 22.05 -50.64 31.68
C TRP D 210 21.21 -51.60 32.51
N SER D 211 20.49 -51.06 33.49
CA SER D 211 19.66 -51.87 34.39
C SER D 211 18.39 -52.34 33.68
N VAL D 212 18.26 -51.97 32.40
CA VAL D 212 17.15 -52.40 31.59
C VAL D 212 17.27 -53.89 31.27
N PHE D 213 18.48 -54.42 31.41
CA PHE D 213 18.75 -55.82 31.13
C PHE D 213 18.40 -56.75 32.27
N TRP D 214 18.26 -56.19 33.48
CA TRP D 214 17.77 -56.97 34.60
C TRP D 214 16.24 -57.09 34.63
N LEU D 215 15.59 -56.51 33.63
CA LEU D 215 14.16 -56.70 33.46
C LEU D 215 13.86 -58.03 32.80
N GLU D 216 12.75 -58.64 33.21
CA GLU D 216 12.37 -59.98 32.77
C GLU D 216 11.74 -60.01 31.37
N SER D 217 10.58 -59.39 31.24
CA SER D 217 9.81 -59.43 30.00
C SER D 217 10.45 -58.60 28.89
N PHE D 218 10.15 -58.97 27.65
CA PHE D 218 10.60 -58.24 26.47
C PHE D 218 9.90 -56.87 26.42
N SER D 219 8.61 -56.85 26.72
CA SER D 219 7.86 -55.60 26.74
C SER D 219 8.37 -54.65 27.82
N GLU D 220 8.72 -55.19 28.99
CA GLU D 220 9.32 -54.38 30.04
C GLU D 220 10.66 -53.86 29.54
N ARG D 221 11.46 -54.78 29.00
CA ARG D 221 12.80 -54.47 28.51
C ARG D 221 12.79 -53.38 27.44
N LEU D 222 11.84 -53.46 26.52
CA LEU D 222 11.76 -52.52 25.42
C LEU D 222 11.13 -51.18 25.79
N GLN D 223 9.96 -51.22 26.40
CA GLN D 223 9.26 -50.00 26.80
C GLN D 223 10.05 -49.13 27.77
N THR D 224 10.82 -49.77 28.65
CA THR D 224 11.61 -49.03 29.62
C THR D 224 12.71 -48.18 28.99
N SER D 225 13.30 -48.68 27.93
CA SER D 225 14.38 -47.94 27.26
C SER D 225 13.89 -46.69 26.52
N PHE D 226 12.57 -46.59 26.31
CA PHE D 226 12.01 -45.39 25.71
C PHE D 226 11.91 -44.25 26.72
N THR D 227 11.58 -44.59 27.97
CA THR D 227 11.60 -43.60 29.03
C THR D 227 13.06 -43.21 29.28
N LEU D 228 13.94 -44.20 29.14
CA LEU D 228 15.36 -44.02 29.37
C LEU D 228 15.92 -43.08 28.31
N MET D 229 15.42 -43.21 27.08
CA MET D 229 15.80 -42.35 25.98
C MET D 229 15.34 -40.92 26.26
N LEU D 230 14.09 -40.81 26.73
CA LEU D 230 13.50 -39.51 27.05
C LEU D 230 14.27 -38.81 28.17
N THR D 231 14.84 -39.60 29.08
CA THR D 231 15.65 -39.09 30.17
C THR D 231 16.97 -38.47 29.70
N VAL D 232 17.63 -39.13 28.75
CA VAL D 232 18.85 -38.58 28.18
C VAL D 232 18.55 -37.26 27.45
N VAL D 233 17.41 -37.21 26.77
CA VAL D 233 16.91 -35.96 26.16
C VAL D 233 16.63 -34.93 27.25
N ALA D 234 15.97 -35.38 28.31
CA ALA D 234 15.69 -34.52 29.45
C ALA D 234 16.98 -33.96 30.04
N TYR D 235 18.02 -34.79 30.09
CA TYR D 235 19.29 -34.35 30.63
C TYR D 235 20.05 -33.45 29.65
N ALA D 236 20.00 -33.79 28.37
CA ALA D 236 20.63 -32.96 27.33
C ALA D 236 20.08 -31.53 27.37
N PHE D 237 18.78 -31.41 27.63
CA PHE D 237 18.13 -30.11 27.72
C PHE D 237 18.67 -29.34 28.92
N TYR D 238 18.62 -29.99 30.08
CA TYR D 238 19.14 -29.44 31.33
C TYR D 238 20.62 -29.04 31.20
N THR D 239 21.39 -29.88 30.52
CA THR D 239 22.79 -29.59 30.23
C THR D 239 22.94 -28.31 29.40
N SER D 240 22.35 -28.33 28.20
CA SER D 240 22.50 -27.22 27.26
C SER D 240 22.02 -25.86 27.75
N ASN D 241 20.92 -25.84 28.49
CA ASN D 241 20.38 -24.57 28.97
C ASN D 241 21.31 -23.87 29.96
N ILE D 242 22.09 -24.64 30.72
CA ILE D 242 22.95 -24.09 31.77
C ILE D 242 24.42 -23.92 31.35
N LEU D 243 24.95 -24.90 30.65
CA LEU D 243 26.33 -24.87 30.16
C LEU D 243 26.63 -23.72 29.19
N PRO D 244 27.92 -23.35 29.07
CA PRO D 244 28.34 -22.26 28.17
C PRO D 244 28.16 -22.62 26.71
N ARG D 245 27.72 -21.66 25.91
CA ARG D 245 27.52 -21.87 24.49
C ARG D 245 28.84 -21.91 23.72
N LEU D 246 28.99 -22.95 22.90
CA LEU D 246 30.19 -23.14 22.08
C LEU D 246 29.78 -23.61 20.68
N PRO D 247 30.70 -23.49 19.70
CA PRO D 247 30.46 -23.99 18.35
C PRO D 247 31.01 -25.40 18.13
N TYR D 248 31.30 -26.10 19.21
CA TYR D 248 31.79 -27.47 19.14
C TYR D 248 31.35 -28.30 20.35
N THR D 249 31.52 -29.62 20.26
CA THR D 249 31.12 -30.51 21.34
C THR D 249 32.18 -30.58 22.42
N THR D 250 31.76 -30.54 23.68
CA THR D 250 32.69 -30.66 24.80
C THR D 250 32.73 -32.09 25.29
N VAL D 251 33.41 -32.31 26.40
CA VAL D 251 33.43 -33.62 27.03
C VAL D 251 32.03 -34.02 27.47
N ILE D 252 31.36 -33.10 28.15
CA ILE D 252 30.00 -33.33 28.60
C ILE D 252 29.05 -33.62 27.42
N ASP D 253 29.21 -32.88 26.33
CA ASP D 253 28.38 -33.10 25.15
C ASP D 253 28.58 -34.50 24.60
N GLN D 254 29.83 -34.96 24.62
CA GLN D 254 30.12 -36.30 24.16
C GLN D 254 29.48 -37.36 25.06
N MET D 255 29.52 -37.14 26.38
CA MET D 255 28.88 -38.06 27.31
C MET D 255 27.40 -38.22 26.98
N ILE D 256 26.78 -37.12 26.60
CA ILE D 256 25.38 -37.10 26.18
C ILE D 256 25.17 -37.93 24.92
N ILE D 257 26.06 -37.78 23.94
CA ILE D 257 25.99 -38.60 22.73
C ILE D 257 26.13 -40.08 23.13
N ALA D 258 27.04 -40.34 24.05
CA ALA D 258 27.29 -41.69 24.54
C ALA D 258 26.06 -42.30 25.20
N GLY D 259 25.29 -41.47 25.90
CA GLY D 259 24.08 -41.93 26.54
C GLY D 259 23.06 -42.39 25.51
N TYR D 260 22.87 -41.58 24.47
CA TYR D 260 21.98 -41.90 23.36
C TYR D 260 22.42 -43.20 22.72
N GLY D 261 23.75 -43.38 22.62
CA GLY D 261 24.30 -44.56 22.00
C GLY D 261 24.06 -45.84 22.76
N SER D 262 24.31 -45.81 24.06
CA SER D 262 24.08 -46.98 24.91
C SER D 262 22.63 -47.42 24.79
N ILE D 263 21.72 -46.46 24.87
CA ILE D 263 20.29 -46.75 24.80
C ILE D 263 19.85 -47.22 23.42
N PHE D 264 20.32 -46.57 22.36
CA PHE D 264 19.97 -47.02 21.01
C PHE D 264 20.59 -48.39 20.74
N ALA D 265 21.78 -48.63 21.29
CA ALA D 265 22.42 -49.93 21.18
C ALA D 265 21.62 -50.98 21.94
N ALA D 266 21.11 -50.60 23.11
CA ALA D 266 20.29 -51.49 23.92
C ALA D 266 18.99 -51.86 23.21
N ILE D 267 18.34 -50.87 22.58
CA ILE D 267 17.13 -51.11 21.80
C ILE D 267 17.36 -52.18 20.74
N LEU D 268 18.45 -52.04 19.99
CA LEU D 268 18.77 -52.98 18.92
C LEU D 268 18.99 -54.40 19.46
N LEU D 269 19.76 -54.51 20.53
CA LEU D 269 19.98 -55.81 21.16
C LEU D 269 18.69 -56.39 21.73
N ILE D 270 17.92 -55.55 22.43
CA ILE D 270 16.67 -55.99 23.05
C ILE D 270 15.68 -56.57 22.05
N ILE D 271 15.49 -55.90 20.93
CA ILE D 271 14.65 -56.42 19.85
C ILE D 271 15.27 -57.67 19.23
N PHE D 272 16.58 -57.64 19.03
CA PHE D 272 17.30 -58.73 18.39
C PHE D 272 17.21 -60.03 19.19
N ALA D 273 17.51 -59.96 20.49
CA ALA D 273 17.41 -61.11 21.39
C ALA D 273 16.08 -61.84 21.20
N HIS D 274 15.01 -61.07 21.18
CA HIS D 274 13.67 -61.63 21.11
C HIS D 274 13.31 -62.26 19.76
N HIS D 275 13.66 -61.58 18.66
CA HIS D 275 13.20 -62.00 17.34
C HIS D 275 14.16 -62.85 16.50
N ARG D 276 15.43 -62.93 16.90
CA ARG D 276 16.36 -63.85 16.25
C ARG D 276 16.28 -65.20 16.95
N GLN D 277 15.49 -66.10 16.38
CA GLN D 277 15.13 -67.33 17.09
C GLN D 277 15.05 -68.59 16.23
N ALA D 278 14.78 -69.71 16.89
CA ALA D 278 14.55 -70.99 16.24
C ALA D 278 13.16 -71.48 16.62
N ASN D 279 12.34 -70.55 17.09
CA ASN D 279 10.96 -70.85 17.50
C ASN D 279 10.06 -69.62 17.46
N GLY D 280 10.49 -68.55 18.12
CA GLY D 280 9.72 -67.32 18.19
C GLY D 280 10.12 -66.48 19.39
N VAL D 281 10.21 -67.13 20.55
CA VAL D 281 10.60 -66.46 21.80
C VAL D 281 11.94 -66.98 22.34
N GLU D 282 12.79 -67.51 21.48
CA GLU D 282 14.11 -67.98 21.90
C GLU D 282 15.01 -66.81 22.23
N ASP D 283 14.87 -66.32 23.46
CA ASP D 283 15.68 -65.21 23.95
C ASP D 283 17.04 -65.73 24.36
N ASP D 284 18.07 -65.39 23.58
CA ASP D 284 19.43 -65.89 23.77
C ASP D 284 19.95 -65.74 25.21
N LEU D 285 20.02 -66.86 25.92
CA LEU D 285 20.37 -66.92 27.35
C LEU D 285 21.59 -66.07 27.74
N LEU D 286 22.52 -65.89 26.81
CA LEU D 286 23.70 -65.06 27.04
C LEU D 286 23.54 -63.60 26.61
N ILE D 287 22.84 -63.37 25.50
CA ILE D 287 22.69 -62.01 25.00
C ILE D 287 21.69 -61.23 25.83
N GLN D 288 20.73 -61.93 26.43
CA GLN D 288 19.80 -61.28 27.36
C GLN D 288 20.58 -60.98 28.63
N ARG D 289 21.64 -61.76 28.86
CA ARG D 289 22.54 -61.56 29.99
C ARG D 289 23.81 -60.82 29.58
N CYS D 290 23.72 -59.93 28.61
CA CYS D 290 24.82 -58.99 28.33
C CYS D 290 24.72 -57.84 29.32
N ARG D 291 24.23 -58.16 30.51
CA ARG D 291 24.06 -57.23 31.60
C ARG D 291 25.41 -56.77 32.14
N LEU D 292 26.46 -57.49 31.75
CA LEU D 292 27.80 -57.16 32.18
C LEU D 292 28.68 -56.91 30.96
N ALA D 293 28.20 -57.37 29.81
CA ALA D 293 28.96 -57.27 28.57
C ALA D 293 29.25 -55.82 28.17
N PHE D 294 28.23 -55.08 27.78
CA PHE D 294 28.46 -53.70 27.37
C PHE D 294 28.48 -52.59 28.45
N PRO D 295 28.11 -52.91 29.72
CA PRO D 295 28.47 -51.91 30.72
C PRO D 295 29.98 -51.71 30.82
N LEU D 296 30.74 -52.80 30.76
CA LEU D 296 32.19 -52.69 30.76
C LEU D 296 32.69 -52.46 29.34
N GLY D 297 31.83 -52.75 28.37
CA GLY D 297 32.10 -52.42 26.99
C GLY D 297 31.94 -50.93 26.75
N PHE D 298 31.19 -50.30 27.65
CA PHE D 298 31.01 -48.86 27.62
C PHE D 298 32.22 -48.23 28.29
N LEU D 299 32.76 -48.91 29.29
CA LEU D 299 33.94 -48.42 30.00
C LEU D 299 35.26 -48.61 29.24
N ALA D 300 35.29 -49.54 28.27
CA ALA D 300 36.47 -49.72 27.43
C ALA D 300 36.49 -48.67 26.35
N ILE D 301 35.33 -48.44 25.76
CA ILE D 301 35.14 -47.39 24.77
C ILE D 301 35.23 -46.04 25.49
N GLY D 302 34.84 -46.04 26.75
CA GLY D 302 34.92 -44.86 27.58
C GLY D 302 36.34 -44.42 27.82
N CYS D 303 37.25 -45.38 28.01
CA CYS D 303 38.65 -45.06 28.23
C CYS D 303 39.43 -44.72 26.95
N VAL D 304 38.91 -45.17 25.82
CA VAL D 304 39.50 -44.85 24.51
C VAL D 304 39.15 -43.43 24.06
N LEU D 305 37.95 -42.99 24.42
CA LEU D 305 37.53 -41.61 24.17
C LEU D 305 38.32 -40.60 25.00
N VAL D 306 38.94 -41.09 26.07
CA VAL D 306 39.80 -40.24 26.91
C VAL D 306 41.15 -40.00 26.24
N ILE D 307 41.57 -40.94 25.39
CA ILE D 307 42.85 -40.82 24.69
C ILE D 307 42.73 -39.97 23.42
N PRO E 1 48.47 18.94 55.00
CA PRO E 1 47.62 17.73 54.95
C PRO E 1 46.15 18.04 55.16
N VAL E 2 45.40 18.18 54.08
CA VAL E 2 44.00 18.63 54.08
C VAL E 2 43.01 17.68 54.74
N ASP E 3 42.27 18.19 55.72
CA ASP E 3 41.24 17.41 56.41
C ASP E 3 39.96 17.35 55.57
N VAL E 4 39.60 16.16 55.13
CA VAL E 4 38.38 15.97 54.35
C VAL E 4 37.30 15.19 55.09
N SER E 5 36.14 15.82 55.26
CA SER E 5 35.02 15.17 55.92
C SER E 5 34.10 14.58 54.86
N VAL E 6 33.78 13.30 55.00
CA VAL E 6 32.95 12.60 54.04
C VAL E 6 31.66 12.14 54.69
N SER E 7 30.57 12.18 53.95
CA SER E 7 29.32 11.62 54.41
C SER E 7 28.65 10.89 53.24
N ILE E 8 28.39 9.61 53.42
CA ILE E 8 27.75 8.81 52.38
C ILE E 8 26.29 8.54 52.72
N PHE E 9 25.39 8.81 51.78
CA PHE E 9 23.98 8.50 51.97
C PHE E 9 23.57 7.39 51.01
N ILE E 10 23.17 6.25 51.55
CA ILE E 10 22.80 5.11 50.72
C ILE E 10 21.29 5.11 50.48
N ASN E 11 20.91 5.21 49.20
CA ASN E 11 19.49 5.24 48.81
C ASN E 11 18.91 3.85 48.55
N LYS E 12 19.66 3.04 47.82
CA LYS E 12 19.18 1.74 47.38
C LYS E 12 20.35 0.78 47.17
N ILE E 13 20.26 -0.42 47.74
CA ILE E 13 21.20 -1.48 47.39
C ILE E 13 20.39 -2.54 46.68
N TYR E 14 20.68 -2.75 45.40
CA TYR E 14 19.91 -3.70 44.61
C TYR E 14 20.76 -4.38 43.55
N GLY E 15 20.12 -5.26 42.78
CA GLY E 15 20.75 -5.91 41.64
C GLY E 15 22.05 -6.64 41.93
N VAL E 16 21.99 -7.62 42.84
CA VAL E 16 23.12 -8.47 43.11
C VAL E 16 23.42 -9.44 41.97
N ASN E 17 24.63 -9.37 41.41
CA ASN E 17 25.09 -10.34 40.42
C ASN E 17 25.97 -11.40 41.07
N THR E 18 25.42 -12.60 41.25
CA THR E 18 26.14 -13.68 41.92
C THR E 18 27.40 -14.12 41.15
N LEU E 19 27.30 -14.23 39.83
CA LEU E 19 28.45 -14.67 39.05
C LEU E 19 29.62 -13.69 39.09
N GLU E 20 29.32 -12.40 38.96
CA GLU E 20 30.35 -11.37 38.97
C GLU E 20 30.71 -10.96 40.38
N GLN E 21 29.91 -11.40 41.35
CA GLN E 21 30.09 -10.99 42.74
C GLN E 21 30.03 -9.45 42.82
N THR E 22 28.85 -8.93 42.46
CA THR E 22 28.61 -7.52 42.17
C THR E 22 27.28 -7.07 42.78
N TYR E 23 27.19 -5.83 43.22
CA TYR E 23 25.93 -5.27 43.73
C TYR E 23 25.87 -3.78 43.42
N LYS E 24 24.66 -3.29 43.15
CA LYS E 24 24.45 -1.90 42.77
C LYS E 24 24.05 -1.03 43.96
N VAL E 25 24.66 0.16 44.05
CA VAL E 25 24.36 1.10 45.13
C VAL E 25 24.06 2.50 44.59
N ASP E 26 22.90 3.03 44.95
CA ASP E 26 22.55 4.41 44.60
C ASP E 26 22.61 5.30 45.83
N GLY E 27 23.19 6.48 45.69
CA GLY E 27 23.29 7.41 46.80
C GLY E 27 24.03 8.69 46.51
N TYR E 28 24.41 9.39 47.57
CA TYR E 28 25.06 10.70 47.47
C TYR E 28 26.39 10.69 48.21
N ILE E 29 27.37 11.44 47.69
CA ILE E 29 28.58 11.68 48.43
C ILE E 29 28.60 13.14 48.82
N VAL E 30 28.95 13.42 50.06
CA VAL E 30 29.19 14.78 50.47
C VAL E 30 30.60 14.87 51.01
N ALA E 31 31.42 15.68 50.36
CA ALA E 31 32.80 15.87 50.79
C ALA E 31 33.01 17.33 51.12
N GLN E 32 33.63 17.58 52.27
CA GLN E 32 33.85 18.93 52.74
C GLN E 32 35.30 19.11 53.16
N TRP E 33 35.88 20.24 52.78
CA TRP E 33 37.21 20.62 53.25
C TRP E 33 37.26 22.14 53.31
N THR E 34 38.23 22.68 54.05
CA THR E 34 38.34 24.13 54.17
C THR E 34 39.55 24.67 53.42
N GLY E 35 39.30 25.53 52.43
CA GLY E 35 40.35 26.13 51.65
C GLY E 35 40.57 27.55 52.12
N LYS E 36 41.32 28.32 51.34
CA LYS E 36 41.56 29.72 51.70
C LYS E 36 40.33 30.54 51.33
N PRO E 37 39.91 31.43 52.24
CA PRO E 37 38.70 32.27 52.16
C PRO E 37 38.48 32.91 50.78
N ARG E 38 37.22 32.96 50.37
CA ARG E 38 36.86 33.45 49.03
C ARG E 38 36.02 34.71 49.12
N LYS E 39 35.85 35.39 47.98
CA LYS E 39 35.01 36.57 47.91
C LYS E 39 33.71 36.19 47.23
N THR E 40 32.68 35.91 48.03
CA THR E 40 31.41 35.48 47.50
C THR E 40 30.44 36.64 47.31
N PRO E 41 29.61 36.57 46.27
CA PRO E 41 28.54 37.55 46.03
C PRO E 41 27.65 37.70 47.27
N GLY E 42 27.50 38.93 47.75
CA GLY E 42 26.76 39.20 48.97
C GLY E 42 27.55 38.81 50.20
N ASP E 43 27.27 37.62 50.72
CA ASP E 43 28.00 37.05 51.84
C ASP E 43 27.55 35.62 52.08
N LYS E 44 26.42 35.25 51.49
CA LYS E 44 25.95 33.89 51.58
C LYS E 44 26.81 32.99 50.70
N PRO E 45 26.99 31.72 51.11
CA PRO E 45 27.80 30.76 50.36
C PRO E 45 27.37 30.65 48.90
N LEU E 46 28.34 30.49 48.00
CA LEU E 46 28.05 30.41 46.57
C LEU E 46 27.80 28.95 46.17
N ILE E 47 26.70 28.71 45.46
CA ILE E 47 26.37 27.37 44.99
C ILE E 47 26.73 27.22 43.52
N VAL E 48 27.46 26.14 43.20
CA VAL E 48 27.85 25.87 41.82
C VAL E 48 27.34 24.48 41.40
N GLU E 49 26.40 24.45 40.46
CA GLU E 49 25.80 23.21 39.98
C GLU E 49 26.51 22.67 38.74
N ASN E 50 26.22 21.41 38.41
CA ASN E 50 26.86 20.62 37.34
C ASN E 50 27.89 21.26 36.40
N THR E 51 27.41 21.74 35.25
CA THR E 51 28.26 22.30 34.20
C THR E 51 29.31 23.27 34.70
N GLN E 52 28.87 24.22 35.51
CA GLN E 52 29.72 25.31 35.96
C GLN E 52 30.88 24.90 36.87
N ILE E 53 30.83 23.68 37.41
CA ILE E 53 31.89 23.22 38.28
C ILE E 53 33.22 23.09 37.54
N GLU E 54 33.20 22.54 36.33
CA GLU E 54 34.43 22.47 35.54
C GLU E 54 35.03 23.84 35.32
N ARG E 55 34.15 24.82 35.05
CA ARG E 55 34.58 26.18 34.80
C ARG E 55 35.39 26.75 35.96
N TRP E 56 34.98 26.40 37.17
CA TRP E 56 35.70 26.84 38.35
C TRP E 56 37.04 26.17 38.48
N ILE E 57 37.11 24.90 38.11
CA ILE E 57 38.35 24.15 38.16
C ILE E 57 39.38 24.71 37.17
N ASN E 58 38.89 25.06 35.97
CA ASN E 58 39.74 25.69 34.95
C ASN E 58 40.39 26.97 35.43
N ASN E 59 39.71 27.68 36.33
CA ASN E 59 40.27 28.88 36.94
C ASN E 59 41.10 28.58 38.18
N GLY E 60 41.38 27.29 38.42
CA GLY E 60 42.29 26.90 39.47
C GLY E 60 41.67 26.38 40.75
N LEU E 61 40.36 26.10 40.73
CA LEU E 61 39.71 25.56 41.92
C LEU E 61 40.19 24.13 42.14
N TRP E 62 40.71 23.86 43.33
CA TRP E 62 41.14 22.52 43.66
C TRP E 62 39.95 21.71 44.16
N VAL E 63 39.47 20.82 43.31
CA VAL E 63 38.41 19.89 43.70
C VAL E 63 38.99 18.50 43.44
N PRO E 64 39.46 17.84 44.52
CA PRO E 64 40.20 16.58 44.43
C PRO E 64 39.33 15.42 44.02
N ALA E 65 39.84 14.58 43.12
CA ALA E 65 39.11 13.41 42.64
C ALA E 65 39.12 12.28 43.65
N LEU E 66 37.93 11.92 44.14
CA LEU E 66 37.79 10.80 45.05
C LEU E 66 37.31 9.55 44.30
N GLU E 67 38.15 8.51 44.26
CA GLU E 67 37.81 7.28 43.55
C GLU E 67 37.14 6.25 44.45
N PHE E 68 36.08 5.61 43.93
CA PHE E 68 35.47 4.47 44.59
C PHE E 68 36.26 3.22 44.24
N ILE E 69 37.09 2.78 45.17
CA ILE E 69 38.07 1.71 44.96
C ILE E 69 37.47 0.43 44.36
N ASN E 70 36.34 -0.03 44.91
CA ASN E 70 35.77 -1.31 44.49
C ASN E 70 34.62 -1.19 43.51
N VAL E 71 34.54 -0.08 42.81
CA VAL E 71 33.53 0.08 41.78
C VAL E 71 33.91 -0.64 40.49
N VAL E 72 32.94 -1.34 39.89
CA VAL E 72 33.16 -1.98 38.60
C VAL E 72 32.68 -1.09 37.48
N GLY E 73 33.61 -0.63 36.65
CA GLY E 73 33.27 0.36 35.64
C GLY E 73 33.35 1.73 36.25
N SER E 74 32.59 2.69 35.74
CA SER E 74 32.55 4.02 36.33
C SER E 74 31.11 4.46 36.56
N PRO E 75 30.81 4.93 37.77
CA PRO E 75 29.44 5.18 38.24
C PRO E 75 28.73 6.22 37.43
N ASP E 76 27.41 6.13 37.40
CA ASP E 76 26.56 7.16 36.83
C ASP E 76 26.48 8.28 37.84
N THR E 77 27.07 9.43 37.51
CA THR E 77 26.96 10.57 38.40
C THR E 77 25.76 11.39 38.00
N GLY E 78 24.88 11.63 38.97
CA GLY E 78 23.71 12.46 38.76
C GLY E 78 24.12 13.90 38.93
N ASN E 79 23.42 14.61 39.80
CA ASN E 79 23.73 16.00 40.00
C ASN E 79 24.98 16.25 40.84
N LYS E 80 25.79 17.22 40.41
CA LYS E 80 27.01 17.61 41.10
C LYS E 80 26.75 18.97 41.70
N ARG E 81 27.38 19.27 42.82
CA ARG E 81 27.18 20.58 43.43
C ARG E 81 28.41 21.03 44.19
N LEU E 82 28.80 22.27 43.97
CA LEU E 82 29.85 22.89 44.77
C LEU E 82 29.25 24.01 45.59
N MET E 83 29.44 23.94 46.90
CA MET E 83 29.02 25.01 47.77
C MET E 83 30.25 25.72 48.35
N LEU E 84 30.48 26.96 47.91
CA LEU E 84 31.65 27.74 48.32
C LEU E 84 31.32 28.78 49.38
N PHE E 85 31.89 28.62 50.57
CA PHE E 85 31.67 29.55 51.67
C PHE E 85 32.73 30.63 51.70
N PRO E 86 32.37 31.83 52.20
CA PRO E 86 33.29 32.97 52.22
C PRO E 86 34.44 32.76 53.21
N ASP E 87 34.18 32.02 54.28
CA ASP E 87 35.22 31.72 55.26
C ASP E 87 36.23 30.70 54.74
N GLY E 88 35.98 30.18 53.55
CA GLY E 88 36.91 29.28 52.89
C GLY E 88 36.40 27.90 52.56
N ARG E 89 35.67 27.30 53.50
CA ARG E 89 35.26 25.89 53.39
C ARG E 89 34.45 25.57 52.14
N VAL E 90 34.64 24.37 51.62
CA VAL E 90 34.03 23.94 50.37
C VAL E 90 33.31 22.61 50.57
N ILE E 91 32.10 22.51 50.02
CA ILE E 91 31.33 21.26 50.11
C ILE E 91 31.04 20.69 48.73
N TYR E 92 31.52 19.48 48.48
CA TYR E 92 31.24 18.80 47.22
C TYR E 92 30.12 17.78 47.41
N ASN E 93 29.05 17.94 46.65
CA ASN E 93 27.93 17.04 46.75
C ASN E 93 27.53 16.46 45.40
N ALA E 94 27.41 15.14 45.33
CA ALA E 94 27.04 14.47 44.10
C ALA E 94 26.22 13.23 44.36
N ARG E 95 25.21 12.98 43.54
CA ARG E 95 24.48 11.73 43.60
C ARG E 95 25.16 10.71 42.70
N PHE E 96 25.17 9.46 43.14
CA PHE E 96 25.81 8.44 42.35
C PHE E 96 25.04 7.15 42.39
N LEU E 97 25.18 6.39 41.31
CA LEU E 97 24.74 5.02 41.24
C LEU E 97 25.89 4.24 40.66
N GLY E 98 26.39 3.26 41.42
CA GLY E 98 27.54 2.50 41.00
C GLY E 98 27.42 1.03 41.27
N SER E 99 28.12 0.24 40.47
CA SER E 99 28.17 -1.19 40.67
C SER E 99 29.46 -1.54 41.37
N PHE E 100 29.34 -2.13 42.56
CA PHE E 100 30.51 -2.36 43.40
C PHE E 100 30.88 -3.82 43.48
N SER E 101 32.16 -4.09 43.68
CA SER E 101 32.66 -5.45 43.76
C SER E 101 33.07 -5.76 45.20
N ASN E 102 32.84 -7.01 45.58
CA ASN E 102 33.27 -7.51 46.88
C ASN E 102 33.26 -9.02 46.85
N ASP E 103 34.15 -9.64 47.61
CA ASP E 103 34.13 -11.08 47.74
C ASP E 103 32.81 -11.50 48.35
N MET E 104 32.10 -12.35 47.62
CA MET E 104 30.81 -12.84 48.08
C MET E 104 30.82 -14.35 48.08
N ASP E 105 30.61 -14.94 49.25
CA ASP E 105 30.57 -16.38 49.36
C ASP E 105 29.11 -16.82 49.33
N PHE E 106 28.76 -17.63 48.34
CA PHE E 106 27.37 -18.09 48.19
C PHE E 106 27.20 -19.59 48.44
N ARG E 107 28.15 -20.22 49.13
CA ARG E 107 28.11 -21.67 49.34
C ARG E 107 26.80 -22.18 49.97
N LEU E 108 26.39 -21.57 51.09
CA LEU E 108 25.19 -22.02 51.80
C LEU E 108 23.90 -21.26 51.44
N PHE E 109 23.72 -21.03 50.15
CA PHE E 109 22.51 -20.47 49.59
C PHE E 109 21.37 -21.44 49.87
N PRO E 110 20.14 -20.93 50.11
CA PRO E 110 19.70 -19.53 50.14
C PRO E 110 19.78 -18.95 51.53
N PHE E 111 20.72 -19.45 52.34
CA PHE E 111 20.89 -18.95 53.69
C PHE E 111 22.18 -18.14 53.78
N ASP E 112 22.36 -17.25 52.82
CA ASP E 112 23.56 -16.42 52.73
C ASP E 112 23.63 -15.36 53.80
N ARG E 113 24.86 -15.05 54.19
CA ARG E 113 25.13 -13.85 54.95
C ARG E 113 26.10 -13.09 54.07
N GLN E 114 25.67 -11.93 53.58
CA GLN E 114 26.53 -11.11 52.73
C GLN E 114 26.77 -9.75 53.33
N GLN E 115 27.84 -9.08 52.88
CA GLN E 115 28.06 -7.70 53.28
C GLN E 115 28.44 -6.79 52.12
N PHE E 116 27.67 -5.71 51.98
CA PHE E 116 27.86 -4.76 50.89
C PHE E 116 28.86 -3.70 51.31
N VAL E 117 29.93 -3.57 50.52
CA VAL E 117 31.06 -2.74 50.90
C VAL E 117 31.31 -1.63 49.86
N LEU E 118 31.68 -0.45 50.35
CA LEU E 118 32.09 0.66 49.51
C LEU E 118 33.49 1.02 49.96
N GLU E 119 34.39 1.24 49.02
CA GLU E 119 35.73 1.72 49.38
C GLU E 119 36.09 3.01 48.67
N LEU E 120 36.25 4.08 49.44
CA LEU E 120 36.59 5.40 48.91
C LEU E 120 38.05 5.73 49.20
N GLU E 121 38.73 6.34 48.25
CA GLU E 121 40.13 6.72 48.40
C GLU E 121 40.48 7.80 47.38
N PRO E 122 41.24 8.82 47.78
CA PRO E 122 41.62 9.87 46.83
C PRO E 122 42.49 9.31 45.70
N PHE E 123 42.19 9.74 44.48
CA PHE E 123 42.84 9.17 43.29
C PHE E 123 44.31 9.53 43.15
N SER E 124 44.69 10.74 43.56
CA SER E 124 46.04 11.19 43.27
C SER E 124 46.81 11.72 44.47
N TYR E 125 46.10 12.05 45.53
CA TYR E 125 46.73 12.68 46.70
C TYR E 125 46.94 11.73 47.89
N ASN E 126 48.19 11.52 48.26
CA ASN E 126 48.54 10.64 49.38
C ASN E 126 48.12 11.18 50.74
N ASN E 127 48.25 10.35 51.77
CA ASN E 127 47.89 10.69 53.14
C ASN E 127 48.44 12.01 53.68
N GLN E 128 49.59 12.42 53.19
CA GLN E 128 50.20 13.64 53.69
C GLN E 128 49.68 14.86 52.95
N GLN E 129 49.10 14.62 51.77
CA GLN E 129 48.49 15.69 51.01
C GLN E 129 47.02 15.84 51.38
N LEU E 130 46.29 14.73 51.32
CA LEU E 130 44.85 14.72 51.60
C LEU E 130 44.52 13.62 52.59
N ARG E 131 43.87 13.98 53.68
CA ARG E 131 43.56 13.03 54.74
C ARG E 131 42.09 13.07 55.11
N PHE E 132 41.48 11.89 55.26
CA PHE E 132 40.09 11.77 55.62
C PHE E 132 39.88 12.01 57.11
N SER E 133 39.31 13.16 57.45
CA SER E 133 39.14 13.54 58.85
C SER E 133 38.18 12.59 59.57
N ASP E 134 37.01 12.38 58.99
CA ASP E 134 35.99 11.52 59.57
C ASP E 134 34.93 11.17 58.54
N ILE E 135 34.14 10.13 58.81
CA ILE E 135 33.01 9.79 57.95
C ILE E 135 31.82 9.15 58.67
N GLN E 136 30.63 9.62 58.32
CA GLN E 136 29.38 9.02 58.78
C GLN E 136 28.59 8.49 57.58
N VAL E 137 27.96 7.34 57.76
CA VAL E 137 27.15 6.72 56.72
C VAL E 137 25.70 6.74 57.13
N TYR E 138 24.82 7.23 56.26
CA TYR E 138 23.39 7.25 56.56
C TYR E 138 22.58 6.33 55.66
N THR E 139 22.24 5.16 56.20
CA THR E 139 21.37 4.21 55.52
C THR E 139 19.95 4.41 56.03
N GLU E 140 19.27 5.39 55.46
CA GLU E 140 17.92 5.76 55.88
C GLU E 140 16.87 4.73 55.45
N ASN E 141 17.23 3.45 55.47
CA ASN E 141 16.31 2.38 55.16
C ASN E 141 15.78 1.72 56.44
N ILE E 142 14.68 0.97 56.32
CA ILE E 142 14.00 0.31 57.43
C ILE E 142 12.69 -0.31 56.95
N ASP E 143 12.09 -1.14 57.80
CA ASP E 143 10.74 -1.69 57.58
C ASP E 143 10.53 -2.51 56.31
N ASN E 144 9.35 -3.13 56.22
CA ASN E 144 8.92 -3.93 55.07
C ASN E 144 10.01 -4.89 54.62
N GLU E 145 10.51 -5.66 55.58
CA GLU E 145 11.62 -6.57 55.35
C GLU E 145 11.17 -7.72 54.47
N GLU E 146 9.91 -8.09 54.64
CA GLU E 146 9.31 -9.20 53.90
C GLU E 146 8.90 -8.80 52.48
N ILE E 147 9.16 -7.54 52.13
CA ILE E 147 8.88 -7.04 50.78
C ILE E 147 10.18 -6.94 49.96
N ASP E 148 11.29 -6.66 50.65
CA ASP E 148 12.59 -6.53 49.99
C ASP E 148 13.37 -7.83 50.09
N GLU E 149 14.24 -8.07 49.11
CA GLU E 149 15.00 -9.31 49.02
C GLU E 149 16.04 -9.52 50.11
N TRP E 150 16.66 -8.44 50.54
CA TRP E 150 17.72 -8.55 51.54
C TRP E 150 17.30 -7.87 52.83
N TRP E 151 17.66 -8.47 53.95
CA TRP E 151 17.33 -7.88 55.24
C TRP E 151 18.57 -7.30 55.86
N ILE E 152 18.65 -5.97 55.90
CA ILE E 152 19.80 -5.31 56.49
C ILE E 152 19.80 -5.51 58.00
N ARG E 153 20.91 -6.00 58.53
CA ARG E 153 20.97 -6.37 59.94
C ARG E 153 21.57 -5.27 60.80
N GLY E 154 22.86 -5.03 60.65
CA GLY E 154 23.50 -4.00 61.43
C GLY E 154 23.11 -2.65 60.87
N LYS E 155 23.79 -1.60 61.27
CA LYS E 155 23.47 -0.29 60.73
C LYS E 155 24.47 0.06 59.63
N ALA E 156 25.64 0.54 60.01
CA ALA E 156 26.68 0.87 59.04
C ALA E 156 28.07 0.78 59.65
N SER E 157 28.94 0.02 59.00
CA SER E 157 30.31 -0.08 59.47
C SER E 157 31.17 0.98 58.81
N THR E 158 32.04 1.60 59.59
CA THR E 158 32.88 2.67 59.05
C THR E 158 34.31 2.41 59.44
N HIS E 159 35.25 2.67 58.53
CA HIS E 159 36.65 2.52 58.87
C HIS E 159 37.58 3.35 57.99
N ILE E 160 38.20 4.35 58.60
CA ILE E 160 39.27 5.09 57.94
C ILE E 160 40.59 4.41 58.26
N SER E 161 41.33 4.04 57.22
CA SER E 161 42.59 3.32 57.38
C SER E 161 43.62 3.83 56.37
N ASP E 162 44.84 3.34 56.47
CA ASP E 162 45.87 3.80 55.56
C ASP E 162 46.39 2.65 54.72
N ILE E 163 46.22 2.79 53.41
CA ILE E 163 46.63 1.73 52.49
C ILE E 163 47.99 2.06 51.94
N ARG E 164 48.95 1.16 52.17
CA ARG E 164 50.29 1.36 51.67
C ARG E 164 50.50 0.58 50.37
N TYR E 165 50.98 1.28 49.34
CA TYR E 165 51.33 0.64 48.10
C TYR E 165 52.85 0.50 48.09
N ASP E 166 53.34 -0.70 47.83
CA ASP E 166 54.77 -0.95 47.92
C ASP E 166 55.48 -0.74 46.59
N HIS E 167 54.71 -0.82 45.52
CA HIS E 167 55.25 -0.69 44.17
C HIS E 167 54.52 0.47 43.51
N LEU E 168 55.15 1.65 43.50
CA LEU E 168 54.50 2.80 42.88
C LEU E 168 55.38 3.52 41.88
N SER E 169 55.15 4.82 41.77
CA SER E 169 55.83 5.69 40.82
C SER E 169 57.30 5.82 41.21
N SER E 170 58.05 6.61 40.45
CA SER E 170 59.42 6.91 40.80
C SER E 170 59.51 7.86 42.01
N VAL E 171 58.66 7.62 43.00
CA VAL E 171 58.66 8.40 44.22
C VAL E 171 59.12 7.54 45.41
N GLN E 172 60.12 8.05 46.13
CA GLN E 172 60.77 7.28 47.20
C GLN E 172 60.69 7.77 48.67
N PRO E 173 60.50 9.08 48.93
CA PRO E 173 60.45 9.50 50.35
C PRO E 173 59.43 8.76 51.23
N ASN E 174 58.15 9.09 51.12
CA ASN E 174 57.13 8.44 51.95
C ASN E 174 55.70 8.61 51.44
N GLN E 175 55.58 8.97 50.16
CA GLN E 175 54.27 9.16 49.54
C GLN E 175 53.67 7.84 49.07
N ASN E 176 53.11 7.06 50.00
CA ASN E 176 52.58 5.76 49.63
C ASN E 176 51.45 5.21 50.51
N GLU E 177 51.00 6.00 51.48
CA GLU E 177 49.95 5.52 52.39
C GLU E 177 48.60 6.23 52.27
N PHE E 178 48.01 6.24 51.08
CA PHE E 178 46.67 6.81 50.86
C PHE E 178 45.64 6.40 51.91
N SER E 179 44.85 7.36 52.37
CA SER E 179 43.84 7.09 53.38
C SER E 179 42.55 6.58 52.76
N ARG E 180 42.03 5.48 53.29
CA ARG E 180 40.86 4.84 52.72
C ARG E 180 39.71 4.70 53.69
N ILE E 181 38.55 5.17 53.25
CA ILE E 181 37.31 4.99 53.97
C ILE E 181 36.66 3.71 53.48
N THR E 182 36.25 2.85 54.39
CA THR E 182 35.62 1.59 54.01
C THR E 182 34.25 1.48 54.66
N VAL E 183 33.21 1.52 53.84
CA VAL E 183 31.85 1.39 54.34
C VAL E 183 31.41 -0.06 54.20
N ARG E 184 30.89 -0.63 55.29
CA ARG E 184 30.39 -1.99 55.27
C ARG E 184 28.95 -2.07 55.78
N ILE E 185 28.09 -2.70 54.99
CA ILE E 185 26.70 -2.94 55.39
C ILE E 185 26.35 -4.42 55.39
N ASP E 186 25.97 -4.97 56.55
CA ASP E 186 25.63 -6.39 56.64
C ASP E 186 24.21 -6.67 56.19
N ALA E 187 24.02 -7.79 55.51
CA ALA E 187 22.69 -8.17 55.02
C ALA E 187 22.53 -9.67 55.00
N VAL E 188 21.28 -10.11 55.16
CA VAL E 188 20.96 -11.52 55.11
C VAL E 188 19.88 -11.72 54.06
N ARG E 189 19.97 -12.84 53.34
CA ARG E 189 19.00 -13.16 52.31
C ARG E 189 17.64 -13.54 52.89
N ASN E 190 16.58 -13.07 52.23
CA ASN E 190 15.21 -13.42 52.57
C ASN E 190 14.96 -14.84 52.03
N PRO E 191 15.02 -15.86 52.92
CA PRO E 191 15.03 -17.26 52.50
C PRO E 191 13.63 -17.81 52.27
N SER E 192 12.62 -16.97 52.52
CA SER E 192 11.23 -17.38 52.47
C SER E 192 10.84 -18.04 51.16
N TYR E 193 11.18 -17.39 50.05
CA TYR E 193 10.76 -17.88 48.74
C TYR E 193 11.32 -19.26 48.38
N TYR E 194 12.61 -19.44 48.63
CA TYR E 194 13.28 -20.69 48.28
C TYR E 194 12.85 -21.85 49.17
N LEU E 195 12.47 -21.56 50.40
CA LEU E 195 12.00 -22.58 51.34
C LEU E 195 10.68 -23.14 50.89
N TRP E 196 9.70 -22.27 50.69
CA TRP E 196 8.36 -22.71 50.30
C TRP E 196 8.31 -23.21 48.85
N SER E 197 9.04 -22.56 47.95
CA SER E 197 8.96 -22.94 46.54
C SER E 197 10.07 -23.83 45.98
N PHE E 198 11.17 -23.99 46.72
CA PHE E 198 12.26 -24.86 46.26
C PHE E 198 12.61 -25.98 47.22
N ILE E 199 12.93 -25.64 48.47
CA ILE E 199 13.31 -26.65 49.44
C ILE E 199 12.16 -27.63 49.67
N LEU E 200 10.99 -27.07 49.99
CA LEU E 200 9.79 -27.84 50.33
C LEU E 200 9.36 -28.87 49.26
N PRO E 201 9.08 -28.42 48.02
CA PRO E 201 8.62 -29.43 47.07
C PRO E 201 9.71 -30.44 46.75
N LEU E 202 10.96 -30.01 46.78
CA LEU E 202 12.10 -30.92 46.60
C LEU E 202 12.07 -31.99 47.65
N GLY E 203 11.76 -31.61 48.89
CA GLY E 203 11.66 -32.55 49.99
C GLY E 203 10.57 -33.56 49.75
N LEU E 204 9.42 -33.07 49.28
CA LEU E 204 8.29 -33.94 48.95
C LEU E 204 8.64 -34.89 47.82
N ILE E 205 9.44 -34.41 46.86
CA ILE E 205 9.93 -35.26 45.78
C ILE E 205 10.76 -36.43 46.31
N ILE E 206 11.76 -36.14 47.14
CA ILE E 206 12.63 -37.16 47.70
C ILE E 206 11.87 -38.13 48.60
N ALA E 207 10.94 -37.62 49.39
CA ALA E 207 10.17 -38.46 50.29
C ALA E 207 9.36 -39.45 49.51
N ALA E 208 8.58 -38.94 48.56
CA ALA E 208 7.71 -39.78 47.76
C ALA E 208 8.53 -40.73 46.90
N SER E 209 9.80 -40.40 46.68
CA SER E 209 10.71 -41.29 45.98
C SER E 209 10.83 -42.62 46.75
N TRP E 210 10.85 -42.55 48.07
CA TRP E 210 11.02 -43.76 48.88
C TRP E 210 9.79 -44.65 48.90
N SER E 211 8.66 -44.12 48.44
CA SER E 211 7.41 -44.87 48.43
C SER E 211 7.42 -45.94 47.34
N VAL E 212 8.54 -46.04 46.63
CA VAL E 212 8.71 -47.05 45.59
C VAL E 212 8.73 -48.45 46.20
N PHE E 213 9.04 -48.52 47.48
CA PHE E 213 9.14 -49.79 48.19
C PHE E 213 7.80 -50.34 48.64
N TRP E 214 6.78 -49.48 48.69
CA TRP E 214 5.43 -49.95 48.98
C TRP E 214 4.76 -50.59 47.76
N LEU E 215 5.50 -50.64 46.65
CA LEU E 215 5.04 -51.33 45.46
C LEU E 215 5.23 -52.84 45.62
N GLU E 216 4.29 -53.62 45.10
CA GLU E 216 4.30 -55.07 45.29
C GLU E 216 5.31 -55.78 44.39
N SER E 217 5.11 -55.68 43.08
CA SER E 217 5.96 -56.35 42.11
C SER E 217 7.37 -55.75 41.95
N PHE E 218 8.29 -56.58 41.46
CA PHE E 218 9.65 -56.14 41.13
C PHE E 218 9.66 -55.20 39.92
N SER E 219 8.87 -55.55 38.90
CA SER E 219 8.77 -54.71 37.71
C SER E 219 8.17 -53.36 38.06
N GLU E 220 7.20 -53.38 38.96
CA GLU E 220 6.61 -52.13 39.46
C GLU E 220 7.65 -51.32 40.20
N ARG E 221 8.35 -52.00 41.11
CA ARG E 221 9.38 -51.37 41.91
C ARG E 221 10.47 -50.74 41.05
N LEU E 222 10.85 -51.44 39.99
CA LEU E 222 11.97 -51.01 39.15
C LEU E 222 11.61 -49.91 38.14
N GLN E 223 10.58 -50.14 37.34
CA GLN E 223 10.19 -49.19 36.30
C GLN E 223 9.78 -47.84 36.87
N THR E 224 9.11 -47.86 38.02
CA THR E 224 8.64 -46.63 38.65
C THR E 224 9.79 -45.72 39.03
N SER E 225 10.92 -46.33 39.40
CA SER E 225 12.09 -45.56 39.77
C SER E 225 12.71 -44.81 38.58
N PHE E 226 12.38 -45.25 37.37
CA PHE E 226 12.85 -44.55 36.17
C PHE E 226 12.02 -43.28 35.96
N THR E 227 10.73 -43.37 36.28
CA THR E 227 9.85 -42.23 36.30
C THR E 227 10.30 -41.33 37.43
N LEU E 228 10.75 -41.96 38.51
CA LEU E 228 11.21 -41.26 39.68
C LEU E 228 12.51 -40.51 39.38
N MET E 229 13.39 -41.17 38.61
CA MET E 229 14.66 -40.57 38.19
C MET E 229 14.41 -39.38 37.28
N LEU E 230 13.49 -39.58 36.34
CA LEU E 230 13.13 -38.57 35.35
C LEU E 230 12.59 -37.32 36.06
N THR E 231 11.95 -37.52 37.20
CA THR E 231 11.43 -36.41 38.01
C THR E 231 12.51 -35.54 38.63
N VAL E 232 13.55 -36.17 39.17
CA VAL E 232 14.66 -35.42 39.73
C VAL E 232 15.39 -34.63 38.65
N VAL E 233 15.52 -35.22 37.46
CA VAL E 233 16.10 -34.53 36.31
C VAL E 233 15.26 -33.31 35.95
N ALA E 234 13.95 -33.51 35.90
CA ALA E 234 13.02 -32.43 35.64
C ALA E 234 13.13 -31.36 36.71
N TYR E 235 13.30 -31.79 37.97
CA TYR E 235 13.43 -30.86 39.08
C TYR E 235 14.79 -30.18 39.11
N ALA E 236 15.84 -30.91 38.76
CA ALA E 236 17.16 -30.32 38.65
C ALA E 236 17.12 -29.18 37.63
N PHE E 237 16.37 -29.40 36.55
CA PHE E 237 16.21 -28.43 35.48
C PHE E 237 15.46 -27.20 35.96
N TYR E 238 14.28 -27.43 36.52
CA TYR E 238 13.45 -26.38 37.09
C TYR E 238 14.19 -25.53 38.11
N THR E 239 14.96 -26.19 38.97
CA THR E 239 15.81 -25.51 39.94
C THR E 239 16.87 -24.66 39.24
N SER E 240 17.67 -25.31 38.39
CA SER E 240 18.82 -24.67 37.74
C SER E 240 18.50 -23.43 36.91
N ASN E 241 17.37 -23.45 36.22
CA ASN E 241 16.99 -22.31 35.40
C ASN E 241 16.65 -21.04 36.17
N ILE E 242 16.14 -21.20 37.38
CA ILE E 242 15.65 -20.06 38.18
C ILE E 242 16.66 -19.55 39.19
N LEU E 243 17.34 -20.47 39.87
CA LEU E 243 18.34 -20.11 40.86
C LEU E 243 19.51 -19.34 40.24
N PRO E 244 20.20 -18.53 41.05
CA PRO E 244 21.36 -17.74 40.60
C PRO E 244 22.55 -18.62 40.25
N ARG E 245 23.23 -18.31 39.16
CA ARG E 245 24.37 -19.10 38.68
C ARG E 245 25.64 -18.92 39.52
N LEU E 246 26.27 -20.03 39.85
CA LEU E 246 27.50 -20.01 40.63
C LEU E 246 28.49 -21.03 40.06
N PRO E 247 29.78 -20.90 40.40
CA PRO E 247 30.76 -21.90 39.99
C PRO E 247 30.93 -22.97 41.06
N TYR E 248 29.98 -23.06 41.97
CA TYR E 248 30.03 -24.09 43.01
C TYR E 248 28.63 -24.54 43.46
N THR E 249 28.57 -25.67 44.16
CA THR E 249 27.29 -26.24 44.59
C THR E 249 26.77 -25.65 45.91
N THR E 250 25.46 -25.40 45.96
CA THR E 250 24.80 -24.91 47.16
C THR E 250 24.14 -26.03 47.95
N VAL E 251 23.37 -25.65 48.97
CA VAL E 251 22.59 -26.61 49.73
C VAL E 251 21.61 -27.31 48.82
N ILE E 252 20.89 -26.52 48.03
CA ILE E 252 19.93 -27.04 47.08
C ILE E 252 20.58 -27.94 46.03
N ASP E 253 21.74 -27.53 45.54
CA ASP E 253 22.46 -28.28 44.52
C ASP E 253 22.81 -29.66 45.03
N GLN E 254 23.17 -29.71 46.30
CA GLN E 254 23.49 -30.96 46.98
C GLN E 254 22.25 -31.85 47.18
N MET E 255 21.15 -31.22 47.54
CA MET E 255 19.88 -31.90 47.75
C MET E 255 19.48 -32.63 46.49
N ILE E 256 19.70 -32.00 45.35
CA ILE E 256 19.41 -32.61 44.05
C ILE E 256 20.31 -33.84 43.86
N ILE E 257 21.59 -33.69 44.18
CA ILE E 257 22.52 -34.81 44.14
C ILE E 257 22.04 -35.88 45.12
N ALA E 258 21.57 -35.45 46.29
CA ALA E 258 21.04 -36.36 47.29
C ALA E 258 19.85 -37.14 46.72
N GLY E 259 19.08 -36.48 45.87
CA GLY E 259 17.98 -37.12 45.17
C GLY E 259 18.45 -38.17 44.19
N TYR E 260 19.45 -37.80 43.39
CA TYR E 260 20.03 -38.73 42.41
C TYR E 260 20.58 -40.00 43.05
N GLY E 261 21.23 -39.84 44.20
CA GLY E 261 21.81 -40.98 44.88
C GLY E 261 20.75 -41.94 45.39
N SER E 262 19.74 -41.40 46.06
CA SER E 262 18.66 -42.20 46.64
C SER E 262 17.99 -43.09 45.60
N ILE E 263 17.74 -42.53 44.42
CA ILE E 263 17.10 -43.26 43.35
C ILE E 263 18.00 -44.36 42.81
N PHE E 264 19.28 -44.03 42.60
CA PHE E 264 20.25 -45.02 42.13
C PHE E 264 20.51 -46.08 43.19
N ALA E 265 20.48 -45.67 44.45
CA ALA E 265 20.61 -46.60 45.55
C ALA E 265 19.41 -47.53 45.55
N ALA E 266 18.24 -46.97 45.29
CA ALA E 266 16.99 -47.73 45.20
C ALA E 266 17.01 -48.74 44.05
N ILE E 267 17.50 -48.32 42.88
CA ILE E 267 17.64 -49.20 41.73
C ILE E 267 18.48 -50.43 42.09
N LEU E 268 19.60 -50.19 42.74
CA LEU E 268 20.51 -51.25 43.16
C LEU E 268 19.87 -52.22 44.16
N LEU E 269 19.18 -51.68 45.16
CA LEU E 269 18.51 -52.52 46.14
C LEU E 269 17.41 -53.36 45.51
N ILE E 270 16.58 -52.73 44.69
CA ILE E 270 15.44 -53.40 44.06
C ILE E 270 15.85 -54.58 43.17
N ILE E 271 16.87 -54.38 42.33
CA ILE E 271 17.42 -55.47 41.53
C ILE E 271 18.02 -56.56 42.42
N PHE E 272 18.72 -56.12 43.46
CA PHE E 272 19.39 -57.03 44.39
C PHE E 272 18.39 -57.92 45.13
N ALA E 273 17.37 -57.29 45.70
CA ALA E 273 16.29 -57.98 46.39
C ALA E 273 15.78 -59.15 45.57
N HIS E 274 15.53 -58.86 44.30
CA HIS E 274 14.95 -59.80 43.36
C HIS E 274 15.87 -60.97 43.00
N HIS E 275 17.15 -60.67 42.75
CA HIS E 275 18.08 -61.68 42.26
C HIS E 275 18.97 -62.32 43.34
N ARG E 276 19.01 -61.73 44.53
CA ARG E 276 19.64 -62.38 45.68
C ARG E 276 18.60 -63.28 46.33
N GLN E 277 18.58 -64.55 45.92
CA GLN E 277 17.48 -65.43 46.28
C GLN E 277 17.86 -66.89 46.52
N ALA E 278 16.86 -67.68 46.92
CA ALA E 278 17.01 -69.13 47.06
C ALA E 278 15.99 -69.85 46.17
N ASN E 279 15.45 -69.12 45.19
CA ASN E 279 14.48 -69.68 44.25
C ASN E 279 14.42 -68.91 42.93
N GLY E 280 14.24 -67.60 43.04
CA GLY E 280 14.11 -66.73 41.87
C GLY E 280 13.41 -65.44 42.24
N VAL E 281 12.29 -65.57 42.96
CA VAL E 281 11.53 -64.41 43.41
C VAL E 281 11.57 -64.27 44.93
N GLU E 282 12.60 -64.82 45.57
CA GLU E 282 12.76 -64.67 47.01
C GLU E 282 13.22 -63.26 47.31
N ASP E 283 12.25 -62.35 47.36
CA ASP E 283 12.52 -60.95 47.67
C ASP E 283 12.75 -60.86 49.17
N ASP E 284 13.99 -60.55 49.56
CA ASP E 284 14.39 -60.53 50.97
C ASP E 284 13.46 -59.72 51.87
N LEU E 285 12.73 -60.45 52.72
CA LEU E 285 11.66 -59.91 53.57
C LEU E 285 12.02 -58.60 54.29
N LEU E 286 13.30 -58.40 54.57
CA LEU E 286 13.74 -57.14 55.19
C LEU E 286 14.16 -56.10 54.16
N ILE E 287 14.81 -56.54 53.09
CA ILE E 287 15.30 -55.62 52.08
C ILE E 287 14.18 -55.15 51.13
N GLN E 288 13.15 -55.98 50.94
CA GLN E 288 12.00 -55.56 50.16
C GLN E 288 11.26 -54.55 51.03
N ARG E 289 11.39 -54.76 52.34
CA ARG E 289 10.82 -53.92 53.39
C ARG E 289 11.84 -52.97 54.01
N CYS E 290 12.78 -52.52 53.19
CA CYS E 290 13.65 -51.42 53.57
C CYS E 290 12.92 -50.09 53.37
N ARG E 291 11.60 -50.15 53.57
CA ARG E 291 10.71 -49.00 53.49
C ARG E 291 10.96 -48.05 54.65
N LEU E 292 11.68 -48.52 55.65
CA LEU E 292 12.02 -47.70 56.78
C LEU E 292 13.53 -47.66 56.93
N ALA E 293 14.22 -48.60 56.29
CA ALA E 293 15.67 -48.70 56.39
C ALA E 293 16.37 -47.45 55.85
N PHE E 294 16.30 -47.23 54.54
CA PHE E 294 16.97 -46.05 54.00
C PHE E 294 16.18 -44.71 53.89
N PRO E 295 14.85 -44.73 54.15
CA PRO E 295 14.24 -43.41 54.38
C PRO E 295 14.84 -42.71 55.60
N LEU E 296 15.13 -43.45 56.66
CA LEU E 296 15.83 -42.88 57.81
C LEU E 296 17.35 -42.94 57.60
N GLY E 297 17.77 -43.78 56.66
CA GLY E 297 19.19 -43.83 56.28
C GLY E 297 19.58 -42.59 55.51
N PHE E 298 18.58 -41.94 54.92
CA PHE E 298 18.75 -40.67 54.23
C PHE E 298 18.75 -39.54 55.23
N LEU E 299 17.95 -39.70 56.29
CA LEU E 299 17.85 -38.68 57.32
C LEU E 299 19.05 -38.63 58.24
N ALA E 300 19.79 -39.73 58.32
CA ALA E 300 21.03 -39.75 59.09
C ALA E 300 22.15 -39.15 58.27
N ILE E 301 22.22 -39.53 57.01
CA ILE E 301 23.19 -38.96 56.07
C ILE E 301 22.84 -37.51 55.73
N GLY E 302 21.55 -37.20 55.72
CA GLY E 302 21.09 -35.84 55.48
C GLY E 302 21.45 -34.89 56.60
N CYS E 303 21.32 -35.35 57.84
CA CYS E 303 21.65 -34.54 59.01
C CYS E 303 23.16 -34.49 59.27
N VAL E 304 23.88 -35.48 58.75
CA VAL E 304 25.33 -35.50 58.86
C VAL E 304 25.98 -34.49 57.90
N LEU E 305 25.34 -34.21 56.78
CA LEU E 305 25.81 -33.15 55.87
C LEU E 305 25.70 -31.79 56.53
N VAL E 306 24.82 -31.69 57.52
CA VAL E 306 24.66 -30.46 58.29
C VAL E 306 25.77 -30.31 59.33
N ILE E 307 26.32 -31.44 59.80
CA ILE E 307 27.38 -31.42 60.80
C ILE E 307 28.64 -32.11 60.27
N PRO F 1 -64.88 0.54 -11.46
CA PRO F 1 -63.82 0.35 -12.46
C PRO F 1 -63.73 1.51 -13.45
N VAL F 2 -62.82 2.45 -13.20
CA VAL F 2 -62.72 3.68 -13.98
C VAL F 2 -62.31 3.43 -15.43
N ASP F 3 -63.15 3.84 -16.37
CA ASP F 3 -62.86 3.71 -17.80
C ASP F 3 -61.97 4.85 -18.28
N VAL F 4 -60.77 4.51 -18.72
CA VAL F 4 -59.84 5.52 -19.24
C VAL F 4 -59.66 5.41 -20.76
N SER F 5 -59.92 6.52 -21.45
CA SER F 5 -59.73 6.61 -22.89
C SER F 5 -58.40 7.27 -23.23
N VAL F 6 -57.65 6.60 -24.11
CA VAL F 6 -56.31 7.05 -24.48
C VAL F 6 -56.21 7.46 -25.94
N SER F 7 -55.43 8.50 -26.22
CA SER F 7 -55.10 8.88 -27.59
C SER F 7 -53.63 9.23 -27.67
N ILE F 8 -52.89 8.50 -28.51
CA ILE F 8 -51.47 8.75 -28.72
C ILE F 8 -51.18 9.42 -30.06
N PHE F 9 -50.44 10.52 -30.02
CA PHE F 9 -50.03 11.21 -31.23
C PHE F 9 -48.53 11.02 -31.44
N ILE F 10 -48.16 10.35 -32.52
CA ILE F 10 -46.75 10.08 -32.80
C ILE F 10 -46.18 11.13 -33.73
N ASN F 11 -45.17 11.88 -33.28
CA ASN F 11 -44.59 12.90 -34.15
C ASN F 11 -43.40 12.40 -34.95
N LYS F 12 -42.50 11.70 -34.27
CA LYS F 12 -41.24 11.31 -34.86
C LYS F 12 -40.76 10.02 -34.22
N ILE F 13 -40.39 9.05 -35.04
CA ILE F 13 -39.68 7.90 -34.52
C ILE F 13 -38.30 7.97 -35.16
N TYR F 14 -37.28 8.12 -34.34
CA TYR F 14 -35.92 8.27 -34.85
C TYR F 14 -34.89 7.64 -33.93
N GLY F 15 -33.63 7.74 -34.33
CA GLY F 15 -32.51 7.29 -33.51
C GLY F 15 -32.61 5.86 -33.01
N VAL F 16 -32.70 4.91 -33.94
CA VAL F 16 -32.67 3.50 -33.58
C VAL F 16 -31.28 3.07 -33.12
N ASN F 17 -31.17 2.55 -31.91
CA ASN F 17 -29.92 1.97 -31.42
C ASN F 17 -29.96 0.47 -31.67
N THR F 18 -29.24 0.01 -32.68
CA THR F 18 -29.28 -1.40 -33.05
C THR F 18 -28.77 -2.28 -31.92
N LEU F 19 -27.68 -1.86 -31.30
CA LEU F 19 -27.08 -2.68 -30.26
C LEU F 19 -27.99 -2.84 -29.05
N GLU F 20 -28.58 -1.75 -28.61
CA GLU F 20 -29.42 -1.75 -27.41
C GLU F 20 -30.85 -2.17 -27.73
N GLN F 21 -31.14 -2.31 -29.02
CA GLN F 21 -32.50 -2.60 -29.48
C GLN F 21 -33.46 -1.51 -28.97
N THR F 22 -33.21 -0.30 -29.44
CA THR F 22 -33.80 0.92 -28.90
C THR F 22 -34.19 1.85 -30.04
N TYR F 23 -35.25 2.63 -29.83
CA TYR F 23 -35.64 3.67 -30.76
C TYR F 23 -36.31 4.78 -29.97
N LYS F 24 -36.13 6.02 -30.42
CA LYS F 24 -36.71 7.17 -29.74
C LYS F 24 -38.03 7.59 -30.36
N VAL F 25 -39.01 7.90 -29.52
CA VAL F 25 -40.32 8.33 -30.02
C VAL F 25 -40.77 9.64 -29.34
N ASP F 26 -41.10 10.65 -30.15
CA ASP F 26 -41.63 11.91 -29.63
C ASP F 26 -43.11 12.02 -29.96
N GLY F 27 -43.90 12.46 -28.98
CA GLY F 27 -45.33 12.61 -29.17
C GLY F 27 -46.10 13.09 -27.95
N TYR F 28 -47.43 12.92 -28.00
CA TYR F 28 -48.30 13.41 -26.94
C TYR F 28 -49.16 12.27 -26.41
N ILE F 29 -49.46 12.26 -25.10
CA ILE F 29 -50.44 11.33 -24.54
C ILE F 29 -51.67 12.12 -24.12
N VAL F 30 -52.84 11.61 -24.43
CA VAL F 30 -54.07 12.18 -23.90
C VAL F 30 -54.86 11.11 -23.16
N ALA F 31 -55.14 11.34 -21.87
CA ALA F 31 -55.90 10.38 -21.07
C ALA F 31 -57.16 11.04 -20.57
N GLN F 32 -58.29 10.35 -20.73
CA GLN F 32 -59.57 10.92 -20.32
C GLN F 32 -60.38 9.93 -19.48
N TRP F 33 -60.95 10.44 -18.39
CA TRP F 33 -61.88 9.68 -17.54
C TRP F 33 -62.88 10.64 -16.92
N THR F 34 -63.96 10.12 -16.37
CA THR F 34 -64.99 10.96 -15.76
C THR F 34 -65.01 10.85 -14.24
N GLY F 35 -64.81 11.99 -13.57
CA GLY F 35 -64.82 12.05 -12.11
C GLY F 35 -66.08 12.65 -11.54
N LYS F 36 -66.02 13.05 -10.28
CA LYS F 36 -67.17 13.70 -9.64
C LYS F 36 -67.28 15.11 -10.21
N PRO F 37 -68.49 15.52 -10.60
CA PRO F 37 -68.75 16.86 -11.16
C PRO F 37 -68.13 17.98 -10.32
N ARG F 38 -67.54 18.97 -10.98
CA ARG F 38 -66.82 20.05 -10.30
C ARG F 38 -67.48 21.40 -10.53
N LYS F 39 -67.06 22.39 -9.75
CA LYS F 39 -67.48 23.77 -9.93
C LYS F 39 -66.35 24.58 -10.53
N THR F 40 -66.42 24.84 -11.83
CA THR F 40 -65.37 25.58 -12.50
C THR F 40 -65.70 27.07 -12.55
N PRO F 41 -64.66 27.93 -12.46
CA PRO F 41 -64.83 29.38 -12.59
C PRO F 41 -65.59 29.73 -13.86
N GLY F 42 -66.67 30.51 -13.74
CA GLY F 42 -67.57 30.75 -14.85
C GLY F 42 -68.41 29.50 -15.01
N ASP F 43 -68.06 28.67 -15.97
CA ASP F 43 -68.64 27.33 -16.12
C ASP F 43 -67.97 26.54 -17.24
N LYS F 44 -67.21 27.20 -18.08
CA LYS F 44 -66.43 26.48 -19.09
C LYS F 44 -65.29 25.71 -18.44
N PRO F 45 -64.85 24.61 -19.08
CA PRO F 45 -63.81 23.75 -18.51
C PRO F 45 -62.59 24.54 -18.05
N LEU F 46 -62.01 24.10 -16.94
CA LEU F 46 -60.87 24.77 -16.34
C LEU F 46 -59.56 24.17 -16.83
N ILE F 47 -58.63 25.03 -17.24
CA ILE F 47 -57.30 24.59 -17.66
C ILE F 47 -56.27 24.78 -16.55
N VAL F 48 -55.53 23.72 -16.27
CA VAL F 48 -54.46 23.72 -15.27
C VAL F 48 -53.19 23.28 -15.97
N GLU F 49 -52.23 24.19 -16.11
CA GLU F 49 -50.98 23.85 -16.78
C GLU F 49 -49.85 23.46 -15.83
N ASN F 50 -48.80 22.87 -16.41
CA ASN F 50 -47.65 22.25 -15.72
C ASN F 50 -47.61 22.30 -14.19
N THR F 51 -46.92 23.30 -13.67
CA THR F 51 -46.70 23.47 -12.24
C THR F 51 -47.95 23.24 -11.42
N GLN F 52 -49.04 23.87 -11.85
CA GLN F 52 -50.29 23.86 -11.11
C GLN F 52 -50.97 22.50 -10.97
N ILE F 53 -50.59 21.54 -11.82
CA ILE F 53 -51.21 20.22 -11.76
C ILE F 53 -50.90 19.50 -10.47
N GLU F 54 -49.64 19.58 -10.06
CA GLU F 54 -49.24 18.99 -8.79
C GLU F 54 -50.02 19.59 -7.62
N ARG F 55 -50.21 20.91 -7.66
CA ARG F 55 -50.97 21.61 -6.64
C ARG F 55 -52.37 21.07 -6.48
N TRP F 56 -52.98 20.71 -7.59
CA TRP F 56 -54.32 20.15 -7.56
C TRP F 56 -54.31 18.75 -6.97
N ILE F 57 -53.25 18.00 -7.25
CA ILE F 57 -53.11 16.65 -6.74
C ILE F 57 -52.95 16.64 -5.22
N ASN F 58 -52.16 17.59 -4.73
CA ASN F 58 -51.98 17.79 -3.29
C ASN F 58 -53.32 18.04 -2.61
N ASN F 59 -54.27 18.63 -3.33
CA ASN F 59 -55.60 18.83 -2.79
C ASN F 59 -56.52 17.64 -3.01
N GLY F 60 -55.95 16.53 -3.49
CA GLY F 60 -56.71 15.29 -3.58
C GLY F 60 -57.22 14.91 -4.97
N LEU F 61 -56.72 15.57 -6.01
CA LEU F 61 -57.14 15.23 -7.36
C LEU F 61 -56.57 13.87 -7.75
N TRP F 62 -57.43 12.97 -8.20
CA TRP F 62 -56.96 11.67 -8.67
C TRP F 62 -56.50 11.75 -10.10
N VAL F 63 -55.18 11.76 -10.28
CA VAL F 63 -54.59 11.70 -11.60
C VAL F 63 -53.64 10.50 -11.60
N PRO F 64 -54.10 9.39 -12.15
CA PRO F 64 -53.38 8.12 -12.12
C PRO F 64 -52.14 8.12 -13.02
N ALA F 65 -51.05 7.56 -12.52
CA ALA F 65 -49.82 7.45 -13.29
C ALA F 65 -49.88 6.31 -14.30
N LEU F 66 -49.76 6.65 -15.58
CA LEU F 66 -49.73 5.67 -16.64
C LEU F 66 -48.30 5.38 -17.11
N GLU F 67 -47.83 4.16 -16.90
CA GLU F 67 -46.44 3.82 -17.22
C GLU F 67 -46.21 3.31 -18.63
N PHE F 68 -45.12 3.77 -19.25
CA PHE F 68 -44.65 3.21 -20.49
C PHE F 68 -43.85 1.97 -20.18
N ILE F 69 -44.49 0.81 -20.35
CA ILE F 69 -43.90 -0.49 -19.99
C ILE F 69 -42.53 -0.75 -20.57
N ASN F 70 -42.39 -0.49 -21.87
CA ASN F 70 -41.19 -0.80 -22.61
C ASN F 70 -40.26 0.38 -22.84
N VAL F 71 -40.38 1.38 -21.97
CA VAL F 71 -39.49 2.54 -21.99
C VAL F 71 -38.16 2.27 -21.31
N VAL F 72 -37.08 2.75 -21.92
CA VAL F 72 -35.77 2.65 -21.32
C VAL F 72 -35.46 3.93 -20.58
N GLY F 73 -35.30 3.84 -19.26
CA GLY F 73 -35.12 5.03 -18.47
C GLY F 73 -36.47 5.63 -18.18
N SER F 74 -36.49 6.95 -18.02
CA SER F 74 -37.73 7.67 -17.82
C SER F 74 -37.79 8.83 -18.80
N PRO F 75 -38.92 8.98 -19.49
CA PRO F 75 -39.10 9.91 -20.61
C PRO F 75 -38.91 11.37 -20.22
N ASP F 76 -38.44 12.17 -21.16
CA ASP F 76 -38.37 13.60 -20.94
C ASP F 76 -39.77 14.13 -21.17
N THR F 77 -40.40 14.55 -20.09
CA THR F 77 -41.75 15.08 -20.18
C THR F 77 -41.75 16.57 -20.43
N GLY F 78 -42.42 16.96 -21.52
CA GLY F 78 -42.55 18.35 -21.89
C GLY F 78 -43.69 19.02 -21.15
N ASN F 79 -44.61 19.65 -21.90
CA ASN F 79 -45.73 20.34 -21.26
C ASN F 79 -46.86 19.40 -20.78
N LYS F 80 -47.35 19.67 -19.57
CA LYS F 80 -48.45 18.90 -18.99
C LYS F 80 -49.67 19.81 -18.90
N ARG F 81 -50.87 19.23 -19.05
CA ARG F 81 -52.08 20.01 -19.04
C ARG F 81 -53.25 19.21 -18.48
N LEU F 82 -53.99 19.83 -17.57
CA LEU F 82 -55.21 19.21 -17.08
C LEU F 82 -56.36 20.07 -17.55
N MET F 83 -57.32 19.44 -18.22
CA MET F 83 -58.54 20.11 -18.61
C MET F 83 -59.67 19.58 -17.73
N LEU F 84 -60.18 20.41 -16.83
CA LEU F 84 -61.21 19.98 -15.90
C LEU F 84 -62.58 20.46 -16.34
N PHE F 85 -63.46 19.52 -16.67
CA PHE F 85 -64.81 19.88 -17.08
C PHE F 85 -65.74 19.84 -15.87
N PRO F 86 -66.77 20.69 -15.87
CA PRO F 86 -67.70 20.78 -14.75
C PRO F 86 -68.58 19.54 -14.64
N ASP F 87 -68.83 18.86 -15.75
CA ASP F 87 -69.65 17.65 -15.74
C ASP F 87 -68.93 16.47 -15.11
N GLY F 88 -67.66 16.67 -14.76
CA GLY F 88 -66.88 15.67 -14.06
C GLY F 88 -65.60 15.25 -14.77
N ARG F 89 -65.71 15.04 -16.08
CA ARG F 89 -64.61 14.48 -16.86
C ARG F 89 -63.28 15.23 -16.78
N VAL F 90 -62.20 14.46 -16.90
CA VAL F 90 -60.84 14.97 -16.80
C VAL F 90 -60.02 14.52 -18.01
N ILE F 91 -59.27 15.47 -18.58
CA ILE F 91 -58.39 15.17 -19.70
C ILE F 91 -56.95 15.52 -19.36
N TYR F 92 -56.09 14.51 -19.32
CA TYR F 92 -54.69 14.72 -19.04
C TYR F 92 -53.96 14.73 -20.36
N ASN F 93 -53.30 15.84 -20.68
CA ASN F 93 -52.56 15.94 -21.93
C ASN F 93 -51.12 16.37 -21.68
N ALA F 94 -50.19 15.56 -22.17
CA ALA F 94 -48.78 15.83 -21.96
C ALA F 94 -47.96 15.36 -23.14
N ARG F 95 -46.95 16.14 -23.49
CA ARG F 95 -46.01 15.76 -24.53
C ARG F 95 -44.84 14.98 -23.95
N PHE F 96 -44.35 14.00 -24.71
CA PHE F 96 -43.24 13.18 -24.26
C PHE F 96 -42.26 12.89 -25.37
N LEU F 97 -41.02 12.67 -24.97
CA LEU F 97 -40.00 12.11 -25.85
C LEU F 97 -39.39 10.99 -25.05
N GLY F 98 -39.47 9.78 -25.59
CA GLY F 98 -39.02 8.63 -24.82
C GLY F 98 -38.16 7.69 -25.61
N SER F 99 -37.32 6.94 -24.89
CA SER F 99 -36.52 5.89 -25.50
C SER F 99 -37.19 4.55 -25.22
N PHE F 100 -37.60 3.86 -26.28
CA PHE F 100 -38.39 2.64 -26.13
C PHE F 100 -37.64 1.37 -26.52
N SER F 101 -38.04 0.27 -25.89
CA SER F 101 -37.40 -1.02 -26.15
C SER F 101 -38.35 -1.94 -26.90
N ASN F 102 -37.79 -2.77 -27.76
CA ASN F 102 -38.52 -3.82 -28.46
C ASN F 102 -37.55 -4.83 -29.06
N ASP F 103 -37.99 -6.07 -29.17
CA ASP F 103 -37.20 -7.10 -29.83
C ASP F 103 -36.98 -6.73 -31.29
N MET F 104 -35.72 -6.59 -31.69
CA MET F 104 -35.38 -6.23 -33.07
C MET F 104 -34.38 -7.18 -33.71
N ASP F 105 -34.80 -7.80 -34.82
CA ASP F 105 -33.96 -8.72 -35.58
C ASP F 105 -33.36 -8.00 -36.79
N PHE F 106 -32.03 -7.91 -36.85
CA PHE F 106 -31.37 -7.21 -37.95
C PHE F 106 -30.59 -8.10 -38.92
N ARG F 107 -30.85 -9.40 -38.89
CA ARG F 107 -30.09 -10.37 -39.70
C ARG F 107 -30.06 -10.03 -41.19
N LEU F 108 -31.22 -9.72 -41.76
CA LEU F 108 -31.33 -9.50 -43.20
C LEU F 108 -31.15 -8.03 -43.56
N PHE F 109 -30.20 -7.40 -42.88
CA PHE F 109 -29.81 -6.03 -43.15
C PHE F 109 -29.20 -6.00 -44.55
N PRO F 110 -29.41 -4.91 -45.30
CA PRO F 110 -30.13 -3.68 -44.97
C PRO F 110 -31.58 -3.74 -45.42
N PHE F 111 -32.13 -4.94 -45.52
CA PHE F 111 -33.52 -5.11 -45.93
C PHE F 111 -34.35 -5.59 -44.75
N ASP F 112 -34.09 -5.03 -43.57
CA ASP F 112 -34.77 -5.46 -42.36
C ASP F 112 -36.20 -4.94 -42.33
N ARG F 113 -37.07 -5.71 -41.69
CA ARG F 113 -38.44 -5.29 -41.44
C ARG F 113 -38.55 -5.14 -39.95
N GLN F 114 -38.91 -3.94 -39.51
CA GLN F 114 -39.00 -3.68 -38.09
C GLN F 114 -40.39 -3.20 -37.66
N GLN F 115 -40.67 -3.34 -36.36
CA GLN F 115 -41.90 -2.77 -35.80
C GLN F 115 -41.68 -2.00 -34.51
N PHE F 116 -42.10 -0.75 -34.50
CA PHE F 116 -41.94 0.12 -33.35
C PHE F 116 -43.13 -0.07 -32.42
N VAL F 117 -42.85 -0.37 -31.16
CA VAL F 117 -43.89 -0.74 -30.20
C VAL F 117 -43.95 0.20 -28.99
N LEU F 118 -45.17 0.52 -28.57
CA LEU F 118 -45.42 1.25 -27.34
C LEU F 118 -46.34 0.41 -26.48
N GLU F 119 -46.01 0.29 -25.19
CA GLU F 119 -46.86 -0.45 -24.25
C GLU F 119 -47.26 0.41 -23.06
N LEU F 120 -48.55 0.71 -22.94
CA LEU F 120 -49.05 1.56 -21.85
C LEU F 120 -49.85 0.72 -20.85
N GLU F 121 -49.63 1.00 -19.57
CA GLU F 121 -50.28 0.27 -18.48
C GLU F 121 -50.26 1.08 -17.19
N PRO F 122 -51.38 1.08 -16.45
CA PRO F 122 -51.43 1.80 -15.18
C PRO F 122 -50.42 1.22 -14.18
N PHE F 123 -49.72 2.11 -13.48
CA PHE F 123 -48.66 1.70 -12.56
C PHE F 123 -49.17 1.05 -11.27
N SER F 124 -50.30 1.53 -10.76
CA SER F 124 -50.78 1.09 -9.45
C SER F 124 -52.21 0.53 -9.43
N TYR F 125 -52.97 0.80 -10.48
CA TYR F 125 -54.36 0.40 -10.54
C TYR F 125 -54.64 -0.79 -11.44
N ASN F 126 -55.11 -1.89 -10.84
CA ASN F 126 -55.40 -3.10 -11.60
C ASN F 126 -56.64 -2.97 -12.49
N ASN F 127 -56.86 -3.97 -13.34
CA ASN F 127 -57.99 -4.00 -14.27
C ASN F 127 -59.35 -3.66 -13.67
N GLN F 128 -59.53 -3.95 -12.40
CA GLN F 128 -60.80 -3.69 -11.77
C GLN F 128 -60.88 -2.27 -11.23
N GLN F 129 -59.73 -1.63 -11.05
CA GLN F 129 -59.70 -0.23 -10.64
C GLN F 129 -59.68 0.74 -11.81
N LEU F 130 -58.76 0.53 -12.75
CA LEU F 130 -58.60 1.42 -13.89
C LEU F 130 -58.58 0.61 -15.18
N ARG F 131 -59.47 0.96 -16.11
CA ARG F 131 -59.68 0.16 -17.29
C ARG F 131 -59.52 1.03 -18.53
N PHE F 132 -58.78 0.53 -19.51
CA PHE F 132 -58.61 1.26 -20.76
C PHE F 132 -59.81 1.01 -21.67
N SER F 133 -60.66 2.02 -21.81
CA SER F 133 -61.89 1.89 -22.60
C SER F 133 -61.62 1.69 -24.08
N ASP F 134 -60.80 2.57 -24.66
CA ASP F 134 -60.46 2.49 -26.07
C ASP F 134 -59.21 3.32 -26.34
N ILE F 135 -58.56 3.06 -27.47
CA ILE F 135 -57.43 3.88 -27.87
C ILE F 135 -57.26 4.04 -29.37
N GLN F 136 -57.03 5.27 -29.79
CA GLN F 136 -56.65 5.56 -31.16
C GLN F 136 -55.28 6.22 -31.22
N VAL F 137 -54.48 5.80 -32.20
CA VAL F 137 -53.14 6.33 -32.39
C VAL F 137 -53.09 7.09 -33.71
N TYR F 138 -52.56 8.30 -33.67
CA TYR F 138 -52.47 9.12 -34.86
C TYR F 138 -51.04 9.27 -35.32
N THR F 139 -50.69 8.55 -36.39
CA THR F 139 -49.35 8.65 -36.96
C THR F 139 -49.35 9.72 -38.03
N GLU F 140 -49.18 10.96 -37.57
CA GLU F 140 -49.23 12.14 -38.42
C GLU F 140 -48.06 12.25 -39.39
N ASN F 141 -47.61 11.11 -39.89
CA ASN F 141 -46.54 11.06 -40.87
C ASN F 141 -47.09 10.93 -42.31
N ILE F 142 -46.23 11.20 -43.28
CA ILE F 142 -46.56 11.12 -44.72
C ILE F 142 -45.39 11.66 -45.56
N ASP F 143 -45.42 11.34 -46.86
CA ASP F 143 -44.51 11.89 -47.88
C ASP F 143 -43.01 11.75 -47.63
N ASN F 144 -42.24 12.12 -48.66
CA ASN F 144 -40.77 12.15 -48.61
C ASN F 144 -40.12 10.90 -48.01
N GLU F 145 -40.42 9.73 -48.55
CA GLU F 145 -39.84 8.51 -48.02
C GLU F 145 -38.35 8.41 -48.36
N GLU F 146 -37.98 8.98 -49.51
CA GLU F 146 -36.60 8.91 -49.98
C GLU F 146 -35.66 9.87 -49.24
N ILE F 147 -36.21 10.64 -48.32
CA ILE F 147 -35.45 11.57 -47.50
C ILE F 147 -35.22 10.98 -46.10
N ASP F 148 -36.16 10.13 -45.68
CA ASP F 148 -36.12 9.54 -44.34
C ASP F 148 -35.43 8.18 -44.32
N GLU F 149 -34.86 7.84 -43.16
CA GLU F 149 -34.14 6.59 -42.95
C GLU F 149 -35.07 5.38 -42.97
N TRP F 150 -36.26 5.57 -42.41
CA TRP F 150 -37.26 4.51 -42.32
C TRP F 150 -38.54 4.89 -43.06
N TRP F 151 -39.15 3.89 -43.69
CA TRP F 151 -40.42 4.10 -44.37
C TRP F 151 -41.53 3.42 -43.58
N ILE F 152 -42.38 4.21 -42.93
CA ILE F 152 -43.48 3.64 -42.17
C ILE F 152 -44.43 3.01 -43.17
N ARG F 153 -44.83 1.77 -42.93
CA ARG F 153 -45.64 1.07 -43.93
C ARG F 153 -47.14 1.12 -43.64
N GLY F 154 -47.57 0.38 -42.63
CA GLY F 154 -48.98 0.33 -42.31
C GLY F 154 -49.44 1.56 -41.56
N LYS F 155 -50.63 1.47 -41.00
CA LYS F 155 -51.14 2.50 -40.14
C LYS F 155 -50.88 1.94 -38.76
N ALA F 156 -51.01 2.75 -37.73
CA ALA F 156 -50.78 2.27 -36.37
C ALA F 156 -51.68 1.09 -36.01
N SER F 157 -51.07 -0.01 -35.55
CA SER F 157 -51.83 -1.17 -35.12
C SER F 157 -52.09 -1.05 -33.60
N THR F 158 -53.30 -1.41 -33.17
CA THR F 158 -53.66 -1.21 -31.76
C THR F 158 -54.28 -2.42 -31.08
N HIS F 159 -53.96 -2.60 -29.80
CA HIS F 159 -54.51 -3.70 -29.00
C HIS F 159 -54.58 -3.42 -27.49
N ILE F 160 -55.79 -3.36 -26.97
CA ILE F 160 -55.99 -3.34 -25.52
C ILE F 160 -56.19 -4.76 -25.00
N SER F 161 -55.38 -5.14 -24.01
CA SER F 161 -55.41 -6.51 -23.49
C SER F 161 -55.26 -6.48 -21.97
N ASP F 162 -55.36 -7.65 -21.35
CA ASP F 162 -55.21 -7.75 -19.91
C ASP F 162 -53.99 -8.59 -19.56
N ILE F 163 -53.05 -8.00 -18.84
CA ILE F 163 -51.81 -8.67 -18.49
C ILE F 163 -51.87 -9.23 -17.06
N ARG F 164 -51.66 -10.54 -16.95
CA ARG F 164 -51.66 -11.19 -15.66
C ARG F 164 -50.25 -11.37 -15.09
N TYR F 165 -50.06 -10.88 -13.87
CA TYR F 165 -48.80 -11.05 -13.15
C TYR F 165 -48.96 -12.14 -12.09
N ASP F 166 -47.99 -13.03 -11.98
CA ASP F 166 -48.09 -14.19 -11.10
C ASP F 166 -47.61 -13.93 -9.66
N HIS F 167 -46.70 -12.97 -9.48
CA HIS F 167 -46.13 -12.66 -8.17
C HIS F 167 -46.34 -11.18 -7.81
N LEU F 168 -47.35 -10.87 -7.02
CA LEU F 168 -47.60 -9.49 -6.62
C LEU F 168 -47.81 -9.30 -5.12
N SER F 169 -48.67 -8.34 -4.77
CA SER F 169 -48.92 -7.96 -3.38
C SER F 169 -49.58 -9.07 -2.57
N SER F 170 -49.80 -8.82 -1.29
CA SER F 170 -50.52 -9.75 -0.42
C SER F 170 -52.03 -9.71 -0.69
N VAL F 171 -52.40 -9.62 -1.98
CA VAL F 171 -53.79 -9.59 -2.39
C VAL F 171 -54.17 -10.86 -3.14
N GLN F 172 -55.25 -11.50 -2.71
CA GLN F 172 -55.65 -12.81 -3.26
C GLN F 172 -56.98 -12.95 -4.05
N PRO F 173 -57.98 -12.06 -3.83
CA PRO F 173 -59.22 -12.23 -4.61
C PRO F 173 -59.03 -12.29 -6.14
N ASN F 174 -58.75 -11.16 -6.79
CA ASN F 174 -58.57 -11.17 -8.24
C ASN F 174 -57.84 -9.94 -8.80
N GLN F 175 -57.14 -9.21 -7.93
CA GLN F 175 -56.40 -8.01 -8.35
C GLN F 175 -55.01 -8.31 -8.92
N ASN F 176 -54.96 -8.74 -10.18
CA ASN F 176 -53.68 -9.06 -10.82
C ASN F 176 -53.64 -8.98 -12.35
N GLU F 177 -54.74 -8.56 -12.97
CA GLU F 177 -54.82 -8.52 -14.44
C GLU F 177 -54.89 -7.13 -15.05
N PHE F 178 -53.94 -6.26 -14.73
CA PHE F 178 -53.87 -4.90 -15.30
C PHE F 178 -54.14 -4.83 -16.81
N SER F 179 -54.91 -3.83 -17.22
CA SER F 179 -55.21 -3.65 -18.64
C SER F 179 -54.11 -2.87 -19.34
N ARG F 180 -53.62 -3.41 -20.46
CA ARG F 180 -52.47 -2.86 -21.16
C ARG F 180 -52.76 -2.50 -22.62
N ILE F 181 -52.34 -1.31 -23.01
CA ILE F 181 -52.40 -0.85 -24.38
C ILE F 181 -51.10 -1.17 -25.14
N THR F 182 -51.23 -1.75 -26.33
CA THR F 182 -50.07 -2.07 -27.16
C THR F 182 -50.21 -1.47 -28.56
N VAL F 183 -49.37 -0.50 -28.87
CA VAL F 183 -49.37 0.15 -30.17
C VAL F 183 -48.24 -0.39 -31.03
N ARG F 184 -48.55 -0.70 -32.29
CA ARG F 184 -47.53 -1.20 -33.19
C ARG F 184 -47.46 -0.39 -34.48
N ILE F 185 -46.26 0.06 -34.82
CA ILE F 185 -46.03 0.79 -36.05
C ILE F 185 -44.99 0.05 -36.88
N ASP F 186 -45.39 -0.46 -38.05
CA ASP F 186 -44.46 -1.17 -38.92
C ASP F 186 -43.67 -0.26 -39.82
N ALA F 187 -42.40 -0.61 -40.00
CA ALA F 187 -41.49 0.20 -40.80
C ALA F 187 -40.49 -0.66 -41.55
N VAL F 188 -40.01 -0.13 -42.67
CA VAL F 188 -38.99 -0.78 -43.47
C VAL F 188 -37.80 0.17 -43.67
N ARG F 189 -36.60 -0.38 -43.64
CA ARG F 189 -35.39 0.42 -43.83
C ARG F 189 -35.22 0.89 -45.28
N ASN F 190 -34.80 2.13 -45.45
CA ASN F 190 -34.47 2.68 -46.75
C ASN F 190 -33.11 2.13 -47.18
N PRO F 191 -33.12 1.15 -48.09
CA PRO F 191 -31.93 0.37 -48.45
C PRO F 191 -31.07 1.02 -49.53
N SER F 192 -31.50 2.17 -50.04
CA SER F 192 -30.85 2.83 -51.17
C SER F 192 -29.35 3.05 -50.97
N TYR F 193 -28.98 3.60 -49.81
CA TYR F 193 -27.57 3.90 -49.54
C TYR F 193 -26.70 2.64 -49.50
N TYR F 194 -27.19 1.61 -48.82
CA TYR F 194 -26.41 0.39 -48.66
C TYR F 194 -26.30 -0.40 -49.97
N LEU F 195 -27.29 -0.28 -50.83
CA LEU F 195 -27.20 -0.96 -52.12
C LEU F 195 -26.12 -0.32 -52.97
N TRP F 196 -26.24 0.98 -53.18
CA TRP F 196 -25.33 1.67 -54.09
C TRP F 196 -23.90 1.86 -53.55
N SER F 197 -23.78 2.13 -52.26
CA SER F 197 -22.47 2.43 -51.68
C SER F 197 -21.78 1.25 -50.98
N PHE F 198 -22.50 0.15 -50.79
CA PHE F 198 -21.89 -1.04 -50.19
C PHE F 198 -22.01 -2.32 -51.02
N ILE F 199 -23.23 -2.73 -51.34
CA ILE F 199 -23.45 -3.97 -52.07
C ILE F 199 -22.76 -3.90 -53.45
N LEU F 200 -23.03 -2.82 -54.18
CA LEU F 200 -22.50 -2.62 -55.53
C LEU F 200 -20.97 -2.70 -55.60
N PRO F 201 -20.27 -1.82 -54.85
CA PRO F 201 -18.81 -1.90 -54.99
C PRO F 201 -18.24 -3.21 -54.44
N LEU F 202 -18.87 -3.77 -53.41
CA LEU F 202 -18.47 -5.08 -52.89
C LEU F 202 -18.60 -6.10 -54.00
N GLY F 203 -19.67 -5.97 -54.77
CA GLY F 203 -19.87 -6.86 -55.90
C GLY F 203 -18.74 -6.74 -56.91
N LEU F 204 -18.38 -5.50 -57.24
CA LEU F 204 -17.28 -5.26 -58.18
C LEU F 204 -15.95 -5.78 -57.65
N ILE F 205 -15.74 -5.61 -56.34
CA ILE F 205 -14.54 -6.13 -55.69
C ILE F 205 -14.49 -7.66 -55.85
N ILE F 206 -15.58 -8.34 -55.47
CA ILE F 206 -15.65 -9.79 -55.61
C ILE F 206 -15.55 -10.23 -57.06
N ALA F 207 -16.19 -9.46 -57.95
CA ALA F 207 -16.16 -9.76 -59.38
C ALA F 207 -14.74 -9.67 -59.90
N ALA F 208 -14.08 -8.55 -59.61
CA ALA F 208 -12.72 -8.32 -60.05
C ALA F 208 -11.73 -9.29 -59.41
N SER F 209 -12.13 -9.90 -58.29
CA SER F 209 -11.34 -10.96 -57.69
C SER F 209 -11.16 -12.13 -58.65
N TRP F 210 -12.20 -12.45 -59.42
CA TRP F 210 -12.15 -13.60 -60.31
C TRP F 210 -11.23 -13.36 -61.49
N SER F 211 -10.87 -12.09 -61.71
CA SER F 211 -10.05 -11.74 -62.86
C SER F 211 -8.58 -12.16 -62.70
N VAL F 212 -8.25 -12.77 -61.55
CA VAL F 212 -6.89 -13.23 -61.30
C VAL F 212 -6.50 -14.40 -62.21
N PHE F 213 -7.49 -15.09 -62.74
CA PHE F 213 -7.22 -16.26 -63.57
C PHE F 213 -6.81 -15.86 -64.99
N TRP F 214 -7.11 -14.62 -65.36
CA TRP F 214 -6.71 -14.10 -66.66
C TRP F 214 -5.24 -13.65 -66.72
N LEU F 215 -4.53 -13.81 -65.61
CA LEU F 215 -3.11 -13.54 -65.55
C LEU F 215 -2.30 -14.68 -66.15
N GLU F 216 -1.21 -14.35 -66.83
CA GLU F 216 -0.40 -15.35 -67.51
C GLU F 216 0.47 -16.15 -66.55
N SER F 217 1.43 -15.47 -65.92
CA SER F 217 2.39 -16.12 -65.05
C SER F 217 1.79 -16.56 -63.71
N PHE F 218 2.39 -17.59 -63.12
CA PHE F 218 2.02 -18.04 -61.78
C PHE F 218 2.44 -17.05 -60.71
N SER F 219 3.63 -16.48 -60.87
CA SER F 219 4.14 -15.48 -59.93
C SER F 219 3.22 -14.28 -59.91
N GLU F 220 2.72 -13.90 -61.08
CA GLU F 220 1.75 -12.84 -61.21
C GLU F 220 0.43 -13.24 -60.56
N ARG F 221 -0.04 -14.44 -60.87
CA ARG F 221 -1.31 -14.97 -60.37
C ARG F 221 -1.39 -14.97 -58.83
N LEU F 222 -0.29 -15.35 -58.19
CA LEU F 222 -0.25 -15.49 -56.74
C LEU F 222 -0.07 -14.19 -55.96
N GLN F 223 0.93 -13.40 -56.34
CA GLN F 223 1.22 -12.15 -55.65
C GLN F 223 0.05 -11.15 -55.70
N THR F 224 -0.65 -11.14 -56.82
CA THR F 224 -1.78 -10.24 -57.03
C THR F 224 -2.93 -10.51 -56.05
N SER F 225 -3.13 -11.78 -55.72
CA SER F 225 -4.19 -12.14 -54.78
C SER F 225 -3.86 -11.70 -53.35
N PHE F 226 -2.59 -11.40 -53.10
CA PHE F 226 -2.17 -10.87 -51.81
C PHE F 226 -2.61 -9.41 -51.73
N THR F 227 -2.54 -8.74 -52.86
CA THR F 227 -3.07 -7.40 -52.99
C THR F 227 -4.60 -7.48 -52.93
N LEU F 228 -5.17 -8.51 -53.53
CA LEU F 228 -6.61 -8.70 -53.55
C LEU F 228 -7.13 -9.02 -52.14
N MET F 229 -6.33 -9.78 -51.41
CA MET F 229 -6.60 -10.14 -50.02
C MET F 229 -6.63 -8.87 -49.19
N LEU F 230 -5.61 -8.04 -49.41
CA LEU F 230 -5.43 -6.77 -48.71
C LEU F 230 -6.61 -5.85 -49.02
N THR F 231 -7.21 -6.01 -50.20
CA THR F 231 -8.39 -5.25 -50.58
C THR F 231 -9.63 -5.61 -49.77
N VAL F 232 -9.86 -6.90 -49.60
CA VAL F 232 -11.04 -7.35 -48.85
C VAL F 232 -10.96 -6.93 -47.38
N VAL F 233 -9.77 -6.97 -46.79
CA VAL F 233 -9.55 -6.46 -45.44
C VAL F 233 -9.83 -4.98 -45.36
N ALA F 234 -9.33 -4.23 -46.33
CA ALA F 234 -9.55 -2.79 -46.40
C ALA F 234 -11.05 -2.52 -46.51
N TYR F 235 -11.74 -3.37 -47.26
CA TYR F 235 -13.19 -3.21 -47.45
C TYR F 235 -13.97 -3.67 -46.23
N ALA F 236 -13.50 -4.73 -45.58
CA ALA F 236 -14.09 -5.19 -44.33
C ALA F 236 -14.03 -4.08 -43.28
N PHE F 237 -12.92 -3.33 -43.32
CA PHE F 237 -12.69 -2.22 -42.39
C PHE F 237 -13.71 -1.10 -42.62
N TYR F 238 -13.77 -0.62 -43.86
CA TYR F 238 -14.71 0.42 -44.27
C TYR F 238 -16.15 0.02 -43.98
N THR F 239 -16.47 -1.24 -44.25
CA THR F 239 -17.79 -1.79 -43.95
C THR F 239 -18.09 -1.72 -42.46
N SER F 240 -17.23 -2.36 -41.67
CA SER F 240 -17.44 -2.46 -40.23
C SER F 240 -17.49 -1.11 -39.51
N ASN F 241 -16.67 -0.16 -39.96
CA ASN F 241 -16.64 1.17 -39.35
C ASN F 241 -17.91 1.98 -39.57
N ILE F 242 -18.58 1.77 -40.69
CA ILE F 242 -19.76 2.56 -41.04
C ILE F 242 -21.07 1.86 -40.70
N LEU F 243 -21.16 0.57 -40.99
CA LEU F 243 -22.35 -0.21 -40.64
C LEU F 243 -22.56 -0.29 -39.11
N PRO F 244 -23.81 -0.46 -38.67
CA PRO F 244 -24.16 -0.51 -37.24
C PRO F 244 -23.64 -1.75 -36.54
N ARG F 245 -23.17 -1.59 -35.31
CA ARG F 245 -22.65 -2.70 -34.53
C ARG F 245 -23.77 -3.63 -34.10
N LEU F 246 -23.54 -4.93 -34.30
CA LEU F 246 -24.49 -5.97 -33.94
C LEU F 246 -23.71 -7.13 -33.32
N PRO F 247 -24.41 -8.04 -32.62
CA PRO F 247 -23.72 -9.23 -32.12
C PRO F 247 -23.87 -10.43 -33.07
N TYR F 248 -24.22 -10.20 -34.32
CA TYR F 248 -24.33 -11.29 -35.29
C TYR F 248 -23.99 -10.85 -36.73
N THR F 249 -23.85 -11.84 -37.62
CA THR F 249 -23.52 -11.58 -39.02
C THR F 249 -24.74 -11.20 -39.86
N THR F 250 -24.57 -10.19 -40.70
CA THR F 250 -25.63 -9.77 -41.60
C THR F 250 -25.43 -10.40 -42.98
N VAL F 251 -26.25 -10.00 -43.94
CA VAL F 251 -26.08 -10.45 -45.32
C VAL F 251 -24.74 -9.97 -45.84
N ILE F 252 -24.46 -8.69 -45.64
CA ILE F 252 -23.19 -8.07 -46.04
C ILE F 252 -21.96 -8.73 -45.37
N ASP F 253 -22.08 -9.06 -44.08
CA ASP F 253 -20.98 -9.73 -43.40
C ASP F 253 -20.73 -11.08 -44.04
N GLN F 254 -21.80 -11.76 -44.46
CA GLN F 254 -21.67 -13.04 -45.13
C GLN F 254 -20.96 -12.87 -46.48
N MET F 255 -21.34 -11.81 -47.18
CA MET F 255 -20.74 -11.47 -48.47
C MET F 255 -19.24 -11.25 -48.34
N ILE F 256 -18.82 -10.58 -47.27
CA ILE F 256 -17.41 -10.33 -47.00
C ILE F 256 -16.62 -11.60 -46.74
N ILE F 257 -17.17 -12.48 -45.90
CA ILE F 257 -16.55 -13.77 -45.63
C ILE F 257 -16.47 -14.56 -46.93
N ALA F 258 -17.54 -14.49 -47.73
CA ALA F 258 -17.55 -15.15 -49.03
C ALA F 258 -16.44 -14.58 -49.91
N GLY F 259 -16.18 -13.29 -49.76
CA GLY F 259 -15.08 -12.65 -50.48
C GLY F 259 -13.75 -13.21 -50.02
N TYR F 260 -13.58 -13.30 -48.70
CA TYR F 260 -12.39 -13.90 -48.12
C TYR F 260 -12.25 -15.33 -48.60
N GLY F 261 -13.40 -16.00 -48.72
CA GLY F 261 -13.43 -17.39 -49.17
C GLY F 261 -12.98 -17.56 -50.60
N SER F 262 -13.49 -16.72 -51.49
CA SER F 262 -13.11 -16.78 -52.91
C SER F 262 -11.60 -16.61 -53.09
N ILE F 263 -11.02 -15.63 -52.39
CA ILE F 263 -9.59 -15.35 -52.52
C ILE F 263 -8.70 -16.45 -51.96
N PHE F 264 -9.03 -16.97 -50.78
CA PHE F 264 -8.26 -18.06 -50.19
C PHE F 264 -8.41 -19.32 -51.04
N ALA F 265 -9.59 -19.50 -51.63
CA ALA F 265 -9.84 -20.62 -52.54
C ALA F 265 -9.00 -20.48 -53.80
N ALA F 266 -8.89 -19.25 -54.30
CA ALA F 266 -8.08 -18.96 -55.47
C ALA F 266 -6.61 -19.24 -55.18
N ILE F 267 -6.16 -18.83 -54.00
CA ILE F 267 -4.79 -19.06 -53.55
C ILE F 267 -4.45 -20.56 -53.60
N LEU F 268 -5.33 -21.39 -53.04
CA LEU F 268 -5.12 -22.82 -53.02
C LEU F 268 -5.09 -23.40 -54.44
N LEU F 269 -6.04 -22.97 -55.27
CA LEU F 269 -6.10 -23.42 -56.66
C LEU F 269 -4.86 -23.01 -57.46
N ILE F 270 -4.48 -21.73 -57.36
CA ILE F 270 -3.32 -21.21 -58.08
C ILE F 270 -2.04 -21.95 -57.72
N ILE F 271 -1.84 -22.19 -56.42
CA ILE F 271 -0.72 -22.98 -55.94
C ILE F 271 -0.81 -24.41 -56.47
N PHE F 272 -2.04 -24.95 -56.48
CA PHE F 272 -2.25 -26.33 -56.91
C PHE F 272 -1.86 -26.49 -58.37
N ALA F 273 -2.40 -25.63 -59.23
CA ALA F 273 -2.07 -25.64 -60.65
C ALA F 273 -0.57 -25.66 -60.89
N HIS F 274 0.15 -24.79 -60.20
CA HIS F 274 1.58 -24.63 -60.45
C HIS F 274 2.48 -25.79 -60.01
N HIS F 275 2.32 -26.24 -58.77
CA HIS F 275 3.24 -27.26 -58.24
C HIS F 275 2.72 -28.68 -58.26
N ARG F 276 1.43 -28.86 -58.49
CA ARG F 276 0.91 -30.21 -58.72
C ARG F 276 0.99 -30.51 -60.22
N GLN F 277 2.08 -31.14 -60.63
CA GLN F 277 2.39 -31.32 -62.05
C GLN F 277 2.99 -32.69 -62.34
N ALA F 278 3.28 -32.97 -63.61
CA ALA F 278 3.90 -34.23 -64.00
C ALA F 278 5.24 -34.01 -64.71
N ASN F 279 5.82 -32.83 -64.54
CA ASN F 279 7.10 -32.48 -65.13
C ASN F 279 7.79 -31.37 -64.35
N GLY F 280 7.06 -30.29 -64.08
CA GLY F 280 7.59 -29.16 -63.35
C GLY F 280 6.80 -27.88 -63.55
N VAL F 281 6.50 -27.56 -64.81
CA VAL F 281 5.72 -26.37 -65.12
C VAL F 281 4.36 -26.72 -65.72
N GLU F 282 3.90 -27.94 -65.49
CA GLU F 282 2.59 -28.34 -65.99
C GLU F 282 1.49 -27.73 -65.15
N ASP F 283 1.18 -26.47 -65.43
CA ASP F 283 0.09 -25.76 -64.79
C ASP F 283 -1.15 -26.28 -65.49
N ASP F 284 -2.00 -27.03 -64.78
CA ASP F 284 -3.14 -27.69 -65.41
C ASP F 284 -3.90 -26.71 -66.30
N LEU F 285 -3.63 -26.81 -67.60
CA LEU F 285 -4.13 -25.88 -68.60
C LEU F 285 -5.63 -25.61 -68.51
N LEU F 286 -6.36 -26.56 -67.95
CA LEU F 286 -7.80 -26.41 -67.73
C LEU F 286 -8.11 -25.85 -66.33
N ILE F 287 -7.37 -26.26 -65.31
CA ILE F 287 -7.67 -25.80 -63.95
C ILE F 287 -7.17 -24.37 -63.76
N GLN F 288 -6.11 -23.98 -64.47
CA GLN F 288 -5.67 -22.59 -64.44
C GLN F 288 -6.67 -21.77 -65.22
N ARG F 289 -7.35 -22.46 -66.14
CA ARG F 289 -8.39 -21.86 -66.97
C ARG F 289 -9.80 -22.19 -66.48
N CYS F 290 -9.95 -22.30 -65.17
CA CYS F 290 -11.26 -22.33 -64.53
C CYS F 290 -11.81 -20.91 -64.37
N ARG F 291 -11.54 -20.07 -65.36
CA ARG F 291 -11.93 -18.67 -65.36
C ARG F 291 -13.43 -18.41 -65.36
N LEU F 292 -14.22 -19.46 -65.62
CA LEU F 292 -15.67 -19.31 -65.61
C LEU F 292 -16.29 -20.26 -64.60
N ALA F 293 -15.49 -21.23 -64.16
CA ALA F 293 -15.94 -22.29 -63.25
C ALA F 293 -16.46 -21.73 -61.93
N PHE F 294 -15.58 -21.18 -61.12
CA PHE F 294 -16.03 -20.69 -59.82
C PHE F 294 -16.62 -19.25 -59.73
N PRO F 295 -16.55 -18.46 -60.82
CA PRO F 295 -17.45 -17.30 -60.80
C PRO F 295 -18.92 -17.70 -60.78
N LEU F 296 -19.32 -18.71 -61.55
CA LEU F 296 -20.70 -19.18 -61.51
C LEU F 296 -20.92 -20.20 -60.40
N GLY F 297 -19.84 -20.79 -59.91
CA GLY F 297 -19.91 -21.63 -58.73
C GLY F 297 -20.08 -20.74 -57.51
N PHE F 298 -19.68 -19.48 -57.67
CA PHE F 298 -19.84 -18.45 -56.64
C PHE F 298 -21.28 -17.95 -56.69
N LEU F 299 -21.85 -17.97 -57.88
CA LEU F 299 -23.25 -17.61 -58.05
C LEU F 299 -24.14 -18.73 -57.51
N ALA F 300 -23.57 -19.93 -57.40
CA ALA F 300 -24.27 -21.05 -56.78
C ALA F 300 -24.15 -20.98 -55.26
N ILE F 301 -22.95 -20.66 -54.78
CA ILE F 301 -22.70 -20.48 -53.36
C ILE F 301 -23.41 -19.21 -52.87
N GLY F 302 -23.51 -18.22 -53.76
CA GLY F 302 -24.19 -16.97 -53.46
C GLY F 302 -25.68 -17.16 -53.25
N CYS F 303 -26.29 -18.04 -54.05
CA CYS F 303 -27.72 -18.30 -53.94
C CYS F 303 -28.05 -19.19 -52.74
N VAL F 304 -27.06 -19.99 -52.32
CA VAL F 304 -27.22 -20.85 -51.14
C VAL F 304 -27.05 -20.08 -49.82
N LEU F 305 -26.22 -19.03 -49.83
CA LEU F 305 -26.04 -18.20 -48.64
C LEU F 305 -27.33 -17.49 -48.26
N VAL F 306 -28.19 -17.28 -49.25
CA VAL F 306 -29.51 -16.70 -49.02
C VAL F 306 -30.45 -17.79 -48.48
N ILE F 307 -30.16 -19.04 -48.80
CA ILE F 307 -30.99 -20.16 -48.42
C ILE F 307 -30.68 -20.64 -46.99
N PRO G 1 -60.38 36.73 -26.82
CA PRO G 1 -59.17 36.23 -27.52
C PRO G 1 -57.97 37.14 -27.28
N VAL G 2 -57.10 36.75 -26.34
CA VAL G 2 -55.96 37.57 -25.95
C VAL G 2 -54.97 37.75 -27.09
N ASP G 3 -54.69 38.99 -27.47
CA ASP G 3 -53.71 39.24 -28.53
C ASP G 3 -52.30 39.16 -27.96
N VAL G 4 -51.53 38.20 -28.45
CA VAL G 4 -50.15 38.03 -28.01
C VAL G 4 -49.16 38.41 -29.11
N SER G 5 -48.28 39.35 -28.79
CA SER G 5 -47.21 39.76 -29.69
C SER G 5 -45.91 39.07 -29.31
N VAL G 6 -45.26 38.45 -30.29
CA VAL G 6 -44.06 37.66 -30.04
C VAL G 6 -42.80 38.25 -30.68
N SER G 7 -41.66 38.12 -30.00
CA SER G 7 -40.37 38.49 -30.58
C SER G 7 -39.30 37.46 -30.24
N ILE G 8 -38.73 36.85 -31.27
CA ILE G 8 -37.67 35.84 -31.13
C ILE G 8 -36.32 36.45 -31.53
N PHE G 9 -35.31 36.30 -30.68
CA PHE G 9 -33.97 36.78 -31.02
C PHE G 9 -33.07 35.57 -31.21
N ILE G 10 -32.54 35.39 -32.42
CA ILE G 10 -31.70 34.23 -32.72
C ILE G 10 -30.23 34.59 -32.50
N ASN G 11 -29.56 33.86 -31.60
CA ASN G 11 -28.15 34.10 -31.28
C ASN G 11 -27.19 33.24 -32.10
N LYS G 12 -27.49 31.95 -32.13
CA LYS G 12 -26.59 30.99 -32.71
C LYS G 12 -27.40 29.80 -33.21
N ILE G 13 -27.14 29.39 -34.44
CA ILE G 13 -27.65 28.13 -34.94
C ILE G 13 -26.43 27.27 -35.20
N TYR G 14 -26.36 26.12 -34.53
CA TYR G 14 -25.22 25.22 -34.66
C TYR G 14 -25.62 23.77 -34.50
N GLY G 15 -24.65 22.88 -34.64
CA GLY G 15 -24.86 21.46 -34.39
C GLY G 15 -25.97 20.78 -35.16
N VAL G 16 -25.88 20.79 -36.48
CA VAL G 16 -26.80 20.06 -37.34
C VAL G 16 -26.56 18.55 -37.24
N ASN G 17 -27.61 17.81 -36.91
CA ASN G 17 -27.57 16.35 -36.94
C ASN G 17 -28.16 15.85 -38.25
N THR G 18 -27.32 15.36 -39.14
CA THR G 18 -27.77 14.93 -40.47
C THR G 18 -28.77 13.77 -40.41
N LEU G 19 -28.48 12.77 -39.60
CA LEU G 19 -29.39 11.64 -39.49
C LEU G 19 -30.72 11.97 -38.80
N GLU G 20 -30.65 12.70 -37.69
CA GLU G 20 -31.84 13.05 -36.91
C GLU G 20 -32.58 14.24 -37.50
N GLN G 21 -31.93 14.92 -38.45
CA GLN G 21 -32.50 16.12 -39.04
C GLN G 21 -32.83 17.14 -37.94
N THR G 22 -31.77 17.60 -37.27
CA THR G 22 -31.88 18.37 -36.05
C THR G 22 -30.84 19.49 -36.02
N TYR G 23 -31.20 20.63 -35.43
CA TYR G 23 -30.26 21.73 -35.25
C TYR G 23 -30.57 22.46 -33.94
N LYS G 24 -29.51 22.96 -33.30
CA LYS G 24 -29.62 23.63 -32.02
C LYS G 24 -29.73 25.13 -32.20
N VAL G 25 -30.64 25.76 -31.47
CA VAL G 25 -30.82 27.21 -31.58
C VAL G 25 -30.79 27.90 -30.21
N ASP G 26 -29.91 28.88 -30.06
CA ASP G 26 -29.86 29.67 -28.83
C ASP G 26 -30.49 31.01 -29.10
N GLY G 27 -31.34 31.44 -28.17
CA GLY G 27 -32.01 32.72 -28.30
C GLY G 27 -32.99 33.06 -27.18
N TYR G 28 -33.81 34.07 -27.43
CA TYR G 28 -34.75 34.60 -26.44
C TYR G 28 -36.15 34.64 -27.03
N ILE G 29 -37.17 34.36 -26.23
CA ILE G 29 -38.54 34.68 -26.63
C ILE G 29 -39.09 35.77 -25.74
N VAL G 30 -39.79 36.70 -26.39
CA VAL G 30 -40.52 37.74 -25.71
C VAL G 30 -42.00 37.64 -26.10
N ALA G 31 -42.86 37.47 -25.10
CA ALA G 31 -44.29 37.41 -25.35
C ALA G 31 -44.96 38.52 -24.55
N GLN G 32 -45.83 39.27 -25.21
CA GLN G 32 -46.51 40.38 -24.56
C GLN G 32 -48.02 40.33 -24.78
N TRP G 33 -48.77 40.57 -23.71
CA TRP G 33 -50.22 40.69 -23.77
C TRP G 33 -50.69 41.67 -22.70
N THR G 34 -51.93 42.13 -22.81
CA THR G 34 -52.45 43.10 -21.85
C THR G 34 -53.42 42.43 -20.90
N GLY G 35 -53.10 42.48 -19.62
CA GLY G 35 -53.94 41.88 -18.61
C GLY G 35 -54.74 42.95 -17.90
N LYS G 36 -55.38 42.58 -16.81
CA LYS G 36 -56.17 43.54 -16.06
C LYS G 36 -55.19 44.39 -15.27
N PRO G 37 -55.36 45.72 -15.33
CA PRO G 37 -54.44 46.70 -14.70
C PRO G 37 -54.06 46.34 -13.27
N ARG G 38 -52.79 46.54 -12.94
CA ARG G 38 -52.26 46.15 -11.64
C ARG G 38 -51.80 47.36 -10.83
N LYS G 39 -51.57 47.14 -9.55
CA LYS G 39 -50.98 48.14 -8.68
C LYS G 39 -49.55 47.70 -8.37
N THR G 40 -48.59 48.26 -9.10
CA THR G 40 -47.20 47.86 -8.93
C THR G 40 -46.50 48.76 -7.91
N PRO G 41 -45.50 48.21 -7.19
CA PRO G 41 -44.72 48.98 -6.20
C PRO G 41 -44.25 50.32 -6.77
N GLY G 42 -44.54 51.39 -6.05
CA GLY G 42 -44.28 52.72 -6.55
C GLY G 42 -45.37 53.08 -7.55
N ASP G 43 -45.05 52.89 -8.83
CA ASP G 43 -46.02 53.05 -9.91
C ASP G 43 -45.33 52.61 -11.19
N LYS G 44 -44.02 52.47 -11.12
CA LYS G 44 -43.21 51.92 -12.20
C LYS G 44 -43.41 50.40 -12.32
N PRO G 45 -43.22 49.85 -13.55
CA PRO G 45 -43.42 48.43 -13.82
C PRO G 45 -42.67 47.48 -12.88
N LEU G 46 -43.31 46.37 -12.52
CA LEU G 46 -42.74 45.39 -11.61
C LEU G 46 -41.98 44.32 -12.37
N ILE G 47 -40.79 44.00 -11.90
CA ILE G 47 -39.98 42.96 -12.52
C ILE G 47 -40.04 41.65 -11.72
N VAL G 48 -40.32 40.54 -12.38
CA VAL G 48 -40.33 39.25 -11.70
C VAL G 48 -39.37 38.30 -12.41
N GLU G 49 -38.25 37.97 -11.75
CA GLU G 49 -37.26 37.08 -12.34
C GLU G 49 -37.43 35.63 -11.90
N ASN G 50 -36.76 34.74 -12.63
CA ASN G 50 -36.87 33.28 -12.54
C ASN G 50 -37.82 32.63 -11.52
N THR G 51 -37.28 32.30 -10.34
CA THR G 51 -38.02 31.62 -9.28
C THR G 51 -39.39 32.21 -8.97
N GLN G 52 -39.42 33.52 -8.78
CA GLN G 52 -40.63 34.22 -8.33
C GLN G 52 -41.82 34.17 -9.31
N ILE G 53 -41.57 33.79 -10.56
CA ILE G 53 -42.66 33.73 -11.53
C ILE G 53 -43.70 32.71 -11.11
N GLU G 54 -43.26 31.54 -10.65
CA GLU G 54 -44.18 30.52 -10.17
C GLU G 54 -45.06 31.02 -9.04
N ARG G 55 -44.45 31.77 -8.12
CA ARG G 55 -45.18 32.32 -6.99
C ARG G 55 -46.34 33.19 -7.44
N TRP G 56 -46.12 33.96 -8.52
CA TRP G 56 -47.16 34.81 -9.06
C TRP G 56 -48.25 33.99 -9.73
N ILE G 57 -47.85 32.89 -10.35
CA ILE G 57 -48.80 32.02 -11.01
C ILE G 57 -49.75 31.39 -9.97
N ASN G 58 -49.20 30.99 -8.82
CA ASN G 58 -50.01 30.48 -7.71
C ASN G 58 -51.05 31.46 -7.14
N ASN G 59 -50.75 32.76 -7.20
CA ASN G 59 -51.69 33.78 -6.77
C ASN G 59 -52.62 34.22 -7.89
N GLY G 60 -52.62 33.46 -8.98
CA GLY G 60 -53.58 33.64 -10.05
C GLY G 60 -53.11 34.35 -11.31
N LEU G 61 -51.81 34.58 -11.46
CA LEU G 61 -51.31 35.21 -12.68
C LEU G 61 -51.40 34.26 -13.87
N TRP G 62 -52.08 34.69 -14.92
CA TRP G 62 -52.21 33.89 -16.13
C TRP G 62 -50.99 34.08 -16.99
N VAL G 63 -50.14 33.05 -17.03
CA VAL G 63 -49.00 33.05 -17.92
C VAL G 63 -49.08 31.80 -18.78
N PRO G 64 -49.53 31.96 -20.04
CA PRO G 64 -49.78 30.85 -20.96
C PRO G 64 -48.51 30.19 -21.43
N ALA G 65 -48.51 28.86 -21.47
CA ALA G 65 -47.36 28.13 -21.97
C ALA G 65 -47.34 28.14 -23.49
N LEU G 66 -46.27 28.70 -24.06
CA LEU G 66 -46.10 28.71 -25.51
C LEU G 66 -45.13 27.59 -25.91
N GLU G 67 -45.65 26.57 -26.60
CA GLU G 67 -44.86 25.38 -26.93
C GLU G 67 -44.11 25.45 -28.26
N PHE G 68 -42.85 25.01 -28.24
CA PHE G 68 -42.07 24.83 -29.46
C PHE G 68 -42.41 23.52 -30.13
N ILE G 69 -43.27 23.61 -31.15
CA ILE G 69 -43.84 22.45 -31.85
C ILE G 69 -42.81 21.48 -32.41
N ASN G 70 -41.78 22.00 -33.07
CA ASN G 70 -40.81 21.14 -33.73
C ASN G 70 -39.56 20.94 -32.90
N VAL G 71 -39.68 21.15 -31.59
CA VAL G 71 -38.58 20.90 -30.69
C VAL G 71 -38.44 19.43 -30.32
N VAL G 72 -37.21 18.93 -30.36
CA VAL G 72 -36.93 17.56 -29.94
C VAL G 72 -36.47 17.54 -28.50
N GLY G 73 -37.24 16.88 -27.65
CA GLY G 73 -36.97 16.90 -26.23
C GLY G 73 -37.58 18.15 -25.65
N SER G 74 -36.98 18.64 -24.58
CA SER G 74 -37.45 19.88 -23.98
C SER G 74 -36.28 20.83 -23.80
N PRO G 75 -36.44 22.08 -24.27
CA PRO G 75 -35.37 23.06 -24.38
C PRO G 75 -34.78 23.45 -23.02
N ASP G 76 -33.50 23.80 -23.02
CA ASP G 76 -32.84 24.30 -21.84
C ASP G 76 -33.21 25.76 -21.68
N THR G 77 -33.97 26.04 -20.62
CA THR G 77 -34.37 27.40 -20.32
C THR G 77 -33.38 28.10 -19.40
N GLY G 78 -32.90 29.25 -19.86
CA GLY G 78 -32.02 30.09 -19.06
C GLY G 78 -32.86 30.96 -18.16
N ASN G 79 -32.62 32.27 -18.20
CA ASN G 79 -33.37 33.17 -17.34
C ASN G 79 -34.80 33.46 -17.80
N LYS G 80 -35.71 33.47 -16.83
CA LYS G 80 -37.09 33.81 -17.09
C LYS G 80 -37.38 35.16 -16.42
N ARG G 81 -38.28 35.93 -17.02
CA ARG G 81 -38.60 37.24 -16.48
C ARG G 81 -40.05 37.60 -16.80
N LEU G 82 -40.73 38.09 -15.78
CA LEU G 82 -42.05 38.66 -15.99
C LEU G 82 -41.95 40.14 -15.66
N MET G 83 -42.35 40.95 -16.63
CA MET G 83 -42.40 42.39 -16.43
C MET G 83 -43.87 42.81 -16.35
N LEU G 84 -44.31 43.19 -15.16
CA LEU G 84 -45.71 43.53 -14.95
C LEU G 84 -45.89 45.04 -14.90
N PHE G 85 -46.65 45.56 -15.86
CA PHE G 85 -46.91 46.98 -15.97
C PHE G 85 -48.22 47.34 -15.28
N PRO G 86 -48.30 48.57 -14.75
CA PRO G 86 -49.49 49.01 -13.99
C PRO G 86 -50.73 49.14 -14.87
N ASP G 87 -50.53 49.46 -16.15
CA ASP G 87 -51.65 49.56 -17.08
C ASP G 87 -52.24 48.19 -17.44
N GLY G 88 -51.59 47.13 -16.96
CA GLY G 88 -52.11 45.79 -17.15
C GLY G 88 -51.19 44.83 -17.87
N ARG G 89 -50.55 45.32 -18.94
CA ARG G 89 -49.76 44.50 -19.85
C ARG G 89 -48.65 43.70 -19.17
N VAL G 90 -48.38 42.52 -19.72
CA VAL G 90 -47.40 41.61 -19.16
C VAL G 90 -46.41 41.18 -20.24
N ILE G 91 -45.13 41.20 -19.92
CA ILE G 91 -44.10 40.77 -20.86
C ILE G 91 -43.26 39.62 -20.33
N TYR G 92 -43.31 38.50 -21.03
CA TYR G 92 -42.54 37.33 -20.64
C TYR G 92 -41.27 37.27 -21.47
N ASN G 93 -40.14 37.28 -20.80
CA ASN G 93 -38.86 37.22 -21.47
C ASN G 93 -38.07 36.04 -20.93
N ALA G 94 -37.64 35.16 -21.82
CA ALA G 94 -36.91 33.98 -21.40
C ALA G 94 -35.88 33.58 -22.43
N ARG G 95 -34.69 33.18 -21.98
CA ARG G 95 -33.68 32.67 -22.89
C ARG G 95 -33.81 31.17 -23.03
N PHE G 96 -33.58 30.66 -24.23
CA PHE G 96 -33.72 29.24 -24.50
C PHE G 96 -32.65 28.69 -25.42
N LEU G 97 -32.34 27.40 -25.23
CA LEU G 97 -31.52 26.66 -26.17
C LEU G 97 -32.21 25.33 -26.45
N GLY G 98 -32.56 25.09 -27.70
CA GLY G 98 -33.30 23.88 -28.02
C GLY G 98 -32.84 23.18 -29.27
N SER G 99 -33.10 21.89 -29.34
CA SER G 99 -32.81 21.12 -30.53
C SER G 99 -34.09 20.98 -31.35
N PHE G 100 -34.06 21.50 -32.56
CA PHE G 100 -35.25 21.55 -33.38
C PHE G 100 -35.18 20.62 -34.58
N SER G 101 -36.35 20.16 -35.02
CA SER G 101 -36.45 19.25 -36.16
C SER G 101 -37.08 19.94 -37.36
N ASN G 102 -36.61 19.55 -38.54
CA ASN G 102 -37.17 20.01 -39.79
C ASN G 102 -36.76 19.07 -40.91
N ASP G 103 -37.60 18.92 -41.93
CA ASP G 103 -37.22 18.13 -43.08
C ASP G 103 -35.96 18.73 -43.68
N MET G 104 -34.92 17.93 -43.75
CA MET G 104 -33.65 18.39 -44.30
C MET G 104 -33.17 17.44 -45.41
N ASP G 105 -33.03 18.00 -46.60
CA ASP G 105 -32.56 17.24 -47.75
C ASP G 105 -31.08 17.50 -47.92
N PHE G 106 -30.28 16.44 -47.80
CA PHE G 106 -28.82 16.54 -47.93
C PHE G 106 -28.30 15.86 -49.20
N ARG G 107 -29.17 15.62 -50.16
CA ARG G 107 -28.78 14.90 -51.37
C ARG G 107 -27.59 15.52 -52.13
N LEU G 108 -27.64 16.83 -52.36
CA LEU G 108 -26.59 17.47 -53.16
C LEU G 108 -25.46 18.04 -52.29
N PHE G 109 -25.06 17.26 -51.29
CA PHE G 109 -23.94 17.59 -50.42
C PHE G 109 -22.67 17.62 -51.25
N PRO G 110 -21.72 18.53 -50.91
CA PRO G 110 -21.69 19.53 -49.84
C PRO G 110 -22.25 20.86 -50.28
N PHE G 111 -23.19 20.84 -51.21
CA PHE G 111 -23.81 22.05 -51.70
C PHE G 111 -25.28 22.17 -51.28
N ASP G 112 -25.55 21.89 -50.00
CA ASP G 112 -26.93 21.92 -49.50
C ASP G 112 -27.43 23.34 -49.39
N ARG G 113 -28.74 23.48 -49.56
CA ARG G 113 -29.44 24.69 -49.23
C ARG G 113 -30.37 24.19 -48.15
N GLN G 114 -30.22 24.70 -46.94
CA GLN G 114 -31.07 24.24 -45.85
C GLN G 114 -31.88 25.39 -45.27
N GLN G 115 -32.95 25.05 -44.57
CA GLN G 115 -33.68 26.07 -43.83
C GLN G 115 -34.01 25.65 -42.39
N PHE G 116 -33.57 26.50 -41.47
CA PHE G 116 -33.76 26.27 -40.05
C PHE G 116 -35.10 26.88 -39.65
N VAL G 117 -35.93 26.07 -39.01
CA VAL G 117 -37.30 26.46 -38.71
C VAL G 117 -37.61 26.46 -37.22
N LEU G 118 -38.41 27.43 -36.78
CA LEU G 118 -38.92 27.46 -35.42
C LEU G 118 -40.44 27.47 -35.51
N GLU G 119 -41.11 26.64 -34.72
CA GLU G 119 -42.57 26.64 -34.69
C GLU G 119 -43.15 26.83 -33.28
N LEU G 120 -43.83 27.95 -33.09
CA LEU G 120 -44.39 28.28 -31.78
C LEU G 120 -45.89 28.12 -31.83
N GLU G 121 -46.46 27.60 -30.74
CA GLU G 121 -47.90 27.39 -30.61
C GLU G 121 -48.24 27.31 -29.13
N PRO G 122 -49.34 27.96 -28.74
CA PRO G 122 -49.82 27.87 -27.36
C PRO G 122 -50.21 26.44 -27.05
N PHE G 123 -49.80 25.95 -25.89
CA PHE G 123 -50.01 24.55 -25.52
C PHE G 123 -51.46 24.18 -25.18
N SER G 124 -52.19 25.09 -24.56
CA SER G 124 -53.50 24.75 -24.03
C SER G 124 -54.65 25.66 -24.53
N TYR G 125 -54.28 26.80 -25.08
CA TYR G 125 -55.27 27.79 -25.53
C TYR G 125 -55.48 27.91 -27.05
N ASN G 126 -56.70 27.61 -27.50
CA ASN G 126 -57.05 27.67 -28.92
C ASN G 126 -57.15 29.10 -29.48
N ASN G 127 -57.32 29.23 -30.80
CA ASN G 127 -57.39 30.52 -31.48
C ASN G 127 -58.37 31.54 -30.89
N GLN G 128 -59.46 31.08 -30.31
CA GLN G 128 -60.45 32.03 -29.80
C GLN G 128 -60.10 32.46 -28.40
N GLN G 129 -59.20 31.72 -27.75
CA GLN G 129 -58.65 32.10 -26.46
C GLN G 129 -57.37 32.94 -26.59
N LEU G 130 -56.39 32.42 -27.32
CA LEU G 130 -55.09 33.10 -27.49
C LEU G 130 -54.77 33.20 -28.97
N ARG G 131 -54.51 34.42 -29.41
CA ARG G 131 -54.29 34.72 -30.81
C ARG G 131 -52.94 35.40 -30.99
N PHE G 132 -52.15 34.93 -31.95
CA PHE G 132 -50.86 35.57 -32.21
C PHE G 132 -51.06 36.82 -33.06
N SER G 133 -50.93 37.98 -32.42
CA SER G 133 -51.17 39.27 -33.08
C SER G 133 -50.13 39.56 -34.16
N ASP G 134 -48.86 39.46 -33.82
CA ASP G 134 -47.77 39.74 -34.74
C ASP G 134 -46.47 39.13 -34.22
N ILE G 135 -45.49 38.97 -35.11
CA ILE G 135 -44.16 38.53 -34.69
C ILE G 135 -43.01 39.10 -35.51
N GLN G 136 -41.99 39.60 -34.83
CA GLN G 136 -40.76 39.98 -35.48
C GLN G 136 -39.59 39.16 -34.92
N VAL G 137 -38.72 38.71 -35.81
CA VAL G 137 -37.55 37.92 -35.42
C VAL G 137 -36.29 38.73 -35.71
N TYR G 138 -35.40 38.78 -34.73
CA TYR G 138 -34.16 39.52 -34.89
C TYR G 138 -32.95 38.60 -34.96
N THR G 139 -32.42 38.42 -36.18
CA THR G 139 -31.18 37.68 -36.36
C THR G 139 -30.04 38.69 -36.41
N GLU G 140 -29.60 39.13 -35.24
CA GLU G 140 -28.56 40.16 -35.12
C GLU G 140 -27.20 39.66 -35.59
N ASN G 141 -27.21 38.88 -36.66
CA ASN G 141 -26.02 38.35 -37.30
C ASN G 141 -25.59 39.18 -38.52
N ILE G 142 -24.36 38.97 -38.97
CA ILE G 142 -23.75 39.62 -40.13
C ILE G 142 -22.28 39.23 -40.18
N ASP G 143 -21.61 39.51 -41.30
CA ASP G 143 -20.14 39.38 -41.41
C ASP G 143 -19.54 37.99 -41.12
N ASN G 144 -18.23 37.88 -41.33
CA ASN G 144 -17.42 36.70 -41.02
C ASN G 144 -17.98 35.37 -41.52
N GLU G 145 -18.34 35.30 -42.79
CA GLU G 145 -18.97 34.11 -43.34
C GLU G 145 -17.99 32.94 -43.56
N GLU G 146 -16.73 33.25 -43.88
CA GLU G 146 -15.76 32.22 -44.21
C GLU G 146 -15.26 31.45 -42.99
N ILE G 147 -15.75 31.83 -41.83
CA ILE G 147 -15.36 31.19 -40.58
C ILE G 147 -16.42 30.21 -40.11
N ASP G 148 -17.67 30.47 -40.48
CA ASP G 148 -18.78 29.67 -40.01
C ASP G 148 -19.09 28.54 -40.99
N GLU G 149 -19.68 27.46 -40.47
CA GLU G 149 -20.04 26.30 -41.27
C GLU G 149 -21.18 26.60 -42.24
N TRP G 150 -22.13 27.42 -41.80
CA TRP G 150 -23.30 27.77 -42.61
C TRP G 150 -23.35 29.27 -42.90
N TRP G 151 -23.79 29.63 -44.11
CA TRP G 151 -23.96 31.04 -44.48
C TRP G 151 -25.45 31.38 -44.53
N ILE G 152 -25.88 32.16 -43.54
CA ILE G 152 -27.27 32.58 -43.46
C ILE G 152 -27.58 33.55 -44.58
N ARG G 153 -28.67 33.30 -45.29
CA ARG G 153 -29.01 34.09 -46.46
C ARG G 153 -30.03 35.21 -46.18
N GLY G 154 -31.27 34.84 -45.90
CA GLY G 154 -32.30 35.83 -45.70
C GLY G 154 -32.21 36.56 -44.37
N LYS G 155 -33.24 37.33 -44.05
CA LYS G 155 -33.30 38.04 -42.79
C LYS G 155 -34.21 37.32 -41.82
N ALA G 156 -34.88 36.29 -42.34
CA ALA G 156 -35.77 35.33 -41.65
C ALA G 156 -37.20 35.45 -42.19
N SER G 157 -37.76 34.32 -42.57
CA SER G 157 -39.11 34.25 -43.10
C SER G 157 -40.15 33.96 -42.01
N THR G 158 -41.35 34.53 -42.15
CA THR G 158 -42.42 34.41 -41.14
C THR G 158 -43.75 33.90 -41.72
N HIS G 159 -44.50 33.20 -40.88
CA HIS G 159 -45.82 32.73 -41.23
C HIS G 159 -46.64 32.54 -39.95
N ILE G 160 -47.60 33.44 -39.70
CA ILE G 160 -48.61 33.22 -38.67
C ILE G 160 -49.85 32.61 -39.33
N SER G 161 -50.24 31.43 -38.85
CA SER G 161 -51.36 30.71 -39.46
C SER G 161 -52.17 30.00 -38.40
N ASP G 162 -53.25 29.37 -38.83
CA ASP G 162 -54.12 28.65 -37.91
C ASP G 162 -54.14 27.16 -38.25
N ILE G 163 -53.80 26.32 -37.29
CA ILE G 163 -53.72 24.86 -37.47
C ILE G 163 -54.99 24.20 -36.95
N ARG G 164 -55.66 23.43 -37.80
CA ARG G 164 -56.85 22.69 -37.38
C ARG G 164 -56.48 21.28 -36.93
N TYR G 165 -56.94 20.92 -35.74
CA TYR G 165 -56.82 19.53 -35.30
C TYR G 165 -58.21 18.89 -35.40
N ASP G 166 -58.27 17.72 -36.01
CA ASP G 166 -59.55 17.07 -36.28
C ASP G 166 -60.00 16.12 -35.17
N HIS G 167 -59.05 15.60 -34.40
CA HIS G 167 -59.39 14.64 -33.36
C HIS G 167 -58.96 15.10 -31.97
N LEU G 168 -59.93 15.63 -31.24
CA LEU G 168 -59.75 16.08 -29.87
C LEU G 168 -60.89 15.54 -28.99
N SER G 169 -61.32 16.35 -28.03
CA SER G 169 -62.33 15.94 -27.07
C SER G 169 -63.68 15.70 -27.72
N SER G 170 -64.67 15.33 -26.90
CA SER G 170 -66.06 15.25 -27.34
C SER G 170 -66.60 16.67 -27.51
N VAL G 171 -65.79 17.52 -28.14
CA VAL G 171 -66.11 18.94 -28.34
C VAL G 171 -66.45 19.24 -29.81
N GLN G 172 -67.58 19.91 -30.00
CA GLN G 172 -68.12 20.19 -31.33
C GLN G 172 -68.23 21.66 -31.82
N PRO G 173 -68.34 22.65 -30.92
CA PRO G 173 -68.49 24.03 -31.45
C PRO G 173 -67.41 24.53 -32.43
N ASN G 174 -66.24 24.93 -31.95
CA ASN G 174 -65.20 25.42 -32.86
C ASN G 174 -63.79 25.52 -32.25
N GLN G 175 -63.57 24.89 -31.09
CA GLN G 175 -62.27 24.90 -30.43
C GLN G 175 -61.28 23.84 -30.89
N ASN G 176 -60.63 24.10 -32.03
CA ASN G 176 -59.62 23.17 -32.56
C ASN G 176 -58.59 23.84 -33.48
N GLU G 177 -58.65 25.16 -33.59
CA GLU G 177 -57.79 25.89 -34.51
C GLU G 177 -56.68 26.71 -33.87
N PHE G 178 -55.85 26.08 -33.05
CA PHE G 178 -54.69 26.77 -32.47
C PHE G 178 -53.89 27.59 -33.48
N SER G 179 -53.48 28.80 -33.10
CA SER G 179 -52.69 29.67 -34.00
C SER G 179 -51.19 29.44 -33.85
N ARG G 180 -50.50 29.28 -34.99
CA ARG G 180 -49.09 28.90 -34.99
C ARG G 180 -48.17 29.87 -35.70
N ILE G 181 -47.09 30.27 -35.01
CA ILE G 181 -46.05 31.09 -35.59
C ILE G 181 -44.96 30.18 -36.15
N THR G 182 -44.57 30.40 -37.41
CA THR G 182 -43.52 29.58 -38.03
C THR G 182 -42.42 30.48 -38.54
N VAL G 183 -41.24 30.39 -37.94
CA VAL G 183 -40.11 31.18 -38.37
C VAL G 183 -39.18 30.34 -39.24
N ARG G 184 -38.75 30.91 -40.36
CA ARG G 184 -37.84 30.21 -41.27
C ARG G 184 -36.57 31.00 -41.54
N ILE G 185 -35.41 30.35 -41.38
CA ILE G 185 -34.13 30.99 -41.68
C ILE G 185 -33.41 30.20 -42.78
N ASP G 186 -33.16 30.84 -43.91
CA ASP G 186 -32.50 30.19 -45.04
C ASP G 186 -30.98 30.19 -44.89
N ALA G 187 -30.35 29.10 -45.28
CA ALA G 187 -28.90 28.97 -45.14
C ALA G 187 -28.26 28.12 -46.23
N VAL G 188 -26.98 28.38 -46.51
CA VAL G 188 -26.24 27.60 -47.49
C VAL G 188 -25.00 27.00 -46.83
N ARG G 189 -24.66 25.77 -47.22
CA ARG G 189 -23.47 25.12 -46.68
C ARG G 189 -22.17 25.70 -47.24
N ASN G 190 -21.19 25.89 -46.35
CA ASN G 190 -19.86 26.33 -46.75
C ASN G 190 -19.09 25.16 -47.38
N PRO G 191 -19.03 25.13 -48.71
CA PRO G 191 -18.54 23.95 -49.44
C PRO G 191 -17.02 23.91 -49.61
N SER G 192 -16.35 24.97 -49.16
CA SER G 192 -14.91 25.14 -49.37
C SER G 192 -14.08 23.93 -48.92
N TYR G 193 -14.32 23.46 -47.70
CA TYR G 193 -13.54 22.34 -47.18
C TYR G 193 -13.71 21.10 -48.03
N TYR G 194 -14.97 20.79 -48.36
CA TYR G 194 -15.27 19.57 -49.09
C TYR G 194 -14.82 19.61 -50.55
N LEU G 195 -14.73 20.80 -51.13
CA LEU G 195 -14.21 20.93 -52.48
C LEU G 195 -12.73 20.60 -52.55
N TRP G 196 -11.95 21.32 -51.75
CA TRP G 196 -10.51 21.18 -51.81
C TRP G 196 -10.01 19.88 -51.20
N SER G 197 -10.60 19.45 -50.10
CA SER G 197 -10.07 18.30 -49.41
C SER G 197 -10.76 16.98 -49.77
N PHE G 198 -11.90 17.05 -50.45
CA PHE G 198 -12.62 15.85 -50.86
C PHE G 198 -12.86 15.78 -52.37
N ILE G 199 -13.51 16.79 -52.94
CA ILE G 199 -13.82 16.78 -54.37
C ILE G 199 -12.55 16.73 -55.21
N LEU G 200 -11.64 17.66 -54.95
CA LEU G 200 -10.39 17.82 -55.72
C LEU G 200 -9.50 16.57 -55.78
N PRO G 201 -9.04 16.08 -54.61
CA PRO G 201 -8.13 14.93 -54.73
C PRO G 201 -8.84 13.68 -55.25
N LEU G 202 -10.13 13.53 -54.96
CA LEU G 202 -10.88 12.40 -55.48
C LEU G 202 -10.83 12.43 -57.00
N GLY G 203 -10.94 13.62 -57.57
CA GLY G 203 -10.83 13.78 -59.01
C GLY G 203 -9.46 13.35 -59.53
N LEU G 204 -8.42 13.75 -58.83
CA LEU G 204 -7.06 13.39 -59.22
C LEU G 204 -6.85 11.89 -59.20
N ILE G 205 -7.44 11.21 -58.22
CA ILE G 205 -7.39 9.76 -58.16
C ILE G 205 -8.02 9.20 -59.44
N ILE G 206 -9.23 9.67 -59.74
CA ILE G 206 -9.95 9.25 -60.93
C ILE G 206 -9.20 9.57 -62.21
N ALA G 207 -8.58 10.75 -62.26
CA ALA G 207 -7.83 11.13 -63.45
C ALA G 207 -6.66 10.18 -63.62
N ALA G 208 -5.87 10.03 -62.56
CA ALA G 208 -4.69 9.19 -62.59
C ALA G 208 -5.03 7.72 -62.80
N SER G 209 -6.25 7.36 -62.47
CA SER G 209 -6.74 6.01 -62.71
C SER G 209 -6.62 5.65 -64.18
N TRP G 210 -6.91 6.63 -65.04
CA TRP G 210 -6.92 6.41 -66.47
C TRP G 210 -5.52 6.20 -67.02
N SER G 211 -4.51 6.52 -66.22
CA SER G 211 -3.13 6.42 -66.66
C SER G 211 -2.66 4.97 -66.76
N VAL G 212 -3.54 4.03 -66.46
CA VAL G 212 -3.19 2.62 -66.55
C VAL G 212 -2.98 2.16 -67.99
N PHE G 213 -3.57 2.89 -68.93
CA PHE G 213 -3.48 2.53 -70.34
C PHE G 213 -2.17 2.97 -70.99
N TRP G 214 -1.48 3.91 -70.35
CA TRP G 214 -0.16 4.32 -70.83
C TRP G 214 0.93 3.31 -70.44
N LEU G 215 0.53 2.23 -69.78
CA LEU G 215 1.44 1.14 -69.46
C LEU G 215 1.65 0.22 -70.66
N GLU G 216 2.86 -0.30 -70.81
CA GLU G 216 3.23 -1.11 -71.97
C GLU G 216 2.76 -2.57 -71.88
N SER G 217 3.26 -3.30 -70.89
CA SER G 217 2.96 -4.72 -70.75
C SER G 217 1.51 -4.95 -70.30
N PHE G 218 0.99 -6.14 -70.59
CA PHE G 218 -0.36 -6.50 -70.16
C PHE G 218 -0.48 -6.68 -68.65
N SER G 219 0.48 -7.38 -68.05
CA SER G 219 0.47 -7.63 -66.61
C SER G 219 0.57 -6.35 -65.83
N GLU G 220 1.37 -5.41 -66.31
CA GLU G 220 1.50 -4.11 -65.67
C GLU G 220 0.15 -3.40 -65.74
N ARG G 221 -0.44 -3.40 -66.93
CA ARG G 221 -1.73 -2.76 -67.15
C ARG G 221 -2.79 -3.33 -66.21
N LEU G 222 -2.79 -4.64 -66.02
CA LEU G 222 -3.81 -5.27 -65.22
C LEU G 222 -3.53 -5.16 -63.73
N GLN G 223 -2.32 -5.53 -63.33
CA GLN G 223 -1.96 -5.51 -61.91
C GLN G 223 -1.98 -4.11 -61.27
N THR G 224 -1.61 -3.09 -62.03
CA THR G 224 -1.59 -1.72 -61.51
C THR G 224 -2.99 -1.22 -61.13
N SER G 225 -4.00 -1.67 -61.86
CA SER G 225 -5.38 -1.27 -61.58
C SER G 225 -5.92 -1.88 -60.27
N PHE G 226 -5.24 -2.90 -59.76
CA PHE G 226 -5.61 -3.49 -58.48
C PHE G 226 -5.12 -2.62 -57.33
N THR G 227 -3.97 -2.00 -57.52
CA THR G 227 -3.47 -1.00 -56.59
C THR G 227 -4.40 0.19 -56.66
N LEU G 228 -4.89 0.46 -57.86
CA LEU G 228 -5.81 1.56 -58.12
C LEU G 228 -7.17 1.32 -57.45
N MET G 229 -7.62 0.07 -57.49
CA MET G 229 -8.87 -0.33 -56.87
C MET G 229 -8.78 -0.17 -55.35
N LEU G 230 -7.67 -0.66 -54.81
CA LEU G 230 -7.41 -0.62 -53.38
C LEU G 230 -7.35 0.82 -52.90
N THR G 231 -6.91 1.72 -53.78
CA THR G 231 -6.85 3.14 -53.48
C THR G 231 -8.22 3.81 -53.35
N VAL G 232 -9.11 3.48 -54.28
CA VAL G 232 -10.49 3.98 -54.23
C VAL G 232 -11.21 3.41 -53.00
N VAL G 233 -10.90 2.15 -52.68
CA VAL G 233 -11.39 1.54 -51.46
C VAL G 233 -10.87 2.31 -50.25
N ALA G 234 -9.57 2.61 -50.28
CA ALA G 234 -8.94 3.39 -49.23
C ALA G 234 -9.60 4.75 -49.15
N TYR G 235 -9.93 5.32 -50.31
CA TYR G 235 -10.53 6.64 -50.35
C TYR G 235 -12.00 6.63 -49.92
N ALA G 236 -12.74 5.59 -50.34
CA ALA G 236 -14.13 5.42 -49.94
C ALA G 236 -14.26 5.42 -48.42
N PHE G 237 -13.26 4.83 -47.77
CA PHE G 237 -13.19 4.75 -46.33
C PHE G 237 -13.03 6.14 -45.73
N TYR G 238 -11.99 6.85 -46.18
CA TYR G 238 -11.67 8.21 -45.71
C TYR G 238 -12.83 9.18 -45.93
N THR G 239 -13.51 9.05 -47.06
CA THR G 239 -14.70 9.84 -47.30
C THR G 239 -15.73 9.54 -46.23
N SER G 240 -16.09 8.27 -46.10
CA SER G 240 -17.12 7.83 -45.19
C SER G 240 -16.84 8.11 -43.70
N ASN G 241 -15.59 8.00 -43.30
CA ASN G 241 -15.21 8.24 -41.90
C ASN G 241 -15.34 9.71 -41.49
N ILE G 242 -15.14 10.63 -42.43
CA ILE G 242 -15.18 12.06 -42.14
C ILE G 242 -16.52 12.73 -42.49
N LEU G 243 -17.05 12.42 -43.67
CA LEU G 243 -18.31 12.98 -44.12
C LEU G 243 -19.50 12.54 -43.25
N PRO G 244 -20.55 13.38 -43.22
CA PRO G 244 -21.75 13.12 -42.40
C PRO G 244 -22.56 11.93 -42.89
N ARG G 245 -23.05 11.13 -41.94
CA ARG G 245 -23.88 9.96 -42.25
C ARG G 245 -25.27 10.33 -42.72
N LEU G 246 -25.69 9.69 -43.81
CA LEU G 246 -27.00 9.91 -44.39
C LEU G 246 -27.55 8.56 -44.81
N PRO G 247 -28.86 8.47 -45.08
CA PRO G 247 -29.45 7.24 -45.62
C PRO G 247 -29.54 7.25 -47.14
N TYR G 248 -28.78 8.12 -47.78
CA TYR G 248 -28.76 8.16 -49.24
C TYR G 248 -27.39 8.59 -49.81
N THR G 249 -27.20 8.38 -51.10
CA THR G 249 -25.93 8.71 -51.74
C THR G 249 -25.85 10.17 -52.13
N THR G 250 -24.70 10.80 -51.85
CA THR G 250 -24.49 12.19 -52.24
C THR G 250 -23.68 12.26 -53.53
N VAL G 251 -23.34 13.48 -53.92
CA VAL G 251 -22.48 13.71 -55.10
C VAL G 251 -21.14 13.03 -54.87
N ILE G 252 -20.54 13.28 -53.71
CA ILE G 252 -19.27 12.68 -53.35
C ILE G 252 -19.38 11.17 -53.32
N ASP G 253 -20.48 10.65 -52.76
CA ASP G 253 -20.73 9.22 -52.71
C ASP G 253 -20.78 8.69 -54.13
N GLN G 254 -21.39 9.50 -54.99
CA GLN G 254 -21.49 9.18 -56.40
C GLN G 254 -20.13 9.25 -57.09
N MET G 255 -19.32 10.24 -56.73
CA MET G 255 -17.96 10.34 -57.26
C MET G 255 -17.17 9.07 -57.00
N ILE G 256 -17.32 8.51 -55.80
CA ILE G 256 -16.65 7.27 -55.44
C ILE G 256 -17.14 6.08 -56.28
N ILE G 257 -18.46 5.96 -56.42
CA ILE G 257 -19.02 4.90 -57.26
C ILE G 257 -18.52 5.06 -58.69
N ALA G 258 -18.43 6.30 -59.16
CA ALA G 258 -17.91 6.57 -60.50
C ALA G 258 -16.47 6.05 -60.63
N GLY G 259 -15.72 6.15 -59.54
CA GLY G 259 -14.38 5.61 -59.51
C GLY G 259 -14.28 4.10 -59.57
N TYR G 260 -15.10 3.43 -58.74
CA TYR G 260 -15.13 1.97 -58.74
C TYR G 260 -15.49 1.47 -60.13
N GLY G 261 -16.43 2.18 -60.76
CA GLY G 261 -16.88 1.82 -62.09
C GLY G 261 -15.80 2.02 -63.15
N SER G 262 -15.13 3.17 -63.11
CA SER G 262 -14.07 3.48 -64.06
C SER G 262 -12.98 2.42 -64.06
N ILE G 263 -12.57 2.01 -62.87
CA ILE G 263 -11.51 1.00 -62.72
C ILE G 263 -11.96 -0.39 -63.18
N PHE G 264 -13.18 -0.77 -62.81
CA PHE G 264 -13.74 -2.06 -63.23
C PHE G 264 -13.91 -2.11 -64.74
N ALA G 265 -14.23 -0.97 -65.34
CA ALA G 265 -14.35 -0.88 -66.79
C ALA G 265 -13.00 -1.13 -67.45
N ALA G 266 -11.96 -0.56 -66.86
CA ALA G 266 -10.58 -0.72 -67.35
C ALA G 266 -10.12 -2.17 -67.25
N ILE G 267 -10.43 -2.81 -66.11
CA ILE G 267 -10.09 -4.21 -65.90
C ILE G 267 -10.66 -5.05 -67.02
N LEU G 268 -11.95 -4.85 -67.31
CA LEU G 268 -12.62 -5.58 -68.38
C LEU G 268 -12.03 -5.25 -69.75
N LEU G 269 -11.78 -3.97 -70.01
CA LEU G 269 -11.17 -3.56 -71.28
C LEU G 269 -9.79 -4.15 -71.47
N ILE G 270 -8.97 -4.04 -70.43
CA ILE G 270 -7.60 -4.55 -70.46
C ILE G 270 -7.57 -6.06 -70.72
N ILE G 271 -8.44 -6.80 -70.02
CA ILE G 271 -8.61 -8.23 -70.26
C ILE G 271 -9.13 -8.48 -71.67
N PHE G 272 -10.06 -7.62 -72.11
CA PHE G 272 -10.64 -7.74 -73.44
C PHE G 272 -9.58 -7.55 -74.52
N ALA G 273 -8.80 -6.48 -74.38
CA ALA G 273 -7.69 -6.16 -75.27
C ALA G 273 -6.80 -7.38 -75.51
N HIS G 274 -6.46 -8.04 -74.42
CA HIS G 274 -5.50 -9.12 -74.42
C HIS G 274 -6.01 -10.36 -75.17
N HIS G 275 -7.26 -10.76 -74.89
CA HIS G 275 -7.79 -12.03 -75.38
C HIS G 275 -8.74 -12.02 -76.59
N ARG G 276 -9.24 -10.87 -77.00
CA ARG G 276 -10.07 -10.84 -78.21
C ARG G 276 -9.21 -10.64 -79.45
N GLN G 277 -8.86 -11.76 -80.09
CA GLN G 277 -7.82 -11.73 -81.11
C GLN G 277 -8.03 -12.61 -82.33
N ALA G 278 -7.14 -12.44 -83.30
CA ALA G 278 -7.09 -13.24 -84.52
C ALA G 278 -5.70 -13.84 -84.68
N ASN G 279 -4.96 -14.02 -83.59
CA ASN G 279 -3.63 -14.60 -83.68
C ASN G 279 -3.19 -15.30 -82.38
N GLY G 280 -3.26 -14.56 -81.26
CA GLY G 280 -2.90 -15.09 -79.96
C GLY G 280 -2.40 -13.96 -79.10
N VAL G 281 -1.53 -13.17 -79.73
CA VAL G 281 -0.85 -12.04 -79.10
C VAL G 281 -1.34 -10.72 -79.66
N GLU G 282 -2.52 -10.71 -80.26
CA GLU G 282 -3.09 -9.47 -80.75
C GLU G 282 -3.68 -8.69 -79.60
N ASP G 283 -2.83 -8.02 -78.85
CA ASP G 283 -3.33 -7.10 -77.84
C ASP G 283 -3.66 -5.90 -78.69
N ASP G 284 -4.95 -5.60 -78.86
CA ASP G 284 -5.37 -4.55 -79.80
C ASP G 284 -4.60 -3.25 -79.59
N LEU G 285 -3.61 -3.05 -80.46
CA LEU G 285 -2.72 -1.90 -80.43
C LEU G 285 -3.53 -0.61 -80.34
N LEU G 286 -4.77 -0.69 -80.82
CA LEU G 286 -5.71 0.42 -80.83
C LEU G 286 -6.58 0.52 -79.58
N ILE G 287 -7.06 -0.61 -79.06
CA ILE G 287 -7.94 -0.56 -77.88
C ILE G 287 -7.16 -0.31 -76.60
N GLN G 288 -5.90 -0.72 -76.58
CA GLN G 288 -5.03 -0.41 -75.45
C GLN G 288 -4.74 1.08 -75.52
N ARG G 289 -4.97 1.64 -76.70
CA ARG G 289 -4.81 3.07 -76.94
C ARG G 289 -6.14 3.81 -76.79
N CYS G 290 -6.99 3.30 -75.91
CA CYS G 290 -8.15 4.05 -75.42
C CYS G 290 -7.71 4.97 -74.27
N ARG G 291 -6.48 5.46 -74.37
CA ARG G 291 -5.89 6.36 -73.40
C ARG G 291 -6.58 7.71 -73.40
N LEU G 292 -7.38 7.94 -74.44
CA LEU G 292 -8.15 9.17 -74.55
C LEU G 292 -9.64 8.86 -74.70
N ALA G 293 -9.94 7.59 -75.00
CA ALA G 293 -11.32 7.17 -75.24
C ALA G 293 -12.21 7.38 -74.03
N PHE G 294 -11.98 6.60 -72.97
CA PHE G 294 -12.82 6.75 -71.78
C PHE G 294 -12.44 7.80 -70.71
N PRO G 295 -11.27 8.48 -70.86
CA PRO G 295 -11.18 9.70 -70.05
C PRO G 295 -12.26 10.72 -70.43
N LEU G 296 -12.55 10.86 -71.74
CA LEU G 296 -13.65 11.72 -72.20
C LEU G 296 -14.98 10.97 -72.25
N GLY G 297 -14.91 9.64 -72.23
CA GLY G 297 -16.11 8.81 -72.13
C GLY G 297 -16.64 8.83 -70.72
N PHE G 298 -15.77 9.17 -69.78
CA PHE G 298 -16.13 9.33 -68.37
C PHE G 298 -16.72 10.73 -68.18
N LEU G 299 -16.22 11.67 -68.98
CA LEU G 299 -16.71 13.05 -68.97
C LEU G 299 -18.09 13.15 -69.60
N ALA G 300 -18.44 12.16 -70.42
CA ALA G 300 -19.77 12.10 -71.02
C ALA G 300 -20.76 11.57 -69.99
N ILE G 301 -20.35 10.57 -69.23
CA ILE G 301 -21.16 10.03 -68.14
C ILE G 301 -21.26 11.02 -67.01
N GLY G 302 -20.18 11.79 -66.81
CA GLY G 302 -20.11 12.80 -65.76
C GLY G 302 -21.01 14.01 -65.93
N CYS G 303 -21.15 14.48 -67.16
CA CYS G 303 -21.97 15.65 -67.46
C CYS G 303 -23.46 15.34 -67.39
N VAL G 304 -23.79 14.05 -67.41
CA VAL G 304 -25.19 13.60 -67.34
C VAL G 304 -25.78 13.83 -65.94
N LEU G 305 -24.94 13.82 -64.92
CA LEU G 305 -25.40 14.10 -63.55
C LEU G 305 -25.91 15.54 -63.35
N VAL G 306 -25.48 16.46 -64.20
CA VAL G 306 -25.96 17.85 -64.12
C VAL G 306 -27.36 17.99 -64.72
N ILE G 307 -27.70 17.13 -65.68
CA ILE G 307 -29.01 17.17 -66.32
C ILE G 307 -30.04 16.37 -65.52
N PRO H 1 -29.44 54.15 -9.13
CA PRO H 1 -28.59 53.30 -9.95
C PRO H 1 -27.57 52.53 -9.12
N VAL H 2 -27.89 51.27 -8.80
CA VAL H 2 -27.05 50.46 -7.92
C VAL H 2 -25.68 50.15 -8.51
N ASP H 3 -24.63 50.57 -7.82
CA ASP H 3 -23.28 50.29 -8.26
C ASP H 3 -22.89 48.89 -7.83
N VAL H 4 -22.64 48.05 -8.84
CA VAL H 4 -22.27 46.65 -8.63
C VAL H 4 -20.81 46.36 -8.98
N SER H 5 -20.07 45.83 -8.01
CA SER H 5 -18.70 45.39 -8.22
C SER H 5 -18.67 43.89 -8.44
N VAL H 6 -18.03 43.47 -9.52
CA VAL H 6 -17.95 42.05 -9.87
C VAL H 6 -16.49 41.59 -9.86
N SER H 7 -16.28 40.34 -9.46
CA SER H 7 -14.95 39.73 -9.53
C SER H 7 -15.08 38.32 -10.07
N ILE H 8 -14.38 38.07 -11.18
CA ILE H 8 -14.41 36.76 -11.82
C ILE H 8 -13.10 36.01 -11.58
N PHE H 9 -13.21 34.78 -11.12
CA PHE H 9 -12.05 33.94 -10.87
C PHE H 9 -12.05 32.77 -11.85
N ILE H 10 -11.03 32.69 -12.70
CA ILE H 10 -10.97 31.63 -13.70
C ILE H 10 -10.12 30.47 -13.19
N ASN H 11 -10.70 29.28 -13.05
CA ASN H 11 -9.96 28.10 -12.60
C ASN H 11 -9.42 27.27 -13.75
N LYS H 12 -10.27 27.00 -14.73
CA LYS H 12 -9.89 26.10 -15.81
C LYS H 12 -10.64 26.47 -17.09
N ILE H 13 -9.89 26.63 -18.17
CA ILE H 13 -10.49 26.76 -19.49
C ILE H 13 -10.08 25.51 -20.25
N TYR H 14 -11.05 24.70 -20.64
CA TYR H 14 -10.77 23.46 -21.35
C TYR H 14 -11.85 23.15 -22.37
N GLY H 15 -11.69 22.03 -23.06
CA GLY H 15 -12.70 21.53 -23.98
C GLY H 15 -13.14 22.47 -25.08
N VAL H 16 -12.20 22.89 -25.91
CA VAL H 16 -12.54 23.69 -27.07
C VAL H 16 -13.26 22.86 -28.13
N ASN H 17 -14.46 23.29 -28.50
CA ASN H 17 -15.18 22.67 -29.60
C ASN H 17 -14.94 23.46 -30.88
N THR H 18 -14.14 22.89 -31.77
CA THR H 18 -13.75 23.59 -32.99
C THR H 18 -14.94 23.91 -33.92
N LEU H 19 -15.81 22.95 -34.14
CA LEU H 19 -16.95 23.18 -35.02
C LEU H 19 -17.98 24.14 -34.43
N GLU H 20 -18.26 23.99 -33.15
CA GLU H 20 -19.26 24.80 -32.48
C GLU H 20 -18.70 26.14 -32.01
N GLN H 21 -17.37 26.29 -32.06
CA GLN H 21 -16.70 27.49 -31.55
C GLN H 21 -17.09 27.74 -30.10
N THR H 22 -16.70 26.79 -29.26
CA THR H 22 -17.17 26.70 -27.89
C THR H 22 -16.00 26.31 -26.99
N TYR H 23 -16.00 26.79 -25.75
CA TYR H 23 -15.00 26.39 -24.76
C TYR H 23 -15.60 26.41 -23.37
N LYS H 24 -15.11 25.52 -22.51
CA LYS H 24 -15.62 25.42 -21.14
C LYS H 24 -14.79 26.20 -20.13
N VAL H 25 -15.48 26.89 -19.22
CA VAL H 25 -14.81 27.68 -18.20
C VAL H 25 -15.36 27.31 -16.82
N ASP H 26 -14.47 26.95 -15.90
CA ASP H 26 -14.84 26.69 -14.52
C ASP H 26 -14.32 27.83 -13.66
N GLY H 27 -15.16 28.37 -12.79
CA GLY H 27 -14.75 29.46 -11.93
C GLY H 27 -15.80 29.98 -10.97
N TYR H 28 -15.57 31.18 -10.44
CA TYR H 28 -16.48 31.78 -9.47
C TYR H 28 -16.86 33.19 -9.90
N ILE H 29 -18.10 33.60 -9.63
CA ILE H 29 -18.44 35.01 -9.75
C ILE H 29 -18.71 35.57 -8.36
N VAL H 30 -18.20 36.76 -8.12
CA VAL H 30 -18.50 37.47 -6.88
C VAL H 30 -19.08 38.82 -7.20
N ALA H 31 -20.29 39.08 -6.69
CA ALA H 31 -20.95 40.37 -6.90
C ALA H 31 -21.24 41.03 -5.56
N GLN H 32 -20.92 42.32 -5.48
CA GLN H 32 -21.16 43.10 -4.27
C GLN H 32 -21.87 44.41 -4.61
N TRP H 33 -22.90 44.72 -3.83
CA TRP H 33 -23.62 45.99 -3.95
C TRP H 33 -24.10 46.37 -2.56
N THR H 34 -24.46 47.65 -2.37
CA THR H 34 -24.90 48.11 -1.06
C THR H 34 -26.39 48.39 -0.98
N GLY H 35 -27.07 47.68 -0.10
CA GLY H 35 -28.49 47.86 0.10
C GLY H 35 -28.75 48.67 1.36
N LYS H 36 -29.99 48.64 1.83
CA LYS H 36 -30.34 49.35 3.05
C LYS H 36 -29.84 48.55 4.25
N PRO H 37 -29.19 49.22 5.21
CA PRO H 37 -28.58 48.62 6.40
C PRO H 37 -29.47 47.58 7.06
N ARG H 38 -28.86 46.48 7.49
CA ARG H 38 -29.61 45.37 8.05
C ARG H 38 -29.25 45.19 9.51
N LYS H 39 -30.08 44.45 10.25
CA LYS H 39 -29.77 44.10 11.63
C LYS H 39 -29.42 42.62 11.67
N THR H 40 -28.13 42.31 11.65
CA THR H 40 -27.66 40.93 11.57
C THR H 40 -27.40 40.30 12.93
N PRO H 41 -27.58 38.97 13.03
CA PRO H 41 -27.29 38.20 14.25
C PRO H 41 -25.91 38.50 14.81
N GLY H 42 -25.84 38.86 16.08
CA GLY H 42 -24.62 39.34 16.68
C GLY H 42 -24.46 40.76 16.20
N ASP H 43 -23.64 40.94 15.16
CA ASP H 43 -23.53 42.19 14.43
C ASP H 43 -22.58 41.97 13.27
N LYS H 44 -21.85 40.86 13.33
CA LYS H 44 -21.00 40.46 12.22
C LYS H 44 -21.87 39.92 11.07
N PRO H 45 -21.40 40.06 9.81
CA PRO H 45 -22.15 39.70 8.60
C PRO H 45 -22.77 38.30 8.58
N LEU H 46 -23.95 38.21 7.96
CA LEU H 46 -24.72 36.98 7.86
C LEU H 46 -24.42 36.15 6.61
N ILE H 47 -24.20 34.85 6.80
CA ILE H 47 -23.96 33.94 5.67
C ILE H 47 -25.20 33.11 5.30
N VAL H 48 -25.53 33.12 4.01
CA VAL H 48 -26.66 32.34 3.48
C VAL H 48 -26.20 31.42 2.36
N GLU H 49 -26.26 30.11 2.58
CA GLU H 49 -25.84 29.17 1.55
C GLU H 49 -27.00 28.64 0.70
N ASN H 50 -26.61 28.01 -0.41
CA ASN H 50 -27.48 27.49 -1.47
C ASN H 50 -29.00 27.60 -1.33
N THR H 51 -29.61 26.52 -0.85
CA THR H 51 -31.05 26.36 -0.74
C THR H 51 -31.71 27.60 -0.19
N GLN H 52 -31.13 28.13 0.89
CA GLN H 52 -31.70 29.23 1.64
C GLN H 52 -31.81 30.58 0.91
N ILE H 53 -31.09 30.73 -0.19
CA ILE H 53 -31.15 31.99 -0.94
C ILE H 53 -32.52 32.22 -1.57
N GLU H 54 -33.12 31.17 -2.15
CA GLU H 54 -34.48 31.28 -2.69
C GLU H 54 -35.46 31.76 -1.64
N ARG H 55 -35.34 31.19 -0.45
CA ARG H 55 -36.18 31.56 0.67
C ARG H 55 -36.03 33.03 1.02
N TRP H 56 -34.81 33.55 0.91
CA TRP H 56 -34.56 34.97 1.17
C TRP H 56 -35.14 35.85 0.08
N ILE H 57 -35.07 35.37 -1.14
CA ILE H 57 -35.64 36.10 -2.26
C ILE H 57 -37.16 36.19 -2.15
N ASN H 58 -37.78 35.09 -1.72
CA ASN H 58 -39.21 35.07 -1.47
C ASN H 58 -39.67 36.10 -0.45
N ASN H 59 -38.83 36.39 0.54
CA ASN H 59 -39.14 37.42 1.53
C ASN H 59 -38.68 38.83 1.14
N GLY H 60 -38.31 39.01 -0.12
CA GLY H 60 -38.05 40.35 -0.63
C GLY H 60 -36.61 40.77 -0.81
N LEU H 61 -35.67 39.84 -0.68
CA LEU H 61 -34.27 40.17 -0.92
C LEU H 61 -34.07 40.43 -2.40
N TRP H 62 -33.55 41.60 -2.75
CA TRP H 62 -33.27 41.87 -4.14
C TRP H 62 -31.92 41.32 -4.52
N VAL H 63 -31.94 40.21 -5.25
CA VAL H 63 -30.72 39.62 -5.77
C VAL H 63 -30.88 39.57 -7.27
N PRO H 64 -30.26 40.53 -7.98
CA PRO H 64 -30.42 40.68 -9.42
C PRO H 64 -29.75 39.55 -10.18
N ALA H 65 -30.44 39.04 -11.19
CA ALA H 65 -29.88 37.98 -12.02
C ALA H 65 -28.87 38.54 -13.03
N LEU H 66 -27.63 38.05 -12.92
CA LEU H 66 -26.59 38.44 -13.87
C LEU H 66 -26.40 37.36 -14.94
N GLU H 67 -26.72 37.67 -16.19
CA GLU H 67 -26.65 36.70 -17.28
C GLU H 67 -25.32 36.66 -18.01
N PHE H 68 -24.84 35.45 -18.27
CA PHE H 68 -23.66 35.25 -19.10
C PHE H 68 -24.09 35.32 -20.55
N ILE H 69 -23.89 36.47 -21.17
CA ILE H 69 -24.35 36.74 -22.54
C ILE H 69 -23.91 35.68 -23.54
N ASN H 70 -22.65 35.28 -23.47
CA ASN H 70 -22.11 34.35 -24.44
C ASN H 70 -22.05 32.91 -23.96
N VAL H 71 -22.87 32.56 -22.98
CA VAL H 71 -22.96 31.17 -22.55
C VAL H 71 -23.89 30.36 -23.46
N VAL H 72 -23.45 29.18 -23.85
CA VAL H 72 -24.27 28.28 -24.64
C VAL H 72 -24.98 27.29 -23.74
N GLY H 73 -26.31 27.36 -23.70
CA GLY H 73 -27.07 26.57 -22.76
C GLY H 73 -27.11 27.34 -21.46
N SER H 74 -27.24 26.65 -20.34
CA SER H 74 -27.19 27.32 -19.04
C SER H 74 -26.20 26.57 -18.13
N PRO H 75 -25.31 27.34 -17.48
CA PRO H 75 -24.11 26.86 -16.77
C PRO H 75 -24.42 25.96 -15.61
N ASP H 76 -23.48 25.07 -15.31
CA ASP H 76 -23.58 24.25 -14.11
C ASP H 76 -23.19 25.15 -12.96
N THR H 77 -24.17 25.48 -12.12
CA THR H 77 -23.91 26.32 -10.97
C THR H 77 -23.60 25.41 -9.79
N GLY H 78 -22.47 25.66 -9.15
CA GLY H 78 -22.09 24.92 -7.97
C GLY H 78 -22.73 25.56 -6.75
N ASN H 79 -21.91 25.88 -5.75
CA ASN H 79 -22.42 26.47 -4.53
C ASN H 79 -22.76 27.96 -4.63
N LYS H 80 -23.87 28.35 -4.02
CA LYS H 80 -24.26 29.74 -4.00
C LYS H 80 -24.09 30.25 -2.57
N ARG H 81 -23.76 31.52 -2.42
CA ARG H 81 -23.56 32.10 -1.11
C ARG H 81 -23.96 33.56 -1.09
N LEU H 82 -24.75 33.93 -0.11
CA LEU H 82 -25.07 35.34 0.08
C LEU H 82 -24.45 35.75 1.40
N MET H 83 -23.63 36.80 1.34
CA MET H 83 -23.06 37.36 2.54
C MET H 83 -23.68 38.74 2.79
N LEU H 84 -24.52 38.80 3.82
CA LEU H 84 -25.30 39.99 4.12
C LEU H 84 -24.63 40.77 5.23
N PHE H 85 -24.20 41.99 4.91
CA PHE H 85 -23.57 42.83 5.91
C PHE H 85 -24.58 43.77 6.56
N PRO H 86 -24.35 44.12 7.83
CA PRO H 86 -25.26 45.02 8.55
C PRO H 86 -25.21 46.46 8.05
N ASP H 87 -24.06 46.88 7.51
CA ASP H 87 -23.93 48.23 6.96
C ASP H 87 -24.67 48.39 5.64
N GLY H 88 -25.27 47.32 5.16
CA GLY H 88 -26.10 47.37 3.98
C GLY H 88 -25.63 46.47 2.86
N ARG H 89 -24.32 46.47 2.62
CA ARG H 89 -23.77 45.76 1.47
C ARG H 89 -24.07 44.26 1.44
N VAL H 90 -24.25 43.74 0.23
CA VAL H 90 -24.59 42.35 0.02
C VAL H 90 -23.57 41.80 -0.96
N ILE H 91 -23.01 40.63 -0.65
CA ILE H 91 -22.03 40.00 -1.53
C ILE H 91 -22.48 38.63 -2.00
N TYR H 92 -22.68 38.51 -3.31
CA TYR H 92 -23.09 37.24 -3.87
C TYR H 92 -21.91 36.49 -4.46
N ASN H 93 -21.75 35.26 -3.99
CA ASN H 93 -20.66 34.40 -4.43
C ASN H 93 -21.19 33.05 -4.92
N ALA H 94 -20.79 32.67 -6.12
CA ALA H 94 -21.20 31.38 -6.66
C ALA H 94 -20.15 30.81 -7.63
N ARG H 95 -19.97 29.50 -7.56
CA ARG H 95 -19.12 28.80 -8.50
C ARG H 95 -19.92 28.33 -9.72
N PHE H 96 -19.27 28.36 -10.89
CA PHE H 96 -19.93 27.98 -12.13
C PHE H 96 -19.03 27.20 -13.08
N LEU H 97 -19.65 26.38 -13.92
CA LEU H 97 -18.96 25.77 -15.06
C LEU H 97 -19.83 26.02 -16.26
N GLY H 98 -19.30 26.72 -17.26
CA GLY H 98 -20.12 27.06 -18.40
C GLY H 98 -19.44 26.87 -19.73
N SER H 99 -20.25 26.61 -20.75
CA SER H 99 -19.74 26.48 -22.11
C SER H 99 -19.97 27.81 -22.82
N PHE H 100 -18.89 28.43 -23.23
CA PHE H 100 -18.96 29.78 -23.79
C PHE H 100 -18.68 29.82 -25.28
N SER H 101 -19.27 30.81 -25.94
CA SER H 101 -19.14 30.96 -27.38
C SER H 101 -18.30 32.18 -27.70
N ASN H 102 -17.56 32.06 -28.79
CA ASN H 102 -16.79 33.17 -29.33
C ASN H 102 -16.40 32.83 -30.76
N ASP H 103 -16.31 33.84 -31.62
CA ASP H 103 -15.83 33.62 -32.98
C ASP H 103 -14.40 33.10 -32.90
N MET H 104 -14.18 31.93 -33.48
CA MET H 104 -12.86 31.31 -33.44
C MET H 104 -12.38 30.95 -34.83
N ASP H 105 -11.25 31.55 -35.22
CA ASP H 105 -10.65 31.29 -36.51
C ASP H 105 -9.53 30.27 -36.35
N PHE H 106 -9.70 29.11 -36.98
CA PHE H 106 -8.72 28.03 -36.84
C PHE H 106 -7.93 27.78 -38.13
N ARG H 107 -7.98 28.75 -39.05
CA ARG H 107 -7.37 28.61 -40.37
C ARG H 107 -5.90 28.19 -40.32
N LEU H 108 -5.13 28.86 -39.48
CA LEU H 108 -3.69 28.61 -39.40
C LEU H 108 -3.33 27.58 -38.34
N PHE H 109 -4.17 26.55 -38.22
CA PHE H 109 -3.92 25.42 -37.34
C PHE H 109 -2.69 24.66 -37.81
N PRO H 110 -1.90 24.13 -36.87
CA PRO H 110 -2.04 24.12 -35.41
C PRO H 110 -1.37 25.33 -34.77
N PHE H 111 -1.29 26.43 -35.50
CA PHE H 111 -0.65 27.63 -35.01
C PHE H 111 -1.67 28.73 -34.73
N ASP H 112 -2.75 28.34 -34.05
CA ASP H 112 -3.85 29.27 -33.77
C ASP H 112 -3.48 30.28 -32.71
N ARG H 113 -4.07 31.46 -32.82
CA ARG H 113 -4.07 32.41 -31.72
C ARG H 113 -5.54 32.52 -31.39
N GLN H 114 -5.92 32.15 -30.17
CA GLN H 114 -7.31 32.26 -29.79
C GLN H 114 -7.48 33.16 -28.58
N GLN H 115 -8.68 33.68 -28.38
CA GLN H 115 -8.96 34.40 -27.15
C GLN H 115 -10.29 33.99 -26.54
N PHE H 116 -10.23 33.58 -25.28
CA PHE H 116 -11.39 33.10 -24.56
C PHE H 116 -12.09 34.28 -23.93
N VAL H 117 -13.38 34.42 -24.21
CA VAL H 117 -14.13 35.60 -23.82
C VAL H 117 -15.32 35.27 -22.92
N LEU H 118 -15.56 36.14 -21.94
CA LEU H 118 -16.73 36.05 -21.10
C LEU H 118 -17.46 37.41 -21.17
N GLU H 119 -18.78 37.37 -21.34
CA GLU H 119 -19.57 38.61 -21.33
C GLU H 119 -20.70 38.58 -20.30
N LEU H 120 -20.63 39.45 -19.29
CA LEU H 120 -21.64 39.45 -18.24
C LEU H 120 -22.56 40.66 -18.38
N GLU H 121 -23.85 40.44 -18.15
CA GLU H 121 -24.84 41.51 -18.26
C GLU H 121 -26.11 41.18 -17.47
N PRO H 122 -26.67 42.18 -16.77
CA PRO H 122 -27.92 42.00 -16.02
C PRO H 122 -29.10 41.66 -16.93
N PHE H 123 -29.88 40.68 -16.50
CA PHE H 123 -30.97 40.15 -17.32
C PHE H 123 -32.16 41.10 -17.48
N SER H 124 -32.48 41.86 -16.43
CA SER H 124 -33.70 42.68 -16.47
C SER H 124 -33.47 44.14 -16.12
N TYR H 125 -32.31 44.45 -15.54
CA TYR H 125 -32.04 45.81 -15.09
C TYR H 125 -31.08 46.60 -16.00
N ASN H 126 -31.59 47.70 -16.57
CA ASN H 126 -30.78 48.57 -17.44
C ASN H 126 -29.76 49.41 -16.67
N ASN H 127 -28.91 50.10 -17.42
CA ASN H 127 -27.86 50.96 -16.86
C ASN H 127 -28.26 51.96 -15.78
N GLN H 128 -29.48 52.47 -15.85
CA GLN H 128 -29.88 53.49 -14.88
C GLN H 128 -30.46 52.84 -13.64
N GLN H 129 -30.79 51.56 -13.75
CA GLN H 129 -31.21 50.76 -12.61
C GLN H 129 -30.03 50.04 -11.95
N LEU H 130 -29.23 49.34 -12.75
CA LEU H 130 -28.07 48.62 -12.26
C LEU H 130 -26.84 48.95 -13.10
N ARG H 131 -25.77 49.37 -12.47
CA ARG H 131 -24.58 49.75 -13.22
C ARG H 131 -23.35 49.03 -12.65
N PHE H 132 -22.52 48.50 -13.54
CA PHE H 132 -21.30 47.80 -13.14
C PHE H 132 -20.18 48.78 -12.78
N SER H 133 -19.89 48.89 -11.49
CA SER H 133 -18.89 49.85 -11.02
C SER H 133 -17.49 49.54 -11.53
N ASP H 134 -17.05 48.31 -11.29
CA ASP H 134 -15.71 47.86 -11.70
C ASP H 134 -15.62 46.35 -11.70
N ILE H 135 -14.60 45.83 -12.37
CA ILE H 135 -14.34 44.40 -12.33
C ILE H 135 -12.85 44.05 -12.47
N GLN H 136 -12.41 43.13 -11.61
CA GLN H 136 -11.07 42.54 -11.72
C GLN H 136 -11.20 41.05 -12.00
N VAL H 137 -10.36 40.54 -12.90
CA VAL H 137 -10.38 39.13 -13.25
C VAL H 137 -9.10 38.46 -12.78
N TYR H 138 -9.24 37.34 -12.08
CA TYR H 138 -8.09 36.62 -11.57
C TYR H 138 -7.86 35.26 -12.22
N THR H 139 -6.85 35.16 -13.07
CA THR H 139 -6.47 33.88 -13.64
C THR H 139 -5.38 33.28 -12.76
N GLU H 140 -5.82 32.54 -11.73
CA GLU H 140 -4.93 31.93 -10.74
C GLU H 140 -4.07 30.82 -11.35
N ASN H 141 -3.65 31.03 -12.59
CA ASN H 141 -2.85 30.07 -13.34
C ASN H 141 -1.35 30.37 -13.32
N ILE H 142 -0.57 29.39 -13.76
CA ILE H 142 0.90 29.48 -13.85
C ILE H 142 1.50 28.14 -14.27
N ASP H 143 2.77 28.20 -14.68
CA ASP H 143 3.65 27.04 -14.91
C ASP H 143 3.20 25.95 -15.91
N ASN H 144 4.13 25.05 -16.20
CA ASN H 144 3.91 23.83 -17.00
C ASN H 144 3.08 24.00 -18.26
N GLU H 145 3.49 24.90 -19.14
CA GLU H 145 2.73 25.13 -20.36
C GLU H 145 2.87 23.94 -21.29
N GLU H 146 4.02 23.28 -21.23
CA GLU H 146 4.29 22.15 -22.12
C GLU H 146 3.52 20.91 -21.68
N ILE H 147 2.75 21.06 -20.62
CA ILE H 147 1.89 19.99 -20.11
C ILE H 147 0.45 20.22 -20.56
N ASP H 148 0.09 21.50 -20.71
CA ASP H 148 -1.27 21.89 -21.08
C ASP H 148 -1.42 22.13 -22.58
N GLU H 149 -2.63 21.96 -23.09
CA GLU H 149 -2.94 22.11 -24.51
C GLU H 149 -2.84 23.54 -25.01
N TRP H 150 -3.29 24.48 -24.18
CA TRP H 150 -3.29 25.89 -24.55
C TRP H 150 -2.34 26.65 -23.66
N TRP H 151 -1.65 27.64 -24.23
CA TRP H 151 -0.78 28.48 -23.43
C TRP H 151 -1.41 29.83 -23.25
N ILE H 152 -1.87 30.12 -22.03
CA ILE H 152 -2.50 31.39 -21.74
C ILE H 152 -1.41 32.45 -21.82
N ARG H 153 -1.68 33.50 -22.58
CA ARG H 153 -0.65 34.50 -22.85
C ARG H 153 -0.71 35.72 -21.95
N GLY H 154 -1.74 36.54 -22.13
CA GLY H 154 -1.88 37.74 -21.34
C GLY H 154 -2.33 37.39 -19.94
N LYS H 155 -2.77 38.40 -19.21
CA LYS H 155 -3.30 38.16 -17.89
C LYS H 155 -4.80 38.05 -18.06
N ALA H 156 -5.43 39.19 -18.36
CA ALA H 156 -6.85 39.25 -18.63
C ALA H 156 -7.20 40.66 -19.06
N SER H 157 -7.86 40.77 -20.21
CA SER H 157 -8.29 42.08 -20.65
C SER H 157 -9.68 42.34 -20.11
N THR H 158 -9.93 43.57 -19.67
CA THR H 158 -11.19 43.87 -19.06
C THR H 158 -11.83 45.09 -19.70
N HIS H 159 -13.15 45.06 -19.85
CA HIS H 159 -13.87 46.18 -20.41
C HIS H 159 -15.34 46.23 -19.98
N ILE H 160 -15.67 47.25 -19.19
CA ILE H 160 -17.05 47.54 -18.86
C ILE H 160 -17.58 48.49 -19.92
N SER H 161 -18.72 48.16 -20.51
CA SER H 161 -19.26 48.97 -21.59
C SER H 161 -20.78 49.11 -21.47
N ASP H 162 -21.36 49.92 -22.35
CA ASP H 162 -22.80 50.13 -22.34
C ASP H 162 -23.39 49.64 -23.67
N ILE H 163 -24.25 48.63 -23.57
CA ILE H 163 -24.82 48.00 -24.76
C ILE H 163 -26.21 48.55 -25.02
N ARG H 164 -26.41 49.12 -26.21
CA ARG H 164 -27.73 49.63 -26.58
C ARG H 164 -28.52 48.64 -27.43
N TYR H 165 -29.75 48.36 -27.00
CA TYR H 165 -30.67 47.54 -27.77
C TYR H 165 -31.73 48.44 -28.41
N ASP H 166 -31.98 48.25 -29.70
CA ASP H 166 -32.91 49.12 -30.41
C ASP H 166 -34.35 48.58 -30.37
N HIS H 167 -34.52 47.28 -30.22
CA HIS H 167 -35.86 46.70 -30.16
C HIS H 167 -36.07 45.90 -28.88
N LEU H 168 -36.76 46.52 -27.94
CA LEU H 168 -37.14 45.89 -26.68
C LEU H 168 -38.64 46.11 -26.52
N SER H 169 -39.09 46.33 -25.29
CA SER H 169 -40.50 46.51 -25.02
C SER H 169 -41.01 47.80 -25.66
N SER H 170 -42.30 48.08 -25.47
CA SER H 170 -42.87 49.35 -25.91
C SER H 170 -42.45 50.49 -24.97
N VAL H 171 -41.18 50.50 -24.60
CA VAL H 171 -40.60 51.51 -23.69
C VAL H 171 -39.67 52.48 -24.43
N GLN H 172 -39.87 53.78 -24.23
CA GLN H 172 -39.20 54.82 -25.02
C GLN H 172 -38.19 55.84 -24.43
N PRO H 173 -38.25 56.17 -23.12
CA PRO H 173 -37.35 57.22 -22.63
C PRO H 173 -35.84 57.04 -22.92
N ASN H 174 -35.18 56.16 -22.19
CA ASN H 174 -33.75 55.90 -22.39
C ASN H 174 -33.31 54.59 -21.74
N GLN H 175 -34.30 53.75 -21.45
CA GLN H 175 -34.05 52.46 -20.84
C GLN H 175 -33.67 51.43 -21.90
N ASN H 176 -32.42 51.50 -22.36
CA ASN H 176 -31.93 50.59 -23.39
C ASN H 176 -30.41 50.39 -23.41
N GLU H 177 -29.68 50.96 -22.44
CA GLU H 177 -28.22 50.76 -22.42
C GLU H 177 -27.69 49.90 -21.29
N PHE H 178 -28.14 48.64 -21.20
CA PHE H 178 -27.60 47.69 -20.21
C PHE H 178 -26.07 47.75 -20.12
N SER H 179 -25.52 47.77 -18.90
CA SER H 179 -24.07 47.81 -18.74
C SER H 179 -23.48 46.41 -18.80
N ARG H 180 -22.46 46.23 -19.61
CA ARG H 180 -21.90 44.90 -19.82
C ARG H 180 -20.41 44.80 -19.49
N ILE H 181 -20.09 43.76 -18.73
CA ILE H 181 -18.71 43.41 -18.44
C ILE H 181 -18.22 42.41 -19.48
N THR H 182 -17.05 42.68 -20.04
CA THR H 182 -16.47 41.81 -21.04
C THR H 182 -15.05 41.38 -20.63
N VAL H 183 -14.88 40.09 -20.37
CA VAL H 183 -13.58 39.55 -20.01
C VAL H 183 -12.94 38.85 -21.21
N ARG H 184 -11.68 39.18 -21.49
CA ARG H 184 -10.93 38.52 -22.57
C ARG H 184 -9.60 37.94 -22.09
N ILE H 185 -9.39 36.67 -22.40
CA ILE H 185 -8.13 36.00 -22.07
C ILE H 185 -7.47 35.38 -23.31
N ASP H 186 -6.27 35.84 -23.66
CA ASP H 186 -5.56 35.35 -24.84
C ASP H 186 -4.80 34.05 -24.61
N ALA H 187 -4.78 33.21 -25.63
CA ALA H 187 -4.08 31.93 -25.54
C ALA H 187 -3.54 31.50 -26.90
N VAL H 188 -2.48 30.71 -26.87
CA VAL H 188 -1.88 30.15 -28.08
C VAL H 188 -1.82 28.64 -27.96
N ARG H 189 -2.07 27.95 -29.08
CA ARG H 189 -2.04 26.49 -29.09
C ARG H 189 -0.62 25.94 -28.98
N ASN H 190 -0.49 24.87 -28.20
CA ASN H 190 0.77 24.13 -28.07
C ASN H 190 0.94 23.25 -29.29
N PRO H 191 1.79 23.67 -30.24
CA PRO H 191 1.87 23.03 -31.55
C PRO H 191 2.76 21.78 -31.59
N SER H 192 3.39 21.46 -30.46
CA SER H 192 4.38 20.39 -30.37
C SER H 192 3.89 19.04 -30.91
N TYR H 193 2.70 18.61 -30.50
CA TYR H 193 2.20 17.32 -30.94
C TYR H 193 1.99 17.27 -32.44
N TYR H 194 1.38 18.33 -32.96
CA TYR H 194 1.04 18.37 -34.38
C TYR H 194 2.28 18.53 -35.28
N LEU H 195 3.30 19.20 -34.76
CA LEU H 195 4.52 19.37 -35.55
C LEU H 195 5.24 18.05 -35.75
N TRP H 196 5.55 17.38 -34.66
CA TRP H 196 6.35 16.17 -34.73
C TRP H 196 5.64 14.94 -35.26
N SER H 197 4.35 14.80 -34.97
CA SER H 197 3.60 13.64 -35.43
C SER H 197 2.77 13.85 -36.69
N PHE H 198 2.65 15.10 -37.14
CA PHE H 198 1.91 15.37 -38.37
C PHE H 198 2.69 16.10 -39.48
N ILE H 199 3.24 17.27 -39.16
CA ILE H 199 3.95 18.06 -40.18
C ILE H 199 5.16 17.31 -40.74
N LEU H 200 6.05 16.90 -39.83
CA LEU H 200 7.31 16.24 -40.18
C LEU H 200 7.16 14.97 -41.02
N PRO H 201 6.43 13.95 -40.51
CA PRO H 201 6.38 12.74 -41.33
C PRO H 201 5.65 12.97 -42.64
N LEU H 202 4.67 13.88 -42.65
CA LEU H 202 4.02 14.26 -43.88
C LEU H 202 5.07 14.87 -44.80
N GLY H 203 5.93 15.70 -44.21
CA GLY H 203 7.01 16.33 -44.95
C GLY H 203 7.94 15.32 -45.58
N LEU H 204 8.33 14.31 -44.81
CA LEU H 204 9.20 13.25 -45.33
C LEU H 204 8.50 12.48 -46.46
N ILE H 205 7.19 12.26 -46.33
CA ILE H 205 6.42 11.62 -47.39
C ILE H 205 6.49 12.42 -48.69
N ILE H 206 6.22 13.71 -48.60
CA ILE H 206 6.26 14.59 -49.76
C ILE H 206 7.67 14.63 -50.34
N ALA H 207 8.67 14.70 -49.47
CA ALA H 207 10.06 14.73 -49.93
C ALA H 207 10.40 13.43 -50.64
N ALA H 208 10.20 12.31 -49.94
CA ALA H 208 10.52 10.98 -50.48
C ALA H 208 9.65 10.63 -51.69
N SER H 209 8.54 11.34 -51.84
CA SER H 209 7.73 11.21 -53.04
C SER H 209 8.58 11.53 -54.26
N TRP H 210 9.46 12.51 -54.12
CA TRP H 210 10.30 12.97 -55.23
C TRP H 210 11.38 11.95 -55.61
N SER H 211 11.59 10.96 -54.75
CA SER H 211 12.61 9.94 -55.01
C SER H 211 12.16 8.99 -56.12
N VAL H 212 10.98 9.25 -56.67
CA VAL H 212 10.41 8.46 -57.76
C VAL H 212 11.17 8.60 -59.09
N PHE H 213 11.92 9.69 -59.23
CA PHE H 213 12.65 9.95 -60.47
C PHE H 213 13.99 9.23 -60.57
N TRP H 214 14.52 8.79 -59.44
CA TRP H 214 15.77 8.03 -59.43
C TRP H 214 15.58 6.57 -59.83
N LEU H 215 14.35 6.21 -60.16
CA LEU H 215 14.06 4.88 -60.68
C LEU H 215 14.47 4.77 -62.15
N GLU H 216 14.94 3.60 -62.55
CA GLU H 216 15.44 3.41 -63.90
C GLU H 216 14.31 3.27 -64.92
N SER H 217 13.52 2.21 -64.78
CA SER H 217 12.45 1.90 -65.73
C SER H 217 11.24 2.84 -65.66
N PHE H 218 10.52 2.95 -66.78
CA PHE H 218 9.28 3.73 -66.84
C PHE H 218 8.19 3.04 -66.04
N SER H 219 8.12 1.72 -66.16
CA SER H 219 7.11 0.96 -65.45
C SER H 219 7.28 1.16 -63.95
N GLU H 220 8.54 1.16 -63.51
CA GLU H 220 8.88 1.40 -62.12
C GLU H 220 8.51 2.81 -61.72
N ARG H 221 8.90 3.76 -62.55
CA ARG H 221 8.64 5.19 -62.32
C ARG H 221 7.16 5.46 -62.17
N LEU H 222 6.36 4.81 -63.01
CA LEU H 222 4.92 5.02 -63.02
C LEU H 222 4.22 4.25 -61.92
N GLN H 223 4.49 2.95 -61.84
CA GLN H 223 3.87 2.07 -60.86
C GLN H 223 4.14 2.47 -59.41
N THR H 224 5.34 2.99 -59.15
CA THR H 224 5.71 3.40 -57.80
C THR H 224 4.85 4.59 -57.32
N SER H 225 4.52 5.47 -58.24
CA SER H 225 3.72 6.65 -57.90
C SER H 225 2.27 6.29 -57.55
N PHE H 226 1.85 5.07 -57.90
CA PHE H 226 0.54 4.57 -57.51
C PHE H 226 0.59 4.13 -56.05
N THR H 227 1.71 3.54 -55.64
CA THR H 227 1.96 3.23 -54.23
C THR H 227 2.15 4.52 -53.47
N LEU H 228 2.77 5.50 -54.12
CA LEU H 228 3.01 6.80 -53.53
C LEU H 228 1.69 7.54 -53.31
N MET H 229 0.79 7.43 -54.28
CA MET H 229 -0.52 8.07 -54.19
C MET H 229 -1.31 7.46 -53.04
N LEU H 230 -1.28 6.13 -52.96
CA LEU H 230 -2.00 5.38 -51.93
C LEU H 230 -1.50 5.78 -50.54
N THR H 231 -0.24 6.16 -50.45
CA THR H 231 0.34 6.62 -49.19
C THR H 231 -0.27 7.94 -48.71
N VAL H 232 -0.40 8.89 -49.63
CA VAL H 232 -1.00 10.19 -49.28
C VAL H 232 -2.48 10.04 -48.87
N VAL H 233 -3.17 9.11 -49.52
CA VAL H 233 -4.55 8.75 -49.14
C VAL H 233 -4.57 8.21 -47.72
N ALA H 234 -3.65 7.31 -47.42
CA ALA H 234 -3.54 6.76 -46.07
C ALA H 234 -3.25 7.85 -45.08
N TYR H 235 -2.40 8.80 -45.47
CA TYR H 235 -2.01 9.86 -44.56
C TYR H 235 -3.13 10.87 -44.37
N ALA H 236 -3.82 11.18 -45.45
CA ALA H 236 -4.98 12.08 -45.38
C ALA H 236 -6.01 11.53 -44.39
N PHE H 237 -6.15 10.21 -44.40
CA PHE H 237 -7.07 9.52 -43.53
C PHE H 237 -6.63 9.67 -42.08
N TYR H 238 -5.39 9.30 -41.80
CA TYR H 238 -4.80 9.42 -40.47
C TYR H 238 -4.85 10.84 -39.93
N THR H 239 -4.57 11.82 -40.78
CA THR H 239 -4.65 13.22 -40.40
C THR H 239 -6.06 13.65 -40.01
N SER H 240 -7.00 13.49 -40.93
CA SER H 240 -8.38 13.94 -40.75
C SER H 240 -9.10 13.28 -39.58
N ASN H 241 -8.83 12.01 -39.35
CA ASN H 241 -9.47 11.28 -38.25
C ASN H 241 -9.06 11.77 -36.87
N ILE H 242 -7.85 12.28 -36.78
CA ILE H 242 -7.29 12.70 -35.49
C ILE H 242 -7.46 14.20 -35.31
N LEU H 243 -7.21 14.96 -36.38
CA LEU H 243 -7.35 16.41 -36.37
C LEU H 243 -8.78 16.89 -36.07
N PRO H 244 -8.89 18.13 -35.56
CA PRO H 244 -10.19 18.71 -35.26
C PRO H 244 -10.99 18.99 -36.52
N ARG H 245 -12.28 18.70 -36.48
CA ARG H 245 -13.14 18.94 -37.64
C ARG H 245 -13.39 20.43 -37.84
N LEU H 246 -13.22 20.89 -39.07
CA LEU H 246 -13.44 22.29 -39.41
C LEU H 246 -14.19 22.41 -40.73
N PRO H 247 -14.78 23.58 -40.99
CA PRO H 247 -15.42 23.82 -42.28
C PRO H 247 -14.51 24.49 -43.30
N TYR H 248 -13.20 24.46 -43.04
CA TYR H 248 -12.19 25.03 -43.94
C TYR H 248 -10.88 24.25 -43.92
N THR H 249 -10.00 24.56 -44.87
CA THR H 249 -8.72 23.86 -44.97
C THR H 249 -7.71 24.44 -43.99
N THR H 250 -6.95 23.58 -43.33
CA THR H 250 -5.91 24.05 -42.42
C THR H 250 -4.59 24.08 -43.17
N VAL H 251 -3.52 24.43 -42.48
CA VAL H 251 -2.18 24.39 -43.07
C VAL H 251 -1.84 22.94 -43.42
N ILE H 252 -2.08 22.05 -42.45
CA ILE H 252 -1.87 20.62 -42.63
C ILE H 252 -2.74 20.06 -43.76
N ASP H 253 -4.00 20.50 -43.84
CA ASP H 253 -4.87 20.07 -44.93
C ASP H 253 -4.29 20.53 -46.26
N GLN H 254 -3.71 21.72 -46.27
CA GLN H 254 -3.08 22.25 -47.47
C GLN H 254 -1.86 21.43 -47.87
N MET H 255 -1.10 21.01 -46.87
CA MET H 255 0.06 20.17 -47.11
C MET H 255 -0.32 18.88 -47.83
N ILE H 256 -1.44 18.31 -47.43
CA ILE H 256 -1.94 17.07 -48.03
C ILE H 256 -2.27 17.23 -49.51
N ILE H 257 -2.98 18.30 -49.83
CA ILE H 257 -3.33 18.61 -51.22
C ILE H 257 -2.05 18.79 -52.02
N ALA H 258 -1.08 19.46 -51.42
CA ALA H 258 0.22 19.70 -52.06
C ALA H 258 0.89 18.38 -52.39
N GLY H 259 0.68 17.39 -51.53
CA GLY H 259 1.18 16.05 -51.76
C GLY H 259 0.54 15.36 -52.95
N TYR H 260 -0.78 15.45 -53.04
CA TYR H 260 -1.51 14.85 -54.16
C TYR H 260 -1.02 15.42 -55.48
N GLY H 261 -0.78 16.72 -55.50
CA GLY H 261 -0.36 17.44 -56.69
C GLY H 261 1.03 17.03 -57.13
N SER H 262 1.94 16.97 -56.17
CA SER H 262 3.32 16.59 -56.43
C SER H 262 3.34 15.23 -57.13
N ILE H 263 2.53 14.31 -56.61
CA ILE H 263 2.45 12.95 -57.14
C ILE H 263 1.76 12.87 -58.52
N PHE H 264 0.65 13.58 -58.68
CA PHE H 264 -0.06 13.61 -59.96
C PHE H 264 0.76 14.32 -61.05
N ALA H 265 1.50 15.36 -60.65
CA ALA H 265 2.38 16.06 -61.57
C ALA H 265 3.49 15.13 -62.04
N ALA H 266 3.98 14.32 -61.11
CA ALA H 266 5.00 13.33 -61.43
C ALA H 266 4.46 12.31 -62.43
N ILE H 267 3.23 11.85 -62.21
CA ILE H 267 2.56 10.91 -63.13
C ILE H 267 2.51 11.46 -64.54
N LEU H 268 2.08 12.72 -64.66
CA LEU H 268 1.95 13.35 -65.97
C LEU H 268 3.29 13.45 -66.69
N LEU H 269 4.33 13.91 -65.98
CA LEU H 269 5.66 13.99 -66.58
C LEU H 269 6.19 12.62 -66.98
N ILE H 270 6.05 11.64 -66.08
CA ILE H 270 6.54 10.30 -66.34
C ILE H 270 5.91 9.70 -67.61
N ILE H 271 4.60 9.86 -67.76
CA ILE H 271 3.91 9.49 -69.00
C ILE H 271 4.42 10.36 -70.16
N PHE H 272 4.58 11.66 -69.88
CA PHE H 272 5.03 12.61 -70.89
C PHE H 272 6.43 12.30 -71.40
N ALA H 273 7.36 12.16 -70.48
CA ALA H 273 8.73 11.80 -70.79
C ALA H 273 8.77 10.60 -71.73
N HIS H 274 7.99 9.58 -71.39
CA HIS H 274 8.00 8.31 -72.10
C HIS H 274 7.48 8.39 -73.55
N HIS H 275 6.35 9.07 -73.75
CA HIS H 275 5.71 9.05 -75.07
C HIS H 275 6.03 10.27 -75.94
N ARG H 276 6.68 11.27 -75.34
CA ARG H 276 7.29 12.37 -76.10
C ARG H 276 8.71 11.93 -76.47
N GLN H 277 8.83 11.40 -77.67
CA GLN H 277 10.03 10.68 -78.11
C GLN H 277 10.37 10.90 -79.58
N ALA H 278 11.48 10.28 -80.00
CA ALA H 278 11.88 10.25 -81.39
C ALA H 278 11.91 8.79 -81.85
N ASN H 279 11.28 7.93 -81.05
CA ASN H 279 11.20 6.50 -81.33
C ASN H 279 10.03 5.82 -80.61
N GLY H 280 9.93 6.06 -79.31
CA GLY H 280 8.94 5.41 -78.47
C GLY H 280 9.31 5.48 -77.00
N VAL H 281 10.58 5.21 -76.70
CA VAL H 281 11.08 5.25 -75.32
C VAL H 281 12.11 6.35 -75.06
N GLU H 282 12.14 7.39 -75.89
CA GLU H 282 13.10 8.49 -75.67
C GLU H 282 12.68 9.44 -74.56
N ASP H 283 13.01 9.07 -73.32
CA ASP H 283 12.74 9.89 -72.14
C ASP H 283 13.78 11.00 -72.03
N ASP H 284 13.35 12.25 -72.21
CA ASP H 284 14.25 13.41 -72.21
C ASP H 284 15.17 13.44 -71.00
N LEU H 285 16.45 13.16 -71.22
CA LEU H 285 17.45 13.03 -70.14
C LEU H 285 17.42 14.12 -69.08
N LEU H 286 16.95 15.30 -69.45
CA LEU H 286 16.81 16.40 -68.49
C LEU H 286 15.45 16.36 -67.81
N ILE H 287 14.41 15.93 -68.52
CA ILE H 287 13.07 15.87 -67.94
C ILE H 287 12.96 14.68 -66.98
N GLN H 288 13.72 13.61 -67.25
CA GLN H 288 13.81 12.51 -66.30
C GLN H 288 14.69 12.98 -65.15
N ARG H 289 15.53 13.98 -65.44
CA ARG H 289 16.34 14.63 -64.42
C ARG H 289 15.71 15.93 -63.94
N CYS H 290 14.38 15.93 -63.87
CA CYS H 290 13.67 16.96 -63.13
C CYS H 290 13.66 16.56 -61.64
N ARG H 291 14.72 15.86 -61.26
CA ARG H 291 14.99 15.43 -59.89
C ARG H 291 15.37 16.62 -59.02
N LEU H 292 15.64 17.75 -59.66
CA LEU H 292 15.97 18.98 -58.96
C LEU H 292 15.00 20.11 -59.34
N ALA H 293 14.29 19.92 -60.44
CA ALA H 293 13.40 20.96 -60.97
C ALA H 293 12.29 21.30 -59.99
N PHE H 294 11.36 20.38 -59.80
CA PHE H 294 10.24 20.63 -58.89
C PHE H 294 10.40 20.31 -57.38
N PRO H 295 11.51 19.67 -56.97
CA PRO H 295 11.75 19.73 -55.52
C PRO H 295 11.99 21.16 -55.00
N LEU H 296 12.77 21.96 -55.73
CA LEU H 296 13.00 23.36 -55.34
C LEU H 296 11.92 24.28 -55.88
N GLY H 297 11.19 23.80 -56.88
CA GLY H 297 10.03 24.50 -57.38
C GLY H 297 8.90 24.33 -56.37
N PHE H 298 9.02 23.32 -55.53
CA PHE H 298 8.04 23.05 -54.49
C PHE H 298 8.32 24.01 -53.34
N LEU H 299 9.59 24.36 -53.16
CA LEU H 299 9.99 25.35 -52.16
C LEU H 299 9.67 26.78 -52.63
N ALA H 300 9.57 26.95 -53.95
CA ALA H 300 9.18 28.24 -54.51
C ALA H 300 7.67 28.39 -54.45
N ILE H 301 6.98 27.31 -54.78
CA ILE H 301 5.52 27.24 -54.67
C ILE H 301 5.11 27.20 -53.19
N GLY H 302 5.97 26.62 -52.36
CA GLY H 302 5.74 26.54 -50.92
C GLY H 302 5.80 27.88 -50.20
N CYS H 303 6.74 28.74 -50.62
CA CYS H 303 6.90 30.05 -50.01
C CYS H 303 5.82 31.03 -50.45
N VAL H 304 5.13 30.70 -51.53
CA VAL H 304 4.01 31.49 -52.01
C VAL H 304 2.81 31.26 -51.07
N LEU H 305 2.77 30.09 -50.44
CA LEU H 305 1.75 29.81 -49.44
C LEU H 305 1.93 30.69 -48.20
N VAL H 306 3.16 31.18 -48.01
CA VAL H 306 3.47 32.14 -46.95
C VAL H 306 3.02 33.54 -47.38
N ILE H 307 2.93 33.74 -48.69
CA ILE H 307 2.54 35.04 -49.24
C ILE H 307 1.03 35.22 -49.23
N PRO I 1 -14.65 28.59 16.72
CA PRO I 1 -14.12 27.94 15.51
C PRO I 1 -14.48 26.45 15.45
N VAL I 2 -15.55 26.12 14.73
CA VAL I 2 -16.11 24.78 14.75
C VAL I 2 -15.13 23.73 14.24
N ASP I 3 -14.87 22.74 15.09
CA ASP I 3 -13.98 21.63 14.74
C ASP I 3 -14.74 20.57 13.92
N VAL I 4 -14.32 20.38 12.67
CA VAL I 4 -14.95 19.39 11.78
C VAL I 4 -14.06 18.18 11.44
N SER I 5 -14.55 16.98 11.72
CA SER I 5 -13.87 15.73 11.39
C SER I 5 -14.40 15.18 10.07
N VAL I 6 -13.50 14.86 9.15
CA VAL I 6 -13.89 14.38 7.82
C VAL I 6 -13.40 12.94 7.57
N SER I 7 -14.20 12.16 6.86
CA SER I 7 -13.77 10.84 6.41
C SER I 7 -14.21 10.63 4.97
N ILE I 8 -13.25 10.39 4.08
CA ILE I 8 -13.54 10.15 2.68
C ILE I 8 -13.36 8.65 2.39
N PHE I 9 -14.37 8.04 1.79
CA PHE I 9 -14.28 6.63 1.42
C PHE I 9 -14.21 6.52 -0.10
N ILE I 10 -13.11 6.02 -0.64
CA ILE I 10 -12.96 5.94 -2.10
C ILE I 10 -13.38 4.56 -2.60
N ASN I 11 -14.40 4.50 -3.46
CA ASN I 11 -14.86 3.22 -3.96
C ASN I 11 -14.20 2.83 -5.26
N LYS I 12 -14.10 3.77 -6.18
CA LYS I 12 -13.55 3.46 -7.49
C LYS I 12 -12.98 4.72 -8.10
N ILE I 13 -11.75 4.61 -8.61
CA ILE I 13 -11.22 5.67 -9.45
C ILE I 13 -11.07 5.09 -10.84
N TYR I 14 -11.78 5.73 -11.77
CA TYR I 14 -11.86 5.28 -13.15
C TYR I 14 -12.00 6.48 -14.09
N GLY I 15 -12.07 6.18 -15.39
CA GLY I 15 -12.31 7.17 -16.41
C GLY I 15 -11.37 8.37 -16.41
N VAL I 16 -10.08 8.11 -16.54
CA VAL I 16 -9.10 9.17 -16.67
C VAL I 16 -9.29 9.82 -18.04
N ASN I 17 -9.54 11.12 -18.05
CA ASN I 17 -9.57 11.86 -19.31
C ASN I 17 -8.23 12.54 -19.55
N THR I 18 -7.44 12.00 -20.46
CA THR I 18 -6.09 12.48 -20.71
C THR I 18 -6.02 13.93 -21.20
N LEU I 19 -6.92 14.30 -22.10
CA LEU I 19 -6.92 15.65 -22.66
C LEU I 19 -7.35 16.71 -21.64
N GLU I 20 -8.38 16.41 -20.86
CA GLU I 20 -8.92 17.35 -19.86
C GLU I 20 -8.18 17.32 -18.53
N GLN I 21 -7.32 16.34 -18.37
CA GLN I 21 -6.63 16.09 -17.10
C GLN I 21 -7.66 15.90 -15.97
N THR I 22 -8.45 14.84 -16.13
CA THR I 22 -9.64 14.58 -15.33
C THR I 22 -9.78 13.10 -15.01
N TYR I 23 -10.35 12.77 -13.86
CA TYR I 23 -10.64 11.39 -13.49
C TYR I 23 -11.90 11.32 -12.65
N LYS I 24 -12.65 10.22 -12.76
CA LYS I 24 -13.91 10.08 -12.03
C LYS I 24 -13.67 9.35 -10.72
N VAL I 25 -14.23 9.88 -9.62
CA VAL I 25 -14.10 9.28 -8.29
C VAL I 25 -15.47 9.06 -7.67
N ASP I 26 -15.78 7.81 -7.32
CA ASP I 26 -17.03 7.48 -6.63
C ASP I 26 -16.73 7.14 -5.17
N GLY I 27 -17.50 7.69 -4.25
CA GLY I 27 -17.27 7.41 -2.84
C GLY I 27 -18.22 8.12 -1.91
N TYR I 28 -17.86 8.16 -0.63
CA TYR I 28 -18.70 8.76 0.41
C TYR I 28 -17.92 9.80 1.20
N ILE I 29 -18.59 10.89 1.59
CA ILE I 29 -18.00 11.83 2.54
C ILE I 29 -18.77 11.73 3.83
N VAL I 30 -18.04 11.73 4.93
CA VAL I 30 -18.66 11.81 6.24
C VAL I 30 -18.09 12.99 6.99
N ALA I 31 -18.95 13.91 7.42
CA ALA I 31 -18.50 15.05 8.19
C ALA I 31 -19.21 15.09 9.53
N GLN I 32 -18.44 15.29 10.58
CA GLN I 32 -18.98 15.31 11.93
C GLN I 32 -18.52 16.57 12.65
N TRP I 33 -19.44 17.18 13.38
CA TRP I 33 -19.10 18.31 14.23
C TRP I 33 -20.03 18.29 15.43
N THR I 34 -19.65 18.98 16.50
CA THR I 34 -20.49 18.99 17.69
C THR I 34 -21.17 20.32 17.91
N GLY I 35 -22.50 20.29 17.88
CA GLY I 35 -23.29 21.48 18.10
C GLY I 35 -23.85 21.42 19.50
N LYS I 36 -24.83 22.28 19.76
CA LYS I 36 -25.47 22.28 21.07
C LYS I 36 -26.47 21.13 21.16
N PRO I 37 -26.40 20.36 22.25
CA PRO I 37 -27.22 19.17 22.51
C PRO I 37 -28.68 19.33 22.16
N ARG I 38 -29.25 18.28 21.60
CA ARG I 38 -30.61 18.30 21.09
C ARG I 38 -31.48 17.36 21.91
N LYS I 39 -32.79 17.48 21.73
CA LYS I 39 -33.71 16.56 22.36
C LYS I 39 -34.25 15.61 21.30
N THR I 40 -33.64 14.43 21.23
CA THR I 40 -34.01 13.45 20.23
C THR I 40 -35.07 12.54 20.82
N PRO I 41 -35.98 12.02 19.98
CA PRO I 41 -37.00 11.09 20.46
C PRO I 41 -36.40 9.96 21.29
N GLY I 42 -36.87 9.82 22.52
CA GLY I 42 -36.27 8.87 23.45
C GLY I 42 -34.97 9.46 23.96
N ASP I 43 -33.90 9.07 23.28
CA ASP I 43 -32.55 9.58 23.52
C ASP I 43 -31.72 8.97 22.42
N LYS I 44 -32.41 8.15 21.63
CA LYS I 44 -31.82 7.45 20.50
C LYS I 44 -31.40 8.49 19.45
N PRO I 45 -30.25 8.25 18.79
CA PRO I 45 -29.75 9.19 17.77
C PRO I 45 -30.82 9.37 16.70
N LEU I 46 -30.99 10.59 16.21
CA LEU I 46 -32.01 10.80 15.19
C LEU I 46 -31.42 10.71 13.79
N ILE I 47 -32.05 9.93 12.93
CA ILE I 47 -31.62 9.83 11.54
C ILE I 47 -32.53 10.65 10.61
N VAL I 48 -31.92 11.47 9.78
CA VAL I 48 -32.66 12.25 8.80
C VAL I 48 -32.10 11.95 7.41
N GLU I 49 -32.89 11.29 6.57
CA GLU I 49 -32.44 10.95 5.22
C GLU I 49 -32.87 11.99 4.18
N ASN I 50 -32.25 11.91 3.01
CA ASN I 50 -32.34 12.88 1.91
C ASN I 50 -33.26 14.09 2.04
N THR I 51 -34.48 13.94 1.52
CA THR I 51 -35.47 15.01 1.46
C THR I 51 -35.60 15.79 2.75
N GLN I 52 -35.67 15.06 3.85
CA GLN I 52 -35.91 15.63 5.16
C GLN I 52 -34.80 16.54 5.69
N ILE I 53 -33.61 16.45 5.12
CA ILE I 53 -32.52 17.29 5.58
C ILE I 53 -32.79 18.76 5.32
N GLU I 54 -33.30 19.05 4.13
CA GLU I 54 -33.64 20.42 3.77
C GLU I 54 -34.64 21.00 4.78
N ARG I 55 -35.61 20.19 5.20
CA ARG I 55 -36.59 20.62 6.19
C ARG I 55 -35.93 21.05 7.49
N TRP I 56 -34.88 20.34 7.88
CA TRP I 56 -34.16 20.67 9.10
C TRP I 56 -33.32 21.93 8.93
N ILE I 57 -32.77 22.12 7.75
CA ILE I 57 -31.97 23.31 7.47
C ILE I 57 -32.84 24.57 7.47
N ASN I 58 -34.04 24.48 6.89
CA ASN I 58 -35.01 25.58 6.95
C ASN I 58 -35.37 25.94 8.38
N ASN I 59 -35.34 24.97 9.27
CA ASN I 59 -35.65 25.22 10.68
C ASN I 59 -34.43 25.67 11.47
N GLY I 60 -33.35 26.00 10.78
CA GLY I 60 -32.20 26.61 11.42
C GLY I 60 -31.04 25.69 11.71
N LEU I 61 -31.05 24.49 11.15
CA LEU I 61 -29.93 23.57 11.33
C LEU I 61 -28.72 24.04 10.53
N TRP I 62 -27.58 24.18 11.20
CA TRP I 62 -26.36 24.59 10.52
C TRP I 62 -25.65 23.40 9.90
N VAL I 63 -25.72 23.30 8.58
CA VAL I 63 -24.98 22.28 7.85
C VAL I 63 -24.13 22.99 6.79
N PRO I 64 -22.83 23.15 7.06
CA PRO I 64 -21.94 23.91 6.16
C PRO I 64 -21.69 23.19 4.84
N ALA I 65 -21.74 23.95 3.75
CA ALA I 65 -21.47 23.37 2.45
C ALA I 65 -19.98 23.18 2.29
N LEU I 66 -19.57 21.92 2.19
CA LEU I 66 -18.17 21.61 1.97
C LEU I 66 -17.89 21.37 0.49
N GLU I 67 -17.11 22.28 -0.10
CA GLU I 67 -16.82 22.26 -1.53
C GLU I 67 -15.60 21.43 -1.91
N PHE I 68 -15.75 20.64 -2.97
CA PHE I 68 -14.63 19.95 -3.56
C PHE I 68 -13.92 20.94 -4.48
N ILE I 69 -12.81 21.50 -3.98
CA ILE I 69 -12.09 22.56 -4.67
C ILE I 69 -11.76 22.23 -6.11
N ASN I 70 -11.26 21.02 -6.34
CA ASN I 70 -10.81 20.65 -7.67
C ASN I 70 -11.75 19.78 -8.48
N VAL I 71 -13.03 19.79 -8.13
CA VAL I 71 -14.02 19.08 -8.95
C VAL I 71 -14.49 19.89 -10.16
N VAL I 72 -14.60 19.21 -11.29
CA VAL I 72 -15.09 19.83 -12.52
C VAL I 72 -16.58 19.64 -12.68
N GLY I 73 -17.31 20.74 -12.63
CA GLY I 73 -18.75 20.67 -12.61
C GLY I 73 -19.22 20.52 -11.18
N SER I 74 -20.34 19.85 -11.00
CA SER I 74 -20.86 19.56 -9.68
C SER I 74 -21.18 18.08 -9.58
N PRO I 75 -20.71 17.44 -8.51
CA PRO I 75 -20.75 15.99 -8.30
C PRO I 75 -22.16 15.41 -8.26
N ASP I 76 -22.31 14.16 -8.68
CA ASP I 76 -23.59 13.46 -8.59
C ASP I 76 -23.74 12.97 -7.17
N THR I 77 -24.68 13.56 -6.44
CA THR I 77 -24.91 13.15 -5.06
C THR I 77 -25.95 12.05 -4.98
N GLY I 78 -25.60 10.97 -4.31
CA GLY I 78 -26.53 9.87 -4.04
C GLY I 78 -27.31 10.17 -2.77
N ASN I 79 -27.30 9.23 -1.83
CA ASN I 79 -28.05 9.39 -0.58
C ASN I 79 -27.40 10.33 0.43
N LYS I 80 -28.22 11.19 1.04
CA LYS I 80 -27.75 12.14 2.05
C LYS I 80 -28.30 11.67 3.38
N ARG I 81 -27.62 11.98 4.47
CA ARG I 81 -28.09 11.57 5.78
C ARG I 81 -27.61 12.51 6.87
N LEU I 82 -28.51 12.92 7.74
CA LEU I 82 -28.07 13.66 8.92
C LEU I 82 -28.32 12.78 10.13
N MET I 83 -27.25 12.53 10.86
CA MET I 83 -27.38 11.80 12.11
C MET I 83 -27.14 12.75 13.26
N LEU I 84 -28.21 13.07 13.99
CA LEU I 84 -28.16 14.04 15.06
C LEU I 84 -28.10 13.31 16.40
N PHE I 85 -27.02 13.53 17.14
CA PHE I 85 -26.90 12.91 18.46
C PHE I 85 -27.40 13.82 19.56
N PRO I 86 -27.97 13.24 20.63
CA PRO I 86 -28.58 14.03 21.71
C PRO I 86 -27.55 14.83 22.49
N ASP I 87 -26.31 14.34 22.52
CA ASP I 87 -25.22 15.04 23.19
C ASP I 87 -24.75 16.25 22.36
N GLY I 88 -25.33 16.41 21.17
CA GLY I 88 -25.04 17.58 20.36
C GLY I 88 -24.49 17.30 18.98
N ARG I 89 -23.54 16.37 18.91
CA ARG I 89 -22.80 16.11 17.69
C ARG I 89 -23.69 15.77 16.48
N VAL I 90 -23.23 16.18 15.31
CA VAL I 90 -23.98 16.01 14.06
C VAL I 90 -23.10 15.33 13.02
N ILE I 91 -23.64 14.33 12.33
CA ILE I 91 -22.90 13.64 11.28
C ILE I 91 -23.56 13.72 9.92
N TYR I 92 -22.87 14.32 8.96
CA TYR I 92 -23.36 14.38 7.59
C TYR I 92 -22.70 13.29 6.78
N ASN I 93 -23.51 12.41 6.21
CA ASN I 93 -23.02 11.31 5.42
C ASN I 93 -23.69 11.29 4.05
N ALA I 94 -22.90 11.29 2.99
CA ALA I 94 -23.44 11.32 1.64
C ALA I 94 -22.54 10.61 0.64
N ARG I 95 -23.14 9.91 -0.30
CA ARG I 95 -22.38 9.33 -1.40
C ARG I 95 -22.28 10.32 -2.54
N PHE I 96 -21.13 10.35 -3.20
CA PHE I 96 -20.92 11.28 -4.29
C PHE I 96 -20.17 10.58 -5.39
N LEU I 97 -20.40 11.04 -6.63
CA LEU I 97 -19.58 10.63 -7.77
C LEU I 97 -19.22 11.87 -8.54
N GLY I 98 -17.92 12.14 -8.66
CA GLY I 98 -17.49 13.36 -9.29
C GLY I 98 -16.33 13.22 -10.25
N SER I 99 -16.23 14.17 -11.18
CA SER I 99 -15.08 14.24 -12.08
C SER I 99 -14.10 15.26 -11.56
N PHE I 100 -12.90 14.82 -11.26
CA PHE I 100 -11.91 15.67 -10.62
C PHE I 100 -10.75 16.01 -11.54
N SER I 101 -10.17 17.19 -11.31
CA SER I 101 -9.07 17.68 -12.12
C SER I 101 -7.79 17.70 -11.32
N ASN I 102 -6.67 17.44 -12.01
CA ASN I 102 -5.36 17.52 -11.41
C ASN I 102 -4.31 17.60 -12.53
N ASP I 103 -3.17 18.22 -12.23
CA ASP I 103 -2.08 18.28 -13.18
C ASP I 103 -1.63 16.86 -13.50
N MET I 104 -1.70 16.47 -14.77
CA MET I 104 -1.28 15.13 -15.18
C MET I 104 -0.31 15.17 -16.36
N ASP I 105 0.90 14.64 -16.14
CA ASP I 105 1.91 14.58 -17.21
C ASP I 105 1.89 13.18 -17.83
N PHE I 106 1.61 13.12 -19.12
CA PHE I 106 1.52 11.83 -19.80
C PHE I 106 2.66 11.62 -20.80
N ARG I 107 3.72 12.40 -20.70
CA ARG I 107 4.82 12.32 -21.66
C ARG I 107 5.42 10.94 -21.83
N LEU I 108 5.77 10.29 -20.72
CA LEU I 108 6.43 9.00 -20.81
C LEU I 108 5.43 7.85 -20.76
N PHE I 109 4.32 8.07 -21.45
CA PHE I 109 3.31 7.05 -21.68
C PHE I 109 3.93 5.96 -22.54
N PRO I 110 3.56 4.69 -22.30
CA PRO I 110 2.57 4.18 -21.34
C PRO I 110 3.16 3.87 -19.98
N PHE I 111 4.20 4.57 -19.59
CA PHE I 111 4.83 4.34 -18.30
C PHE I 111 4.59 5.52 -17.35
N ASP I 112 3.35 6.01 -17.30
CA ASP I 112 3.04 7.20 -16.50
C ASP I 112 3.06 6.94 -15.00
N ARG I 113 3.40 7.98 -14.26
CA ARG I 113 3.18 8.00 -12.83
C ARG I 113 2.22 9.15 -12.62
N GLN I 114 1.04 8.84 -12.10
CA GLN I 114 0.05 9.88 -11.81
C GLN I 114 -0.37 9.87 -10.35
N GLN I 115 -0.94 10.98 -9.90
CA GLN I 115 -1.54 10.98 -8.57
C GLN I 115 -2.93 11.60 -8.60
N PHE I 116 -3.89 10.85 -8.08
CA PHE I 116 -5.28 11.27 -8.04
C PHE I 116 -5.51 12.10 -6.79
N VAL I 117 -6.06 13.29 -6.97
CA VAL I 117 -6.15 14.28 -5.89
C VAL I 117 -7.59 14.68 -5.55
N LEU I 118 -7.86 14.87 -4.27
CA LEU I 118 -9.11 15.44 -3.80
C LEU I 118 -8.80 16.62 -2.90
N GLU I 119 -9.49 17.74 -3.10
CA GLU I 119 -9.33 18.89 -2.22
C GLU I 119 -10.67 19.38 -1.65
N LEU I 120 -10.82 19.29 -0.34
CA LEU I 120 -12.06 19.67 0.33
C LEU I 120 -11.82 20.98 1.05
N GLU I 121 -12.79 21.90 1.00
CA GLU I 121 -12.64 23.20 1.67
C GLU I 121 -14.02 23.81 1.93
N PRO I 122 -14.21 24.44 3.11
CA PRO I 122 -15.50 25.05 3.39
C PRO I 122 -15.80 26.16 2.40
N PHE I 123 -17.01 26.17 1.86
CA PHE I 123 -17.36 27.15 0.84
C PHE I 123 -17.53 28.57 1.39
N SER I 124 -18.04 28.69 2.61
CA SER I 124 -18.39 30.02 3.13
C SER I 124 -17.79 30.35 4.50
N TYR I 125 -17.33 29.35 5.23
CA TYR I 125 -16.80 29.60 6.57
C TYR I 125 -15.28 29.49 6.60
N ASN I 126 -14.61 30.58 6.95
CA ASN I 126 -13.15 30.61 7.05
C ASN I 126 -12.58 29.82 8.23
N ASN I 127 -11.26 29.67 8.27
CA ASN I 127 -10.55 28.92 9.32
C ASN I 127 -10.93 29.31 10.75
N GLN I 128 -11.31 30.57 10.95
CA GLN I 128 -11.61 31.03 12.29
C GLN I 128 -13.04 30.70 12.63
N GLN I 129 -13.85 30.45 11.60
CA GLN I 129 -15.21 29.95 11.79
C GLN I 129 -15.24 28.42 11.76
N LEU I 130 -14.71 27.83 10.68
CA LEU I 130 -14.72 26.38 10.52
C LEU I 130 -13.33 25.89 10.18
N ARG I 131 -12.84 24.94 10.97
CA ARG I 131 -11.49 24.42 10.79
C ARG I 131 -11.55 22.90 10.71
N PHE I 132 -10.82 22.35 9.74
CA PHE I 132 -10.77 20.90 9.58
C PHE I 132 -9.87 20.28 10.62
N SER I 133 -10.49 19.62 11.59
CA SER I 133 -9.79 19.03 12.72
C SER I 133 -8.85 17.89 12.32
N ASP I 134 -9.39 16.92 11.57
CA ASP I 134 -8.59 15.79 11.11
C ASP I 134 -9.32 15.09 10.00
N ILE I 135 -8.61 14.27 9.24
CA ILE I 135 -9.23 13.45 8.20
C ILE I 135 -8.56 12.12 7.99
N GLN I 136 -9.38 11.07 7.88
CA GLN I 136 -8.88 9.76 7.47
C GLN I 136 -9.57 9.34 6.17
N VAL I 137 -8.80 8.75 5.27
CA VAL I 137 -9.30 8.30 3.98
C VAL I 137 -9.25 6.78 3.91
N TYR I 138 -10.34 6.17 3.48
CA TYR I 138 -10.38 4.72 3.37
C TYR I 138 -10.48 4.26 1.91
N THR I 139 -9.36 3.82 1.35
CA THR I 139 -9.36 3.25 0.03
C THR I 139 -9.45 1.74 0.18
N GLU I 140 -10.69 1.26 0.30
CA GLU I 140 -10.96 -0.14 0.53
C GLU I 140 -10.56 -1.01 -0.67
N ASN I 141 -9.48 -0.63 -1.32
CA ASN I 141 -8.95 -1.36 -2.48
C ASN I 141 -7.76 -2.26 -2.16
N ILE I 142 -7.48 -3.17 -3.09
CA ILE I 142 -6.38 -4.13 -3.03
C ILE I 142 -6.56 -5.10 -4.20
N ASP I 143 -5.53 -5.91 -4.47
CA ASP I 143 -5.63 -7.03 -5.40
C ASP I 143 -6.05 -6.70 -6.85
N ASN I 144 -6.08 -7.74 -7.70
CA ASN I 144 -6.45 -7.65 -9.11
C ASN I 144 -5.71 -6.54 -9.84
N GLU I 145 -4.38 -6.56 -9.76
CA GLU I 145 -3.58 -5.51 -10.37
C GLU I 145 -3.48 -5.63 -11.90
N GLU I 146 -3.31 -6.85 -12.40
CA GLU I 146 -3.18 -7.09 -13.83
C GLU I 146 -4.52 -7.17 -14.57
N ILE I 147 -5.61 -6.97 -13.85
CA ILE I 147 -6.95 -6.88 -14.45
C ILE I 147 -7.32 -5.41 -14.56
N ASP I 148 -6.77 -4.62 -13.64
CA ASP I 148 -7.03 -3.19 -13.61
C ASP I 148 -5.95 -2.39 -14.31
N GLU I 149 -6.35 -1.23 -14.81
CA GLU I 149 -5.52 -0.33 -15.58
C GLU I 149 -4.42 0.32 -14.73
N TRP I 150 -4.75 0.62 -13.48
CA TRP I 150 -3.82 1.31 -12.60
C TRP I 150 -3.40 0.49 -11.37
N TRP I 151 -2.14 0.65 -10.98
CA TRP I 151 -1.58 0.02 -9.77
C TRP I 151 -1.44 1.10 -8.73
N ILE I 152 -2.25 1.03 -7.66
CA ILE I 152 -2.15 2.01 -6.58
C ILE I 152 -0.89 1.76 -5.72
N ARG I 153 -0.14 2.83 -5.44
CA ARG I 153 1.15 2.74 -4.74
C ARG I 153 0.98 2.84 -3.23
N GLY I 154 0.63 4.03 -2.78
CA GLY I 154 0.42 4.28 -1.36
C GLY I 154 -0.94 3.81 -0.90
N LYS I 155 -1.31 4.20 0.31
CA LYS I 155 -2.63 3.87 0.81
C LYS I 155 -3.46 5.13 0.62
N ALA I 156 -3.00 6.23 1.21
CA ALA I 156 -3.59 7.55 1.01
C ALA I 156 -2.78 8.57 1.77
N SER I 157 -2.28 9.57 1.06
CA SER I 157 -1.54 10.65 1.71
C SER I 157 -2.47 11.84 1.99
N THR I 158 -2.28 12.49 3.13
CA THR I 158 -3.15 13.61 3.50
C THR I 158 -2.39 14.84 3.99
N HIS I 159 -2.95 16.01 3.72
CA HIS I 159 -2.38 17.28 4.18
C HIS I 159 -3.49 18.29 4.44
N ILE I 160 -3.70 18.59 5.72
CA ILE I 160 -4.57 19.67 6.12
C ILE I 160 -3.75 20.93 6.22
N SER I 161 -4.17 21.98 5.52
CA SER I 161 -3.40 23.20 5.46
C SER I 161 -4.35 24.37 5.54
N ASP I 162 -3.80 25.57 5.58
CA ASP I 162 -4.61 26.77 5.62
C ASP I 162 -4.33 27.53 4.35
N ILE I 163 -5.38 27.75 3.56
CA ILE I 163 -5.23 28.41 2.27
C ILE I 163 -5.53 29.88 2.44
N ARG I 164 -4.53 30.72 2.14
CA ARG I 164 -4.71 32.15 2.25
C ARG I 164 -5.09 32.71 0.88
N TYR I 165 -6.22 33.41 0.84
CA TYR I 165 -6.63 34.09 -0.37
C TYR I 165 -6.30 35.55 -0.18
N ASP I 166 -5.66 36.14 -1.19
CA ASP I 166 -5.16 37.51 -1.07
C ASP I 166 -6.19 38.55 -1.50
N HIS I 167 -7.12 38.16 -2.36
CA HIS I 167 -8.13 39.07 -2.87
C HIS I 167 -9.56 38.57 -2.64
N LEU I 168 -10.19 39.09 -1.59
CA LEU I 168 -11.57 38.73 -1.27
C LEU I 168 -12.46 39.96 -1.02
N SER I 169 -13.40 39.81 -0.08
CA SER I 169 -14.40 40.82 0.20
C SER I 169 -13.81 42.11 0.75
N SER I 170 -14.67 43.09 1.00
CA SER I 170 -14.27 44.32 1.66
C SER I 170 -14.09 44.09 3.17
N VAL I 171 -13.52 42.94 3.52
CA VAL I 171 -13.22 42.58 4.90
C VAL I 171 -11.71 42.56 5.09
N GLN I 172 -11.24 43.25 6.13
CA GLN I 172 -9.81 43.45 6.35
C GLN I 172 -9.07 42.83 7.58
N PRO I 173 -9.77 42.52 8.69
CA PRO I 173 -9.03 41.95 9.84
C PRO I 173 -8.17 40.71 9.56
N ASN I 174 -8.77 39.53 9.42
CA ASN I 174 -7.99 38.30 9.19
C ASN I 174 -8.79 37.12 8.64
N GLN I 175 -9.98 37.40 8.10
CA GLN I 175 -10.84 36.36 7.56
C GLN I 175 -10.51 35.94 6.12
N ASN I 176 -9.47 35.14 5.94
CA ASN I 176 -9.12 34.71 4.59
C ASN I 176 -8.35 33.39 4.48
N GLU I 177 -8.15 32.69 5.58
CA GLU I 177 -7.34 31.48 5.50
C GLU I 177 -8.12 30.17 5.65
N PHE I 178 -9.10 29.97 4.78
CA PHE I 178 -9.90 28.73 4.76
C PHE I 178 -9.07 27.47 4.91
N SER I 179 -9.53 26.53 5.74
CA SER I 179 -8.78 25.29 5.97
C SER I 179 -9.13 24.23 4.93
N ARG I 180 -8.10 23.63 4.33
CA ARG I 180 -8.30 22.69 3.24
C ARG I 180 -7.70 21.33 3.50
N ILE I 181 -8.50 20.30 3.26
CA ILE I 181 -8.04 18.93 3.29
C ILE I 181 -7.64 18.52 1.87
N THR I 182 -6.46 17.95 1.72
CA THR I 182 -5.99 17.49 0.42
C THR I 182 -5.61 16.03 0.46
N VAL I 183 -6.34 15.21 -0.26
CA VAL I 183 -6.03 13.79 -0.30
C VAL I 183 -5.30 13.44 -1.61
N ARG I 184 -4.23 12.65 -1.50
CA ARG I 184 -3.43 12.23 -2.64
C ARG I 184 -3.33 10.71 -2.73
N ILE I 185 -3.62 10.16 -3.90
CA ILE I 185 -3.49 8.74 -4.12
C ILE I 185 -2.53 8.51 -5.28
N ASP I 186 -1.39 7.87 -5.00
CA ASP I 186 -0.38 7.64 -6.04
C ASP I 186 -0.72 6.40 -6.84
N ALA I 187 -0.44 6.46 -8.15
CA ALA I 187 -0.77 5.36 -9.04
C ALA I 187 0.24 5.18 -10.17
N VAL I 188 0.38 3.94 -10.64
CA VAL I 188 1.27 3.64 -11.75
C VAL I 188 0.50 2.93 -12.85
N ARG I 189 0.77 3.29 -14.11
CA ARG I 189 0.11 2.63 -15.23
C ARG I 189 0.71 1.26 -15.50
N ASN I 190 -0.15 0.27 -15.71
CA ASN I 190 0.30 -1.06 -16.10
C ASN I 190 0.63 -1.07 -17.58
N PRO I 191 1.92 -1.02 -17.92
CA PRO I 191 2.34 -0.81 -19.31
C PRO I 191 2.33 -2.08 -20.12
N SER I 192 1.97 -3.19 -19.49
CA SER I 192 2.00 -4.50 -20.13
C SER I 192 1.28 -4.51 -21.47
N TYR I 193 0.06 -3.99 -21.49
CA TYR I 193 -0.76 -4.01 -22.70
C TYR I 193 -0.12 -3.28 -23.86
N TYR I 194 0.37 -2.08 -23.59
CA TYR I 194 0.96 -1.23 -24.63
C TYR I 194 2.30 -1.80 -25.09
N LEU I 195 2.97 -2.53 -24.20
CA LEU I 195 4.23 -3.15 -24.55
C LEU I 195 3.99 -4.25 -25.58
N TRP I 196 3.12 -5.19 -25.26
CA TRP I 196 2.88 -6.33 -26.16
C TRP I 196 2.09 -5.99 -27.42
N SER I 197 1.12 -5.11 -27.30
CA SER I 197 0.25 -4.81 -28.44
C SER I 197 0.62 -3.56 -29.22
N PHE I 198 1.52 -2.73 -28.69
CA PHE I 198 1.93 -1.54 -29.41
C PHE I 198 3.44 -1.40 -29.60
N ILE I 199 4.19 -1.44 -28.51
CA ILE I 199 5.65 -1.30 -28.60
C ILE I 199 6.24 -2.42 -29.44
N LEU I 200 5.90 -3.67 -29.09
CA LEU I 200 6.43 -4.87 -29.75
C LEU I 200 6.19 -4.91 -31.26
N PRO I 201 4.93 -4.86 -31.71
CA PRO I 201 4.78 -5.02 -33.15
C PRO I 201 5.43 -3.90 -33.93
N LEU I 202 5.45 -2.70 -33.35
CA LEU I 202 6.12 -1.55 -33.95
C LEU I 202 7.60 -1.85 -34.11
N GLY I 203 8.17 -2.53 -33.12
CA GLY I 203 9.56 -2.94 -33.16
C GLY I 203 9.84 -3.89 -34.32
N LEU I 204 8.96 -4.87 -34.51
CA LEU I 204 9.11 -5.83 -35.61
C LEU I 204 9.05 -5.13 -36.96
N ILE I 205 8.21 -4.10 -37.05
CA ILE I 205 8.10 -3.27 -38.24
C ILE I 205 9.42 -2.58 -38.57
N ILE I 206 9.99 -1.87 -37.60
CA ILE I 206 11.25 -1.17 -37.80
C ILE I 206 12.38 -2.15 -38.11
N ALA I 207 12.37 -3.30 -37.46
CA ALA I 207 13.38 -4.34 -37.68
C ALA I 207 13.30 -4.83 -39.10
N ALA I 208 12.11 -5.27 -39.50
CA ALA I 208 11.88 -5.77 -40.84
C ALA I 208 12.08 -4.69 -41.89
N SER I 209 11.98 -3.44 -41.46
CA SER I 209 12.31 -2.31 -42.33
C SER I 209 13.76 -2.41 -42.79
N TRP I 210 14.64 -2.82 -41.88
CA TRP I 210 16.07 -2.89 -42.20
C TRP I 210 16.40 -4.04 -43.12
N SER I 211 15.46 -4.97 -43.26
CA SER I 211 15.64 -6.13 -44.12
C SER I 211 15.58 -5.77 -45.60
N VAL I 212 15.40 -4.47 -45.86
CA VAL I 212 15.36 -3.96 -47.21
C VAL I 212 16.73 -4.06 -47.88
N PHE I 213 17.77 -4.15 -47.05
CA PHE I 213 19.15 -4.19 -47.53
C PHE I 213 19.63 -5.55 -48.02
N TRP I 214 18.93 -6.61 -47.62
CA TRP I 214 19.25 -7.94 -48.13
C TRP I 214 18.67 -8.21 -49.53
N LEU I 215 17.99 -7.20 -50.08
CA LEU I 215 17.49 -7.27 -51.45
C LEU I 215 18.62 -7.00 -52.45
N GLU I 216 18.57 -7.70 -53.58
CA GLU I 216 19.64 -7.64 -54.57
C GLU I 216 19.61 -6.38 -55.45
N SER I 217 18.56 -6.26 -56.25
CA SER I 217 18.46 -5.16 -57.22
C SER I 217 18.17 -3.80 -56.58
N PHE I 218 18.57 -2.73 -57.28
CA PHE I 218 18.28 -1.37 -56.83
C PHE I 218 16.80 -1.04 -56.91
N SER I 219 16.15 -1.47 -57.98
CA SER I 219 14.72 -1.25 -58.17
C SER I 219 13.96 -1.94 -57.05
N GLU I 220 14.42 -3.14 -56.68
CA GLU I 220 13.81 -3.88 -55.58
C GLU I 220 13.98 -3.11 -54.27
N ARG I 221 15.22 -2.70 -54.01
CA ARG I 221 15.57 -1.97 -52.78
C ARG I 221 14.75 -0.70 -52.60
N LEU I 222 14.57 0.05 -53.68
CA LEU I 222 13.87 1.32 -53.58
C LEU I 222 12.36 1.15 -53.55
N GLN I 223 11.82 0.37 -54.49
CA GLN I 223 10.37 0.15 -54.55
C GLN I 223 9.82 -0.48 -53.27
N THR I 224 10.60 -1.38 -52.68
CA THR I 224 10.18 -2.04 -51.44
C THR I 224 10.10 -1.04 -50.27
N SER I 225 10.98 -0.05 -50.29
CA SER I 225 10.99 0.94 -49.22
C SER I 225 9.73 1.82 -49.25
N PHE I 226 9.03 1.85 -50.37
CA PHE I 226 7.77 2.58 -50.46
C PHE I 226 6.61 1.80 -49.83
N THR I 227 6.63 0.48 -49.96
CA THR I 227 5.65 -0.36 -49.28
C THR I 227 5.90 -0.27 -47.77
N LEU I 228 7.18 -0.17 -47.43
CA LEU I 228 7.60 -0.08 -46.04
C LEU I 228 7.16 1.25 -45.44
N MET I 229 7.25 2.30 -46.24
CA MET I 229 6.81 3.63 -45.82
C MET I 229 5.33 3.59 -45.55
N LEU I 230 4.58 3.00 -46.47
CA LEU I 230 3.13 2.89 -46.37
C LEU I 230 2.69 2.10 -45.16
N THR I 231 3.51 1.15 -44.73
CA THR I 231 3.21 0.35 -43.54
C THR I 231 3.27 1.18 -42.24
N VAL I 232 4.30 2.02 -42.12
CA VAL I 232 4.42 2.87 -40.94
C VAL I 232 3.28 3.88 -40.84
N VAL I 233 2.84 4.43 -41.97
CA VAL I 233 1.67 5.30 -41.97
C VAL I 233 0.44 4.51 -41.53
N ALA I 234 0.32 3.29 -42.04
CA ALA I 234 -0.79 2.42 -41.64
C ALA I 234 -0.75 2.19 -40.13
N TYR I 235 0.45 2.07 -39.58
CA TYR I 235 0.64 1.88 -38.15
C TYR I 235 0.42 3.16 -37.35
N ALA I 236 0.86 4.29 -37.89
CA ALA I 236 0.64 5.59 -37.28
C ALA I 236 -0.85 5.84 -37.10
N PHE I 237 -1.63 5.41 -38.09
CA PHE I 237 -3.08 5.54 -38.08
C PHE I 237 -3.66 4.67 -36.97
N TYR I 238 -3.30 3.39 -37.00
CA TYR I 238 -3.75 2.39 -36.03
C TYR I 238 -3.42 2.80 -34.58
N THR I 239 -2.22 3.32 -34.37
CA THR I 239 -1.80 3.80 -33.07
C THR I 239 -2.66 4.95 -32.56
N SER I 240 -2.69 6.04 -33.30
CA SER I 240 -3.39 7.25 -32.89
C SER I 240 -4.88 7.05 -32.69
N ASN I 241 -5.46 6.18 -33.51
CA ASN I 241 -6.89 5.90 -33.42
C ASN I 241 -7.29 5.22 -32.10
N ILE I 242 -6.37 4.42 -31.55
CA ILE I 242 -6.65 3.67 -30.33
C ILE I 242 -6.05 4.29 -29.06
N LEU I 243 -4.81 4.75 -29.15
CA LEU I 243 -4.12 5.40 -28.03
C LEU I 243 -4.78 6.71 -27.55
N PRO I 244 -4.53 7.09 -26.29
CA PRO I 244 -5.11 8.30 -25.70
C PRO I 244 -4.58 9.59 -26.32
N ARG I 245 -5.48 10.54 -26.53
CA ARG I 245 -5.12 11.86 -27.09
C ARG I 245 -4.40 12.75 -26.10
N LEU I 246 -3.32 13.37 -26.54
CA LEU I 246 -2.50 14.27 -25.73
C LEU I 246 -2.09 15.50 -26.55
N PRO I 247 -1.62 16.56 -25.88
CA PRO I 247 -1.10 17.71 -26.63
C PRO I 247 0.41 17.62 -26.83
N TYR I 248 0.97 16.44 -26.62
CA TYR I 248 2.39 16.20 -26.86
C TYR I 248 2.70 14.76 -27.26
N THR I 249 3.91 14.55 -27.75
CA THR I 249 4.31 13.24 -28.24
C THR I 249 4.74 12.35 -27.07
N THR I 250 4.35 11.07 -27.15
CA THR I 250 4.74 10.09 -26.14
C THR I 250 5.94 9.27 -26.58
N VAL I 251 6.29 8.27 -25.79
CA VAL I 251 7.35 7.34 -26.15
C VAL I 251 6.96 6.59 -27.41
N ILE I 252 5.72 6.12 -27.46
CA ILE I 252 5.21 5.47 -28.65
C ILE I 252 5.25 6.38 -29.87
N ASP I 253 4.90 7.65 -29.69
CA ASP I 253 4.90 8.58 -30.81
C ASP I 253 6.27 8.73 -31.44
N GLN I 254 7.29 8.76 -30.59
CA GLN I 254 8.66 8.92 -31.04
C GLN I 254 9.14 7.71 -31.83
N MET I 255 8.77 6.51 -31.38
CA MET I 255 9.10 5.29 -32.12
C MET I 255 8.59 5.36 -33.53
N ILE I 256 7.39 5.91 -33.67
CA ILE I 256 6.78 6.08 -34.97
C ILE I 256 7.60 7.05 -35.82
N ILE I 257 8.01 8.17 -35.23
CA ILE I 257 8.85 9.11 -35.96
C ILE I 257 10.15 8.43 -36.36
N ALA I 258 10.69 7.64 -35.44
CA ALA I 258 11.93 6.90 -35.67
C ALA I 258 11.81 5.89 -36.82
N GLY I 259 10.63 5.30 -36.95
CA GLY I 259 10.35 4.41 -38.06
C GLY I 259 10.38 5.15 -39.37
N TYR I 260 9.72 6.30 -39.38
CA TYR I 260 9.73 7.19 -40.54
C TYR I 260 11.16 7.62 -40.85
N GLY I 261 11.93 7.91 -39.80
CA GLY I 261 13.29 8.39 -39.95
C GLY I 261 14.20 7.35 -40.58
N SER I 262 14.13 6.13 -40.08
CA SER I 262 14.93 5.04 -40.60
C SER I 262 14.70 4.83 -42.10
N ILE I 263 13.43 4.81 -42.50
CA ILE I 263 13.08 4.57 -43.89
C ILE I 263 13.50 5.70 -44.84
N PHE I 264 13.26 6.95 -44.44
CA PHE I 264 13.69 8.09 -45.26
C PHE I 264 15.21 8.14 -45.32
N ALA I 265 15.86 7.75 -44.22
CA ALA I 265 17.31 7.67 -44.20
C ALA I 265 17.77 6.57 -45.15
N ALA I 266 17.05 5.45 -45.14
CA ALA I 266 17.35 4.33 -46.03
C ALA I 266 17.16 4.72 -47.49
N ILE I 267 16.10 5.47 -47.77
CA ILE I 267 15.81 5.98 -49.11
C ILE I 267 17.00 6.79 -49.62
N LEU I 268 17.53 7.65 -48.76
CA LEU I 268 18.68 8.48 -49.11
C LEU I 268 19.92 7.65 -49.45
N LEU I 269 20.22 6.66 -48.62
CA LEU I 269 21.36 5.77 -48.87
C LEU I 269 21.21 4.92 -50.13
N ILE I 270 20.04 4.31 -50.29
CA ILE I 270 19.79 3.43 -51.43
C ILE I 270 19.96 4.17 -52.76
N ILE I 271 19.39 5.38 -52.85
CA ILE I 271 19.58 6.22 -54.02
C ILE I 271 21.04 6.62 -54.15
N PHE I 272 21.68 6.90 -53.01
CA PHE I 272 23.06 7.33 -53.00
C PHE I 272 23.99 6.26 -53.57
N ALA I 273 23.88 5.04 -53.04
CA ALA I 273 24.66 3.88 -53.50
C ALA I 273 24.65 3.70 -55.02
N HIS I 274 23.46 3.74 -55.62
CA HIS I 274 23.31 3.46 -57.03
C HIS I 274 23.96 4.53 -57.91
N HIS I 275 23.76 5.79 -57.57
CA HIS I 275 24.22 6.89 -58.42
C HIS I 275 25.56 7.51 -57.99
N ARG I 276 26.04 7.17 -56.80
CA ARG I 276 27.39 7.58 -56.42
C ARG I 276 28.40 6.52 -56.89
N GLN I 277 28.99 6.77 -58.05
CA GLN I 277 29.77 5.76 -58.75
C GLN I 277 31.01 6.30 -59.46
N ALA I 278 31.78 5.40 -60.05
CA ALA I 278 32.91 5.76 -60.88
C ALA I 278 32.70 5.17 -62.27
N ASN I 279 31.44 4.82 -62.54
CA ASN I 279 31.04 4.23 -63.82
C ASN I 279 29.55 4.42 -64.12
N GLY I 280 28.72 4.05 -63.16
CA GLY I 280 27.28 4.13 -63.31
C GLY I 280 26.57 3.19 -62.36
N VAL I 281 27.05 1.95 -62.29
CA VAL I 281 26.47 0.95 -61.40
C VAL I 281 27.41 0.49 -60.28
N GLU I 282 28.37 1.35 -59.93
CA GLU I 282 29.26 1.07 -58.81
C GLU I 282 28.53 1.30 -57.49
N ASP I 283 27.76 0.30 -57.06
CA ASP I 283 27.05 0.37 -55.78
C ASP I 283 28.06 0.05 -54.67
N ASP I 284 28.38 1.07 -53.86
CA ASP I 284 29.44 0.98 -52.85
C ASP I 284 29.37 -0.25 -51.93
N LEU I 285 30.29 -1.19 -52.18
CA LEU I 285 30.34 -2.51 -51.54
C LEU I 285 30.16 -2.51 -50.02
N LEU I 286 30.57 -1.43 -49.36
CA LEU I 286 30.39 -1.29 -47.92
C LEU I 286 29.06 -0.60 -47.60
N ILE I 287 28.66 0.35 -48.42
CA ILE I 287 27.44 1.09 -48.14
C ILE I 287 26.21 0.25 -48.43
N GLN I 288 26.32 -0.67 -49.40
CA GLN I 288 25.23 -1.60 -49.69
C GLN I 288 25.18 -2.66 -48.60
N ARG I 289 26.31 -2.86 -47.94
CA ARG I 289 26.40 -3.77 -46.80
C ARG I 289 26.27 -3.00 -45.50
N CYS I 290 25.45 -1.95 -45.53
CA CYS I 290 25.02 -1.30 -44.29
C CYS I 290 23.87 -2.11 -43.69
N ARG I 291 23.89 -3.42 -43.92
CA ARG I 291 22.92 -4.34 -43.38
C ARG I 291 23.10 -4.47 -41.88
N LEU I 292 24.25 -4.00 -41.38
CA LEU I 292 24.54 -4.03 -39.97
C LEU I 292 24.87 -2.65 -39.44
N ALA I 293 25.16 -1.73 -40.36
CA ALA I 293 25.58 -0.38 -39.97
C ALA I 293 24.52 0.32 -39.15
N PHE I 294 23.41 0.68 -39.77
CA PHE I 294 22.36 1.36 -39.02
C PHE I 294 21.28 0.53 -38.27
N PRO I 295 21.26 -0.81 -38.43
CA PRO I 295 20.49 -1.57 -37.44
C PRO I 295 21.03 -1.39 -36.03
N LEU I 296 22.36 -1.38 -35.89
CA LEU I 296 22.98 -1.08 -34.61
C LEU I 296 23.16 0.43 -34.47
N GLY I 297 23.10 1.14 -35.60
CA GLY I 297 23.11 2.58 -35.59
C GLY I 297 21.78 3.16 -35.15
N PHE I 298 20.71 2.38 -35.31
CA PHE I 298 19.38 2.77 -34.83
C PHE I 298 19.28 2.41 -33.36
N LEU I 299 19.96 1.34 -32.98
CA LEU I 299 20.02 0.91 -31.59
C LEU I 299 20.94 1.84 -30.80
N ALA I 300 21.81 2.55 -31.52
CA ALA I 300 22.66 3.57 -30.93
C ALA I 300 21.89 4.88 -30.79
N ILE I 301 21.15 5.23 -31.84
CA ILE I 301 20.30 6.42 -31.83
C ILE I 301 19.12 6.20 -30.91
N GLY I 302 18.65 4.96 -30.85
CA GLY I 302 17.55 4.61 -29.97
C GLY I 302 17.93 4.67 -28.50
N CYS I 303 19.12 4.21 -28.17
CA CYS I 303 19.58 4.20 -26.78
C CYS I 303 20.04 5.58 -26.29
N VAL I 304 20.40 6.45 -27.23
CA VAL I 304 20.78 7.82 -26.89
C VAL I 304 19.55 8.70 -26.62
N LEU I 305 18.44 8.41 -27.30
CA LEU I 305 17.18 9.11 -27.06
C LEU I 305 16.61 8.84 -25.68
N VAL I 306 17.05 7.74 -25.07
CA VAL I 306 16.64 7.37 -23.71
C VAL I 306 17.35 8.26 -22.69
N ILE I 307 18.45 8.88 -23.10
CA ILE I 307 19.24 9.74 -22.21
C ILE I 307 18.59 11.11 -22.09
N PRO J 1 -36.29 -4.66 15.40
CA PRO J 1 -35.53 -4.89 14.16
C PRO J 1 -36.45 -5.22 13.00
N VAL J 2 -36.76 -4.22 12.19
CA VAL J 2 -37.76 -4.34 11.13
C VAL J 2 -37.39 -5.33 10.04
N ASP J 3 -38.23 -6.35 9.85
CA ASP J 3 -38.02 -7.35 8.81
C ASP J 3 -38.55 -6.88 7.47
N VAL J 4 -37.65 -6.73 6.49
CA VAL J 4 -38.04 -6.31 5.14
C VAL J 4 -37.87 -7.40 4.08
N SER J 5 -38.97 -7.68 3.36
CA SER J 5 -38.94 -8.63 2.26
C SER J 5 -38.78 -7.89 0.92
N VAL J 6 -37.78 -8.28 0.13
CA VAL J 6 -37.47 -7.60 -1.12
C VAL J 6 -37.75 -8.50 -2.32
N SER J 7 -38.19 -7.91 -3.42
CA SER J 7 -38.36 -8.64 -4.66
C SER J 7 -37.88 -7.79 -5.84
N ILE J 8 -36.90 -8.32 -6.58
CA ILE J 8 -36.34 -7.61 -7.73
C ILE J 8 -36.85 -8.22 -9.03
N PHE J 9 -37.37 -7.38 -9.92
CA PHE J 9 -37.79 -7.84 -11.25
C PHE J 9 -36.85 -7.25 -12.30
N ILE J 10 -36.11 -8.11 -12.98
CA ILE J 10 -35.15 -7.66 -13.99
C ILE J 10 -35.80 -7.65 -15.36
N ASN J 11 -35.91 -6.46 -15.97
CA ASN J 11 -36.49 -6.36 -17.32
C ASN J 11 -35.42 -6.44 -18.38
N LYS J 12 -34.33 -5.71 -18.15
CA LYS J 12 -33.30 -5.57 -19.18
C LYS J 12 -31.92 -5.36 -18.56
N ILE J 13 -30.97 -6.16 -19.03
CA ILE J 13 -29.56 -5.93 -18.74
C ILE J 13 -28.92 -5.64 -20.07
N TYR J 14 -28.39 -4.44 -20.24
CA TYR J 14 -27.79 -4.06 -21.52
C TYR J 14 -26.61 -3.13 -21.35
N GLY J 15 -26.02 -2.71 -22.46
CA GLY J 15 -24.98 -1.69 -22.46
C GLY J 15 -23.77 -1.92 -21.56
N VAL J 16 -23.05 -3.02 -21.79
CA VAL J 16 -21.81 -3.28 -21.07
C VAL J 16 -20.66 -2.34 -21.48
N ASN J 17 -20.10 -1.61 -20.50
CA ASN J 17 -18.87 -0.85 -20.73
C ASN J 17 -17.67 -1.63 -20.23
N THR J 18 -16.88 -2.15 -21.17
CA THR J 18 -15.74 -2.98 -20.82
C THR J 18 -14.66 -2.26 -19.99
N LEU J 19 -14.34 -1.02 -20.35
CA LEU J 19 -13.31 -0.27 -19.63
C LEU J 19 -13.67 0.13 -18.20
N GLU J 20 -14.90 0.59 -17.99
CA GLU J 20 -15.32 1.03 -16.68
C GLU J 20 -15.81 -0.14 -15.85
N GLN J 21 -15.94 -1.30 -16.50
CA GLN J 21 -16.49 -2.48 -15.85
C GLN J 21 -17.90 -2.14 -15.32
N THR J 22 -18.79 -1.89 -16.27
CA THR J 22 -20.10 -1.29 -16.03
C THR J 22 -21.16 -2.01 -16.88
N TYR J 23 -22.39 -2.11 -16.38
CA TYR J 23 -23.50 -2.64 -17.16
C TYR J 23 -24.80 -2.00 -16.71
N LYS J 24 -25.75 -1.85 -17.63
CA LYS J 24 -27.03 -1.22 -17.30
C LYS J 24 -28.14 -2.23 -17.00
N VAL J 25 -28.90 -1.97 -15.94
CA VAL J 25 -30.02 -2.83 -15.54
C VAL J 25 -31.32 -2.06 -15.31
N ASP J 26 -32.38 -2.45 -16.02
CA ASP J 26 -33.69 -1.86 -15.82
C ASP J 26 -34.62 -2.85 -15.14
N GLY J 27 -35.36 -2.38 -14.16
CA GLY J 27 -36.29 -3.22 -13.43
C GLY J 27 -37.04 -2.49 -12.33
N TYR J 28 -37.64 -3.25 -11.42
CA TYR J 28 -38.43 -2.69 -10.35
C TYR J 28 -37.92 -3.24 -9.01
N ILE J 29 -37.98 -2.45 -7.95
CA ILE J 29 -37.71 -2.95 -6.60
C ILE J 29 -39.00 -2.98 -5.83
N VAL J 30 -39.25 -4.06 -5.11
CA VAL J 30 -40.38 -4.06 -4.20
C VAL J 30 -39.88 -4.39 -2.80
N ALA J 31 -40.13 -3.49 -1.86
CA ALA J 31 -39.74 -3.69 -0.46
C ALA J 31 -40.97 -3.61 0.43
N GLN J 32 -41.09 -4.56 1.33
CA GLN J 32 -42.27 -4.63 2.17
C GLN J 32 -41.92 -4.77 3.65
N TRP J 33 -42.62 -4.03 4.50
CA TRP J 33 -42.50 -4.16 5.96
C TRP J 33 -43.84 -3.86 6.63
N THR J 34 -43.97 -4.25 7.90
CA THR J 34 -45.24 -4.04 8.60
C THR J 34 -45.14 -2.93 9.64
N GLY J 35 -45.96 -1.90 9.47
CA GLY J 35 -45.96 -0.77 10.38
C GLY J 35 -47.14 -0.77 11.32
N LYS J 36 -47.36 0.36 11.99
CA LYS J 36 -48.49 0.48 12.90
C LYS J 36 -49.73 0.69 12.04
N PRO J 37 -50.79 -0.08 12.32
CA PRO J 37 -52.05 -0.02 11.56
C PRO J 37 -52.58 1.39 11.32
N ARG J 38 -53.05 1.61 10.10
CA ARG J 38 -53.56 2.92 9.69
C ARG J 38 -55.03 2.71 9.41
N LYS J 39 -55.77 3.80 9.29
CA LYS J 39 -57.18 3.70 8.95
C LYS J 39 -57.36 4.12 7.49
N THR J 40 -57.40 3.15 6.59
CA THR J 40 -57.48 3.46 5.17
C THR J 40 -58.93 3.55 4.71
N PRO J 41 -59.20 4.40 3.70
CA PRO J 41 -60.53 4.57 3.11
C PRO J 41 -61.18 3.24 2.75
N GLY J 42 -62.40 3.03 3.24
CA GLY J 42 -63.05 1.74 3.10
C GLY J 42 -62.39 0.83 4.12
N ASP J 43 -61.42 0.06 3.64
CA ASP J 43 -60.58 -0.79 4.47
C ASP J 43 -59.55 -1.38 3.54
N LYS J 44 -59.78 -1.15 2.25
CA LYS J 44 -58.87 -1.56 1.20
C LYS J 44 -57.60 -0.68 1.24
N PRO J 45 -56.45 -1.25 0.80
CA PRO J 45 -55.16 -0.57 0.87
C PRO J 45 -55.16 0.83 0.25
N LEU J 46 -54.42 1.74 0.85
CA LEU J 46 -54.33 3.11 0.34
C LEU J 46 -53.15 3.19 -0.62
N ILE J 47 -53.37 3.77 -1.79
CA ILE J 47 -52.31 3.93 -2.79
C ILE J 47 -51.76 5.35 -2.84
N VAL J 48 -50.45 5.48 -2.75
CA VAL J 48 -49.76 6.76 -2.84
C VAL J 48 -48.68 6.72 -3.94
N GLU J 49 -48.87 7.46 -5.03
CA GLU J 49 -47.90 7.48 -6.13
C GLU J 49 -46.92 8.67 -6.05
N ASN J 50 -45.87 8.60 -6.87
CA ASN J 50 -44.71 9.51 -6.90
C ASN J 50 -44.63 10.73 -5.96
N THR J 51 -45.07 11.88 -6.46
CA THR J 51 -45.02 13.16 -5.73
C THR J 51 -45.52 13.06 -4.29
N GLN J 52 -46.66 12.39 -4.11
CA GLN J 52 -47.29 12.30 -2.81
C GLN J 52 -46.52 11.53 -1.73
N ILE J 53 -45.55 10.72 -2.12
CA ILE J 53 -44.79 9.94 -1.15
C ILE J 53 -43.98 10.84 -0.22
N GLU J 54 -43.33 11.81 -0.82
CA GLU J 54 -42.54 12.80 -0.11
C GLU J 54 -43.39 13.53 0.94
N ARG J 55 -44.60 13.91 0.54
CA ARG J 55 -45.52 14.62 1.43
C ARG J 55 -45.89 13.79 2.66
N TRP J 56 -46.08 12.48 2.45
CA TRP J 56 -46.42 11.55 3.52
C TRP J 56 -45.25 11.34 4.46
N ILE J 57 -44.05 11.41 3.91
CA ILE J 57 -42.85 11.26 4.72
C ILE J 57 -42.72 12.43 5.69
N ASN J 58 -43.00 13.64 5.20
CA ASN J 58 -43.02 14.83 6.04
C ASN J 58 -43.99 14.70 7.20
N ASN J 59 -45.05 13.94 6.98
CA ASN J 59 -46.03 13.68 8.03
C ASN J 59 -45.68 12.48 8.89
N GLY J 60 -44.44 12.00 8.76
CA GLY J 60 -43.94 10.99 9.68
C GLY J 60 -43.92 9.56 9.19
N LEU J 61 -44.14 9.37 7.89
CA LEU J 61 -44.06 8.02 7.32
C LEU J 61 -42.60 7.62 7.26
N TRP J 62 -42.27 6.49 7.88
CA TRP J 62 -40.92 5.97 7.81
C TRP J 62 -40.73 5.14 6.55
N VAL J 63 -40.02 5.72 5.58
CA VAL J 63 -39.70 5.01 4.36
C VAL J 63 -38.18 5.01 4.27
N PRO J 64 -37.58 3.87 4.58
CA PRO J 64 -36.12 3.73 4.63
C PRO J 64 -35.45 3.79 3.26
N ALA J 65 -34.35 4.54 3.16
CA ALA J 65 -33.60 4.60 1.91
C ALA J 65 -32.75 3.36 1.76
N LEU J 66 -33.01 2.59 0.70
CA LEU J 66 -32.21 1.41 0.38
C LEU J 66 -31.20 1.73 -0.72
N GLU J 67 -29.91 1.72 -0.38
CA GLU J 67 -28.88 2.09 -1.36
C GLU J 67 -28.39 0.92 -2.20
N PHE J 68 -28.23 1.17 -3.49
CA PHE J 68 -27.58 0.24 -4.38
C PHE J 68 -26.07 0.40 -4.24
N ILE J 69 -25.45 -0.49 -3.47
CA ILE J 69 -24.02 -0.42 -3.15
C ILE J 69 -23.12 -0.31 -4.37
N ASN J 70 -23.38 -1.14 -5.38
CA ASN J 70 -22.52 -1.21 -6.57
C ASN J 70 -23.02 -0.46 -7.79
N VAL J 71 -23.87 0.52 -7.57
CA VAL J 71 -24.32 1.42 -8.62
C VAL J 71 -23.31 2.54 -8.91
N VAL J 72 -23.13 2.84 -10.19
CA VAL J 72 -22.27 3.95 -10.60
C VAL J 72 -23.08 5.22 -10.76
N GLY J 73 -22.85 6.20 -9.89
CA GLY J 73 -23.67 7.39 -9.91
C GLY J 73 -24.96 7.15 -9.15
N SER J 74 -26.03 7.78 -9.60
CA SER J 74 -27.34 7.58 -9.01
C SER J 74 -28.35 7.22 -10.11
N PRO J 75 -29.11 6.13 -9.89
CA PRO J 75 -30.03 5.49 -10.85
C PRO J 75 -31.20 6.39 -11.23
N ASP J 76 -31.75 6.18 -12.42
CA ASP J 76 -32.95 6.87 -12.84
C ASP J 76 -34.15 6.21 -12.20
N THR J 77 -34.81 6.93 -11.30
CA THR J 77 -36.02 6.41 -10.69
C THR J 77 -37.20 6.78 -11.55
N GLY J 78 -37.96 5.77 -11.94
CA GLY J 78 -39.18 5.98 -12.70
C GLY J 78 -40.30 6.28 -11.75
N ASN J 79 -41.39 5.54 -11.87
CA ASN J 79 -42.52 5.77 -10.99
C ASN J 79 -42.31 5.21 -9.58
N LYS J 80 -42.76 5.96 -8.59
CA LYS J 80 -42.67 5.52 -7.21
C LYS J 80 -44.09 5.22 -6.73
N ARG J 81 -44.23 4.26 -5.83
CA ARG J 81 -45.55 3.92 -5.34
C ARG J 81 -45.45 3.39 -3.92
N LEU J 82 -46.31 3.92 -3.05
CA LEU J 82 -46.44 3.39 -1.71
C LEU J 82 -47.83 2.80 -1.54
N MET J 83 -47.88 1.53 -1.15
CA MET J 83 -49.15 0.87 -0.87
C MET J 83 -49.26 0.66 0.63
N LEU J 84 -50.18 1.39 1.26
CA LEU J 84 -50.35 1.39 2.71
C LEU J 84 -51.53 0.51 3.12
N PHE J 85 -51.25 -0.54 3.88
CA PHE J 85 -52.32 -1.42 4.36
C PHE J 85 -52.80 -1.06 5.77
N PRO J 86 -54.09 -1.29 6.04
CA PRO J 86 -54.70 -0.96 7.32
C PRO J 86 -54.18 -1.84 8.44
N ASP J 87 -53.77 -3.06 8.10
CA ASP J 87 -53.21 -3.97 9.09
C ASP J 87 -51.80 -3.54 9.48
N GLY J 88 -51.29 -2.52 8.81
CA GLY J 88 -50.00 -1.95 9.14
C GLY J 88 -49.00 -2.00 8.00
N ARG J 89 -48.97 -3.13 7.30
CA ARG J 89 -47.93 -3.41 6.31
C ARG J 89 -47.81 -2.37 5.19
N VAL J 90 -46.57 -2.13 4.78
CA VAL J 90 -46.26 -1.11 3.78
C VAL J 90 -45.44 -1.72 2.65
N ILE J 91 -45.82 -1.40 1.42
CA ILE J 91 -45.12 -1.91 0.24
C ILE J 91 -44.58 -0.78 -0.64
N TYR J 92 -43.27 -0.74 -0.80
CA TYR J 92 -42.63 0.26 -1.65
C TYR J 92 -42.28 -0.33 -3.01
N ASN J 93 -42.82 0.26 -4.07
CA ASN J 93 -42.56 -0.20 -5.43
C ASN J 93 -42.07 0.94 -6.32
N ALA J 94 -40.94 0.72 -6.98
CA ALA J 94 -40.39 1.74 -7.85
C ALA J 94 -39.65 1.11 -9.02
N ARG J 95 -39.76 1.72 -10.19
CA ARG J 95 -38.97 1.29 -11.34
C ARG J 95 -37.61 1.99 -11.34
N PHE J 96 -36.57 1.27 -11.74
CA PHE J 96 -35.23 1.85 -11.77
C PHE J 96 -34.45 1.41 -12.99
N LEU J 97 -33.59 2.30 -13.48
CA LEU J 97 -32.59 1.94 -14.48
C LEU J 97 -31.27 2.55 -14.04
N GLY J 98 -30.30 1.68 -13.81
CA GLY J 98 -29.03 2.13 -13.26
C GLY J 98 -27.82 1.50 -13.92
N SER J 99 -26.69 2.18 -13.79
CA SER J 99 -25.41 1.63 -14.23
C SER J 99 -24.70 1.04 -13.03
N PHE J 100 -24.45 -0.26 -13.10
CA PHE J 100 -23.88 -0.97 -11.97
C PHE J 100 -22.43 -1.39 -12.22
N SER J 101 -21.66 -1.54 -11.13
CA SER J 101 -20.26 -1.90 -11.23
C SER J 101 -20.04 -3.32 -10.72
N ASN J 102 -19.13 -4.03 -11.37
CA ASN J 102 -18.69 -5.36 -10.93
C ASN J 102 -17.37 -5.69 -11.60
N ASP J 103 -16.55 -6.48 -10.92
CA ASP J 103 -15.30 -6.96 -11.49
C ASP J 103 -15.56 -7.82 -12.73
N MET J 104 -14.99 -7.41 -13.86
CA MET J 104 -15.20 -8.13 -15.10
C MET J 104 -13.88 -8.48 -15.77
N ASP J 105 -13.65 -9.76 -15.96
CA ASP J 105 -12.46 -10.25 -16.63
C ASP J 105 -12.78 -10.52 -18.09
N PHE J 106 -12.09 -9.81 -18.98
CA PHE J 106 -12.34 -9.96 -20.41
C PHE J 106 -11.16 -10.63 -21.14
N ARG J 107 -10.29 -11.29 -20.39
CA ARG J 107 -9.10 -11.91 -20.95
C ARG J 107 -9.41 -12.88 -22.10
N LEU J 108 -10.33 -13.80 -21.85
CA LEU J 108 -10.64 -14.84 -22.84
C LEU J 108 -11.80 -14.47 -23.76
N PHE J 109 -11.81 -13.21 -24.16
CA PHE J 109 -12.74 -12.66 -25.14
C PHE J 109 -12.50 -13.36 -26.47
N PRO J 110 -13.56 -13.58 -27.26
CA PRO J 110 -14.97 -13.23 -27.07
C PRO J 110 -15.73 -14.35 -26.37
N PHE J 111 -15.00 -15.11 -25.57
CA PHE J 111 -15.57 -16.24 -24.85
C PHE J 111 -15.68 -15.95 -23.36
N ASP J 112 -16.26 -14.78 -23.05
CA ASP J 112 -16.40 -14.34 -21.67
C ASP J 112 -17.40 -15.14 -20.88
N ARG J 113 -17.12 -15.29 -19.59
CA ARG J 113 -18.15 -15.65 -18.64
C ARG J 113 -18.17 -14.45 -17.72
N GLN J 114 -19.29 -13.75 -17.69
CA GLN J 114 -19.42 -12.60 -16.83
C GLN J 114 -20.56 -12.79 -15.86
N GLN J 115 -20.55 -12.05 -14.76
CA GLN J 115 -21.68 -12.08 -13.86
C GLN J 115 -22.14 -10.69 -13.41
N PHE J 116 -23.42 -10.43 -13.66
CA PHE J 116 -24.04 -9.15 -13.34
C PHE J 116 -24.53 -9.19 -11.90
N VAL J 117 -24.09 -8.22 -11.10
CA VAL J 117 -24.35 -8.24 -9.67
C VAL J 117 -25.13 -7.00 -9.23
N LEU J 118 -26.07 -7.18 -8.31
CA LEU J 118 -26.76 -6.07 -7.69
C LEU J 118 -26.54 -6.22 -6.20
N GLU J 119 -26.20 -5.13 -5.54
CA GLU J 119 -26.02 -5.16 -4.09
C GLU J 119 -26.92 -4.14 -3.42
N LEU J 120 -27.89 -4.64 -2.64
CA LEU J 120 -28.83 -3.78 -1.95
C LEU J 120 -28.51 -3.73 -0.47
N GLU J 121 -28.59 -2.54 0.10
CA GLU J 121 -28.29 -2.36 1.52
C GLU J 121 -28.96 -1.08 2.00
N PRO J 122 -29.55 -1.13 3.19
CA PRO J 122 -30.14 0.07 3.77
C PRO J 122 -29.07 1.13 4.00
N PHE J 123 -29.36 2.37 3.64
CA PHE J 123 -28.38 3.45 3.72
C PHE J 123 -28.01 3.89 5.13
N SER J 124 -28.98 3.89 6.03
CA SER J 124 -28.72 4.42 7.37
C SER J 124 -29.12 3.47 8.50
N TYR J 125 -29.92 2.46 8.20
CA TYR J 125 -30.41 1.56 9.25
C TYR J 125 -29.70 0.20 9.31
N ASN J 126 -28.98 -0.04 10.40
CA ASN J 126 -28.24 -1.28 10.61
C ASN J 126 -29.11 -2.50 10.88
N ASN J 127 -28.47 -3.67 10.94
CA ASN J 127 -29.14 -4.96 11.18
C ASN J 127 -30.10 -5.00 12.37
N GLN J 128 -29.81 -4.20 13.39
CA GLN J 128 -30.61 -4.18 14.58
C GLN J 128 -31.76 -3.19 14.43
N GLN J 129 -31.60 -2.25 13.50
CA GLN J 129 -32.68 -1.33 13.15
C GLN J 129 -33.53 -1.88 12.00
N LEU J 130 -32.88 -2.22 10.89
CA LEU J 130 -33.55 -2.75 9.69
C LEU J 130 -32.86 -4.01 9.20
N ARG J 131 -33.61 -5.10 9.05
CA ARG J 131 -33.00 -6.37 8.65
C ARG J 131 -33.73 -6.94 7.45
N PHE J 132 -32.98 -7.41 6.47
CA PHE J 132 -33.58 -8.01 5.27
C PHE J 132 -34.03 -9.45 5.51
N SER J 133 -35.36 -9.63 5.57
CA SER J 133 -35.93 -10.95 5.84
C SER J 133 -35.66 -11.97 4.73
N ASP J 134 -36.00 -11.63 3.49
CA ASP J 134 -35.79 -12.53 2.35
C ASP J 134 -35.87 -11.79 1.03
N ILE J 135 -35.35 -12.40 -0.03
CA ILE J 135 -35.49 -11.83 -1.37
C ILE J 135 -35.53 -12.87 -2.48
N GLN J 136 -36.48 -12.71 -3.40
CA GLN J 136 -36.54 -13.50 -4.61
C GLN J 136 -36.34 -12.58 -5.80
N VAL J 137 -35.60 -13.04 -6.79
CA VAL J 137 -35.36 -12.24 -7.97
C VAL J 137 -36.06 -12.87 -9.16
N TYR J 138 -36.79 -12.05 -9.90
CA TYR J 138 -37.53 -12.51 -11.05
C TYR J 138 -36.94 -12.03 -12.36
N THR J 139 -36.27 -12.93 -13.04
CA THR J 139 -35.74 -12.65 -14.36
C THR J 139 -36.74 -13.16 -15.40
N GLU J 140 -37.77 -12.35 -15.67
CA GLU J 140 -38.79 -12.74 -16.63
C GLU J 140 -38.30 -12.71 -18.09
N ASN J 141 -37.03 -13.05 -18.30
CA ASN J 141 -36.49 -13.15 -19.65
C ASN J 141 -36.49 -14.61 -20.07
N ILE J 142 -36.34 -14.84 -21.37
CA ILE J 142 -36.35 -16.18 -21.96
C ILE J 142 -36.29 -16.05 -23.48
N ASP J 143 -36.06 -17.17 -24.15
CA ASP J 143 -36.15 -17.28 -25.60
C ASP J 143 -35.24 -16.36 -26.42
N ASN J 144 -35.19 -16.61 -27.73
CA ASN J 144 -34.44 -15.79 -28.69
C ASN J 144 -33.01 -15.41 -28.27
N GLU J 145 -32.20 -16.41 -27.95
CA GLU J 145 -30.83 -16.18 -27.49
C GLU J 145 -29.89 -15.72 -28.62
N GLU J 146 -30.16 -16.17 -29.85
CA GLU J 146 -29.29 -15.82 -30.97
C GLU J 146 -29.49 -14.40 -31.49
N ILE J 147 -30.42 -13.66 -30.87
CA ILE J 147 -30.65 -12.27 -31.22
C ILE J 147 -30.01 -11.32 -30.19
N ASP J 148 -29.88 -11.79 -28.96
CA ASP J 148 -29.33 -10.97 -27.89
C ASP J 148 -27.82 -11.20 -27.74
N GLU J 149 -27.13 -10.17 -27.27
CA GLU J 149 -25.67 -10.22 -27.15
C GLU J 149 -25.19 -11.18 -26.06
N TRP J 150 -25.94 -11.29 -24.97
CA TRP J 150 -25.53 -12.13 -23.84
C TRP J 150 -26.52 -13.29 -23.63
N TRP J 151 -26.00 -14.45 -23.24
CA TRP J 151 -26.87 -15.59 -22.94
C TRP J 151 -26.93 -15.87 -21.45
N ILE J 152 -28.06 -15.51 -20.82
CA ILE J 152 -28.27 -15.75 -19.40
C ILE J 152 -28.49 -17.24 -19.18
N ARG J 153 -27.79 -17.83 -18.22
CA ARG J 153 -27.84 -19.27 -18.06
C ARG J 153 -28.77 -19.75 -16.94
N GLY J 154 -28.40 -19.48 -15.71
CA GLY J 154 -29.17 -19.90 -14.54
C GLY J 154 -30.42 -19.05 -14.36
N LYS J 155 -31.00 -19.09 -13.17
CA LYS J 155 -32.17 -18.26 -12.92
C LYS J 155 -31.74 -16.97 -12.24
N ALA J 156 -31.12 -17.09 -11.08
CA ALA J 156 -30.62 -15.94 -10.32
C ALA J 156 -30.00 -16.40 -9.01
N SER J 157 -28.78 -15.94 -8.73
CA SER J 157 -28.18 -16.29 -7.46
C SER J 157 -28.59 -15.21 -6.46
N THR J 158 -28.92 -15.62 -5.24
CA THR J 158 -29.40 -14.68 -4.23
C THR J 158 -28.64 -14.90 -2.93
N HIS J 159 -28.34 -13.82 -2.23
CA HIS J 159 -27.65 -13.94 -0.96
C HIS J 159 -27.87 -12.74 -0.04
N ILE J 160 -28.55 -12.98 1.08
CA ILE J 160 -28.63 -11.99 2.15
C ILE J 160 -27.48 -12.24 3.14
N SER J 161 -26.73 -11.18 3.44
CA SER J 161 -25.55 -11.29 4.32
C SER J 161 -25.42 -10.10 5.26
N ASP J 162 -24.44 -10.17 6.16
CA ASP J 162 -24.18 -9.07 7.10
C ASP J 162 -22.79 -8.49 6.89
N ILE J 163 -22.75 -7.19 6.61
CA ILE J 163 -21.49 -6.51 6.36
C ILE J 163 -21.04 -5.75 7.59
N ARG J 164 -19.84 -6.05 8.09
CA ARG J 164 -19.31 -5.27 9.20
C ARG J 164 -18.39 -4.18 8.68
N TYR J 165 -18.66 -2.96 9.13
CA TYR J 165 -17.79 -1.84 8.86
C TYR J 165 -16.99 -1.54 10.13
N ASP J 166 -15.70 -1.34 9.97
CA ASP J 166 -14.81 -1.20 11.11
C ASP J 166 -14.76 0.24 11.58
N HIS J 167 -15.04 1.15 10.65
CA HIS J 167 -14.98 2.57 10.92
C HIS J 167 -16.31 3.22 10.55
N LEU J 168 -17.15 3.46 11.55
CA LEU J 168 -18.46 4.06 11.31
C LEU J 168 -18.76 5.26 12.18
N SER J 169 -20.04 5.37 12.54
CA SER J 169 -20.56 6.48 13.33
C SER J 169 -19.96 6.43 14.73
N SER J 170 -20.39 7.35 15.59
CA SER J 170 -19.93 7.35 16.97
C SER J 170 -20.53 6.20 17.80
N VAL J 171 -20.61 5.02 17.19
CA VAL J 171 -21.11 3.83 17.87
C VAL J 171 -20.08 2.70 18.03
N GLN J 172 -19.94 2.20 19.25
CA GLN J 172 -19.02 1.09 19.52
C GLN J 172 -19.66 -0.24 19.99
N PRO J 173 -20.86 -0.22 20.63
CA PRO J 173 -21.47 -1.50 21.03
C PRO J 173 -21.63 -2.52 19.89
N ASN J 174 -22.58 -2.32 18.99
CA ASN J 174 -22.80 -3.29 17.91
C ASN J 174 -23.57 -2.79 16.68
N GLN J 175 -23.70 -1.48 16.55
CA GLN J 175 -24.40 -0.92 15.39
C GLN J 175 -23.42 -0.81 14.23
N ASN J 176 -23.10 -1.94 13.61
CA ASN J 176 -22.10 -1.96 12.54
C ASN J 176 -22.24 -3.09 11.53
N GLU J 177 -23.29 -3.88 11.65
CA GLU J 177 -23.44 -5.03 10.78
C GLU J 177 -24.61 -4.90 9.80
N PHE J 178 -24.61 -3.84 9.00
CA PHE J 178 -25.65 -3.64 7.97
C PHE J 178 -25.94 -4.90 7.15
N SER J 179 -27.22 -5.17 6.94
CA SER J 179 -27.65 -6.33 6.16
C SER J 179 -27.71 -6.03 4.66
N ARG J 180 -27.12 -6.92 3.87
CA ARG J 180 -27.00 -6.71 2.43
C ARG J 180 -27.58 -7.83 1.59
N ILE J 181 -28.39 -7.46 0.61
CA ILE J 181 -28.87 -8.42 -0.37
C ILE J 181 -27.93 -8.39 -1.57
N THR J 182 -27.48 -9.56 -2.00
CA THR J 182 -26.57 -9.63 -3.14
C THR J 182 -27.13 -10.55 -4.21
N VAL J 183 -27.53 -9.97 -5.34
CA VAL J 183 -28.08 -10.74 -6.44
C VAL J 183 -27.06 -10.96 -7.57
N ARG J 184 -26.92 -12.21 -8.00
CA ARG J 184 -25.99 -12.53 -9.08
C ARG J 184 -26.64 -13.26 -10.24
N ILE J 185 -26.40 -12.75 -11.45
CA ILE J 185 -26.90 -13.36 -12.67
C ILE J 185 -25.75 -13.73 -13.62
N ASP J 186 -25.56 -15.01 -13.89
CA ASP J 186 -24.48 -15.44 -14.78
C ASP J 186 -24.81 -15.36 -16.26
N ALA J 187 -23.82 -14.98 -17.06
CA ALA J 187 -23.99 -14.82 -18.49
C ALA J 187 -22.74 -15.18 -19.29
N VAL J 188 -22.96 -15.62 -20.52
CA VAL J 188 -21.85 -15.92 -21.43
C VAL J 188 -22.07 -15.11 -22.69
N ARG J 189 -20.98 -14.59 -23.23
CA ARG J 189 -21.03 -13.77 -24.43
C ARG J 189 -21.38 -14.60 -25.66
N ASN J 190 -22.19 -14.03 -26.54
CA ASN J 190 -22.54 -14.63 -27.81
C ASN J 190 -21.36 -14.49 -28.77
N PRO J 191 -20.60 -15.58 -28.97
CA PRO J 191 -19.33 -15.55 -29.70
C PRO J 191 -19.50 -15.66 -31.22
N SER J 192 -20.75 -15.81 -31.66
CA SER J 192 -21.06 -16.04 -33.07
C SER J 192 -20.47 -15.01 -34.03
N TYR J 193 -20.70 -13.74 -33.75
CA TYR J 193 -20.24 -12.67 -34.63
C TYR J 193 -18.73 -12.64 -34.73
N TYR J 194 -18.08 -12.71 -33.58
CA TYR J 194 -16.63 -12.56 -33.51
C TYR J 194 -15.89 -13.75 -34.11
N LEU J 195 -16.51 -14.92 -34.05
CA LEU J 195 -15.91 -16.10 -34.65
C LEU J 195 -15.89 -15.96 -36.17
N TRP J 196 -17.06 -15.71 -36.75
CA TRP J 196 -17.19 -15.66 -38.20
C TRP J 196 -16.61 -14.41 -38.86
N SER J 197 -16.73 -13.26 -38.20
CA SER J 197 -16.27 -12.01 -38.79
C SER J 197 -14.90 -11.54 -38.30
N PHE J 198 -14.35 -12.18 -37.27
CA PHE J 198 -13.00 -11.84 -36.80
C PHE J 198 -12.05 -13.03 -36.80
N ILE J 199 -12.42 -14.10 -36.09
CA ILE J 199 -11.54 -15.28 -35.98
C ILE J 199 -11.24 -15.96 -37.31
N LEU J 200 -12.29 -16.33 -38.05
CA LEU J 200 -12.14 -17.06 -39.31
C LEU J 200 -11.25 -16.35 -40.34
N PRO J 201 -11.60 -15.11 -40.75
CA PRO J 201 -10.77 -14.50 -41.79
C PRO J 201 -9.35 -14.21 -41.31
N LEU J 202 -9.17 -13.94 -40.02
CA LEU J 202 -7.83 -13.77 -39.46
C LEU J 202 -7.02 -15.02 -39.68
N GLY J 203 -7.66 -16.17 -39.47
CA GLY J 203 -7.01 -17.45 -39.68
C GLY J 203 -6.55 -17.61 -41.12
N LEU J 204 -7.43 -17.24 -42.05
CA LEU J 204 -7.12 -17.30 -43.48
C LEU J 204 -5.97 -16.37 -43.84
N ILE J 205 -5.91 -15.20 -43.22
CA ILE J 205 -4.82 -14.27 -43.43
C ILE J 205 -3.51 -14.94 -43.01
N ILE J 206 -3.46 -15.45 -41.79
CA ILE J 206 -2.29 -16.15 -41.27
C ILE J 206 -2.00 -17.39 -42.11
N ALA J 207 -3.06 -18.08 -42.52
CA ALA J 207 -2.89 -19.28 -43.34
C ALA J 207 -2.25 -18.89 -44.65
N ALA J 208 -2.87 -17.94 -45.35
CA ALA J 208 -2.37 -17.51 -46.65
C ALA J 208 -1.01 -16.82 -46.55
N SER J 209 -0.68 -16.33 -45.36
CA SER J 209 0.63 -15.76 -45.10
C SER J 209 1.75 -16.75 -45.38
N TRP J 210 1.53 -18.00 -45.00
CA TRP J 210 2.56 -19.03 -45.15
C TRP J 210 2.76 -19.46 -46.60
N SER J 211 1.82 -19.11 -47.46
CA SER J 211 1.89 -19.51 -48.86
C SER J 211 2.95 -18.72 -49.61
N VAL J 212 3.63 -17.81 -48.90
CA VAL J 212 4.69 -17.00 -49.49
C VAL J 212 5.92 -17.85 -49.83
N PHE J 213 6.04 -19.03 -49.23
CA PHE J 213 7.18 -19.91 -49.50
C PHE J 213 7.02 -20.67 -50.82
N TRP J 214 5.79 -20.76 -51.33
CA TRP J 214 5.55 -21.40 -52.62
C TRP J 214 5.95 -20.52 -53.80
N LEU J 215 6.49 -19.34 -53.49
CA LEU J 215 7.03 -18.45 -54.52
C LEU J 215 8.40 -18.94 -54.98
N GLU J 216 8.67 -18.76 -56.28
CA GLU J 216 9.90 -19.28 -56.89
C GLU J 216 11.12 -18.43 -56.54
N SER J 217 11.09 -17.17 -56.97
CA SER J 217 12.22 -16.25 -56.78
C SER J 217 12.40 -15.81 -55.34
N PHE J 218 13.61 -15.41 -55.01
CA PHE J 218 13.91 -14.88 -53.69
C PHE J 218 13.24 -13.53 -53.48
N SER J 219 13.30 -12.69 -54.52
CA SER J 219 12.68 -11.37 -54.46
C SER J 219 11.17 -11.47 -54.30
N GLU J 220 10.56 -12.42 -55.02
CA GLU J 220 9.14 -12.65 -54.90
C GLU J 220 8.81 -13.11 -53.48
N ARG J 221 9.58 -14.07 -52.99
CA ARG J 221 9.39 -14.62 -51.65
C ARG J 221 9.44 -13.52 -50.59
N LEU J 222 10.40 -12.62 -50.73
CA LEU J 222 10.63 -11.58 -49.73
C LEU J 222 9.70 -10.38 -49.83
N GLN J 223 9.59 -9.80 -51.02
CA GLN J 223 8.77 -8.60 -51.20
C GLN J 223 7.31 -8.84 -50.85
N THR J 224 6.81 -10.03 -51.15
CA THR J 224 5.41 -10.39 -50.90
C THR J 224 5.04 -10.39 -49.42
N SER J 225 5.97 -10.77 -48.56
CA SER J 225 5.71 -10.78 -47.13
C SER J 225 5.59 -9.37 -46.53
N PHE J 226 6.04 -8.37 -47.28
CA PHE J 226 5.86 -6.97 -46.88
C PHE J 226 4.42 -6.54 -47.11
N THR J 227 3.86 -7.04 -48.20
CA THR J 227 2.44 -6.86 -48.52
C THR J 227 1.66 -7.60 -47.46
N LEU J 228 2.21 -8.72 -47.04
CA LEU J 228 1.62 -9.58 -46.02
C LEU J 228 1.66 -8.92 -44.64
N MET J 229 2.75 -8.22 -44.37
CA MET J 229 2.92 -7.45 -43.13
C MET J 229 1.87 -6.35 -43.11
N LEU J 230 1.77 -5.67 -44.26
CA LEU J 230 0.83 -4.58 -44.46
C LEU J 230 -0.60 -5.10 -44.34
N THR J 231 -0.79 -6.37 -44.66
CA THR J 231 -2.09 -7.02 -44.51
C THR J 231 -2.49 -7.21 -43.04
N VAL J 232 -1.56 -7.68 -42.22
CA VAL J 232 -1.82 -7.85 -40.79
C VAL J 232 -2.04 -6.54 -40.03
N VAL J 233 -1.27 -5.51 -40.40
CA VAL J 233 -1.47 -4.17 -39.83
C VAL J 233 -2.88 -3.67 -40.14
N ALA J 234 -3.29 -3.81 -41.40
CA ALA J 234 -4.63 -3.42 -41.83
C ALA J 234 -5.68 -4.20 -41.06
N TYR J 235 -5.40 -5.48 -40.80
CA TYR J 235 -6.32 -6.34 -40.07
C TYR J 235 -6.29 -6.02 -38.58
N ALA J 236 -5.09 -5.75 -38.05
CA ALA J 236 -4.96 -5.35 -36.66
C ALA J 236 -5.79 -4.09 -36.40
N PHE J 237 -5.77 -3.19 -37.38
CA PHE J 237 -6.52 -1.93 -37.32
C PHE J 237 -8.02 -2.19 -37.33
N TYR J 238 -8.48 -2.97 -38.31
CA TYR J 238 -9.87 -3.34 -38.44
C TYR J 238 -10.40 -3.97 -37.15
N THR J 239 -9.56 -4.79 -36.53
CA THR J 239 -9.88 -5.39 -35.23
C THR J 239 -10.09 -4.34 -34.15
N SER J 240 -9.06 -3.50 -33.95
CA SER J 240 -9.06 -2.51 -32.87
C SER J 240 -10.19 -1.50 -32.92
N ASN J 241 -10.56 -1.08 -34.13
CA ASN J 241 -11.61 -0.10 -34.28
C ASN J 241 -12.98 -0.62 -33.84
N ILE J 242 -13.20 -1.93 -34.00
CA ILE J 242 -14.50 -2.52 -33.74
C ILE J 242 -14.64 -3.15 -32.35
N LEU J 243 -13.61 -3.91 -31.97
CA LEU J 243 -13.58 -4.61 -30.69
C LEU J 243 -13.60 -3.69 -29.46
N PRO J 244 -14.06 -4.23 -28.31
CA PRO J 244 -14.13 -3.42 -27.09
C PRO J 244 -12.74 -3.04 -26.58
N ARG J 245 -12.62 -1.79 -26.16
CA ARG J 245 -11.36 -1.30 -25.61
C ARG J 245 -11.14 -1.93 -24.24
N LEU J 246 -9.92 -2.41 -24.02
CA LEU J 246 -9.56 -3.02 -22.76
C LEU J 246 -8.17 -2.56 -22.35
N PRO J 247 -7.84 -2.72 -21.06
CA PRO J 247 -6.47 -2.41 -20.65
C PRO J 247 -5.57 -3.64 -20.66
N TYR J 248 -6.01 -4.69 -21.35
CA TYR J 248 -5.18 -5.88 -21.48
C TYR J 248 -5.39 -6.64 -22.80
N THR J 249 -4.48 -7.56 -23.11
CA THR J 249 -4.55 -8.32 -24.36
C THR J 249 -5.52 -9.47 -24.28
N THR J 250 -6.32 -9.64 -25.32
CA THR J 250 -7.27 -10.74 -25.41
C THR J 250 -6.69 -11.90 -26.23
N VAL J 251 -7.53 -12.91 -26.46
CA VAL J 251 -7.17 -14.02 -27.33
C VAL J 251 -6.95 -13.49 -28.74
N ILE J 252 -7.89 -12.66 -29.17
CA ILE J 252 -7.82 -12.00 -30.47
C ILE J 252 -6.58 -11.11 -30.59
N ASP J 253 -6.29 -10.35 -29.53
CA ASP J 253 -5.12 -9.49 -29.52
C ASP J 253 -3.85 -10.32 -29.69
N GLN J 254 -3.86 -11.49 -29.05
CA GLN J 254 -2.76 -12.45 -29.10
C GLN J 254 -2.55 -13.06 -30.49
N MET J 255 -3.66 -13.38 -31.16
CA MET J 255 -3.61 -13.89 -32.52
C MET J 255 -2.91 -12.90 -33.44
N ILE J 256 -3.19 -11.61 -33.24
CA ILE J 256 -2.58 -10.56 -34.03
C ILE J 256 -1.07 -10.49 -33.82
N ILE J 257 -0.65 -10.57 -32.56
CA ILE J 257 0.78 -10.58 -32.24
C ILE J 257 1.42 -11.78 -32.94
N ALA J 258 0.71 -12.90 -32.92
CA ALA J 258 1.15 -14.11 -33.58
C ALA J 258 1.30 -13.90 -35.08
N GLY J 259 0.41 -13.09 -35.64
CA GLY J 259 0.47 -12.76 -37.05
C GLY J 259 1.74 -12.00 -37.37
N TYR J 260 2.06 -11.02 -36.54
CA TYR J 260 3.30 -10.26 -36.66
C TYR J 260 4.51 -11.19 -36.57
N GLY J 261 4.43 -12.18 -35.67
CA GLY J 261 5.52 -13.11 -35.47
C GLY J 261 5.80 -14.04 -36.64
N SER J 262 4.73 -14.66 -37.16
CA SER J 262 4.86 -15.58 -38.29
C SER J 262 5.48 -14.89 -39.49
N ILE J 263 5.03 -13.68 -39.79
CA ILE J 263 5.55 -12.94 -40.94
C ILE J 263 7.01 -12.55 -40.72
N PHE J 264 7.33 -12.09 -39.51
CA PHE J 264 8.70 -11.72 -39.18
C PHE J 264 9.64 -12.93 -39.23
N ALA J 265 9.13 -14.09 -38.82
CA ALA J 265 9.92 -15.32 -38.88
C ALA J 265 10.24 -15.73 -40.31
N ALA J 266 9.24 -15.61 -41.19
CA ALA J 266 9.39 -15.94 -42.60
C ALA J 266 10.41 -15.01 -43.25
N ILE J 267 10.34 -13.73 -42.89
CA ILE J 267 11.29 -12.73 -43.36
C ILE J 267 12.70 -13.17 -43.04
N LEU J 268 12.91 -13.58 -41.79
CA LEU J 268 14.20 -14.06 -41.35
C LEU J 268 14.61 -15.33 -42.08
N LEU J 269 13.69 -16.29 -42.19
CA LEU J 269 13.98 -17.53 -42.91
C LEU J 269 14.30 -17.30 -44.38
N ILE J 270 13.48 -16.49 -45.05
CA ILE J 270 13.65 -16.20 -46.47
C ILE J 270 14.99 -15.53 -46.79
N ILE J 271 15.39 -14.55 -45.97
CA ILE J 271 16.72 -13.95 -46.12
C ILE J 271 17.79 -15.00 -45.86
N PHE J 272 17.56 -15.82 -44.84
CA PHE J 272 18.51 -16.85 -44.45
C PHE J 272 18.73 -17.90 -45.54
N ALA J 273 17.64 -18.45 -46.05
CA ALA J 273 17.68 -19.45 -47.13
C ALA J 273 18.61 -19.01 -48.26
N HIS J 274 18.43 -17.78 -48.70
CA HIS J 274 19.17 -17.23 -49.83
C HIS J 274 20.65 -17.00 -49.50
N HIS J 275 20.91 -16.47 -48.30
CA HIS J 275 22.27 -16.08 -47.93
C HIS J 275 23.05 -17.11 -47.11
N ARG J 276 22.37 -18.15 -46.65
CA ARG J 276 23.07 -19.31 -46.07
C ARG J 276 23.43 -20.29 -47.19
N GLN J 277 24.62 -20.09 -47.75
CA GLN J 277 25.06 -20.81 -48.94
C GLN J 277 26.57 -21.06 -48.99
N ALA J 278 27.00 -21.76 -50.02
CA ALA J 278 28.43 -21.96 -50.27
C ALA J 278 28.76 -21.38 -51.64
N ASN J 279 27.87 -20.52 -52.13
CA ASN J 279 28.04 -19.86 -53.42
C ASN J 279 27.27 -18.53 -53.53
N GLY J 280 25.97 -18.55 -53.25
CA GLY J 280 25.18 -17.33 -53.33
C GLY J 280 23.68 -17.50 -53.51
N VAL J 281 23.29 -18.33 -54.47
CA VAL J 281 21.87 -18.58 -54.74
C VAL J 281 21.49 -20.01 -54.36
N GLU J 282 22.28 -20.62 -53.49
CA GLU J 282 21.98 -21.96 -53.00
C GLU J 282 20.85 -21.86 -51.99
N ASP J 283 19.63 -21.77 -52.49
CA ASP J 283 18.46 -21.70 -51.63
C ASP J 283 18.17 -23.09 -51.12
N ASP J 284 18.43 -23.32 -49.83
CA ASP J 284 18.33 -24.64 -49.21
C ASP J 284 16.99 -25.34 -49.49
N LEU J 285 17.01 -26.31 -50.40
CA LEU J 285 15.81 -27.04 -50.82
C LEU J 285 14.94 -27.52 -49.67
N LEU J 286 15.55 -27.68 -48.50
CA LEU J 286 14.80 -28.08 -47.31
C LEU J 286 14.28 -26.88 -46.54
N ILE J 287 15.07 -25.82 -46.43
CA ILE J 287 14.61 -24.63 -45.69
C ILE J 287 13.68 -23.74 -46.51
N GLN J 288 13.84 -23.72 -47.84
CA GLN J 288 12.90 -22.97 -48.67
C GLN J 288 11.61 -23.78 -48.69
N ARG J 289 11.76 -25.08 -48.44
CA ARG J 289 10.61 -25.97 -48.30
C ARG J 289 10.25 -26.21 -46.83
N CYS J 290 10.39 -25.17 -46.02
CA CYS J 290 9.79 -25.17 -44.68
C CYS J 290 8.31 -24.81 -44.83
N ARG J 291 7.73 -25.20 -45.97
CA ARG J 291 6.32 -24.99 -46.28
C ARG J 291 5.40 -25.83 -45.40
N LEU J 292 5.99 -26.78 -44.67
CA LEU J 292 5.22 -27.58 -43.73
C LEU J 292 5.80 -27.44 -42.32
N ALA J 293 7.02 -26.93 -42.24
CA ALA J 293 7.72 -26.77 -40.96
C ALA J 293 6.99 -25.84 -40.00
N PHE J 294 6.97 -24.54 -40.30
CA PHE J 294 6.30 -23.59 -39.40
C PHE J 294 4.78 -23.30 -39.59
N PRO J 295 4.17 -23.78 -40.70
CA PRO J 295 2.70 -23.72 -40.65
C PRO J 295 2.09 -24.60 -39.55
N LEU J 296 2.60 -25.82 -39.37
CA LEU J 296 2.12 -26.69 -38.30
C LEU J 296 2.87 -26.43 -36.99
N GLY J 297 4.00 -25.74 -37.10
CA GLY J 297 4.74 -25.27 -35.94
C GLY J 297 4.00 -24.12 -35.27
N PHE J 298 3.10 -23.51 -36.02
CA PHE J 298 2.26 -22.44 -35.53
C PHE J 298 1.11 -23.05 -34.74
N LEU J 299 0.79 -24.31 -35.09
CA LEU J 299 -0.23 -25.09 -34.39
C LEU J 299 0.27 -25.48 -32.99
N ALA J 300 1.58 -25.41 -32.81
CA ALA J 300 2.19 -25.63 -31.50
C ALA J 300 2.02 -24.37 -30.67
N ILE J 301 2.17 -23.21 -31.31
CA ILE J 301 1.94 -21.92 -30.66
C ILE J 301 0.45 -21.80 -30.33
N GLY J 302 -0.38 -22.38 -31.18
CA GLY J 302 -1.82 -22.39 -30.97
C GLY J 302 -2.22 -23.24 -29.78
N CYS J 303 -1.56 -24.39 -29.62
CA CYS J 303 -1.83 -25.28 -28.50
C CYS J 303 -1.24 -24.76 -27.20
N VAL J 304 -0.24 -23.89 -27.31
CA VAL J 304 0.36 -23.26 -26.14
C VAL J 304 -0.55 -22.15 -25.59
N LEU J 305 -1.29 -21.48 -26.48
CA LEU J 305 -2.26 -20.49 -26.06
C LEU J 305 -3.44 -21.15 -25.35
N VAL J 306 -3.70 -22.40 -25.71
CA VAL J 306 -4.72 -23.24 -25.08
C VAL J 306 -4.25 -23.87 -23.77
N ILE J 307 -2.93 -24.03 -23.63
CA ILE J 307 -2.35 -24.66 -22.44
C ILE J 307 -2.32 -23.69 -21.27
N ABU K . 5.79 20.41 21.09
CD ABU K . 6.02 20.91 22.39
CB ABU K . 5.78 20.06 23.61
CG ABU K . 5.16 20.66 24.82
C ABU K . 4.09 19.89 25.50
O ABU K . 2.86 20.25 25.49
OXT ABU K . 4.44 18.91 26.18
C FL7 L . 33.34 9.71 15.51
N FL7 L . 35.09 10.71 14.31
O FL7 L . 32.90 9.86 16.75
CL FL7 L . 34.57 5.57 10.33
CA FL7 L . 34.64 10.06 15.54
C13 FL7 L . 34.57 10.11 12.91
FAA FL7 L . 35.02 13.08 12.52
CAC FL7 L . 35.53 12.80 10.24
CAD FL7 L . 35.17 12.26 11.48
CAE FL7 L . 34.98 10.83 11.58
CAJ FL7 L . 35.74 12.01 9.04
CAK FL7 L . 35.55 10.63 9.10
CAL FL7 L . 35.18 10.07 10.38
CAM FL7 L . 32.69 6.67 13.65
CAN FL7 L . 33.15 8.03 13.81
NAO FL7 L . 32.77 8.67 14.89
CAP FL7 L . 31.59 8.13 15.55
CAQ FL7 L . 30.22 8.06 14.80
NAR FL7 L . 29.46 9.32 14.58
CAS FL7 L . 30.01 10.09 13.35
CAT FL7 L . 30.74 11.35 13.58
CAU FL7 L . 33.10 5.85 12.56
CAV FL7 L . 33.96 8.55 12.88
CAW FL7 L . 27.99 9.13 14.56
CAX FL7 L . 27.20 9.52 15.73
CAY FL7 L . 33.97 6.43 11.61
CAZ FL7 L . 34.38 7.65 11.72
N ABU M . -14.87 29.03 -1.44
CD ABU M . -14.69 30.41 -1.40
CB ABU M . -14.24 31.00 -2.69
CG ABU M . -14.02 32.44 -2.82
C ABU M . -13.28 32.80 -4.04
O ABU M . -12.60 33.88 -4.10
OXT ABU M . -13.25 31.97 -4.98
#